data_4MIV
#
_entry.id   4MIV
#
_cell.length_a   102.930
_cell.length_b   211.450
_cell.length_c   108.350
_cell.angle_alpha   90.000
_cell.angle_beta   102.690
_cell.angle_gamma   90.000
#
_symmetry.space_group_name_H-M   'P 1 21 1'
#
loop_
_entity.id
_entity.type
_entity.pdbx_description
1 polymer 'N-sulphoglucosamine sulphohydrolase'
2 branched 2-acetamido-2-deoxy-beta-D-glucopyranose-(1-4)-2-acetamido-2-deoxy-beta-D-glucopyranose
3 non-polymer 'CALCIUM ION'
4 non-polymer 2-acetamido-2-deoxy-beta-D-glucopyranose
5 non-polymer 'CHLORIDE ION'
6 non-polymer DI(HYDROXYETHYL)ETHER
7 water water
#
_entity_poly.entity_id   1
_entity_poly.type   'polypeptide(L)'
_entity_poly.pdbx_seq_one_letter_code
;MSCPVPACCALLLVLGLCRARPRNALLLLADDGGFESGAYNNSAIATPHLDALARRSLLFRNAFTSVSS(FGP)SPSRAS
LLTGLPQHQNGMYGLHQDVHHFNSFDKVRSLPLLLSQAGVRTGIIGKKHVGPETVYPFDFAYTEENGSVLQVGRNITRIK
LLVRKFLQTQDDRPFFLYVAFHDPHRCGHSQPQYGTFCEKFGNGESGMGRIPDWTPQAYDPLDVLVPYFVPNTPAARADL
AAQYTTVGRMDQGVGLVLQELRDAGVLNDTLVIFTSDNGIPFPSGRTNLYWPGTAEPLLVSSPEHPKRWGQVSEAYVSLL
DLTPTILDWFSIPYPSYAIFGSKTIHLTGRSLLPALEAEPLWATVFGSQSHHEVTMSYPMRSVQHRHFRLVHNLNFKMPF
PIDQDFYVSPTFQDLLNRTTAGQPTGWYKDLRHYYYRARWELYDRSRDPHETQNLATDPRFAQLLEMLRDQLAKWQWETH
DPWVCAPDGVLEEKLSPQCQPLHNELRSHHHHHH
;
_entity_poly.pdbx_strand_id   A,B,C,D,E,F,G,H
#
# COMPACT_ATOMS: atom_id res chain seq x y z
N PRO A 22 42.21 40.58 -21.21
CA PRO A 22 41.13 39.78 -21.77
C PRO A 22 39.88 40.60 -22.10
N ARG A 23 39.28 40.32 -23.26
CA ARG A 23 38.04 40.98 -23.66
C ARG A 23 36.85 40.38 -22.92
N ASN A 24 35.90 41.22 -22.54
CA ASN A 24 34.66 40.77 -21.92
C ASN A 24 33.47 41.34 -22.67
N ALA A 25 32.27 40.88 -22.33
CA ALA A 25 31.06 41.36 -22.98
C ALA A 25 29.88 41.38 -22.00
N LEU A 26 29.04 42.40 -22.14
CA LEU A 26 27.88 42.56 -21.28
C LEU A 26 26.66 42.85 -22.13
N LEU A 27 25.65 42.00 -22.03
CA LEU A 27 24.41 42.19 -22.77
C LEU A 27 23.28 42.57 -21.81
N LEU A 28 22.83 43.83 -21.91
CA LEU A 28 21.72 44.32 -21.12
C LEU A 28 20.45 44.24 -21.97
N LEU A 29 19.46 43.49 -21.50
CA LEU A 29 18.24 43.28 -22.28
C LEU A 29 17.00 43.72 -21.50
N ALA A 30 16.30 44.72 -22.03
CA ALA A 30 15.05 45.18 -21.45
C ALA A 30 13.92 44.31 -21.96
N ASP A 31 12.89 44.16 -21.14
CA ASP A 31 11.76 43.31 -21.48
C ASP A 31 10.58 44.16 -21.93
N ASP A 32 10.24 44.08 -23.22
CA ASP A 32 9.15 44.88 -23.77
C ASP A 32 9.48 46.37 -23.74
N GLY A 33 10.76 46.68 -23.83
CA GLY A 33 11.21 48.07 -23.75
C GLY A 33 11.08 48.76 -25.09
N GLY A 34 10.84 50.06 -25.04
CA GLY A 34 10.71 50.87 -26.24
C GLY A 34 11.73 51.98 -26.29
N PHE A 35 11.32 53.14 -26.80
CA PHE A 35 12.23 54.26 -26.97
C PHE A 35 12.01 55.34 -25.92
N GLU A 36 11.61 54.93 -24.72
CA GLU A 36 11.35 55.87 -23.64
C GLU A 36 12.66 56.25 -22.95
N SER A 37 13.42 57.13 -23.58
CA SER A 37 14.69 57.59 -23.03
C SER A 37 15.13 58.90 -23.66
N GLY A 38 15.87 59.71 -22.90
CA GLY A 38 16.43 60.95 -23.42
C GLY A 38 17.35 60.67 -24.59
N ALA A 39 18.03 59.53 -24.55
CA ALA A 39 18.92 59.12 -25.64
C ALA A 39 18.18 59.07 -26.96
N TYR A 40 16.91 58.68 -26.93
CA TYR A 40 16.09 58.63 -28.13
C TYR A 40 15.14 59.83 -28.20
N ASN A 41 15.57 60.92 -27.57
CA ASN A 41 14.86 62.20 -27.68
C ASN A 41 13.45 62.19 -27.09
N ASN A 42 13.27 61.49 -25.98
CA ASN A 42 12.04 61.61 -25.20
C ASN A 42 12.31 62.48 -23.97
N SER A 43 11.83 63.72 -24.00
CA SER A 43 12.13 64.68 -22.95
C SER A 43 11.13 64.62 -21.80
N ALA A 44 10.15 63.73 -21.92
CA ALA A 44 9.11 63.61 -20.90
C ALA A 44 9.53 62.65 -19.80
N ILE A 45 10.57 61.86 -20.07
CA ILE A 45 11.04 60.88 -19.11
C ILE A 45 12.51 61.13 -18.76
N ALA A 46 12.93 60.63 -17.60
CA ALA A 46 14.31 60.77 -17.15
C ALA A 46 15.01 59.41 -17.13
N THR A 47 16.02 59.27 -17.99
CA THR A 47 16.82 58.05 -18.04
C THR A 47 18.30 58.42 -18.14
N PRO A 48 18.83 59.05 -17.09
CA PRO A 48 20.19 59.58 -17.07
C PRO A 48 21.27 58.53 -17.30
N HIS A 49 21.04 57.31 -16.81
CA HIS A 49 22.05 56.26 -16.91
C HIS A 49 22.12 55.71 -18.34
N LEU A 50 20.97 55.56 -18.98
CA LEU A 50 20.93 55.14 -20.37
C LEU A 50 21.49 56.25 -21.27
N ASP A 51 21.15 57.49 -20.94
CA ASP A 51 21.69 58.64 -21.65
C ASP A 51 23.20 58.65 -21.52
N ALA A 52 23.71 58.39 -20.33
CA ALA A 52 25.14 58.37 -20.08
C ALA A 52 25.80 57.29 -20.92
N LEU A 53 25.18 56.11 -20.94
CA LEU A 53 25.69 55.01 -21.73
C LEU A 53 25.73 55.40 -23.21
N ALA A 54 24.66 56.06 -23.67
CA ALA A 54 24.55 56.45 -25.08
C ALA A 54 25.68 57.39 -25.50
N ARG A 55 26.17 58.19 -24.57
CA ARG A 55 27.28 59.11 -24.86
C ARG A 55 28.58 58.33 -25.07
N ARG A 56 28.63 57.13 -24.52
CA ARG A 56 29.79 56.27 -24.66
C ARG A 56 29.49 55.15 -25.64
N SER A 57 28.45 55.32 -26.45
CA SER A 57 27.98 54.28 -27.35
C SER A 57 27.61 54.81 -28.73
N LEU A 58 27.55 53.91 -29.70
CA LEU A 58 26.93 54.19 -30.98
C LEU A 58 25.46 53.81 -30.89
N LEU A 59 24.58 54.78 -31.10
CA LEU A 59 23.14 54.55 -30.98
C LEU A 59 22.55 54.22 -32.34
N PHE A 60 21.72 53.18 -32.39
CA PHE A 60 21.12 52.76 -33.65
C PHE A 60 19.66 53.19 -33.74
N ARG A 61 19.37 53.97 -34.78
CA ARG A 61 18.03 54.50 -35.00
C ARG A 61 17.14 53.48 -35.69
N ASN A 62 17.76 52.52 -36.38
CA ASN A 62 17.01 51.56 -37.18
C ASN A 62 17.33 50.10 -36.83
N ALA A 63 17.14 49.75 -35.56
CA ALA A 63 17.33 48.38 -35.10
C ALA A 63 15.98 47.71 -34.91
N PHE A 64 15.94 46.41 -35.21
CA PHE A 64 14.70 45.65 -35.11
C PHE A 64 14.95 44.24 -34.56
N THR A 65 13.96 43.70 -33.86
CA THR A 65 13.94 42.28 -33.56
C THR A 65 13.30 41.55 -34.75
N SER A 66 13.65 40.28 -34.92
CA SER A 66 13.09 39.48 -36.01
C SER A 66 11.71 38.96 -35.63
N VAL A 67 11.39 38.97 -34.34
CA VAL A 67 10.12 38.42 -33.84
C VAL A 67 9.66 39.18 -32.60
N SER A 68 8.36 39.41 -32.49
CA SER A 68 7.82 40.23 -31.41
C SER A 68 7.16 39.36 -30.34
N SER A 69 7.87 38.34 -29.91
CA SER A 69 7.39 37.45 -28.85
C SER A 69 8.54 37.04 -27.94
N SER A 71 9.93 34.62 -25.85
CA SER A 71 10.84 33.44 -25.93
C SER A 71 11.49 33.35 -27.30
N PRO A 72 10.68 33.45 -28.36
CA PRO A 72 11.24 33.39 -29.71
C PRO A 72 12.30 34.47 -29.96
N SER A 73 12.04 35.68 -29.48
CA SER A 73 12.97 36.78 -29.67
C SER A 73 14.28 36.53 -28.92
N ARG A 74 14.18 35.97 -27.73
CA ARG A 74 15.35 35.69 -26.91
C ARG A 74 16.16 34.53 -27.46
N ALA A 75 15.45 33.57 -28.05
CA ALA A 75 16.11 32.42 -28.66
C ALA A 75 16.86 32.86 -29.91
N SER A 76 16.22 33.71 -30.70
CA SER A 76 16.82 34.19 -31.94
C SER A 76 18.02 35.07 -31.64
N LEU A 77 17.86 35.93 -30.63
CA LEU A 77 18.93 36.81 -30.20
C LEU A 77 20.14 36.02 -29.72
N LEU A 78 19.89 34.91 -29.03
CA LEU A 78 20.97 34.11 -28.44
C LEU A 78 21.50 33.02 -29.37
N THR A 79 20.97 32.95 -30.58
CA THR A 79 21.41 31.95 -31.55
C THR A 79 21.84 32.59 -32.86
N GLY A 80 21.25 33.73 -33.19
CA GLY A 80 21.48 34.37 -34.48
C GLY A 80 20.61 33.72 -35.55
N LEU A 81 19.66 32.89 -35.11
CA LEU A 81 18.76 32.19 -36.03
C LEU A 81 17.32 32.63 -35.81
N PRO A 82 16.56 32.79 -36.89
CA PRO A 82 15.15 33.14 -36.76
C PRO A 82 14.36 32.02 -36.08
N GLN A 83 13.24 32.37 -35.44
CA GLN A 83 12.48 31.42 -34.65
C GLN A 83 12.10 30.17 -35.43
N HIS A 84 11.85 30.32 -36.74
CA HIS A 84 11.40 29.19 -37.53
C HIS A 84 12.54 28.24 -37.85
N GLN A 85 13.76 28.65 -37.49
CA GLN A 85 14.94 27.84 -37.74
C GLN A 85 15.48 27.24 -36.47
N ASN A 86 15.47 28.00 -35.37
CA ASN A 86 15.98 27.48 -34.11
C ASN A 86 14.97 26.63 -33.34
N GLY A 87 13.68 26.76 -33.67
CA GLY A 87 12.67 25.88 -33.09
C GLY A 87 11.77 26.48 -32.02
N MET A 88 12.13 27.67 -31.54
CA MET A 88 11.28 28.37 -30.58
C MET A 88 10.16 29.07 -31.32
N TYR A 89 9.18 28.28 -31.75
CA TYR A 89 8.07 28.82 -32.53
C TYR A 89 7.13 29.69 -31.71
N GLY A 90 7.25 29.63 -30.40
CA GLY A 90 6.36 30.38 -29.52
C GLY A 90 6.89 30.44 -28.10
N LEU A 91 6.01 30.74 -27.15
CA LEU A 91 6.40 30.87 -25.75
C LEU A 91 6.88 29.54 -25.18
N HIS A 92 7.79 29.62 -24.20
CA HIS A 92 8.50 28.46 -23.69
C HIS A 92 7.86 27.81 -22.48
N GLN A 93 7.09 28.57 -21.70
CA GLN A 93 6.65 28.11 -20.37
C GLN A 93 5.39 27.25 -20.40
N ASP A 94 5.17 26.56 -19.29
CA ASP A 94 4.05 25.63 -19.09
C ASP A 94 3.39 25.09 -20.36
N VAL A 95 2.12 25.46 -20.59
CA VAL A 95 1.32 24.80 -21.62
C VAL A 95 1.79 25.11 -23.04
N HIS A 96 2.61 26.15 -23.19
CA HIS A 96 3.07 26.55 -24.51
C HIS A 96 4.27 25.71 -24.92
N HIS A 97 5.25 25.57 -24.02
CA HIS A 97 6.14 24.42 -24.05
C HIS A 97 7.03 24.34 -25.29
N PHE A 98 7.34 25.48 -25.91
CA PHE A 98 8.24 25.48 -27.06
C PHE A 98 9.71 25.49 -26.64
N ASN A 99 10.51 24.69 -27.34
CA ASN A 99 11.94 24.58 -27.09
C ASN A 99 12.71 24.61 -28.39
N SER A 100 13.93 25.15 -28.35
CA SER A 100 14.79 25.12 -29.51
C SER A 100 15.26 23.69 -29.75
N PHE A 101 15.66 23.39 -30.98
CA PHE A 101 16.15 22.05 -31.31
C PHE A 101 17.43 21.73 -30.53
N ASP A 102 17.57 20.46 -30.14
CA ASP A 102 18.72 20.01 -29.35
C ASP A 102 20.07 20.35 -30.00
N LYS A 103 20.14 20.21 -31.32
CA LYS A 103 21.41 20.37 -32.03
C LYS A 103 21.77 21.82 -32.31
N VAL A 104 20.91 22.76 -31.92
CA VAL A 104 21.21 24.17 -32.10
C VAL A 104 22.38 24.59 -31.22
N ARG A 105 23.30 25.35 -31.80
CA ARG A 105 24.47 25.82 -31.08
C ARG A 105 24.32 27.31 -30.79
N SER A 106 23.98 27.63 -29.55
CA SER A 106 23.71 29.00 -29.15
C SER A 106 24.98 29.76 -28.82
N LEU A 107 24.85 31.08 -28.72
CA LEU A 107 25.96 31.95 -28.35
C LEU A 107 26.64 31.47 -27.08
N PRO A 108 25.87 31.35 -25.98
CA PRO A 108 26.41 30.94 -24.68
C PRO A 108 27.14 29.59 -24.73
N LEU A 109 26.61 28.64 -25.48
CA LEU A 109 27.27 27.35 -25.65
C LEU A 109 28.63 27.55 -26.32
N LEU A 110 28.63 28.28 -27.43
CA LEU A 110 29.84 28.48 -28.21
C LEU A 110 30.88 29.24 -27.41
N LEU A 111 30.42 30.19 -26.59
CA LEU A 111 31.32 30.97 -25.76
C LEU A 111 31.96 30.06 -24.72
N SER A 112 31.15 29.22 -24.10
CA SER A 112 31.62 28.29 -23.07
C SER A 112 32.69 27.37 -23.66
N GLN A 113 32.44 26.83 -24.84
CA GLN A 113 33.38 25.94 -25.50
C GLN A 113 34.69 26.63 -25.85
N ALA A 114 34.64 27.95 -26.00
CA ALA A 114 35.83 28.73 -26.35
C ALA A 114 36.57 29.20 -25.10
N GLY A 115 36.07 28.80 -23.93
CA GLY A 115 36.74 29.12 -22.67
C GLY A 115 36.26 30.40 -22.03
N VAL A 116 35.09 30.88 -22.44
CA VAL A 116 34.51 32.10 -21.87
C VAL A 116 33.53 31.73 -20.77
N ARG A 117 33.65 32.38 -19.62
CA ARG A 117 32.73 32.15 -18.52
C ARG A 117 31.43 32.89 -18.79
N THR A 118 30.31 32.16 -18.72
CA THR A 118 29.02 32.75 -19.02
C THR A 118 28.17 32.89 -17.78
N GLY A 119 27.38 33.96 -17.74
CA GLY A 119 26.48 34.22 -16.63
C GLY A 119 25.19 34.82 -17.12
N ILE A 120 24.09 34.49 -16.44
CA ILE A 120 22.80 35.11 -16.72
C ILE A 120 22.12 35.51 -15.42
N ILE A 121 21.53 36.70 -15.42
CA ILE A 121 20.79 37.18 -14.28
C ILE A 121 19.49 37.78 -14.77
N GLY A 122 18.37 37.18 -14.38
CA GLY A 122 17.06 37.68 -14.77
C GLY A 122 16.21 36.66 -15.50
N LYS A 123 15.39 37.14 -16.42
CA LYS A 123 14.46 36.31 -17.17
C LYS A 123 15.15 35.57 -18.33
N LYS A 124 15.08 34.25 -18.30
CA LYS A 124 15.65 33.42 -19.36
C LYS A 124 14.61 33.13 -20.42
N HIS A 125 13.56 32.40 -20.04
CA HIS A 125 12.40 32.21 -20.88
C HIS A 125 12.71 31.47 -22.17
N VAL A 126 13.75 30.63 -22.14
CA VAL A 126 14.11 29.79 -23.28
C VAL A 126 14.69 28.47 -22.79
N GLY A 127 14.68 27.49 -23.68
CA GLY A 127 15.22 26.16 -23.37
C GLY A 127 15.45 25.40 -24.67
N PRO A 128 16.00 24.19 -24.57
CA PRO A 128 16.34 23.54 -23.31
C PRO A 128 17.66 24.03 -22.71
N GLU A 129 17.95 23.59 -21.48
CA GLU A 129 19.15 23.99 -20.78
C GLU A 129 20.43 23.61 -21.54
N THR A 130 20.43 22.43 -22.17
CA THR A 130 21.60 21.95 -22.89
C THR A 130 21.95 22.85 -24.06
N VAL A 131 20.94 23.48 -24.65
CA VAL A 131 21.16 24.40 -25.75
C VAL A 131 21.56 25.77 -25.26
N TYR A 132 21.02 26.17 -24.11
CA TYR A 132 21.27 27.50 -23.55
C TYR A 132 21.88 27.41 -22.15
N PRO A 133 23.08 26.82 -22.05
CA PRO A 133 23.72 26.63 -20.75
C PRO A 133 24.43 27.88 -20.25
N PHE A 134 24.41 28.10 -18.94
CA PHE A 134 25.13 29.18 -18.30
C PHE A 134 25.86 28.67 -17.06
N ASP A 135 27.14 29.05 -16.93
CA ASP A 135 27.95 28.65 -15.78
C ASP A 135 27.39 29.25 -14.51
N PHE A 136 26.97 30.50 -14.61
CA PHE A 136 26.45 31.25 -13.47
C PHE A 136 25.04 31.68 -13.84
N ALA A 137 24.04 31.16 -13.13
CA ALA A 137 22.65 31.38 -13.50
C ALA A 137 21.75 31.69 -12.31
N TYR A 138 21.09 32.85 -12.39
CA TYR A 138 20.06 33.21 -11.42
C TYR A 138 18.85 33.72 -12.20
N THR A 139 17.90 32.82 -12.44
CA THR A 139 16.77 33.10 -13.32
C THR A 139 15.44 32.68 -12.67
N GLU A 140 14.38 32.68 -13.47
CA GLU A 140 13.06 32.26 -13.00
C GLU A 140 13.04 30.75 -12.74
N GLU A 141 14.03 30.04 -13.27
CA GLU A 141 14.09 28.59 -13.15
C GLU A 141 14.57 28.14 -11.76
N ASN A 142 15.33 28.99 -11.10
CA ASN A 142 15.86 28.65 -9.77
C ASN A 142 15.63 29.77 -8.76
N GLY A 143 14.58 30.56 -8.99
CA GLY A 143 14.27 31.67 -8.10
C GLY A 143 13.10 32.49 -8.60
N SER A 144 12.96 33.69 -8.02
CA SER A 144 11.86 34.59 -8.37
C SER A 144 12.28 35.59 -9.43
N VAL A 145 11.55 35.61 -10.55
CA VAL A 145 11.84 36.54 -11.64
C VAL A 145 11.57 37.97 -11.19
N LEU A 146 10.73 38.11 -10.16
CA LEU A 146 10.49 39.40 -9.53
C LEU A 146 11.78 39.96 -8.91
N GLN A 147 12.51 39.10 -8.20
CA GLN A 147 13.73 39.53 -7.52
C GLN A 147 14.89 39.77 -8.49
N VAL A 148 15.17 38.78 -9.32
CA VAL A 148 16.33 38.83 -10.20
C VAL A 148 16.02 39.58 -11.49
N GLY A 149 14.76 39.97 -11.67
CA GLY A 149 14.34 40.68 -12.88
C GLY A 149 13.94 42.13 -12.65
N ARG A 150 13.46 42.43 -11.44
CA ARG A 150 12.96 43.77 -11.14
C ARG A 150 13.65 44.42 -9.94
N ASN A 151 14.11 43.62 -8.98
CA ASN A 151 14.79 44.15 -7.80
C ASN A 151 16.25 44.46 -8.14
N ILE A 152 16.50 45.70 -8.54
CA ILE A 152 17.81 46.11 -9.07
C ILE A 152 18.93 46.00 -8.03
N THR A 153 18.56 46.06 -6.75
CA THR A 153 19.53 45.86 -5.69
C THR A 153 20.03 44.41 -5.67
N ARG A 154 19.09 43.47 -5.77
CA ARG A 154 19.42 42.06 -5.84
C ARG A 154 20.28 41.81 -7.07
N ILE A 155 19.88 42.42 -8.19
CA ILE A 155 20.62 42.29 -9.44
C ILE A 155 22.05 42.80 -9.28
N LYS A 156 22.18 43.97 -8.66
CA LYS A 156 23.49 44.60 -8.49
C LYS A 156 24.43 43.72 -7.68
N LEU A 157 23.89 43.11 -6.62
CA LEU A 157 24.69 42.25 -5.76
C LEU A 157 25.07 40.94 -6.47
N LEU A 158 24.20 40.47 -7.35
CA LEU A 158 24.50 39.25 -8.10
C LEU A 158 25.59 39.52 -9.14
N VAL A 159 25.57 40.72 -9.71
CA VAL A 159 26.60 41.13 -10.64
C VAL A 159 27.94 41.23 -9.90
N ARG A 160 27.90 41.82 -8.72
CA ARG A 160 29.09 41.95 -7.89
C ARG A 160 29.68 40.58 -7.60
N LYS A 161 28.82 39.65 -7.17
CA LYS A 161 29.25 38.29 -6.87
C LYS A 161 29.89 37.63 -8.12
N PHE A 162 29.27 37.83 -9.27
CA PHE A 162 29.78 37.27 -10.52
C PHE A 162 31.20 37.72 -10.78
N LEU A 163 31.44 39.02 -10.60
CA LEU A 163 32.73 39.62 -10.91
C LEU A 163 33.79 39.25 -9.86
N GLN A 164 33.37 39.14 -8.60
CA GLN A 164 34.30 38.79 -7.52
C GLN A 164 34.81 37.36 -7.69
N THR A 165 33.98 36.49 -8.27
CA THR A 165 34.31 35.09 -8.41
C THR A 165 34.96 34.76 -9.76
N GLN A 166 35.39 35.80 -10.48
CA GLN A 166 36.05 35.62 -11.78
C GLN A 166 37.41 34.98 -11.62
N ASP A 167 37.87 34.30 -12.68
CA ASP A 167 39.08 33.49 -12.58
C ASP A 167 39.99 33.56 -13.81
N ASP A 168 40.29 34.76 -14.29
CA ASP A 168 41.27 34.93 -15.35
C ASP A 168 40.72 34.60 -16.73
N ARG A 169 39.59 33.93 -16.76
CA ARG A 169 38.88 33.70 -18.00
C ARG A 169 38.12 34.96 -18.39
N PRO A 170 37.96 35.18 -19.69
CA PRO A 170 37.05 36.22 -20.16
C PRO A 170 35.65 35.89 -19.70
N PHE A 171 34.75 36.86 -19.69
CA PHE A 171 33.37 36.57 -19.31
C PHE A 171 32.33 37.18 -20.25
N PHE A 172 31.16 36.56 -20.29
CA PHE A 172 30.00 37.10 -20.95
C PHE A 172 28.86 37.13 -19.95
N LEU A 173 28.40 38.33 -19.61
CA LEU A 173 27.35 38.49 -18.63
C LEU A 173 26.07 38.96 -19.29
N TYR A 174 25.01 38.19 -19.10
CA TYR A 174 23.72 38.45 -19.71
C TYR A 174 22.74 38.87 -18.61
N VAL A 175 22.42 40.16 -18.58
CA VAL A 175 21.48 40.69 -17.61
C VAL A 175 20.14 40.97 -18.30
N ALA A 176 19.19 40.07 -18.09
CA ALA A 176 17.87 40.19 -18.72
C ALA A 176 16.84 40.75 -17.74
N PHE A 177 16.72 42.08 -17.71
CA PHE A 177 15.71 42.72 -16.86
C PHE A 177 14.33 42.20 -17.22
N HIS A 178 13.44 42.13 -16.24
CA HIS A 178 12.04 41.83 -16.50
C HIS A 178 11.26 43.13 -16.66
N ASP A 179 11.81 44.22 -16.13
CA ASP A 179 11.31 45.55 -16.43
C ASP A 179 11.66 45.88 -17.88
N PRO A 180 10.81 46.66 -18.57
CA PRO A 180 9.54 47.20 -18.09
C PRO A 180 8.33 46.39 -18.57
N HIS A 181 8.29 45.11 -18.22
CA HIS A 181 7.20 44.23 -18.56
C HIS A 181 5.98 44.51 -17.67
N ARG A 182 4.78 44.28 -18.19
CA ARG A 182 3.55 44.47 -17.41
C ARG A 182 3.48 43.49 -16.24
N CYS A 183 2.62 43.80 -15.27
CA CYS A 183 2.39 42.95 -14.11
C CYS A 183 0.90 42.75 -13.84
N GLY A 184 0.07 43.43 -14.62
CA GLY A 184 -1.38 43.48 -14.37
C GLY A 184 -2.04 42.11 -14.26
N HIS A 185 -1.65 41.19 -15.13
CA HIS A 185 -2.24 39.85 -15.14
C HIS A 185 -1.80 39.05 -13.91
N SER A 186 -0.49 38.97 -13.70
CA SER A 186 0.06 38.16 -12.62
C SER A 186 -0.07 38.81 -11.24
N GLN A 187 0.45 40.02 -11.09
CA GLN A 187 0.55 40.67 -9.78
C GLN A 187 0.05 42.11 -9.81
N PRO A 188 -1.28 42.28 -9.78
CA PRO A 188 -1.92 43.59 -9.86
C PRO A 188 -1.65 44.52 -8.66
N GLN A 189 -1.28 43.95 -7.52
CA GLN A 189 -1.06 44.74 -6.32
C GLN A 189 0.19 45.63 -6.43
N TYR A 190 1.05 45.33 -7.40
CA TYR A 190 2.25 46.11 -7.63
C TYR A 190 2.07 47.15 -8.73
N GLY A 191 0.87 47.21 -9.30
CA GLY A 191 0.59 48.16 -10.37
C GLY A 191 0.63 47.51 -11.73
N THR A 192 0.19 48.25 -12.74
CA THR A 192 0.07 47.70 -14.09
C THR A 192 1.44 47.33 -14.67
N PHE A 193 2.48 48.03 -14.22
CA PHE A 193 3.84 47.74 -14.69
C PHE A 193 4.76 47.40 -13.52
N CYS A 194 4.18 46.98 -12.40
CA CYS A 194 4.95 46.71 -11.19
C CYS A 194 5.72 47.94 -10.74
N GLU A 195 5.19 49.12 -11.05
CA GLU A 195 5.87 50.37 -10.73
C GLU A 195 5.81 50.67 -9.24
N LYS A 196 5.03 49.89 -8.50
CA LYS A 196 4.86 50.11 -7.06
C LYS A 196 5.75 49.16 -6.25
N PHE A 197 6.14 48.06 -6.87
CA PHE A 197 6.98 47.08 -6.21
C PHE A 197 8.28 47.73 -5.72
N GLY A 198 8.50 47.67 -4.41
CA GLY A 198 9.74 48.16 -3.82
C GLY A 198 9.80 49.67 -3.68
N ASN A 199 8.64 50.32 -3.76
CA ASN A 199 8.58 51.79 -3.71
C ASN A 199 8.59 52.32 -2.28
N GLY A 200 8.49 51.43 -1.31
CA GLY A 200 8.53 51.83 0.10
C GLY A 200 7.17 51.83 0.78
N GLU A 201 6.12 52.01 -0.01
CA GLU A 201 4.76 52.04 0.53
C GLU A 201 4.41 50.71 1.19
N SER A 202 3.34 50.71 1.99
CA SER A 202 2.92 49.52 2.72
C SER A 202 2.67 48.34 1.78
N GLY A 203 3.27 47.20 2.10
CA GLY A 203 3.05 45.96 1.36
C GLY A 203 3.87 45.85 0.09
N MET A 204 4.66 46.88 -0.20
CA MET A 204 5.41 46.93 -1.45
C MET A 204 6.87 46.53 -1.26
N GLY A 205 7.36 46.72 -0.03
CA GLY A 205 8.75 46.43 0.27
C GLY A 205 9.63 47.58 -0.17
N ARG A 206 10.94 47.39 -0.08
CA ARG A 206 11.88 48.44 -0.41
C ARG A 206 13.05 47.92 -1.23
N ILE A 207 13.42 48.68 -2.27
CA ILE A 207 14.63 48.44 -3.02
C ILE A 207 15.56 49.62 -2.77
N PRO A 208 16.50 49.46 -1.82
CA PRO A 208 17.35 50.55 -1.32
C PRO A 208 18.03 51.38 -2.41
N ASP A 209 18.46 50.74 -3.49
CA ASP A 209 19.17 51.42 -4.56
C ASP A 209 18.24 52.11 -5.57
N TRP A 210 16.93 51.99 -5.36
CA TRP A 210 15.97 52.57 -6.29
C TRP A 210 15.28 53.81 -5.74
N THR A 211 15.33 54.89 -6.52
CA THR A 211 14.60 56.11 -6.20
C THR A 211 13.44 56.27 -7.18
N PRO A 212 12.23 55.89 -6.74
CA PRO A 212 11.04 55.94 -7.59
C PRO A 212 10.83 57.31 -8.23
N GLN A 213 10.39 57.30 -9.49
CA GLN A 213 10.13 58.53 -10.24
C GLN A 213 8.69 58.54 -10.72
N ALA A 214 7.87 59.36 -10.08
CA ALA A 214 6.46 59.46 -10.44
C ALA A 214 6.28 60.29 -11.70
N TYR A 215 5.27 59.93 -12.50
CA TYR A 215 4.96 60.67 -13.72
C TYR A 215 3.47 60.99 -13.83
N ASP A 216 3.17 62.20 -14.30
CA ASP A 216 1.79 62.61 -14.51
C ASP A 216 1.31 62.09 -15.85
N PRO A 217 0.14 61.44 -15.88
CA PRO A 217 -0.43 60.89 -17.11
C PRO A 217 -0.62 61.95 -18.21
N LEU A 218 -0.65 63.22 -17.83
CA LEU A 218 -0.82 64.29 -18.80
C LEU A 218 0.51 64.73 -19.43
N ASP A 219 1.62 64.23 -18.90
CA ASP A 219 2.94 64.65 -19.34
C ASP A 219 3.64 63.60 -20.19
N VAL A 220 3.15 62.36 -20.13
CA VAL A 220 3.73 61.28 -20.91
C VAL A 220 3.48 61.48 -22.39
N LEU A 221 4.39 60.95 -23.21
CA LEU A 221 4.23 61.01 -24.66
C LEU A 221 3.41 59.81 -25.13
N VAL A 222 2.30 60.10 -25.81
CA VAL A 222 1.43 59.06 -26.33
C VAL A 222 1.84 58.66 -27.74
N PRO A 223 2.49 57.50 -27.89
CA PRO A 223 2.90 57.01 -29.20
C PRO A 223 1.73 56.99 -30.18
N TYR A 224 2.04 57.15 -31.46
CA TYR A 224 1.00 57.30 -32.49
C TYR A 224 0.07 56.08 -32.54
N PHE A 225 0.58 54.92 -32.12
CA PHE A 225 -0.19 53.68 -32.20
C PHE A 225 -0.94 53.36 -30.91
N VAL A 226 -0.84 54.24 -29.92
CA VAL A 226 -1.52 54.03 -28.65
C VAL A 226 -2.71 54.98 -28.53
N PRO A 227 -3.88 54.44 -28.17
CA PRO A 227 -5.08 55.25 -28.02
C PRO A 227 -4.86 56.40 -27.04
N ASN A 228 -5.29 57.60 -27.40
CA ASN A 228 -5.14 58.75 -26.52
C ASN A 228 -6.31 58.85 -25.56
N THR A 229 -6.28 57.99 -24.54
CA THR A 229 -7.33 57.96 -23.52
C THR A 229 -6.70 58.02 -22.13
N PRO A 230 -7.51 58.39 -21.12
CA PRO A 230 -7.04 58.43 -19.75
C PRO A 230 -6.44 57.09 -19.31
N ALA A 231 -7.11 56.00 -19.67
CA ALA A 231 -6.66 54.67 -19.29
C ALA A 231 -5.27 54.37 -19.86
N ALA A 232 -5.06 54.74 -21.12
CA ALA A 232 -3.78 54.51 -21.79
C ALA A 232 -2.67 55.39 -21.20
N ARG A 233 -3.00 56.63 -20.91
CA ARG A 233 -2.03 57.55 -20.32
C ARG A 233 -1.60 57.08 -18.94
N ALA A 234 -2.54 56.52 -18.19
CA ALA A 234 -2.24 55.99 -16.86
C ALA A 234 -1.28 54.83 -17.01
N ASP A 235 -1.54 53.96 -17.98
CA ASP A 235 -0.64 52.85 -18.29
C ASP A 235 0.77 53.36 -18.59
N LEU A 236 0.85 54.40 -19.42
CA LEU A 236 2.14 54.96 -19.82
C LEU A 236 2.90 55.56 -18.63
N ALA A 237 2.17 56.27 -17.76
CA ALA A 237 2.77 56.88 -16.59
C ALA A 237 3.42 55.81 -15.70
N ALA A 238 2.70 54.71 -15.50
CA ALA A 238 3.22 53.60 -14.72
C ALA A 238 4.44 53.00 -15.41
N GLN A 239 4.38 52.90 -16.73
CA GLN A 239 5.48 52.36 -17.51
C GLN A 239 6.73 53.23 -17.33
N TYR A 240 6.56 54.54 -17.40
CA TYR A 240 7.68 55.47 -17.28
C TYR A 240 8.40 55.27 -15.95
N THR A 241 7.64 55.13 -14.87
CA THR A 241 8.21 54.92 -13.54
C THR A 241 9.06 53.65 -13.53
N THR A 242 8.55 52.59 -14.14
CA THR A 242 9.23 51.30 -14.15
C THR A 242 10.46 51.33 -15.06
N VAL A 243 10.39 52.09 -16.14
CA VAL A 243 11.53 52.23 -17.04
C VAL A 243 12.67 52.91 -16.29
N GLY A 244 12.30 53.84 -15.41
CA GLY A 244 13.27 54.55 -14.59
C GLY A 244 14.02 53.60 -13.69
N ARG A 245 13.29 52.61 -13.15
CA ARG A 245 13.90 51.60 -12.30
C ARG A 245 14.90 50.80 -13.11
N MET A 246 14.49 50.42 -14.31
CA MET A 246 15.35 49.68 -15.22
C MET A 246 16.58 50.51 -15.55
N ASP A 247 16.38 51.79 -15.76
CA ASP A 247 17.48 52.71 -16.06
C ASP A 247 18.49 52.74 -14.91
N GLN A 248 18.00 52.84 -13.69
CA GLN A 248 18.86 52.87 -12.52
C GLN A 248 19.57 51.52 -12.34
N GLY A 249 18.91 50.46 -12.79
CA GLY A 249 19.51 49.13 -12.75
C GLY A 249 20.72 49.07 -13.66
N VAL A 250 20.59 49.67 -14.83
CA VAL A 250 21.70 49.73 -15.77
C VAL A 250 22.87 50.48 -15.17
N GLY A 251 22.58 51.58 -14.48
CA GLY A 251 23.60 52.38 -13.82
C GLY A 251 24.37 51.57 -12.80
N LEU A 252 23.64 50.80 -12.00
CA LEU A 252 24.24 49.98 -10.94
C LEU A 252 25.14 48.91 -11.53
N VAL A 253 24.65 48.26 -12.58
CA VAL A 253 25.40 47.19 -13.23
C VAL A 253 26.73 47.72 -13.77
N LEU A 254 26.66 48.80 -14.54
CA LEU A 254 27.86 49.40 -15.12
C LEU A 254 28.83 49.81 -14.03
N GLN A 255 28.29 50.31 -12.92
CA GLN A 255 29.11 50.75 -11.81
C GLN A 255 29.84 49.57 -11.15
N GLU A 256 29.21 48.40 -11.15
CA GLU A 256 29.83 47.21 -10.58
C GLU A 256 31.05 46.78 -11.39
N LEU A 257 30.95 46.87 -12.71
CA LEU A 257 32.07 46.57 -13.57
C LEU A 257 33.17 47.61 -13.37
N ARG A 258 32.77 48.88 -13.19
CA ARG A 258 33.72 49.96 -12.92
C ARG A 258 34.46 49.71 -11.62
N ASP A 259 33.74 49.20 -10.63
CA ASP A 259 34.33 48.93 -9.32
C ASP A 259 35.23 47.70 -9.34
N ALA A 260 34.98 46.79 -10.28
CA ALA A 260 35.80 45.60 -10.43
C ALA A 260 36.95 45.86 -11.41
N GLY A 261 36.94 47.05 -11.99
CA GLY A 261 37.99 47.47 -12.92
C GLY A 261 38.00 46.70 -14.23
N VAL A 262 36.83 46.41 -14.78
CA VAL A 262 36.75 45.65 -16.02
C VAL A 262 35.89 46.33 -17.09
N LEU A 263 35.27 47.45 -16.75
CA LEU A 263 34.39 48.13 -17.70
C LEU A 263 35.15 48.54 -18.98
N ASN A 264 36.39 49.00 -18.83
CA ASN A 264 37.16 49.46 -19.97
C ASN A 264 37.71 48.31 -20.80
N ASP A 265 37.37 47.07 -20.40
CA ASP A 265 37.79 45.89 -21.13
C ASP A 265 36.56 45.15 -21.66
N THR A 266 35.40 45.76 -21.52
CA THR A 266 34.13 45.09 -21.78
C THR A 266 33.29 45.77 -22.85
N LEU A 267 32.83 44.98 -23.81
CA LEU A 267 31.86 45.43 -24.80
C LEU A 267 30.47 45.43 -24.19
N VAL A 268 29.82 46.59 -24.18
CA VAL A 268 28.51 46.71 -23.59
C VAL A 268 27.45 46.92 -24.67
N ILE A 269 26.36 46.16 -24.58
CA ILE A 269 25.27 46.27 -25.51
C ILE A 269 23.94 46.33 -24.77
N PHE A 270 23.12 47.30 -25.11
CA PHE A 270 21.78 47.40 -24.53
C PHE A 270 20.72 47.37 -25.63
N THR A 271 19.66 46.61 -25.39
CA THR A 271 18.54 46.55 -26.32
C THR A 271 17.30 45.94 -25.66
N SER A 272 16.25 45.73 -26.44
CA SER A 272 15.00 45.17 -25.94
C SER A 272 14.55 44.01 -26.84
N ASP A 273 13.81 43.06 -26.27
CA ASP A 273 13.47 41.84 -27.00
C ASP A 273 12.32 42.03 -27.99
N ASN A 274 11.41 42.94 -27.68
CA ASN A 274 10.30 43.23 -28.60
C ASN A 274 9.63 44.56 -28.29
N GLY A 275 8.63 44.92 -29.11
CA GLY A 275 7.95 46.19 -28.97
C GLY A 275 7.14 46.28 -27.69
N ILE A 276 6.74 47.49 -27.34
CA ILE A 276 6.01 47.72 -26.09
C ILE A 276 4.63 47.08 -26.12
N PRO A 277 4.13 46.68 -24.93
CA PRO A 277 2.88 45.94 -24.77
C PRO A 277 1.63 46.80 -24.90
N PHE A 278 1.43 47.34 -26.11
CA PHE A 278 0.26 48.16 -26.41
C PHE A 278 -0.24 47.72 -27.78
N PRO A 279 -1.41 48.23 -28.20
CA PRO A 279 -1.93 47.89 -29.53
C PRO A 279 -0.92 48.16 -30.65
N SER A 280 -0.87 47.26 -31.62
CA SER A 280 0.04 47.38 -32.76
C SER A 280 1.50 47.21 -32.36
N GLY A 281 1.74 47.00 -31.08
CA GLY A 281 3.10 46.76 -30.58
C GLY A 281 3.39 45.28 -30.49
N ARG A 282 3.74 44.84 -29.29
CA ARG A 282 4.11 43.45 -29.06
C ARG A 282 3.19 42.48 -29.78
N THR A 283 3.79 41.45 -30.38
CA THR A 283 3.09 40.41 -31.14
C THR A 283 2.83 40.81 -32.59
N ASN A 284 3.15 42.05 -32.95
CA ASN A 284 2.97 42.50 -34.32
C ASN A 284 4.30 42.64 -35.05
N LEU A 285 4.27 42.48 -36.36
CA LEU A 285 5.45 42.77 -37.19
C LEU A 285 5.32 44.15 -37.82
N TYR A 286 4.44 44.97 -37.27
CA TYR A 286 4.41 46.38 -37.61
C TYR A 286 5.60 47.05 -36.95
N TRP A 287 5.94 48.25 -37.40
CA TRP A 287 7.12 48.93 -36.90
C TRP A 287 7.14 48.93 -35.38
N PRO A 288 6.02 49.32 -34.75
CA PRO A 288 5.94 49.44 -33.29
C PRO A 288 6.21 48.13 -32.55
N GLY A 289 6.03 47.00 -33.23
CA GLY A 289 6.17 45.70 -32.60
C GLY A 289 7.57 45.10 -32.69
N THR A 290 8.38 45.63 -33.62
CA THR A 290 9.71 45.08 -33.88
C THR A 290 10.83 46.11 -33.73
N ALA A 291 10.49 47.40 -33.84
CA ALA A 291 11.48 48.45 -33.63
C ALA A 291 11.98 48.40 -32.18
N GLU A 292 13.29 48.45 -32.00
CA GLU A 292 13.90 48.32 -30.67
C GLU A 292 15.05 49.31 -30.50
N PRO A 293 15.25 49.78 -29.26
CA PRO A 293 16.45 50.56 -28.97
C PRO A 293 17.70 49.70 -29.02
N LEU A 294 18.83 50.28 -29.43
CA LEU A 294 20.07 49.53 -29.47
C LEU A 294 21.27 50.45 -29.28
N LEU A 295 22.07 50.15 -28.26
CA LEU A 295 23.29 50.89 -27.97
C LEU A 295 24.46 49.93 -27.94
N VAL A 296 25.57 50.31 -28.57
CA VAL A 296 26.77 49.49 -28.58
C VAL A 296 28.00 50.30 -28.18
N SER A 297 28.62 49.91 -27.07
CA SER A 297 29.77 50.62 -26.54
C SER A 297 31.02 49.75 -26.53
N SER A 298 31.96 50.05 -27.41
CA SER A 298 33.24 49.35 -27.45
C SER A 298 34.33 50.26 -26.91
N PRO A 299 35.02 49.82 -25.85
CA PRO A 299 36.11 50.60 -25.27
C PRO A 299 37.32 50.69 -26.21
N GLU A 300 37.32 49.88 -27.26
CA GLU A 300 38.44 49.85 -28.19
C GLU A 300 38.15 50.68 -29.44
N HIS A 301 36.88 51.01 -29.67
CA HIS A 301 36.49 51.79 -30.83
C HIS A 301 35.58 52.95 -30.42
N PRO A 302 36.16 53.96 -29.76
CA PRO A 302 35.42 55.12 -29.28
C PRO A 302 35.26 56.20 -30.33
N LYS A 303 35.71 55.94 -31.55
CA LYS A 303 35.64 56.93 -32.62
C LYS A 303 34.23 57.48 -32.78
N ARG A 304 33.23 56.61 -32.67
CA ARG A 304 31.86 57.02 -32.94
C ARG A 304 31.00 57.00 -31.67
N TRP A 305 31.65 57.18 -30.53
CA TRP A 305 30.94 57.33 -29.27
C TRP A 305 30.04 58.56 -29.30
N GLY A 306 28.78 58.37 -28.94
CA GLY A 306 27.83 59.48 -28.86
C GLY A 306 27.18 59.80 -30.18
N GLN A 307 27.46 59.00 -31.20
CA GLN A 307 26.89 59.23 -32.52
C GLN A 307 25.67 58.35 -32.77
N VAL A 308 24.93 58.69 -33.83
CA VAL A 308 23.76 57.93 -34.22
C VAL A 308 23.95 57.30 -35.60
N SER A 309 23.64 56.00 -35.70
CA SER A 309 23.79 55.27 -36.96
C SER A 309 22.44 55.09 -37.63
N GLU A 310 22.43 55.19 -38.95
CA GLU A 310 21.19 55.12 -39.71
C GLU A 310 21.03 53.74 -40.32
N ALA A 311 22.04 52.89 -40.14
CA ALA A 311 22.05 51.55 -40.73
C ALA A 311 20.93 50.68 -40.17
N TYR A 312 20.33 49.88 -41.05
CA TYR A 312 19.29 48.95 -40.65
C TYR A 312 19.91 47.65 -40.12
N VAL A 313 19.64 47.36 -38.86
CA VAL A 313 20.24 46.21 -38.18
C VAL A 313 19.19 45.39 -37.44
N SER A 314 19.56 44.16 -37.11
CA SER A 314 18.65 43.20 -36.49
C SER A 314 19.29 42.59 -35.26
N LEU A 315 18.46 42.11 -34.33
CA LEU A 315 18.97 41.38 -33.18
C LEU A 315 19.64 40.07 -33.60
N LEU A 316 19.39 39.66 -34.84
CA LEU A 316 20.09 38.52 -35.42
C LEU A 316 21.58 38.84 -35.63
N ASP A 317 21.94 40.12 -35.48
CA ASP A 317 23.33 40.56 -35.65
C ASP A 317 24.14 40.46 -34.36
N LEU A 318 23.46 40.26 -33.24
CA LEU A 318 24.11 40.29 -31.93
C LEU A 318 25.03 39.09 -31.68
N THR A 319 24.55 37.89 -31.98
CA THR A 319 25.36 36.70 -31.80
C THR A 319 26.63 36.81 -32.64
N PRO A 320 26.48 37.17 -33.93
CA PRO A 320 27.63 37.36 -34.81
C PRO A 320 28.57 38.44 -34.30
N THR A 321 28.00 39.49 -33.71
CA THR A 321 28.78 40.61 -33.19
C THR A 321 29.63 40.16 -32.00
N ILE A 322 29.01 39.44 -31.08
CA ILE A 322 29.69 39.00 -29.88
C ILE A 322 30.71 37.91 -30.19
N LEU A 323 30.37 37.02 -31.12
CA LEU A 323 31.34 36.02 -31.57
C LEU A 323 32.55 36.72 -32.16
N ASP A 324 32.29 37.75 -32.96
CA ASP A 324 33.36 38.50 -33.60
C ASP A 324 34.24 39.14 -32.52
N TRP A 325 33.58 39.66 -31.49
CA TRP A 325 34.28 40.33 -30.39
C TRP A 325 35.27 39.38 -29.71
N PHE A 326 34.85 38.12 -29.53
CA PHE A 326 35.71 37.12 -28.89
C PHE A 326 36.55 36.33 -29.91
N SER A 327 36.44 36.71 -31.19
CA SER A 327 37.19 36.04 -32.24
C SER A 327 36.84 34.56 -32.31
N ILE A 328 35.55 34.26 -32.14
CA ILE A 328 35.06 32.89 -32.22
C ILE A 328 34.27 32.72 -33.50
N PRO A 329 34.68 31.76 -34.35
CA PRO A 329 33.98 31.52 -35.60
C PRO A 329 32.74 30.64 -35.39
N TYR A 330 31.73 30.84 -36.22
CA TYR A 330 30.55 29.98 -36.20
C TYR A 330 30.92 28.64 -36.81
N PRO A 331 30.73 27.55 -36.06
CA PRO A 331 31.12 26.22 -36.54
C PRO A 331 30.24 25.74 -37.68
N SER A 332 30.77 24.78 -38.44
CA SER A 332 30.04 24.19 -39.55
C SER A 332 29.29 22.95 -39.05
N TYR A 333 27.97 23.03 -39.03
CA TYR A 333 27.16 21.91 -38.57
C TYR A 333 25.75 21.97 -39.13
N ALA A 334 25.00 20.90 -38.92
CA ALA A 334 23.61 20.84 -39.36
C ALA A 334 22.72 20.46 -38.18
N ILE A 335 21.48 20.90 -38.22
CA ILE A 335 20.50 20.47 -37.24
C ILE A 335 19.79 19.21 -37.76
N PHE A 336 19.28 19.29 -38.99
CA PHE A 336 18.67 18.14 -39.63
C PHE A 336 19.40 17.82 -40.93
N GLY A 337 19.53 16.52 -41.22
CA GLY A 337 20.20 16.08 -42.44
C GLY A 337 21.56 16.72 -42.62
N SER A 338 21.89 17.07 -43.85
CA SER A 338 23.15 17.73 -44.15
C SER A 338 22.95 19.23 -44.39
N LYS A 339 21.76 19.72 -44.07
CA LYS A 339 21.42 21.13 -44.26
C LYS A 339 22.28 22.00 -43.34
N THR A 340 23.46 22.37 -43.81
CA THR A 340 24.40 23.18 -43.03
C THR A 340 23.76 24.50 -42.63
N ILE A 341 24.10 24.96 -41.42
CA ILE A 341 23.53 26.17 -40.86
C ILE A 341 24.49 27.34 -41.00
N HIS A 342 23.99 28.47 -41.50
N HIS A 342 23.98 28.48 -41.46
N HIS A 342 23.99 28.47 -41.48
CA HIS A 342 24.78 29.70 -41.57
CA HIS A 342 24.78 29.70 -41.55
CA HIS A 342 24.79 29.70 -41.52
C HIS A 342 23.96 30.88 -41.05
C HIS A 342 23.96 30.89 -41.06
C HIS A 342 23.97 30.90 -41.07
N LEU A 343 24.63 31.85 -40.44
CA LEU A 343 23.96 33.05 -39.94
C LEU A 343 23.70 34.06 -41.06
N THR A 344 22.54 34.71 -41.01
CA THR A 344 22.18 35.71 -42.00
C THR A 344 22.51 37.10 -41.46
N GLY A 345 22.74 37.19 -40.16
CA GLY A 345 23.15 38.44 -39.54
C GLY A 345 24.60 38.74 -39.81
N ARG A 346 25.09 39.86 -39.29
CA ARG A 346 26.50 40.23 -39.44
C ARG A 346 26.99 40.95 -38.20
N SER A 347 28.31 40.98 -38.02
CA SER A 347 28.88 41.70 -36.90
C SER A 347 28.63 43.19 -37.09
N LEU A 348 28.26 43.87 -35.99
CA LEU A 348 28.01 45.31 -36.03
C LEU A 348 29.29 46.08 -35.74
N LEU A 349 30.35 45.37 -35.34
CA LEU A 349 31.60 46.00 -34.96
C LEU A 349 32.11 47.00 -36.02
N PRO A 350 32.08 46.62 -37.30
CA PRO A 350 32.55 47.50 -38.37
C PRO A 350 31.84 48.85 -38.40
N ALA A 351 30.59 48.89 -37.96
CA ALA A 351 29.82 50.13 -37.93
C ALA A 351 30.34 51.08 -36.84
N LEU A 352 31.07 50.52 -35.88
CA LEU A 352 31.63 51.32 -34.80
C LEU A 352 32.81 52.15 -35.29
N GLU A 353 33.31 51.82 -36.48
CA GLU A 353 34.44 52.54 -37.07
C GLU A 353 33.98 53.46 -38.19
N ALA A 354 33.07 52.97 -39.03
CA ALA A 354 32.56 53.74 -40.15
C ALA A 354 31.11 53.35 -40.48
N GLU A 355 30.31 54.33 -40.88
CA GLU A 355 28.91 54.11 -41.20
C GLU A 355 28.74 53.29 -42.48
N PRO A 356 28.02 52.16 -42.38
CA PRO A 356 27.72 51.30 -43.51
C PRO A 356 26.36 51.62 -44.15
N LEU A 357 26.04 50.95 -45.24
CA LEU A 357 24.80 51.22 -45.97
C LEU A 357 23.76 50.10 -45.86
N TRP A 358 23.91 49.23 -44.86
CA TRP A 358 22.96 48.13 -44.64
C TRP A 358 21.54 48.68 -44.61
N ALA A 359 20.64 48.06 -45.37
CA ALA A 359 19.30 48.60 -45.54
C ALA A 359 18.18 47.57 -45.38
N THR A 360 18.54 46.31 -45.15
CA THR A 360 17.55 45.22 -45.18
C THR A 360 17.48 44.42 -43.88
N VAL A 361 16.27 44.24 -43.37
CA VAL A 361 16.06 43.41 -42.18
C VAL A 361 14.78 42.59 -42.34
N PHE A 362 14.80 41.39 -41.76
CA PHE A 362 13.70 40.45 -41.93
C PHE A 362 12.97 40.19 -40.62
N GLY A 363 11.77 39.64 -40.73
CA GLY A 363 10.98 39.28 -39.57
C GLY A 363 10.24 37.98 -39.81
N SER A 364 10.11 37.18 -38.75
CA SER A 364 9.40 35.91 -38.81
C SER A 364 8.80 35.57 -37.46
N GLN A 365 7.49 35.34 -37.45
CA GLN A 365 6.79 34.96 -36.24
C GLN A 365 5.76 33.91 -36.59
N SER A 366 5.65 32.88 -35.75
CA SER A 366 4.66 31.83 -35.97
C SER A 366 3.61 31.84 -34.87
N HIS A 367 3.94 31.25 -33.73
CA HIS A 367 3.08 31.30 -32.55
C HIS A 367 3.53 32.40 -31.61
N HIS A 368 2.65 32.74 -30.67
CA HIS A 368 3.03 33.44 -29.46
C HIS A 368 2.68 32.44 -28.35
N GLU A 369 1.46 32.52 -27.84
CA GLU A 369 0.89 31.42 -27.07
C GLU A 369 0.58 30.29 -28.04
N VAL A 370 0.49 29.06 -27.54
CA VAL A 370 0.31 27.91 -28.44
C VAL A 370 -1.05 27.98 -29.13
N THR A 371 -1.99 28.69 -28.52
CA THR A 371 -3.33 28.84 -29.10
C THR A 371 -3.36 29.98 -30.11
N MET A 372 -2.29 30.75 -30.16
CA MET A 372 -2.21 31.91 -31.04
C MET A 372 -1.38 31.57 -32.27
N SER A 373 -2.02 31.01 -33.29
CA SER A 373 -1.33 30.65 -34.51
C SER A 373 -1.64 31.65 -35.63
N TYR A 374 -0.79 32.66 -35.76
CA TYR A 374 -0.96 33.70 -36.75
C TYR A 374 0.41 34.04 -37.34
N PRO A 375 0.93 33.14 -38.19
CA PRO A 375 2.27 33.30 -38.71
C PRO A 375 2.38 34.55 -39.58
N MET A 376 3.48 35.28 -39.39
CA MET A 376 3.74 36.47 -40.18
C MET A 376 5.20 36.45 -40.62
N ARG A 377 5.46 36.96 -41.81
CA ARG A 377 6.81 37.07 -42.35
C ARG A 377 6.96 38.46 -42.92
N SER A 378 8.09 39.11 -42.66
CA SER A 378 8.27 40.47 -43.12
C SER A 378 9.66 40.69 -43.69
N VAL A 379 9.75 41.68 -44.58
CA VAL A 379 11.03 42.16 -45.08
C VAL A 379 10.97 43.67 -45.13
N GLN A 380 12.04 44.32 -44.69
CA GLN A 380 12.11 45.77 -44.73
C GLN A 380 13.34 46.25 -45.48
N HIS A 381 13.12 47.09 -46.49
CA HIS A 381 14.21 47.72 -47.21
C HIS A 381 14.09 49.22 -47.01
N ARG A 382 14.96 49.77 -46.16
CA ARG A 382 14.85 51.15 -45.73
C ARG A 382 13.46 51.39 -45.17
N HIS A 383 12.74 52.35 -45.73
CA HIS A 383 11.45 52.75 -45.19
C HIS A 383 10.28 51.90 -45.70
N PHE A 384 10.57 51.00 -46.65
CA PHE A 384 9.54 50.12 -47.16
C PHE A 384 9.48 48.84 -46.35
N ARG A 385 8.29 48.53 -45.83
CA ARG A 385 8.08 47.32 -45.06
C ARG A 385 6.97 46.49 -45.72
N LEU A 386 7.24 45.20 -45.88
CA LEU A 386 6.26 44.27 -46.42
C LEU A 386 5.98 43.18 -45.40
N VAL A 387 4.71 43.01 -45.05
CA VAL A 387 4.32 41.96 -44.12
C VAL A 387 3.42 40.96 -44.81
N HIS A 388 3.70 39.68 -44.60
CA HIS A 388 2.85 38.62 -45.12
C HIS A 388 2.15 37.90 -43.97
N ASN A 389 0.82 37.93 -43.98
CA ASN A 389 0.04 37.31 -42.94
C ASN A 389 -0.54 36.00 -43.45
N LEU A 390 0.07 34.89 -43.03
CA LEU A 390 -0.24 33.58 -43.61
C LEU A 390 -1.64 33.07 -43.27
N ASN A 391 -2.16 33.45 -42.11
CA ASN A 391 -3.50 33.02 -41.71
C ASN A 391 -4.48 34.19 -41.70
N PHE A 392 -4.32 35.08 -42.67
CA PHE A 392 -5.01 36.37 -42.66
C PHE A 392 -6.53 36.30 -42.54
N LYS A 393 -7.13 35.20 -42.98
CA LYS A 393 -8.60 35.12 -43.00
C LYS A 393 -9.20 34.96 -41.60
N MET A 394 -8.38 34.50 -40.65
CA MET A 394 -8.83 34.43 -39.27
CA MET A 394 -8.80 34.42 -39.25
C MET A 394 -8.37 35.68 -38.53
N PRO A 395 -9.06 36.03 -37.43
CA PRO A 395 -8.72 37.24 -36.70
C PRO A 395 -7.38 37.18 -35.96
N PHE A 396 -6.66 38.29 -35.99
CA PHE A 396 -5.46 38.44 -35.20
C PHE A 396 -5.78 38.13 -33.73
N PRO A 397 -5.04 37.17 -33.15
CA PRO A 397 -5.26 36.74 -31.77
C PRO A 397 -4.65 37.69 -30.74
N ILE A 398 -5.29 37.76 -29.58
CA ILE A 398 -4.84 38.60 -28.48
C ILE A 398 -4.39 37.72 -27.32
N ASP A 399 -3.24 38.04 -26.72
CA ASP A 399 -2.73 37.21 -25.63
C ASP A 399 -3.41 37.53 -24.31
N GLN A 400 -3.38 36.55 -23.40
CA GLN A 400 -4.11 36.62 -22.14
C GLN A 400 -3.67 37.77 -21.25
N ASP A 401 -2.39 38.14 -21.33
CA ASP A 401 -1.85 39.18 -20.47
C ASP A 401 -2.26 40.55 -20.95
N PHE A 402 -2.20 40.76 -22.26
CA PHE A 402 -2.53 42.07 -22.83
C PHE A 402 -4.03 42.33 -22.76
N TYR A 403 -4.81 41.26 -22.85
CA TYR A 403 -6.27 41.40 -22.88
C TYR A 403 -6.78 42.17 -21.67
N VAL A 404 -6.19 41.92 -20.51
CA VAL A 404 -6.64 42.56 -19.26
C VAL A 404 -5.93 43.89 -18.97
N SER A 405 -5.09 44.35 -19.89
CA SER A 405 -4.46 45.64 -19.75
C SER A 405 -5.54 46.72 -19.81
N PRO A 406 -5.41 47.76 -18.98
CA PRO A 406 -6.35 48.86 -19.03
C PRO A 406 -6.49 49.44 -20.44
N THR A 407 -5.37 49.52 -21.16
CA THR A 407 -5.37 50.10 -22.50
C THR A 407 -6.29 49.33 -23.45
N PHE A 408 -6.17 47.99 -23.46
CA PHE A 408 -6.99 47.18 -24.35
C PHE A 408 -8.43 47.11 -23.87
N GLN A 409 -8.61 46.90 -22.56
CA GLN A 409 -9.94 46.88 -21.98
C GLN A 409 -10.70 48.14 -22.34
N ASP A 410 -10.03 49.27 -22.23
CA ASP A 410 -10.63 50.55 -22.58
C ASP A 410 -11.01 50.56 -24.06
N LEU A 411 -10.09 50.13 -24.90
CA LEU A 411 -10.30 50.11 -26.35
C LEU A 411 -11.46 49.18 -26.70
N LEU A 412 -11.45 48.00 -26.10
CA LEU A 412 -12.52 47.04 -26.31
C LEU A 412 -13.85 47.61 -25.85
N ASN A 413 -13.85 48.27 -24.69
CA ASN A 413 -15.07 48.81 -24.12
C ASN A 413 -15.70 49.87 -25.01
N ARG A 414 -14.87 50.81 -25.47
CA ARG A 414 -15.35 51.90 -26.31
C ARG A 414 -15.83 51.37 -27.65
N THR A 415 -15.08 50.42 -28.21
CA THR A 415 -15.45 49.83 -29.49
C THR A 415 -16.82 49.15 -29.38
N THR A 416 -17.01 48.36 -28.33
CA THR A 416 -18.25 47.64 -28.12
C THR A 416 -19.43 48.59 -27.91
N ALA A 417 -19.16 49.75 -27.31
CA ALA A 417 -20.19 50.73 -27.07
C ALA A 417 -20.41 51.62 -28.28
N GLY A 418 -19.60 51.43 -29.32
CA GLY A 418 -19.73 52.21 -30.55
C GLY A 418 -19.32 53.66 -30.38
N GLN A 419 -18.46 53.91 -29.40
CA GLN A 419 -17.98 55.27 -29.13
C GLN A 419 -16.56 55.46 -29.66
N PRO A 420 -16.16 56.73 -29.87
CA PRO A 420 -14.82 57.05 -30.33
C PRO A 420 -13.74 56.48 -29.41
N THR A 421 -12.72 55.90 -30.02
CA THR A 421 -11.70 55.16 -29.27
C THR A 421 -10.46 56.02 -29.05
N GLY A 422 -10.29 57.05 -29.88
CA GLY A 422 -9.07 57.85 -29.85
C GLY A 422 -7.89 57.06 -30.41
N TRP A 423 -8.19 56.07 -31.23
CA TRP A 423 -7.17 55.18 -31.79
C TRP A 423 -7.04 55.35 -33.30
N TYR A 424 -5.81 55.24 -33.81
CA TYR A 424 -5.55 55.48 -35.22
C TYR A 424 -6.05 54.36 -36.11
N LYS A 425 -6.51 53.27 -35.49
CA LYS A 425 -7.15 52.18 -36.22
C LYS A 425 -8.47 51.82 -35.55
N ASP A 426 -9.15 50.81 -36.08
CA ASP A 426 -10.28 50.21 -35.38
C ASP A 426 -10.06 48.71 -35.26
N LEU A 427 -10.71 48.09 -34.27
CA LEU A 427 -10.47 46.68 -34.00
C LEU A 427 -10.77 45.78 -35.19
N ARG A 428 -11.77 46.14 -35.99
CA ARG A 428 -12.12 45.32 -37.14
C ARG A 428 -10.90 45.12 -38.04
N HIS A 429 -10.18 46.20 -38.33
CA HIS A 429 -9.05 46.16 -39.23
C HIS A 429 -7.78 45.68 -38.54
N TYR A 430 -7.81 45.68 -37.21
CA TYR A 430 -6.71 45.13 -36.42
C TYR A 430 -6.82 43.61 -36.43
N TYR A 431 -8.05 43.11 -36.42
CA TYR A 431 -8.31 41.67 -36.42
C TYR A 431 -8.18 41.09 -37.82
N TYR A 432 -8.85 41.72 -38.78
CA TYR A 432 -8.87 41.20 -40.15
C TYR A 432 -8.00 42.03 -41.09
N ARG A 433 -6.85 41.46 -41.42
CA ARG A 433 -5.85 42.15 -42.20
C ARG A 433 -5.74 41.56 -43.60
N ALA A 434 -5.11 42.31 -44.50
CA ALA A 434 -4.85 41.81 -45.85
C ALA A 434 -3.74 40.79 -45.78
N ARG A 435 -3.71 39.87 -46.74
CA ARG A 435 -2.66 38.86 -46.78
C ARG A 435 -1.31 39.54 -46.93
N TRP A 436 -1.25 40.57 -47.76
CA TRP A 436 -0.01 41.31 -47.98
C TRP A 436 -0.18 42.77 -47.60
N GLU A 437 0.69 43.25 -46.72
CA GLU A 437 0.67 44.64 -46.31
C GLU A 437 1.98 45.30 -46.71
N LEU A 438 1.91 46.32 -47.57
CA LEU A 438 3.10 47.05 -48.00
C LEU A 438 3.01 48.51 -47.61
N TYR A 439 4.01 48.99 -46.87
CA TYR A 439 3.99 50.35 -46.36
C TYR A 439 5.27 51.12 -46.71
N ASP A 440 5.10 52.41 -46.97
CA ASP A 440 6.24 53.31 -47.14
C ASP A 440 6.23 54.30 -45.98
N ARG A 441 7.10 54.05 -44.99
CA ARG A 441 7.08 54.84 -43.74
C ARG A 441 7.65 56.23 -43.89
N SER A 442 8.27 56.52 -45.04
CA SER A 442 8.76 57.87 -45.33
C SER A 442 7.60 58.78 -45.67
N ARG A 443 6.48 58.18 -46.08
CA ARG A 443 5.27 58.92 -46.42
C ARG A 443 4.16 58.60 -45.42
N ASP A 444 4.18 57.37 -44.90
CA ASP A 444 3.10 56.87 -44.07
C ASP A 444 3.68 56.09 -42.88
N PRO A 445 4.23 56.83 -41.91
CA PRO A 445 4.89 56.23 -40.76
C PRO A 445 3.92 55.42 -39.89
N HIS A 446 2.65 55.79 -39.89
CA HIS A 446 1.66 55.07 -39.10
C HIS A 446 1.31 53.72 -39.73
N GLU A 447 1.79 53.51 -40.94
CA GLU A 447 1.53 52.26 -41.67
C GLU A 447 0.03 51.99 -41.81
N THR A 448 -0.69 52.96 -42.38
CA THR A 448 -2.13 52.85 -42.54
C THR A 448 -2.55 52.85 -44.01
N GLN A 449 -1.60 53.10 -44.90
CA GLN A 449 -1.89 53.12 -46.34
C GLN A 449 -1.24 51.94 -47.05
N ASN A 450 -1.98 50.85 -47.18
CA ASN A 450 -1.47 49.63 -47.83
C ASN A 450 -1.27 49.85 -49.32
N LEU A 451 -0.08 49.55 -49.81
CA LEU A 451 0.26 49.81 -51.21
C LEU A 451 0.29 48.53 -52.04
N ALA A 452 0.01 47.40 -51.39
CA ALA A 452 0.14 46.10 -52.02
C ALA A 452 -0.74 45.92 -53.26
N THR A 453 -1.91 46.55 -53.28
CA THR A 453 -2.81 46.41 -54.44
C THR A 453 -2.66 47.56 -55.44
N ASP A 454 -1.78 48.51 -55.12
CA ASP A 454 -1.52 49.63 -56.02
C ASP A 454 -0.53 49.21 -57.10
N PRO A 455 -0.99 49.21 -58.36
CA PRO A 455 -0.17 48.76 -59.50
C PRO A 455 1.14 49.53 -59.67
N ARG A 456 1.19 50.76 -59.16
CA ARG A 456 2.41 51.56 -59.25
C ARG A 456 3.54 50.94 -58.44
N PHE A 457 3.21 50.02 -57.55
CA PHE A 457 4.20 49.40 -56.67
C PHE A 457 4.35 47.91 -56.90
N ALA A 458 3.85 47.44 -58.04
CA ALA A 458 3.90 46.02 -58.38
C ALA A 458 5.34 45.53 -58.44
N GLN A 459 6.21 46.27 -59.10
CA GLN A 459 7.60 45.87 -59.26
C GLN A 459 8.33 45.82 -57.92
N LEU A 460 8.07 46.80 -57.07
CA LEU A 460 8.67 46.83 -55.75
C LEU A 460 8.17 45.67 -54.91
N LEU A 461 6.88 45.39 -55.03
CA LEU A 461 6.27 44.29 -54.31
C LEU A 461 6.94 42.96 -54.66
N GLU A 462 7.13 42.72 -55.95
CA GLU A 462 7.74 41.50 -56.43
C GLU A 462 9.18 41.37 -55.92
N MET A 463 9.89 42.50 -55.90
CA MET A 463 11.27 42.51 -55.46
C MET A 463 11.34 42.10 -53.99
N LEU A 464 10.48 42.67 -53.17
CA LEU A 464 10.49 42.40 -51.74
C LEU A 464 10.05 40.98 -51.45
N ARG A 465 9.06 40.50 -52.20
CA ARG A 465 8.62 39.11 -52.09
C ARG A 465 9.75 38.15 -52.39
N ASP A 466 10.52 38.45 -53.44
CA ASP A 466 11.65 37.62 -53.80
C ASP A 466 12.71 37.61 -52.70
N GLN A 467 13.00 38.78 -52.13
CA GLN A 467 13.99 38.87 -51.07
C GLN A 467 13.53 38.08 -49.86
N LEU A 468 12.26 38.21 -49.51
CA LEU A 468 11.71 37.51 -48.37
C LEU A 468 11.78 36.00 -48.56
N ALA A 469 11.29 35.52 -49.70
CA ALA A 469 11.29 34.09 -50.00
C ALA A 469 12.69 33.49 -49.98
N LYS A 470 13.64 34.20 -50.59
CA LYS A 470 15.02 33.76 -50.61
C LYS A 470 15.56 33.56 -49.19
N TRP A 471 15.24 34.50 -48.31
CA TRP A 471 15.65 34.42 -46.91
C TRP A 471 14.98 33.22 -46.23
N GLN A 472 13.70 33.00 -46.54
CA GLN A 472 12.96 31.89 -45.96
C GLN A 472 13.58 30.53 -46.32
N TRP A 473 13.92 30.36 -47.60
CA TRP A 473 14.60 29.15 -48.05
C TRP A 473 15.97 29.03 -47.40
N GLU A 474 16.70 30.14 -47.38
CA GLU A 474 18.05 30.19 -46.82
C GLU A 474 18.06 29.78 -45.34
N THR A 475 16.98 30.09 -44.63
CA THR A 475 16.89 29.80 -43.20
C THR A 475 15.94 28.64 -42.92
N HIS A 476 15.67 27.84 -43.94
CA HIS A 476 14.92 26.58 -43.79
C HIS A 476 13.58 26.77 -43.08
N ASP A 477 12.79 27.73 -43.56
CA ASP A 477 11.48 28.03 -43.00
C ASP A 477 10.45 26.98 -43.42
N PRO A 478 9.91 26.25 -42.45
CA PRO A 478 8.90 25.22 -42.75
C PRO A 478 7.62 25.81 -43.33
N TRP A 479 7.42 27.11 -43.13
CA TRP A 479 6.19 27.79 -43.57
C TRP A 479 6.38 28.45 -44.92
N VAL A 480 7.48 28.15 -45.57
CA VAL A 480 7.85 28.87 -46.79
C VAL A 480 6.82 28.77 -47.93
N CYS A 481 6.04 27.69 -47.96
CA CYS A 481 5.07 27.50 -49.04
C CYS A 481 3.64 27.87 -48.60
N ALA A 482 3.44 27.99 -47.29
CA ALA A 482 2.12 28.31 -46.76
C ALA A 482 1.73 29.74 -47.10
N PRO A 483 0.42 30.00 -47.20
CA PRO A 483 -0.66 29.04 -46.99
C PRO A 483 -1.25 28.47 -48.29
N ASP A 484 -0.75 28.91 -49.43
CA ASP A 484 -1.33 28.52 -50.73
C ASP A 484 -0.77 27.22 -51.27
N GLY A 485 0.30 26.72 -50.67
CA GLY A 485 0.99 25.55 -51.22
C GLY A 485 1.55 24.63 -50.16
N VAL A 486 2.07 23.49 -50.61
CA VAL A 486 2.67 22.50 -49.71
C VAL A 486 4.12 22.29 -50.10
N LEU A 487 4.96 22.09 -49.09
CA LEU A 487 6.38 21.88 -49.32
C LEU A 487 6.68 20.44 -49.72
N GLU A 488 7.20 20.27 -50.92
CA GLU A 488 7.66 18.97 -51.40
C GLU A 488 9.10 19.10 -51.87
N GLU A 489 10.04 18.80 -50.98
CA GLU A 489 11.45 19.07 -51.22
C GLU A 489 12.00 18.31 -52.41
N LYS A 490 11.50 17.11 -52.65
CA LYS A 490 12.12 16.24 -53.65
C LYS A 490 11.59 16.47 -55.06
N LEU A 491 10.77 17.49 -55.27
CA LEU A 491 10.32 17.82 -56.63
C LEU A 491 10.32 19.32 -56.92
N SER A 492 9.92 19.68 -58.14
CA SER A 492 9.99 21.07 -58.60
C SER A 492 8.75 21.49 -59.38
N PRO A 493 8.19 22.65 -59.03
CA PRO A 493 8.69 23.48 -57.94
C PRO A 493 8.49 22.85 -56.57
N GLN A 494 9.30 23.24 -55.59
CA GLN A 494 9.24 22.65 -54.26
C GLN A 494 7.96 23.02 -53.53
N CYS A 495 7.40 24.17 -53.87
CA CYS A 495 6.08 24.55 -53.36
C CYS A 495 5.01 24.12 -54.37
N GLN A 496 4.22 23.13 -53.98
CA GLN A 496 3.14 22.62 -54.82
C GLN A 496 1.81 23.23 -54.42
N PRO A 497 1.00 23.59 -55.42
CA PRO A 497 -0.26 24.32 -55.20
C PRO A 497 -1.37 23.45 -54.63
N LEU A 498 -2.18 24.06 -53.77
CA LEU A 498 -3.32 23.37 -53.16
C LEU A 498 -4.63 23.79 -53.84
N HIS A 499 -4.59 24.87 -54.60
CA HIS A 499 -5.80 25.43 -55.20
C HIS A 499 -6.88 25.62 -54.14
N ASN A 500 -6.54 26.32 -53.07
CA ASN A 500 -7.47 26.53 -51.97
C ASN A 500 -8.00 27.95 -51.94
N GLU A 501 -8.19 28.52 -53.13
CA GLU A 501 -8.75 29.87 -53.26
C GLU A 501 -7.80 30.94 -52.74
N LEU A 502 -6.51 30.62 -52.70
CA LEU A 502 -5.48 31.56 -52.29
C LEU A 502 -4.42 31.67 -53.38
N ARG A 503 -4.02 32.90 -53.71
CA ARG A 503 -3.04 33.12 -54.78
C ARG A 503 -1.66 32.55 -54.41
N SER A 504 -0.84 32.28 -55.41
CA SER A 504 0.48 31.71 -55.18
C SER A 504 1.57 32.49 -55.90
N HIS A 505 2.82 32.36 -55.42
CA HIS A 505 3.95 33.04 -56.05
C HIS A 505 5.19 32.15 -56.03
N PRO B 22 1.11 -15.47 -14.11
CA PRO B 22 1.24 -14.01 -14.17
C PRO B 22 0.55 -13.41 -15.40
N ARG B 23 -0.20 -12.33 -15.18
CA ARG B 23 -0.96 -11.68 -16.26
C ARG B 23 -0.06 -10.88 -17.18
N ASN B 24 -0.36 -10.93 -18.47
CA ASN B 24 0.35 -10.11 -19.45
C ASN B 24 -0.63 -9.33 -20.33
N ALA B 25 -0.10 -8.42 -21.12
CA ALA B 25 -0.91 -7.66 -22.06
C ALA B 25 -0.15 -7.40 -23.34
N LEU B 26 -0.86 -7.46 -24.46
CA LEU B 26 -0.26 -7.23 -25.77
C LEU B 26 -1.11 -6.23 -26.54
N LEU B 27 -0.49 -5.13 -26.93
CA LEU B 27 -1.19 -4.10 -27.70
C LEU B 27 -0.67 -4.09 -29.13
N LEU B 28 -1.53 -4.49 -30.06
CA LEU B 28 -1.20 -4.48 -31.48
C LEU B 28 -1.82 -3.24 -32.12
N LEU B 29 -0.98 -2.37 -32.65
CA LEU B 29 -1.45 -1.11 -33.20
C LEU B 29 -1.08 -0.96 -34.66
N ALA B 30 -2.10 -0.86 -35.51
CA ALA B 30 -1.89 -0.60 -36.93
C ALA B 30 -1.74 0.90 -37.18
N ASP B 31 -0.97 1.25 -38.20
CA ASP B 31 -0.73 2.64 -38.54
C ASP B 31 -1.59 3.04 -39.74
N ASP B 32 -2.58 3.90 -39.49
CA ASP B 32 -3.49 4.34 -40.57
C ASP B 32 -4.38 3.20 -41.04
N GLY B 33 -4.67 2.26 -40.16
CA GLY B 33 -5.50 1.12 -40.49
C GLY B 33 -6.98 1.47 -40.44
N GLY B 34 -7.76 0.78 -41.27
CA GLY B 34 -9.21 0.96 -41.30
C GLY B 34 -9.95 -0.34 -41.06
N PHE B 35 -11.05 -0.53 -41.76
CA PHE B 35 -11.91 -1.68 -41.56
C PHE B 35 -11.77 -2.70 -42.69
N GLU B 36 -10.58 -2.77 -43.27
CA GLU B 36 -10.30 -3.71 -44.35
C GLU B 36 -10.01 -5.09 -43.78
N SER B 37 -11.05 -5.81 -43.38
CA SER B 37 -10.91 -7.16 -42.85
C SER B 37 -12.24 -7.91 -42.91
N GLY B 38 -12.16 -9.23 -43.03
CA GLY B 38 -13.35 -10.08 -43.02
C GLY B 38 -14.10 -9.91 -41.70
N ALA B 39 -13.36 -9.70 -40.63
CA ALA B 39 -13.95 -9.48 -39.31
C ALA B 39 -14.95 -8.33 -39.32
N TYR B 40 -14.65 -7.30 -40.12
CA TYR B 40 -15.54 -6.15 -40.25
C TYR B 40 -16.33 -6.21 -41.55
N ASN B 41 -16.55 -7.43 -42.04
CA ASN B 41 -17.44 -7.65 -43.18
C ASN B 41 -16.95 -7.08 -44.51
N ASN B 42 -15.65 -7.14 -44.75
CA ASN B 42 -15.10 -6.82 -46.06
C ASN B 42 -14.70 -8.10 -46.78
N SER B 43 -15.49 -8.53 -47.75
CA SER B 43 -15.27 -9.80 -48.42
C SER B 43 -14.31 -9.70 -49.60
N ALA B 44 -13.83 -8.49 -49.87
CA ALA B 44 -12.94 -8.25 -51.01
C ALA B 44 -11.49 -8.48 -50.63
N ILE B 45 -11.24 -8.54 -49.33
CA ILE B 45 -9.87 -8.72 -48.84
C ILE B 45 -9.80 -9.96 -47.96
N ALA B 46 -8.60 -10.54 -47.86
CA ALA B 46 -8.38 -11.71 -47.04
C ALA B 46 -7.51 -11.35 -45.84
N THR B 47 -8.08 -11.47 -44.64
CA THR B 47 -7.36 -11.22 -43.39
C THR B 47 -7.65 -12.31 -42.38
N PRO B 48 -7.25 -13.55 -42.69
CA PRO B 48 -7.56 -14.74 -41.90
C PRO B 48 -7.07 -14.66 -40.45
N HIS B 49 -5.94 -14.02 -40.23
CA HIS B 49 -5.36 -13.97 -38.88
C HIS B 49 -6.11 -12.99 -37.99
N LEU B 50 -6.52 -11.86 -38.57
CA LEU B 50 -7.33 -10.90 -37.85
C LEU B 50 -8.72 -11.48 -37.61
N ASP B 51 -9.24 -12.18 -38.61
CA ASP B 51 -10.51 -12.86 -38.46
C ASP B 51 -10.43 -13.88 -37.32
N ALA B 52 -9.32 -14.61 -37.26
CA ALA B 52 -9.11 -15.60 -36.21
C ALA B 52 -9.07 -14.92 -34.85
N LEU B 53 -8.37 -13.81 -34.77
CA LEU B 53 -8.30 -13.04 -33.52
C LEU B 53 -9.69 -12.58 -33.09
N ALA B 54 -10.47 -12.11 -34.06
CA ALA B 54 -11.82 -11.63 -33.80
C ALA B 54 -12.71 -12.72 -33.19
N ARG B 55 -12.46 -13.98 -33.54
CA ARG B 55 -13.23 -15.10 -33.01
C ARG B 55 -12.90 -15.33 -31.55
N ARG B 56 -11.74 -14.86 -31.13
CA ARG B 56 -11.30 -15.00 -29.74
C ARG B 56 -11.41 -13.68 -29.01
N SER B 57 -12.13 -12.74 -29.59
CA SER B 57 -12.26 -11.44 -28.95
C SER B 57 -13.65 -10.83 -29.09
N LEU B 58 -13.84 -9.72 -28.39
CA LEU B 58 -15.02 -8.90 -28.53
C LEU B 58 -14.69 -7.80 -29.53
N LEU B 59 -15.46 -7.74 -30.61
CA LEU B 59 -15.24 -6.76 -31.66
C LEU B 59 -16.10 -5.54 -31.41
N PHE B 60 -15.50 -4.36 -31.51
CA PHE B 60 -16.22 -3.11 -31.27
C PHE B 60 -16.56 -2.40 -32.57
N ARG B 61 -17.86 -2.20 -32.79
CA ARG B 61 -18.35 -1.58 -34.01
C ARG B 61 -18.23 -0.06 -33.93
N ASN B 62 -18.13 0.47 -32.71
CA ASN B 62 -18.15 1.92 -32.51
C ASN B 62 -16.98 2.45 -31.69
N ALA B 63 -15.77 2.17 -32.16
CA ALA B 63 -14.57 2.64 -31.48
C ALA B 63 -13.99 3.82 -32.24
N PHE B 64 -13.45 4.78 -31.49
CA PHE B 64 -12.91 5.99 -32.09
C PHE B 64 -11.62 6.43 -31.41
N THR B 65 -10.72 7.02 -32.20
CA THR B 65 -9.60 7.76 -31.62
C THR B 65 -10.08 9.18 -31.33
N SER B 66 -9.44 9.83 -30.36
CA SER B 66 -9.79 11.19 -30.01
C SER B 66 -9.12 12.20 -30.95
N VAL B 67 -8.14 11.72 -31.71
CA VAL B 67 -7.37 12.61 -32.59
C VAL B 67 -6.84 11.84 -33.79
N SER B 68 -6.95 12.44 -34.97
CA SER B 68 -6.62 11.76 -36.21
C SER B 68 -5.25 12.17 -36.73
N SER B 69 -4.26 12.12 -35.85
CA SER B 69 -2.88 12.44 -36.18
C SER B 69 -1.94 11.50 -35.43
N SER B 71 1.30 11.09 -33.95
CA SER B 71 1.97 11.26 -32.62
C SER B 71 0.94 11.58 -31.54
N PRO B 72 0.06 12.54 -31.81
CA PRO B 72 -0.95 12.91 -30.81
C PRO B 72 -1.82 11.73 -30.43
N SER B 73 -2.20 10.92 -31.42
CA SER B 73 -3.05 9.78 -31.16
C SER B 73 -2.33 8.75 -30.29
N ARG B 74 -1.05 8.55 -30.58
CA ARG B 74 -0.25 7.57 -29.85
C ARG B 74 0.05 8.03 -28.42
N ALA B 75 0.23 9.35 -28.26
CA ALA B 75 0.44 9.93 -26.95
C ALA B 75 -0.83 9.81 -26.10
N SER B 76 -1.98 10.09 -26.71
CA SER B 76 -3.25 10.02 -26.00
C SER B 76 -3.57 8.59 -25.63
N LEU B 77 -3.32 7.69 -26.57
CA LEU B 77 -3.54 6.26 -26.34
C LEU B 77 -2.68 5.74 -25.19
N LEU B 78 -1.45 6.24 -25.11
CA LEU B 78 -0.50 5.75 -24.11
C LEU B 78 -0.54 6.52 -22.81
N THR B 79 -1.44 7.49 -22.71
CA THR B 79 -1.57 8.29 -21.49
C THR B 79 -2.99 8.29 -20.97
N GLY B 80 -3.97 8.15 -21.87
CA GLY B 80 -5.37 8.26 -21.50
C GLY B 80 -5.81 9.71 -21.44
N LEU B 81 -4.95 10.60 -21.95
CA LEU B 81 -5.21 12.03 -21.93
C LEU B 81 -5.27 12.56 -23.35
N PRO B 82 -6.22 13.48 -23.62
CA PRO B 82 -6.33 14.09 -24.94
C PRO B 82 -5.10 14.93 -25.26
N GLN B 83 -4.82 15.10 -26.55
CA GLN B 83 -3.59 15.75 -26.98
C GLN B 83 -3.42 17.12 -26.35
N HIS B 84 -4.53 17.83 -26.14
CA HIS B 84 -4.45 19.18 -25.62
C HIS B 84 -4.12 19.19 -24.14
N GLN B 85 -4.12 18.02 -23.51
CA GLN B 85 -3.80 17.90 -22.09
C GLN B 85 -2.42 17.30 -21.86
N ASN B 86 -2.04 16.29 -22.64
CA ASN B 86 -0.73 15.67 -22.48
C ASN B 86 0.42 16.44 -23.15
N GLY B 87 0.10 17.31 -24.10
CA GLY B 87 1.10 18.20 -24.67
C GLY B 87 1.58 17.85 -26.07
N MET B 88 1.16 16.71 -26.58
CA MET B 88 1.52 16.31 -27.93
C MET B 88 0.51 16.95 -28.88
N TYR B 89 0.66 18.24 -29.11
CA TYR B 89 -0.29 19.01 -29.93
C TYR B 89 -0.19 18.67 -31.40
N GLY B 90 0.87 17.97 -31.79
CA GLY B 90 1.10 17.66 -33.20
C GLY B 90 2.17 16.62 -33.36
N LEU B 91 2.74 16.53 -34.55
CA LEU B 91 3.74 15.51 -34.85
C LEU B 91 5.01 15.74 -34.03
N HIS B 92 5.69 14.64 -33.72
CA HIS B 92 6.82 14.65 -32.82
C HIS B 92 8.17 14.84 -33.49
N GLN B 93 8.29 14.44 -34.76
CA GLN B 93 9.61 14.30 -35.37
C GLN B 93 10.18 15.60 -35.93
N ASP B 94 11.49 15.57 -36.18
CA ASP B 94 12.26 16.70 -36.66
C ASP B 94 11.63 18.08 -36.43
N VAL B 95 11.22 18.71 -37.53
CA VAL B 95 10.84 20.11 -37.53
C VAL B 95 9.55 20.40 -36.75
N HIS B 96 8.77 19.36 -36.49
CA HIS B 96 7.48 19.51 -35.82
C HIS B 96 7.68 19.49 -34.31
N HIS B 97 8.46 18.52 -33.84
CA HIS B 97 9.14 18.65 -32.55
C HIS B 97 8.21 18.76 -31.34
N PHE B 98 7.03 18.17 -31.40
CA PHE B 98 6.11 18.22 -30.26
C PHE B 98 6.38 17.10 -29.27
N ASN B 99 6.36 17.44 -27.98
CA ASN B 99 6.58 16.48 -26.91
C ASN B 99 5.53 16.62 -25.83
N SER B 100 5.22 15.52 -25.15
CA SER B 100 4.33 15.55 -24.01
C SER B 100 5.04 16.23 -22.85
N PHE B 101 4.26 16.73 -21.89
CA PHE B 101 4.84 17.42 -20.74
C PHE B 101 5.62 16.44 -19.88
N ASP B 102 6.72 16.91 -19.30
CA ASP B 102 7.60 16.07 -18.50
C ASP B 102 6.84 15.33 -17.39
N LYS B 103 5.91 16.03 -16.74
CA LYS B 103 5.25 15.50 -15.55
C LYS B 103 4.12 14.54 -15.87
N VAL B 104 3.83 14.33 -17.15
CA VAL B 104 2.81 13.39 -17.56
C VAL B 104 3.23 11.96 -17.21
N ARG B 105 2.29 11.20 -16.65
CA ARG B 105 2.57 9.83 -16.27
C ARG B 105 1.86 8.89 -17.23
N SER B 106 2.64 8.31 -18.15
CA SER B 106 2.11 7.45 -19.19
C SER B 106 1.88 6.01 -18.70
N LEU B 107 1.13 5.26 -19.48
CA LEU B 107 0.86 3.85 -19.18
C LEU B 107 2.15 3.09 -18.92
N PRO B 108 3.09 3.09 -19.89
CA PRO B 108 4.36 2.36 -19.76
C PRO B 108 5.15 2.74 -18.51
N LEU B 109 5.16 4.02 -18.17
CA LEU B 109 5.83 4.46 -16.95
C LEU B 109 5.17 3.83 -15.73
N LEU B 110 3.85 3.96 -15.64
CA LEU B 110 3.09 3.42 -14.51
C LEU B 110 3.23 1.91 -14.40
N LEU B 111 3.23 1.23 -15.54
CA LEU B 111 3.40 -0.22 -15.54
C LEU B 111 4.77 -0.61 -15.00
N SER B 112 5.79 0.11 -15.48
CA SER B 112 7.15 -0.15 -15.03
C SER B 112 7.27 0.00 -13.52
N GLN B 113 6.70 1.08 -12.99
CA GLN B 113 6.72 1.34 -11.55
C GLN B 113 5.97 0.29 -10.74
N ALA B 114 5.08 -0.45 -11.40
CA ALA B 114 4.30 -1.49 -10.73
C ALA B 114 4.95 -2.86 -10.88
N GLY B 115 6.12 -2.89 -11.53
CA GLY B 115 6.89 -4.12 -11.65
C GLY B 115 6.53 -4.92 -12.89
N VAL B 116 5.91 -4.26 -13.86
CA VAL B 116 5.61 -4.90 -15.14
C VAL B 116 6.71 -4.61 -16.14
N ARG B 117 7.21 -5.64 -16.80
CA ARG B 117 8.22 -5.47 -17.83
C ARG B 117 7.57 -4.92 -19.10
N THR B 118 8.11 -3.82 -19.63
CA THR B 118 7.53 -3.18 -20.80
C THR B 118 8.43 -3.34 -22.03
N GLY B 119 7.80 -3.47 -23.18
CA GLY B 119 8.51 -3.60 -24.44
C GLY B 119 7.78 -2.92 -25.58
N ILE B 120 8.53 -2.36 -26.51
CA ILE B 120 7.95 -1.76 -27.72
C ILE B 120 8.73 -2.21 -28.94
N ILE B 121 8.00 -2.56 -29.99
CA ILE B 121 8.61 -2.93 -31.26
C ILE B 121 7.87 -2.22 -32.37
N GLY B 122 8.57 -1.33 -33.08
CA GLY B 122 7.97 -0.63 -34.21
C GLY B 122 8.05 0.88 -34.07
N LYS B 123 7.01 1.54 -34.57
CA LYS B 123 6.96 3.00 -34.62
C LYS B 123 6.52 3.56 -33.28
N LYS B 124 7.35 4.40 -32.68
CA LYS B 124 7.05 5.02 -31.40
C LYS B 124 6.42 6.38 -31.64
N HIS B 125 7.19 7.28 -32.24
CA HIS B 125 6.67 8.55 -32.74
C HIS B 125 6.12 9.43 -31.62
N VAL B 126 6.65 9.24 -30.41
CA VAL B 126 6.29 10.08 -29.28
C VAL B 126 7.50 10.28 -28.36
N GLY B 127 7.43 11.33 -27.56
CA GLY B 127 8.48 11.64 -26.59
C GLY B 127 7.93 12.58 -25.53
N PRO B 128 8.76 12.94 -24.54
CA PRO B 128 10.14 12.47 -24.43
C PRO B 128 10.28 11.06 -23.88
N GLU B 129 11.50 10.53 -23.94
CA GLU B 129 11.79 9.19 -23.45
C GLU B 129 11.42 9.01 -21.98
N THR B 130 11.70 10.03 -21.17
CA THR B 130 11.43 9.94 -19.73
C THR B 130 9.94 9.74 -19.45
N VAL B 131 9.09 10.26 -20.33
CA VAL B 131 7.65 10.13 -20.18
C VAL B 131 7.17 8.79 -20.73
N TYR B 132 7.84 8.32 -21.79
CA TYR B 132 7.43 7.10 -22.48
C TYR B 132 8.56 6.07 -22.51
N PRO B 133 8.98 5.60 -21.32
CA PRO B 133 10.12 4.70 -21.23
C PRO B 133 9.70 3.25 -21.45
N PHE B 134 10.60 2.47 -22.06
CA PHE B 134 10.36 1.05 -22.28
C PHE B 134 11.62 0.26 -21.94
N ASP B 135 11.46 -0.82 -21.18
CA ASP B 135 12.60 -1.67 -20.80
C ASP B 135 13.24 -2.27 -22.06
N PHE B 136 12.39 -2.68 -22.98
CA PHE B 136 12.81 -3.34 -24.21
C PHE B 136 12.27 -2.54 -25.38
N ALA B 137 13.17 -1.97 -26.17
CA ALA B 137 12.76 -1.01 -27.19
C ALA B 137 13.52 -1.19 -28.51
N TYR B 138 12.76 -1.43 -29.57
CA TYR B 138 13.31 -1.46 -30.92
C TYR B 138 12.41 -0.63 -31.83
N THR B 139 12.81 0.62 -32.03
CA THR B 139 11.97 1.61 -32.70
C THR B 139 12.75 2.39 -33.76
N GLU B 140 12.14 3.45 -34.27
CA GLU B 140 12.79 4.29 -35.27
C GLU B 140 13.91 5.08 -34.63
N GLU B 141 13.93 5.13 -33.30
CA GLU B 141 14.91 5.93 -32.57
C GLU B 141 16.26 5.24 -32.50
N ASN B 142 16.26 3.91 -32.58
CA ASN B 142 17.51 3.15 -32.51
C ASN B 142 17.63 2.14 -33.67
N GLY B 143 16.93 2.39 -34.76
CA GLY B 143 16.97 1.50 -35.91
C GLY B 143 16.08 1.96 -37.05
N SER B 144 15.79 1.05 -37.96
CA SER B 144 15.01 1.35 -39.16
C SER B 144 13.52 1.03 -38.95
N VAL B 145 12.67 2.03 -39.12
CA VAL B 145 11.22 1.82 -38.97
C VAL B 145 10.70 0.87 -40.04
N LEU B 146 11.44 0.79 -41.15
CA LEU B 146 11.09 -0.12 -42.22
C LEU B 146 11.21 -1.56 -41.74
N GLN B 147 12.30 -1.87 -41.05
CA GLN B 147 12.54 -3.21 -40.55
C GLN B 147 11.62 -3.59 -39.39
N VAL B 148 11.58 -2.75 -38.36
CA VAL B 148 10.84 -3.08 -37.15
C VAL B 148 9.37 -2.72 -37.27
N GLY B 149 9.00 -2.10 -38.39
CA GLY B 149 7.61 -1.67 -38.59
C GLY B 149 6.90 -2.40 -39.73
N ARG B 150 7.66 -2.87 -40.70
CA ARG B 150 7.06 -3.50 -41.89
C ARG B 150 7.59 -4.90 -42.16
N ASN B 151 8.84 -5.16 -41.79
CA ASN B 151 9.41 -6.50 -41.95
C ASN B 151 8.93 -7.43 -40.85
N ILE B 152 7.82 -8.12 -41.10
CA ILE B 152 7.16 -8.93 -40.08
C ILE B 152 8.03 -10.08 -39.57
N THR B 153 9.00 -10.51 -40.37
CA THR B 153 9.94 -11.54 -39.94
C THR B 153 10.83 -10.98 -38.84
N ARG B 154 11.36 -9.79 -39.06
CA ARG B 154 12.17 -9.10 -38.07
C ARG B 154 11.35 -8.89 -36.80
N ILE B 155 10.10 -8.46 -36.98
CA ILE B 155 9.21 -8.23 -35.85
C ILE B 155 8.98 -9.52 -35.07
N LYS B 156 8.71 -10.61 -35.78
CA LYS B 156 8.47 -11.90 -35.16
C LYS B 156 9.65 -12.34 -34.31
N LEU B 157 10.86 -12.12 -34.82
CA LEU B 157 12.07 -12.54 -34.11
C LEU B 157 12.34 -11.67 -32.89
N LEU B 158 11.96 -10.40 -32.97
CA LEU B 158 12.11 -9.49 -31.84
C LEU B 158 11.12 -9.83 -30.72
N VAL B 159 9.92 -10.26 -31.11
CA VAL B 159 8.94 -10.73 -30.15
C VAL B 159 9.44 -11.99 -29.46
N ARG B 160 9.98 -12.90 -30.25
CA ARG B 160 10.56 -14.13 -29.73
C ARG B 160 11.64 -13.80 -28.69
N LYS B 161 12.53 -12.87 -29.04
CA LYS B 161 13.61 -12.46 -28.15
C LYS B 161 13.05 -11.88 -26.85
N PHE B 162 12.03 -11.04 -26.98
CA PHE B 162 11.38 -10.45 -25.81
C PHE B 162 10.90 -11.54 -24.86
N LEU B 163 10.25 -12.56 -25.40
CA LEU B 163 9.62 -13.61 -24.59
C LEU B 163 10.65 -14.56 -24.00
N GLN B 164 11.72 -14.82 -24.75
CA GLN B 164 12.78 -15.70 -24.26
C GLN B 164 13.54 -15.09 -23.09
N THR B 165 13.60 -13.76 -23.06
CA THR B 165 14.35 -13.07 -22.01
C THR B 165 13.46 -12.67 -20.84
N GLN B 166 12.26 -13.24 -20.78
CA GLN B 166 11.33 -12.93 -19.70
C GLN B 166 11.81 -13.52 -18.37
N ASP B 167 11.43 -12.86 -17.28
CA ASP B 167 11.58 -13.42 -15.96
C ASP B 167 10.19 -13.59 -15.38
N ASP B 168 10.09 -13.87 -14.09
CA ASP B 168 8.78 -14.16 -13.50
C ASP B 168 7.93 -12.90 -13.34
N ARG B 169 8.25 -11.85 -14.11
CA ARG B 169 7.46 -10.64 -14.11
C ARG B 169 6.38 -10.68 -15.19
N PRO B 170 5.24 -10.04 -14.92
CA PRO B 170 4.26 -9.80 -15.96
C PRO B 170 4.88 -8.91 -17.03
N PHE B 171 4.31 -8.91 -18.23
CA PHE B 171 4.84 -8.06 -19.28
C PHE B 171 3.74 -7.32 -20.03
N PHE B 172 4.13 -6.17 -20.58
CA PHE B 172 3.29 -5.43 -21.51
C PHE B 172 4.08 -5.22 -22.79
N LEU B 173 3.60 -5.80 -23.88
CA LEU B 173 4.29 -5.72 -25.16
C LEU B 173 3.51 -4.87 -26.14
N TYR B 174 4.17 -3.85 -26.66
CA TYR B 174 3.54 -2.90 -27.56
C TYR B 174 4.15 -3.06 -28.95
N VAL B 175 3.36 -3.64 -29.85
CA VAL B 175 3.80 -3.85 -31.22
C VAL B 175 3.11 -2.84 -32.12
N ALA B 176 3.87 -1.83 -32.54
CA ALA B 176 3.33 -0.76 -33.36
C ALA B 176 3.76 -0.93 -34.81
N PHE B 177 2.95 -1.64 -35.59
CA PHE B 177 3.21 -1.80 -37.01
C PHE B 177 3.25 -0.44 -37.70
N HIS B 178 4.08 -0.33 -38.74
CA HIS B 178 4.09 0.86 -39.56
C HIS B 178 3.15 0.65 -40.76
N ASP B 179 2.87 -0.61 -41.08
CA ASP B 179 1.81 -0.95 -42.02
C ASP B 179 0.47 -0.67 -41.35
N PRO B 180 -0.55 -0.27 -42.14
CA PRO B 180 -0.50 -0.01 -43.57
C PRO B 180 -0.37 1.47 -43.92
N HIS B 181 0.68 2.10 -43.42
CA HIS B 181 0.98 3.50 -43.71
C HIS B 181 1.50 3.65 -45.14
N ARG B 182 1.23 4.79 -45.77
CA ARG B 182 1.73 5.07 -47.11
C ARG B 182 3.26 5.15 -47.15
N CYS B 183 3.82 5.02 -48.35
CA CYS B 183 5.26 5.14 -48.57
C CYS B 183 5.60 6.06 -49.74
N GLY B 184 4.56 6.56 -50.42
CA GLY B 184 4.73 7.34 -51.65
C GLY B 184 5.66 8.53 -51.54
N HIS B 185 5.61 9.23 -50.41
CA HIS B 185 6.43 10.41 -50.19
C HIS B 185 7.89 10.05 -49.90
N SER B 186 8.09 9.15 -48.95
CA SER B 186 9.42 8.78 -48.50
C SER B 186 10.12 7.79 -49.46
N GLN B 187 9.50 6.64 -49.70
CA GLN B 187 10.10 5.60 -50.53
C GLN B 187 9.15 5.08 -51.62
N PRO B 188 9.06 5.82 -52.73
CA PRO B 188 8.18 5.48 -53.86
C PRO B 188 8.54 4.17 -54.59
N GLN B 189 9.78 3.73 -54.47
CA GLN B 189 10.23 2.53 -55.17
C GLN B 189 9.57 1.26 -54.60
N TYR B 190 9.02 1.37 -53.39
CA TYR B 190 8.37 0.22 -52.75
C TYR B 190 6.86 0.23 -52.98
N GLY B 191 6.39 1.23 -53.72
CA GLY B 191 4.96 1.34 -54.01
C GLY B 191 4.28 2.36 -53.11
N THR B 192 3.04 2.67 -53.43
CA THR B 192 2.27 3.68 -52.71
C THR B 192 2.13 3.33 -51.23
N PHE B 193 2.03 2.04 -50.95
CA PHE B 193 1.84 1.59 -49.57
C PHE B 193 2.95 0.63 -49.15
N CYS B 194 4.08 0.71 -49.84
CA CYS B 194 5.20 -0.19 -49.58
C CYS B 194 4.80 -1.64 -49.79
N GLU B 195 3.83 -1.87 -50.67
CA GLU B 195 3.30 -3.20 -50.89
C GLU B 195 4.29 -4.05 -51.68
N LYS B 196 5.35 -3.44 -52.16
CA LYS B 196 6.37 -4.15 -52.95
C LYS B 196 7.58 -4.51 -52.09
N PHE B 197 7.76 -3.81 -50.97
CA PHE B 197 8.87 -4.07 -50.08
C PHE B 197 8.85 -5.51 -49.58
N GLY B 198 9.93 -6.24 -49.86
CA GLY B 198 10.08 -7.63 -49.40
C GLY B 198 9.26 -8.64 -50.19
N ASN B 199 8.82 -8.25 -51.38
CA ASN B 199 7.98 -9.12 -52.19
C ASN B 199 8.79 -10.13 -53.02
N GLY B 200 10.12 -9.94 -53.05
CA GLY B 200 10.99 -10.86 -53.77
C GLY B 200 11.57 -10.29 -55.06
N GLU B 201 10.88 -9.33 -55.67
CA GLU B 201 11.34 -8.72 -56.91
C GLU B 201 12.67 -7.96 -56.70
N SER B 202 13.31 -7.58 -57.79
CA SER B 202 14.62 -6.93 -57.73
C SER B 202 14.60 -5.66 -56.90
N GLY B 203 15.55 -5.55 -55.98
CA GLY B 203 15.72 -4.34 -55.17
C GLY B 203 14.70 -4.23 -54.06
N MET B 204 13.82 -5.23 -53.95
CA MET B 204 12.75 -5.18 -52.97
C MET B 204 13.13 -5.96 -51.71
N GLY B 205 13.99 -6.97 -51.86
CA GLY B 205 14.37 -7.83 -50.76
C GLY B 205 13.32 -8.90 -50.56
N ARG B 206 13.49 -9.69 -49.49
CA ARG B 206 12.58 -10.81 -49.22
C ARG B 206 12.22 -10.88 -47.74
N ILE B 207 10.93 -11.07 -47.45
CA ILE B 207 10.48 -11.33 -46.09
C ILE B 207 9.92 -12.74 -46.03
N PRO B 208 10.75 -13.70 -45.59
CA PRO B 208 10.44 -15.13 -45.66
C PRO B 208 9.06 -15.51 -45.12
N ASP B 209 8.62 -14.84 -44.08
CA ASP B 209 7.35 -15.18 -43.43
C ASP B 209 6.15 -14.53 -44.11
N TRP B 210 6.40 -13.75 -45.15
CA TRP B 210 5.32 -13.03 -45.83
C TRP B 210 4.98 -13.62 -47.19
N THR B 211 3.70 -13.87 -47.39
CA THR B 211 3.20 -14.33 -48.69
C THR B 211 2.36 -13.23 -49.31
N PRO B 212 2.97 -12.46 -50.24
CA PRO B 212 2.28 -11.33 -50.89
C PRO B 212 0.93 -11.72 -51.47
N GLN B 213 -0.06 -10.84 -51.32
CA GLN B 213 -1.41 -11.07 -51.81
C GLN B 213 -1.82 -9.96 -52.76
N ALA B 214 -1.87 -10.27 -54.05
CA ALA B 214 -2.21 -9.28 -55.07
C ALA B 214 -3.71 -9.04 -55.14
N TYR B 215 -4.10 -7.81 -55.44
CA TYR B 215 -5.51 -7.44 -55.55
C TYR B 215 -5.80 -6.66 -56.83
N ASP B 216 -6.91 -6.99 -57.46
CA ASP B 216 -7.36 -6.26 -58.64
C ASP B 216 -8.07 -4.98 -58.23
N PRO B 217 -7.65 -3.84 -58.80
CA PRO B 217 -8.27 -2.55 -58.50
C PRO B 217 -9.78 -2.52 -58.73
N LEU B 218 -10.29 -3.43 -59.56
CA LEU B 218 -11.72 -3.48 -59.84
C LEU B 218 -12.50 -4.25 -58.77
N ASP B 219 -11.78 -4.91 -57.87
CA ASP B 219 -12.43 -5.76 -56.88
C ASP B 219 -12.45 -5.14 -55.50
N VAL B 220 -11.54 -4.20 -55.25
CA VAL B 220 -11.47 -3.56 -53.95
C VAL B 220 -12.76 -2.82 -53.65
N LEU B 221 -13.07 -2.67 -52.37
CA LEU B 221 -14.24 -1.91 -51.94
C LEU B 221 -13.87 -0.44 -51.81
N VAL B 222 -14.58 0.41 -52.54
CA VAL B 222 -14.33 1.85 -52.49
C VAL B 222 -15.19 2.51 -51.42
N PRO B 223 -14.57 2.91 -50.30
CA PRO B 223 -15.29 3.56 -49.22
C PRO B 223 -16.05 4.77 -49.74
N TYR B 224 -17.15 5.12 -49.09
CA TYR B 224 -18.01 6.20 -49.57
C TYR B 224 -17.26 7.53 -49.70
N PHE B 225 -16.22 7.72 -48.90
CA PHE B 225 -15.51 9.00 -48.86
C PHE B 225 -14.28 9.03 -49.77
N VAL B 226 -14.07 7.94 -50.50
CA VAL B 226 -12.95 7.88 -51.43
C VAL B 226 -13.45 7.99 -52.86
N PRO B 227 -12.84 8.87 -53.65
CA PRO B 227 -13.22 9.05 -55.05
C PRO B 227 -13.16 7.74 -55.83
N ASN B 228 -14.21 7.45 -56.59
CA ASN B 228 -14.24 6.24 -57.38
C ASN B 228 -13.54 6.45 -58.72
N THR B 229 -12.21 6.46 -58.68
CA THR B 229 -11.41 6.63 -59.88
C THR B 229 -10.36 5.55 -59.98
N PRO B 230 -9.83 5.31 -61.19
CA PRO B 230 -8.79 4.31 -61.39
C PRO B 230 -7.60 4.54 -60.47
N ALA B 231 -7.21 5.81 -60.31
CA ALA B 231 -6.08 6.15 -59.46
C ALA B 231 -6.32 5.75 -58.01
N ALA B 232 -7.52 6.04 -57.52
CA ALA B 232 -7.88 5.70 -56.15
C ALA B 232 -7.98 4.18 -55.94
N ARG B 233 -8.54 3.48 -56.93
CA ARG B 233 -8.68 2.03 -56.83
C ARG B 233 -7.31 1.36 -56.83
N ALA B 234 -6.37 1.91 -57.59
CA ALA B 234 -4.99 1.41 -57.60
C ALA B 234 -4.38 1.58 -56.21
N ASP B 235 -4.62 2.74 -55.60
CA ASP B 235 -4.17 3.00 -54.23
C ASP B 235 -4.71 1.97 -53.26
N LEU B 236 -6.00 1.69 -53.38
CA LEU B 236 -6.67 0.75 -52.50
C LEU B 236 -6.12 -0.66 -52.68
N ALA B 237 -5.89 -1.06 -53.92
CA ALA B 237 -5.34 -2.38 -54.23
C ALA B 237 -3.99 -2.55 -53.55
N ALA B 238 -3.15 -1.53 -53.62
CA ALA B 238 -1.84 -1.57 -52.99
C ALA B 238 -2.00 -1.62 -51.48
N GLN B 239 -2.97 -0.89 -50.96
CA GLN B 239 -3.26 -0.88 -49.53
C GLN B 239 -3.64 -2.28 -49.07
N TYR B 240 -4.52 -2.92 -49.83
CA TYR B 240 -5.00 -4.25 -49.47
C TYR B 240 -3.83 -5.22 -49.33
N THR B 241 -2.89 -5.17 -50.26
CA THR B 241 -1.74 -6.04 -50.24
C THR B 241 -0.95 -5.82 -48.95
N THR B 242 -0.80 -4.57 -48.56
CA THR B 242 0.00 -4.22 -47.40
C THR B 242 -0.72 -4.57 -46.09
N VAL B 243 -2.04 -4.43 -46.09
CA VAL B 243 -2.84 -4.82 -44.94
C VAL B 243 -2.68 -6.31 -44.72
N GLY B 244 -2.56 -7.06 -45.81
CA GLY B 244 -2.36 -8.50 -45.73
C GLY B 244 -1.06 -8.84 -45.03
N ARG B 245 -0.01 -8.06 -45.31
CA ARG B 245 1.27 -8.23 -44.66
C ARG B 245 1.13 -7.97 -43.15
N MET B 246 0.42 -6.90 -42.82
CA MET B 246 0.17 -6.56 -41.43
C MET B 246 -0.62 -7.68 -40.76
N ASP B 247 -1.60 -8.22 -41.48
CA ASP B 247 -2.41 -9.33 -40.99
C ASP B 247 -1.54 -10.53 -40.64
N GLN B 248 -0.64 -10.89 -41.54
CA GLN B 248 0.26 -12.01 -41.33
C GLN B 248 1.21 -11.73 -40.18
N GLY B 249 1.54 -10.46 -39.99
CA GLY B 249 2.39 -10.05 -38.87
C GLY B 249 1.70 -10.31 -37.55
N VAL B 250 0.40 -10.03 -37.51
CA VAL B 250 -0.39 -10.29 -36.32
C VAL B 250 -0.39 -11.79 -36.01
N GLY B 251 -0.52 -12.60 -37.05
CA GLY B 251 -0.52 -14.05 -36.89
C GLY B 251 0.77 -14.54 -36.29
N LEU B 252 1.89 -13.99 -36.78
CA LEU B 252 3.21 -14.40 -36.31
C LEU B 252 3.42 -14.04 -34.85
N VAL B 253 3.00 -12.83 -34.49
CA VAL B 253 3.14 -12.34 -33.12
C VAL B 253 2.37 -13.24 -32.15
N LEU B 254 1.09 -13.44 -32.44
CA LEU B 254 0.25 -14.29 -31.61
C LEU B 254 0.82 -15.70 -31.49
N GLN B 255 1.41 -16.19 -32.57
CA GLN B 255 1.99 -17.53 -32.58
C GLN B 255 3.23 -17.60 -31.68
N GLU B 256 3.96 -16.49 -31.57
CA GLU B 256 5.15 -16.45 -30.73
C GLU B 256 4.78 -16.57 -29.26
N LEU B 257 3.70 -15.90 -28.87
CA LEU B 257 3.17 -16.03 -27.51
C LEU B 257 2.65 -17.44 -27.28
N ARG B 258 2.04 -18.01 -28.30
CA ARG B 258 1.50 -19.36 -28.23
C ARG B 258 2.64 -20.37 -28.05
N ASP B 259 3.77 -20.11 -28.72
CA ASP B 259 4.93 -20.97 -28.61
C ASP B 259 5.64 -20.82 -27.27
N ALA B 260 5.51 -19.65 -26.66
CA ALA B 260 6.12 -19.40 -25.36
C ALA B 260 5.16 -19.81 -24.25
N GLY B 261 3.96 -20.21 -24.64
CA GLY B 261 2.94 -20.67 -23.69
C GLY B 261 2.41 -19.58 -22.77
N VAL B 262 2.21 -18.38 -23.31
CA VAL B 262 1.73 -17.27 -22.49
C VAL B 262 0.49 -16.60 -23.08
N LEU B 263 0.05 -17.05 -24.25
CA LEU B 263 -1.09 -16.42 -24.90
C LEU B 263 -2.34 -16.48 -24.02
N ASN B 264 -2.52 -17.61 -23.34
CA ASN B 264 -3.69 -17.80 -22.50
C ASN B 264 -3.60 -17.05 -21.17
N ASP B 265 -2.53 -16.29 -20.99
CA ASP B 265 -2.35 -15.49 -19.79
C ASP B 265 -2.30 -14.01 -20.15
N THR B 266 -2.56 -13.72 -21.43
CA THR B 266 -2.30 -12.39 -21.96
C THR B 266 -3.55 -11.73 -22.54
N LEU B 267 -3.75 -10.48 -22.17
CA LEU B 267 -4.83 -9.68 -22.74
C LEU B 267 -4.36 -9.10 -24.06
N VAL B 268 -5.08 -9.41 -25.13
CA VAL B 268 -4.69 -8.97 -26.46
C VAL B 268 -5.64 -7.91 -26.97
N ILE B 269 -5.07 -6.83 -27.51
CA ILE B 269 -5.86 -5.74 -28.04
C ILE B 269 -5.32 -5.31 -29.40
N PHE B 270 -6.21 -5.24 -30.40
CA PHE B 270 -5.83 -4.73 -31.71
C PHE B 270 -6.65 -3.51 -32.09
N THR B 271 -5.99 -2.50 -32.64
CA THR B 271 -6.65 -1.29 -33.10
C THR B 271 -5.73 -0.48 -34.02
N SER B 272 -6.17 0.73 -34.37
CA SER B 272 -5.42 1.61 -35.28
C SER B 272 -5.37 3.02 -34.70
N ASP B 273 -4.34 3.79 -35.02
CA ASP B 273 -4.15 5.10 -34.36
C ASP B 273 -5.01 6.19 -34.95
N ASN B 274 -5.37 6.05 -36.23
CA ASN B 274 -6.24 7.02 -36.88
C ASN B 274 -6.82 6.48 -38.19
N GLY B 275 -7.67 7.27 -38.83
CA GLY B 275 -8.36 6.84 -40.05
C GLY B 275 -7.41 6.66 -41.22
N ILE B 276 -7.90 6.03 -42.28
CA ILE B 276 -7.08 5.74 -43.45
C ILE B 276 -6.69 7.00 -44.22
N PRO B 277 -5.52 6.97 -44.87
CA PRO B 277 -4.92 8.14 -45.52
C PRO B 277 -5.57 8.44 -46.87
N PHE B 278 -6.84 8.81 -46.82
CA PHE B 278 -7.58 9.21 -48.00
C PHE B 278 -8.39 10.46 -47.66
N PRO B 279 -9.02 11.08 -48.67
CA PRO B 279 -9.81 12.28 -48.40
C PRO B 279 -10.85 12.04 -47.31
N SER B 280 -11.03 13.03 -46.43
CA SER B 280 -12.01 12.95 -45.34
C SER B 280 -11.61 11.93 -44.27
N GLY B 281 -10.50 11.24 -44.48
CA GLY B 281 -9.96 10.34 -43.49
C GLY B 281 -8.95 11.00 -42.56
N ARG B 282 -7.74 10.44 -42.51
CA ARG B 282 -6.70 10.95 -41.63
C ARG B 282 -6.64 12.48 -41.59
N THR B 283 -6.47 13.01 -40.38
CA THR B 283 -6.39 14.46 -40.11
C THR B 283 -7.76 15.11 -39.96
N ASN B 284 -8.82 14.35 -40.24
CA ASN B 284 -10.18 14.84 -40.05
C ASN B 284 -10.80 14.28 -38.78
N LEU B 285 -11.72 15.04 -38.19
CA LEU B 285 -12.57 14.53 -37.12
C LEU B 285 -13.92 14.08 -37.67
N TYR B 286 -14.01 13.87 -38.98
CA TYR B 286 -15.17 13.22 -39.56
C TYR B 286 -15.11 11.73 -39.22
N TRP B 287 -16.21 11.02 -39.40
CA TRP B 287 -16.27 9.61 -39.00
C TRP B 287 -15.09 8.83 -39.59
N PRO B 288 -14.85 8.98 -40.89
CA PRO B 288 -13.79 8.26 -41.58
C PRO B 288 -12.39 8.50 -41.00
N GLY B 289 -12.21 9.63 -40.30
CA GLY B 289 -10.88 10.02 -39.80
C GLY B 289 -10.59 9.56 -38.39
N THR B 290 -11.64 9.22 -37.64
CA THR B 290 -11.49 8.85 -36.24
C THR B 290 -12.04 7.44 -35.93
N ALA B 291 -12.94 6.94 -36.76
CA ALA B 291 -13.44 5.59 -36.60
C ALA B 291 -12.30 4.59 -36.72
N GLU B 292 -12.17 3.69 -35.75
CA GLU B 292 -11.08 2.73 -35.76
C GLU B 292 -11.59 1.32 -35.45
N PRO B 293 -10.94 0.30 -36.04
CA PRO B 293 -11.21 -1.07 -35.66
C PRO B 293 -10.69 -1.34 -34.26
N LEU B 294 -11.35 -2.25 -33.54
CA LEU B 294 -10.94 -2.57 -32.17
C LEU B 294 -11.37 -3.97 -31.78
N LEU B 295 -10.40 -4.79 -31.39
CA LEU B 295 -10.66 -6.12 -30.88
C LEU B 295 -10.03 -6.27 -29.50
N VAL B 296 -10.77 -6.85 -28.57
CA VAL B 296 -10.25 -7.09 -27.23
C VAL B 296 -10.46 -8.55 -26.82
N SER B 297 -9.37 -9.25 -26.57
CA SER B 297 -9.41 -10.66 -26.21
C SER B 297 -8.87 -10.91 -24.81
N SER B 298 -9.76 -11.24 -23.89
CA SER B 298 -9.36 -11.62 -22.53
C SER B 298 -9.53 -13.12 -22.34
N PRO B 299 -8.43 -13.80 -21.99
CA PRO B 299 -8.46 -15.25 -21.76
C PRO B 299 -9.24 -15.62 -20.49
N GLU B 300 -9.56 -14.61 -19.69
CA GLU B 300 -10.29 -14.83 -18.45
C GLU B 300 -11.78 -14.55 -18.61
N HIS B 301 -12.14 -13.86 -19.68
CA HIS B 301 -13.53 -13.52 -19.96
C HIS B 301 -13.90 -13.85 -21.41
N PRO B 302 -14.00 -15.14 -21.72
CA PRO B 302 -14.31 -15.62 -23.06
C PRO B 302 -15.81 -15.66 -23.35
N LYS B 303 -16.61 -15.19 -22.40
CA LYS B 303 -18.06 -15.24 -22.53
C LYS B 303 -18.50 -14.61 -23.85
N ARG B 304 -17.87 -13.50 -24.22
CA ARG B 304 -18.30 -12.74 -25.38
C ARG B 304 -17.34 -12.83 -26.56
N TRP B 305 -16.54 -13.89 -26.59
CA TRP B 305 -15.63 -14.13 -27.71
C TRP B 305 -16.45 -14.32 -28.98
N GLY B 306 -16.07 -13.59 -30.03
CA GLY B 306 -16.73 -13.72 -31.33
C GLY B 306 -17.99 -12.90 -31.46
N GLN B 307 -18.27 -12.09 -30.44
CA GLN B 307 -19.44 -11.21 -30.44
C GLN B 307 -19.07 -9.80 -30.85
N VAL B 308 -20.10 -9.00 -31.14
CA VAL B 308 -19.90 -7.62 -31.53
C VAL B 308 -20.54 -6.68 -30.51
N SER B 309 -19.80 -5.66 -30.09
CA SER B 309 -20.30 -4.69 -29.13
C SER B 309 -20.70 -3.40 -29.83
N GLU B 310 -21.80 -2.81 -29.38
CA GLU B 310 -22.33 -1.61 -30.00
C GLU B 310 -21.93 -0.37 -29.22
N ALA B 311 -21.26 -0.59 -28.08
CA ALA B 311 -20.90 0.50 -27.18
C ALA B 311 -19.91 1.46 -27.81
N TYR B 312 -20.10 2.75 -27.56
CA TYR B 312 -19.21 3.77 -28.09
C TYR B 312 -18.01 3.92 -27.18
N VAL B 313 -16.83 3.64 -27.73
CA VAL B 313 -15.61 3.63 -26.94
C VAL B 313 -14.51 4.44 -27.62
N SER B 314 -13.49 4.82 -26.85
CA SER B 314 -12.43 5.69 -27.33
C SER B 314 -11.09 5.05 -27.01
N LEU B 315 -10.07 5.38 -27.80
CA LEU B 315 -8.72 4.95 -27.47
C LEU B 315 -8.24 5.53 -26.14
N LEU B 316 -8.95 6.55 -25.65
CA LEU B 316 -8.68 7.08 -24.30
C LEU B 316 -9.05 6.04 -23.23
N ASP B 317 -9.72 4.98 -23.64
CA ASP B 317 -10.14 3.92 -22.72
C ASP B 317 -9.08 2.83 -22.55
N LEU B 318 -8.08 2.82 -23.43
CA LEU B 318 -7.06 1.76 -23.41
C LEU B 318 -6.17 1.80 -22.18
N THR B 319 -5.64 2.97 -21.85
CA THR B 319 -4.78 3.09 -20.68
C THR B 319 -5.51 2.64 -19.42
N PRO B 320 -6.74 3.16 -19.21
CA PRO B 320 -7.57 2.74 -18.08
C PRO B 320 -7.86 1.23 -18.08
N THR B 321 -8.04 0.68 -19.27
CA THR B 321 -8.34 -0.74 -19.42
C THR B 321 -7.16 -1.59 -19.00
N ILE B 322 -5.97 -1.23 -19.49
CA ILE B 322 -4.77 -1.99 -19.20
C ILE B 322 -4.36 -1.81 -17.74
N LEU B 323 -4.48 -0.61 -17.21
CA LEU B 323 -4.25 -0.38 -15.79
C LEU B 323 -5.16 -1.27 -14.96
N ASP B 324 -6.42 -1.33 -15.35
CA ASP B 324 -7.42 -2.14 -14.66
C ASP B 324 -7.00 -3.60 -14.70
N TRP B 325 -6.52 -4.03 -15.87
CA TRP B 325 -6.08 -5.42 -16.09
C TRP B 325 -4.98 -5.80 -15.10
N PHE B 326 -4.05 -4.88 -14.86
CA PHE B 326 -2.94 -5.14 -13.94
C PHE B 326 -3.25 -4.69 -12.52
N SER B 327 -4.46 -4.18 -12.30
CA SER B 327 -4.87 -3.72 -10.98
C SER B 327 -3.97 -2.59 -10.50
N ILE B 328 -3.65 -1.68 -11.40
CA ILE B 328 -2.85 -0.52 -11.07
C ILE B 328 -3.70 0.73 -11.11
N PRO B 329 -3.77 1.45 -9.98
CA PRO B 329 -4.58 2.66 -9.92
C PRO B 329 -3.85 3.85 -10.54
N TYR B 330 -4.61 4.77 -11.13
CA TYR B 330 -4.04 6.00 -11.63
C TYR B 330 -3.71 6.89 -10.44
N PRO B 331 -2.44 7.29 -10.33
CA PRO B 331 -1.99 8.07 -9.18
C PRO B 331 -2.58 9.48 -9.17
N SER B 332 -2.60 10.09 -7.99
CA SER B 332 -3.06 11.46 -7.83
C SER B 332 -1.88 12.43 -7.98
N TYR B 333 -1.89 13.20 -9.05
CA TYR B 333 -0.81 14.15 -9.29
C TYR B 333 -1.28 15.29 -10.18
N ALA B 334 -0.45 16.32 -10.29
CA ALA B 334 -0.73 17.44 -11.18
C ALA B 334 0.43 17.66 -12.14
N ILE B 335 0.12 18.22 -13.31
CA ILE B 335 1.16 18.59 -14.26
C ILE B 335 1.56 20.05 -14.00
N PHE B 336 0.57 20.92 -14.00
CA PHE B 336 0.79 22.33 -13.67
C PHE B 336 -0.04 22.71 -12.46
N GLY B 337 0.53 23.56 -11.61
CA GLY B 337 -0.16 24.02 -10.42
C GLY B 337 -0.69 22.87 -9.60
N SER B 338 -1.86 23.06 -9.00
CA SER B 338 -2.46 22.04 -8.16
C SER B 338 -3.64 21.36 -8.85
N LYS B 339 -3.86 21.70 -10.12
CA LYS B 339 -4.95 21.11 -10.87
C LYS B 339 -4.69 19.62 -11.14
N THR B 340 -5.23 18.80 -10.26
CA THR B 340 -5.09 17.35 -10.32
C THR B 340 -5.58 16.75 -11.65
N ILE B 341 -4.93 15.67 -12.07
CA ILE B 341 -5.25 15.03 -13.34
C ILE B 341 -6.11 13.78 -13.14
N HIS B 342 -7.20 13.68 -13.88
CA HIS B 342 -8.03 12.48 -13.87
CA HIS B 342 -7.99 12.45 -13.88
C HIS B 342 -8.35 12.03 -15.30
N LEU B 343 -8.47 10.72 -15.50
CA LEU B 343 -8.82 10.17 -16.81
C LEU B 343 -10.32 10.29 -17.07
N THR B 344 -10.68 10.57 -18.33
CA THR B 344 -12.09 10.68 -18.71
C THR B 344 -12.54 9.39 -19.39
N GLY B 345 -11.58 8.57 -19.79
CA GLY B 345 -11.87 7.25 -20.33
C GLY B 345 -12.28 6.27 -19.24
N ARG B 346 -12.53 5.03 -19.62
CA ARG B 346 -12.95 4.01 -18.67
C ARG B 346 -12.39 2.66 -19.09
N SER B 347 -12.28 1.74 -18.14
CA SER B 347 -11.89 0.38 -18.47
C SER B 347 -12.95 -0.27 -19.35
N LEU B 348 -12.51 -0.97 -20.38
CA LEU B 348 -13.44 -1.66 -21.27
C LEU B 348 -13.72 -3.08 -20.77
N LEU B 349 -12.99 -3.50 -19.73
CA LEU B 349 -13.08 -4.87 -19.25
C LEU B 349 -14.51 -5.28 -18.95
N PRO B 350 -15.27 -4.41 -18.28
CA PRO B 350 -16.66 -4.74 -17.94
C PRO B 350 -17.50 -5.12 -19.17
N ALA B 351 -17.14 -4.57 -20.33
CA ALA B 351 -17.90 -4.83 -21.55
C ALA B 351 -17.65 -6.24 -22.05
N LEU B 352 -16.56 -6.85 -21.58
CA LEU B 352 -16.22 -8.21 -21.96
C LEU B 352 -17.11 -9.23 -21.29
N GLU B 353 -17.84 -8.79 -20.27
CA GLU B 353 -18.73 -9.67 -19.52
C GLU B 353 -20.18 -9.38 -19.89
N ALA B 354 -20.52 -8.10 -19.99
CA ALA B 354 -21.88 -7.69 -20.33
C ALA B 354 -21.89 -6.39 -21.13
N GLU B 355 -22.81 -6.29 -22.07
CA GLU B 355 -22.92 -5.11 -22.93
C GLU B 355 -23.41 -3.91 -22.14
N PRO B 356 -22.64 -2.80 -22.16
CA PRO B 356 -23.00 -1.56 -21.51
C PRO B 356 -23.70 -0.59 -22.46
N LEU B 357 -24.09 0.57 -21.94
CA LEU B 357 -24.87 1.54 -22.71
C LEU B 357 -24.08 2.80 -23.09
N TRP B 358 -22.75 2.74 -22.98
CA TRP B 358 -21.91 3.89 -23.30
C TRP B 358 -22.20 4.43 -24.69
N ALA B 359 -22.39 5.74 -24.81
CA ALA B 359 -22.85 6.34 -26.06
C ALA B 359 -22.09 7.60 -26.46
N THR B 360 -21.14 8.03 -25.64
CA THR B 360 -20.49 9.32 -25.86
C THR B 360 -18.98 9.22 -26.03
N VAL B 361 -18.45 9.94 -27.01
CA VAL B 361 -17.04 9.95 -27.31
C VAL B 361 -16.65 11.33 -27.78
N PHE B 362 -15.43 11.75 -27.43
CA PHE B 362 -14.97 13.10 -27.76
C PHE B 362 -13.79 13.08 -28.72
N GLY B 363 -13.47 14.23 -29.25
CA GLY B 363 -12.33 14.37 -30.15
C GLY B 363 -11.69 15.73 -29.97
N SER B 364 -10.37 15.76 -30.05
CA SER B 364 -9.63 17.01 -29.97
C SER B 364 -8.36 16.93 -30.80
N GLN B 365 -8.18 17.90 -31.69
CA GLN B 365 -7.00 17.96 -32.54
C GLN B 365 -6.61 19.41 -32.73
N SER B 366 -5.30 19.67 -32.65
CA SER B 366 -4.81 21.04 -32.78
C SER B 366 -3.94 21.13 -34.04
N HIS B 367 -2.68 20.73 -33.92
CA HIS B 367 -1.80 20.65 -35.07
C HIS B 367 -1.77 19.23 -35.62
N HIS B 368 -1.27 19.11 -36.84
CA HIS B 368 -0.74 17.86 -37.36
C HIS B 368 0.75 18.14 -37.55
N GLU B 369 1.13 18.59 -38.75
CA GLU B 369 2.44 19.22 -38.94
C GLU B 369 2.38 20.56 -38.24
N VAL B 370 3.53 21.10 -37.86
CA VAL B 370 3.57 22.34 -37.10
C VAL B 370 3.00 23.50 -37.93
N THR B 371 3.08 23.37 -39.25
CA THR B 371 2.59 24.39 -40.16
C THR B 371 1.09 24.23 -40.40
N MET B 372 0.52 23.13 -39.90
CA MET B 372 -0.91 22.85 -40.07
C MET B 372 -1.67 23.13 -38.79
N SER B 373 -2.10 24.38 -38.64
CA SER B 373 -2.85 24.77 -37.45
C SER B 373 -4.33 24.90 -37.78
N TYR B 374 -5.08 23.82 -37.58
CA TYR B 374 -6.52 23.80 -37.83
C TYR B 374 -7.20 23.03 -36.70
N PRO B 375 -7.30 23.66 -35.53
CA PRO B 375 -7.81 22.97 -34.35
C PRO B 375 -9.27 22.58 -34.53
N MET B 376 -9.61 21.37 -34.10
CA MET B 376 -10.98 20.87 -34.16
C MET B 376 -11.32 20.20 -32.84
N ARG B 377 -12.57 20.35 -32.43
CA ARG B 377 -13.08 19.71 -31.22
C ARG B 377 -14.41 19.05 -31.58
N SER B 378 -14.61 17.82 -31.12
CA SER B 378 -15.83 17.10 -31.48
C SER B 378 -16.43 16.35 -30.30
N VAL B 379 -17.73 16.12 -30.38
CA VAL B 379 -18.44 15.27 -29.43
C VAL B 379 -19.42 14.42 -30.21
N GLN B 380 -19.48 13.14 -29.88
CA GLN B 380 -20.40 12.24 -30.53
C GLN B 380 -21.29 11.55 -29.51
N HIS B 381 -22.59 11.70 -29.67
CA HIS B 381 -23.54 10.93 -28.88
C HIS B 381 -24.29 10.01 -29.83
N ARG B 382 -23.97 8.72 -29.76
CA ARG B 382 -24.51 7.75 -30.70
C ARG B 382 -24.22 8.21 -32.12
N HIS B 383 -25.26 8.43 -32.92
CA HIS B 383 -25.10 8.72 -34.34
C HIS B 383 -24.97 10.21 -34.63
N PHE B 384 -25.15 11.03 -33.60
CA PHE B 384 -24.99 12.47 -33.76
C PHE B 384 -23.54 12.86 -33.49
N ARG B 385 -22.95 13.55 -34.45
CA ARG B 385 -21.58 14.01 -34.32
C ARG B 385 -21.54 15.53 -34.51
N LEU B 386 -20.85 16.21 -33.60
CA LEU B 386 -20.71 17.66 -33.65
C LEU B 386 -19.24 18.02 -33.71
N VAL B 387 -18.85 18.74 -34.76
CA VAL B 387 -17.47 19.15 -34.91
C VAL B 387 -17.37 20.66 -34.87
N HIS B 388 -16.41 21.17 -34.10
CA HIS B 388 -16.14 22.60 -34.06
C HIS B 388 -14.80 22.89 -34.70
N ASN B 389 -14.82 23.69 -35.76
CA ASN B 389 -13.60 24.06 -36.47
C ASN B 389 -13.16 25.45 -36.08
N LEU B 390 -12.15 25.54 -35.22
CA LEU B 390 -11.77 26.80 -34.58
C LEU B 390 -11.17 27.81 -35.55
N ASN B 391 -10.50 27.32 -36.59
CA ASN B 391 -9.87 28.17 -37.59
CA ASN B 391 -9.91 28.22 -37.59
C ASN B 391 -10.62 28.08 -38.93
N PHE B 392 -11.94 27.94 -38.86
CA PHE B 392 -12.75 27.60 -40.04
C PHE B 392 -12.59 28.54 -41.25
N LYS B 393 -12.21 29.78 -41.02
CA LYS B 393 -12.16 30.77 -42.11
C LYS B 393 -10.98 30.55 -43.05
N MET B 394 -9.97 29.83 -42.57
CA MET B 394 -8.84 29.48 -43.41
C MET B 394 -9.08 28.09 -43.98
N PRO B 395 -8.44 27.79 -45.11
CA PRO B 395 -8.63 26.49 -45.74
C PRO B 395 -8.03 25.34 -44.93
N PHE B 396 -8.73 24.22 -44.90
CA PHE B 396 -8.22 22.98 -44.31
C PHE B 396 -6.87 22.66 -44.93
N PRO B 397 -5.84 22.49 -44.10
CA PRO B 397 -4.49 22.20 -44.58
C PRO B 397 -4.29 20.73 -44.95
N ILE B 398 -3.44 20.50 -45.94
CA ILE B 398 -3.14 19.16 -46.43
C ILE B 398 -1.70 18.85 -46.09
N ASP B 399 -1.45 17.65 -45.56
CA ASP B 399 -0.10 17.29 -45.17
C ASP B 399 0.74 16.88 -46.37
N GLN B 400 2.06 17.00 -46.22
CA GLN B 400 2.99 16.78 -47.32
C GLN B 400 2.98 15.37 -47.88
N ASP B 401 2.68 14.39 -47.03
CA ASP B 401 2.68 13.00 -47.47
C ASP B 401 1.44 12.66 -48.29
N PHE B 402 0.29 13.16 -47.85
CA PHE B 402 -0.96 12.87 -48.53
C PHE B 402 -1.06 13.61 -49.85
N TYR B 403 -0.44 14.78 -49.91
CA TYR B 403 -0.53 15.62 -51.11
C TYR B 403 -0.07 14.87 -52.36
N VAL B 404 1.00 14.09 -52.24
CA VAL B 404 1.57 13.38 -53.39
C VAL B 404 0.94 12.01 -53.63
N SER B 405 -0.10 11.68 -52.86
CA SER B 405 -0.79 10.43 -53.07
C SER B 405 -1.51 10.47 -54.41
N PRO B 406 -1.52 9.35 -55.14
CA PRO B 406 -2.23 9.30 -56.41
C PRO B 406 -3.68 9.72 -56.27
N THR B 407 -4.29 9.34 -55.15
CA THR B 407 -5.69 9.65 -54.90
C THR B 407 -5.93 11.18 -54.88
N PHE B 408 -5.11 11.89 -54.12
CA PHE B 408 -5.29 13.34 -54.00
C PHE B 408 -4.84 14.05 -55.27
N GLN B 409 -3.72 13.61 -55.83
CA GLN B 409 -3.23 14.18 -57.08
C GLN B 409 -4.30 14.09 -58.16
N ASP B 410 -4.93 12.93 -58.25
CA ASP B 410 -6.00 12.71 -59.22
C ASP B 410 -7.15 13.66 -58.95
N LEU B 411 -7.55 13.75 -57.69
CA LEU B 411 -8.65 14.62 -57.29
C LEU B 411 -8.32 16.08 -57.60
N LEU B 412 -7.12 16.49 -57.23
CA LEU B 412 -6.68 17.84 -57.53
C LEU B 412 -6.67 18.09 -59.03
N ASN B 413 -6.14 17.13 -59.79
CA ASN B 413 -6.03 17.27 -61.24
C ASN B 413 -7.39 17.44 -61.90
N ARG B 414 -8.34 16.58 -61.53
CA ARG B 414 -9.68 16.64 -62.12
C ARG B 414 -10.39 17.92 -61.73
N THR B 415 -10.27 18.29 -60.46
CA THR B 415 -10.87 19.53 -60.00
C THR B 415 -10.34 20.71 -60.79
N THR B 416 -9.02 20.75 -60.97
CA THR B 416 -8.38 21.88 -61.65
C THR B 416 -8.78 21.94 -63.13
N ALA B 417 -9.02 20.77 -63.71
CA ALA B 417 -9.39 20.69 -65.11
C ALA B 417 -10.88 20.89 -65.30
N GLY B 418 -11.61 21.05 -64.20
CA GLY B 418 -13.06 21.26 -64.25
C GLY B 418 -13.81 20.03 -64.71
N GLN B 419 -13.27 18.85 -64.39
CA GLN B 419 -13.91 17.59 -64.77
C GLN B 419 -14.48 16.88 -63.54
N PRO B 420 -15.47 15.99 -63.75
CA PRO B 420 -16.05 15.20 -62.68
C PRO B 420 -14.99 14.42 -61.90
N THR B 421 -15.11 14.44 -60.58
CA THR B 421 -14.09 13.85 -59.72
C THR B 421 -14.45 12.45 -59.25
N GLY B 422 -15.73 12.12 -59.32
CA GLY B 422 -16.23 10.86 -58.73
C GLY B 422 -16.19 10.88 -57.22
N TRP B 423 -16.18 12.08 -56.64
CA TRP B 423 -16.07 12.25 -55.19
C TRP B 423 -17.35 12.82 -54.60
N TYR B 424 -17.68 12.37 -53.39
CA TYR B 424 -18.95 12.76 -52.76
C TYR B 424 -18.93 14.20 -52.27
N LYS B 425 -17.76 14.82 -52.33
CA LYS B 425 -17.62 16.24 -51.99
C LYS B 425 -16.85 16.93 -53.10
N ASP B 426 -16.60 18.23 -52.92
CA ASP B 426 -15.70 18.96 -53.81
C ASP B 426 -14.68 19.68 -52.94
N LEU B 427 -13.53 20.01 -53.53
CA LEU B 427 -12.42 20.55 -52.76
C LEU B 427 -12.77 21.86 -52.08
N ARG B 428 -13.62 22.66 -52.71
CA ARG B 428 -13.98 23.97 -52.16
C ARG B 428 -14.57 23.78 -50.77
N HIS B 429 -15.47 22.81 -50.64
CA HIS B 429 -16.15 22.57 -49.37
C HIS B 429 -15.32 21.73 -48.42
N TYR B 430 -14.29 21.08 -48.95
CA TYR B 430 -13.36 20.33 -48.12
C TYR B 430 -12.40 21.31 -47.45
N TYR B 431 -12.06 22.37 -48.18
CA TYR B 431 -11.17 23.40 -47.68
C TYR B 431 -11.90 24.36 -46.74
N TYR B 432 -13.04 24.87 -47.21
CA TYR B 432 -13.78 25.88 -46.45
C TYR B 432 -15.04 25.30 -45.81
N ARG B 433 -14.96 25.09 -44.50
CA ARG B 433 -16.01 24.42 -43.75
C ARG B 433 -16.73 25.40 -42.84
N ALA B 434 -17.90 24.97 -42.34
CA ALA B 434 -18.64 25.78 -41.39
C ALA B 434 -17.97 25.68 -40.03
N ARG B 435 -18.14 26.70 -39.20
CA ARG B 435 -17.54 26.70 -37.87
C ARG B 435 -18.07 25.53 -37.06
N TRP B 436 -19.37 25.28 -37.16
CA TRP B 436 -19.99 24.15 -36.49
C TRP B 436 -20.61 23.20 -37.51
N GLU B 437 -20.24 21.92 -37.40
CA GLU B 437 -20.81 20.88 -38.26
C GLU B 437 -21.53 19.85 -37.39
N LEU B 438 -22.84 19.70 -37.62
CA LEU B 438 -23.65 18.76 -36.86
C LEU B 438 -24.26 17.74 -37.82
N TYR B 439 -24.01 16.46 -37.57
CA TYR B 439 -24.46 15.40 -38.47
C TYR B 439 -25.21 14.31 -37.74
N ASP B 440 -26.24 13.78 -38.38
CA ASP B 440 -26.95 12.61 -37.89
C ASP B 440 -26.67 11.46 -38.84
N ARG B 441 -25.74 10.58 -38.46
CA ARG B 441 -25.29 9.51 -39.34
C ARG B 441 -26.31 8.37 -39.53
N SER B 442 -27.38 8.38 -38.74
CA SER B 442 -28.45 7.39 -38.91
C SER B 442 -29.30 7.75 -40.14
N ARG B 443 -29.20 9.00 -40.56
CA ARG B 443 -29.94 9.50 -41.71
C ARG B 443 -28.97 9.95 -42.80
N ASP B 444 -27.79 10.38 -42.39
CA ASP B 444 -26.81 10.96 -43.29
C ASP B 444 -25.41 10.46 -42.93
N PRO B 445 -25.14 9.18 -43.22
CA PRO B 445 -23.87 8.54 -42.87
C PRO B 445 -22.67 9.19 -43.56
N HIS B 446 -22.87 9.73 -44.75
CA HIS B 446 -21.80 10.42 -45.47
C HIS B 446 -21.44 11.74 -44.83
N GLU B 447 -22.24 12.19 -43.85
CA GLU B 447 -22.00 13.45 -43.17
C GLU B 447 -21.90 14.63 -44.15
N THR B 448 -22.95 14.80 -44.96
CA THR B 448 -22.97 15.87 -45.96
C THR B 448 -24.10 16.87 -45.72
N GLN B 449 -25.00 16.54 -44.80
CA GLN B 449 -26.12 17.44 -44.45
C GLN B 449 -25.92 18.07 -43.08
N ASN B 450 -25.33 19.25 -43.06
CA ASN B 450 -25.07 19.97 -41.81
C ASN B 450 -26.37 20.47 -41.20
N LEU B 451 -26.59 20.13 -39.92
CA LEU B 451 -27.83 20.48 -39.24
C LEU B 451 -27.66 21.64 -38.27
N ALA B 452 -26.43 22.13 -38.14
CA ALA B 452 -26.11 23.14 -37.15
C ALA B 452 -26.93 24.43 -37.28
N THR B 453 -27.29 24.79 -38.50
CA THR B 453 -28.01 26.04 -38.73
C THR B 453 -29.53 25.80 -38.77
N ASP B 454 -29.93 24.54 -38.70
CA ASP B 454 -31.36 24.18 -38.69
C ASP B 454 -31.95 24.36 -37.28
N PRO B 455 -32.93 25.26 -37.14
CA PRO B 455 -33.55 25.59 -35.85
C PRO B 455 -34.17 24.39 -35.14
N ARG B 456 -34.54 23.37 -35.92
CA ARG B 456 -35.11 22.15 -35.35
C ARG B 456 -34.11 21.46 -34.43
N PHE B 457 -32.84 21.78 -34.60
CA PHE B 457 -31.80 21.10 -33.85
C PHE B 457 -31.06 22.02 -32.89
N ALA B 458 -31.63 23.20 -32.65
CA ALA B 458 -31.01 24.17 -31.76
C ALA B 458 -30.80 23.62 -30.36
N GLN B 459 -31.83 22.98 -29.81
CA GLN B 459 -31.75 22.43 -28.46
C GLN B 459 -30.73 21.30 -28.35
N LEU B 460 -30.72 20.39 -29.32
CA LEU B 460 -29.74 19.32 -29.36
C LEU B 460 -28.33 19.90 -29.49
N LEU B 461 -28.20 20.94 -30.31
CA LEU B 461 -26.92 21.59 -30.54
C LEU B 461 -26.35 22.13 -29.22
N GLU B 462 -27.19 22.83 -28.47
CA GLU B 462 -26.76 23.41 -27.19
C GLU B 462 -26.36 22.32 -26.21
N MET B 463 -27.08 21.20 -26.23
CA MET B 463 -26.79 20.10 -25.34
C MET B 463 -25.42 19.49 -25.65
N LEU B 464 -25.14 19.27 -26.93
CA LEU B 464 -23.85 18.70 -27.34
C LEU B 464 -22.72 19.68 -27.08
N ARG B 465 -22.97 20.96 -27.30
CA ARG B 465 -21.99 21.99 -27.01
C ARG B 465 -21.63 21.98 -25.53
N ASP B 466 -22.65 21.80 -24.68
CA ASP B 466 -22.43 21.74 -23.24
C ASP B 466 -21.59 20.54 -22.85
N GLN B 467 -21.90 19.39 -23.42
CA GLN B 467 -21.11 18.20 -23.16
C GLN B 467 -19.67 18.39 -23.62
N LEU B 468 -19.48 18.99 -24.79
CA LEU B 468 -18.13 19.22 -25.32
C LEU B 468 -17.33 20.17 -24.43
N ALA B 469 -17.92 21.31 -24.11
CA ALA B 469 -17.27 22.34 -23.29
C ALA B 469 -16.90 21.79 -21.92
N LYS B 470 -17.80 21.02 -21.32
CA LYS B 470 -17.56 20.45 -20.01
C LYS B 470 -16.33 19.56 -20.04
N TRP B 471 -16.22 18.76 -21.10
CA TRP B 471 -15.08 17.89 -21.28
C TRP B 471 -13.80 18.70 -21.47
N GLN B 472 -13.90 19.80 -22.22
CA GLN B 472 -12.76 20.67 -22.47
C GLN B 472 -12.19 21.26 -21.18
N TRP B 473 -13.08 21.78 -20.34
CA TRP B 473 -12.68 22.34 -19.05
C TRP B 473 -12.12 21.25 -18.14
N GLU B 474 -12.81 20.13 -18.10
CA GLU B 474 -12.38 18.97 -17.31
C GLU B 474 -10.96 18.50 -17.67
N THR B 475 -10.61 18.61 -18.94
CA THR B 475 -9.31 18.14 -19.42
C THR B 475 -8.35 19.29 -19.69
N HIS B 476 -8.64 20.45 -19.10
CA HIS B 476 -7.74 21.59 -19.14
C HIS B 476 -7.29 21.94 -20.56
N ASP B 477 -8.25 22.07 -21.48
CA ASP B 477 -8.00 22.45 -22.87
C ASP B 477 -7.66 23.96 -23.00
N PRO B 478 -6.42 24.26 -23.42
CA PRO B 478 -6.01 25.67 -23.60
C PRO B 478 -6.80 26.38 -24.70
N TRP B 479 -7.42 25.61 -25.59
CA TRP B 479 -8.19 26.18 -26.69
C TRP B 479 -9.67 26.35 -26.35
N VAL B 480 -10.00 26.20 -25.07
CA VAL B 480 -11.40 26.10 -24.67
C VAL B 480 -12.22 27.35 -24.99
N CYS B 481 -11.55 28.50 -25.06
CA CYS B 481 -12.25 29.78 -25.31
C CYS B 481 -12.12 30.23 -26.76
N ALA B 482 -11.19 29.63 -27.48
CA ALA B 482 -10.94 30.02 -28.86
C ALA B 482 -12.10 29.59 -29.74
N PRO B 483 -12.29 30.30 -30.85
CA PRO B 483 -11.49 31.45 -31.27
C PRO B 483 -12.10 32.80 -30.89
N ASP B 484 -13.31 32.79 -30.32
CA ASP B 484 -14.06 34.02 -30.11
C ASP B 484 -13.70 34.71 -28.81
N GLY B 485 -12.92 34.04 -27.95
CA GLY B 485 -12.62 34.58 -26.64
C GLY B 485 -11.23 34.27 -26.14
N VAL B 486 -10.90 34.84 -25.00
CA VAL B 486 -9.60 34.62 -24.37
C VAL B 486 -9.81 34.02 -22.98
N LEU B 487 -8.92 33.11 -22.60
CA LEU B 487 -9.02 32.44 -21.31
C LEU B 487 -8.47 33.30 -20.17
N GLU B 488 -9.33 33.65 -19.23
CA GLU B 488 -8.94 34.37 -18.03
C GLU B 488 -9.47 33.63 -16.81
N GLU B 489 -8.64 32.77 -16.25
CA GLU B 489 -9.06 31.85 -15.19
C GLU B 489 -9.58 32.56 -13.94
N LYS B 490 -9.05 33.75 -13.66
CA LYS B 490 -9.43 34.47 -12.44
C LYS B 490 -10.69 35.30 -12.64
N LEU B 491 -11.22 35.30 -13.86
CA LEU B 491 -12.38 36.13 -14.19
C LEU B 491 -13.63 35.29 -14.43
N SER B 492 -14.77 35.97 -14.50
CA SER B 492 -16.05 35.31 -14.70
C SER B 492 -16.94 36.16 -15.61
N PRO B 493 -17.33 35.60 -16.77
CA PRO B 493 -16.97 34.24 -17.19
C PRO B 493 -15.48 34.09 -17.50
N GLN B 494 -14.97 32.86 -17.47
CA GLN B 494 -13.55 32.61 -17.67
C GLN B 494 -13.14 32.83 -19.11
N CYS B 495 -14.09 32.69 -20.02
CA CYS B 495 -13.85 33.03 -21.41
C CYS B 495 -14.33 34.45 -21.65
N GLN B 496 -13.39 35.35 -21.92
CA GLN B 496 -13.70 36.75 -22.16
C GLN B 496 -13.74 37.04 -23.64
N PRO B 497 -14.76 37.78 -24.08
CA PRO B 497 -15.04 37.99 -25.51
C PRO B 497 -14.06 38.95 -26.17
N LEU B 498 -13.72 38.65 -27.43
CA LEU B 498 -12.83 39.49 -28.21
C LEU B 498 -13.62 40.34 -29.20
N HIS B 499 -14.88 39.95 -29.43
CA HIS B 499 -15.72 40.63 -30.40
C HIS B 499 -14.98 40.71 -31.73
N ASN B 500 -14.51 39.57 -32.20
CA ASN B 500 -13.77 39.49 -33.44
C ASN B 500 -14.60 38.88 -34.56
N GLU B 501 -15.89 39.24 -34.60
CA GLU B 501 -16.80 38.82 -35.66
C GLU B 501 -17.02 37.31 -35.60
N LEU B 502 -16.92 36.76 -34.40
CA LEU B 502 -17.18 35.33 -34.16
C LEU B 502 -17.99 35.13 -32.89
N ARG C 21 7.90 -41.39 -46.26
CA ARG C 21 7.81 -42.01 -44.90
C ARG C 21 8.99 -41.55 -44.04
N PRO C 22 8.74 -40.52 -43.20
CA PRO C 22 9.76 -39.91 -42.34
C PRO C 22 10.39 -40.89 -41.34
N ARG C 23 11.69 -40.74 -41.11
CA ARG C 23 12.38 -41.47 -40.07
C ARG C 23 12.09 -40.83 -38.71
N ASN C 24 11.90 -41.66 -37.69
CA ASN C 24 11.68 -41.17 -36.33
C ASN C 24 12.73 -41.73 -35.39
N ALA C 25 12.72 -41.27 -34.15
CA ALA C 25 13.64 -41.78 -33.14
C ALA C 25 12.98 -41.81 -31.78
N LEU C 26 13.28 -42.85 -31.01
CA LEU C 26 12.78 -42.97 -29.65
C LEU C 26 13.93 -43.30 -28.73
N LEU C 27 14.17 -42.42 -27.75
CA LEU C 27 15.21 -42.64 -26.76
C LEU C 27 14.58 -42.99 -25.41
N LEU C 28 14.80 -44.22 -24.97
CA LEU C 28 14.34 -44.68 -23.68
C LEU C 28 15.49 -44.64 -22.67
N LEU C 29 15.32 -43.85 -21.61
CA LEU C 29 16.37 -43.68 -20.62
C LEU C 29 15.89 -44.10 -19.23
N ALA C 30 16.57 -45.09 -18.66
CA ALA C 30 16.32 -45.51 -17.28
C ALA C 30 17.15 -44.65 -16.33
N ASP C 31 16.62 -44.42 -15.14
CA ASP C 31 17.29 -43.58 -14.16
C ASP C 31 17.95 -44.43 -13.09
N ASP C 32 19.28 -44.46 -13.10
CA ASP C 32 20.05 -45.27 -12.14
C ASP C 32 19.86 -46.75 -12.40
N GLY C 33 19.57 -47.11 -13.65
CA GLY C 33 19.34 -48.49 -14.02
C GLY C 33 20.63 -49.25 -14.24
N GLY C 34 20.61 -50.55 -13.95
CA GLY C 34 21.76 -51.41 -14.15
C GLY C 34 21.47 -52.54 -15.13
N PHE C 35 22.06 -53.71 -14.86
CA PHE C 35 21.92 -54.84 -15.76
C PHE C 35 20.95 -55.88 -15.24
N GLU C 36 19.93 -55.41 -14.52
CA GLU C 36 18.90 -56.29 -13.99
C GLU C 36 17.87 -56.62 -15.08
N SER C 37 18.24 -57.52 -15.99
CA SER C 37 17.32 -57.96 -17.05
C SER C 37 17.75 -59.31 -17.61
N GLY C 38 16.79 -60.07 -18.09
CA GLY C 38 17.06 -61.34 -18.74
C GLY C 38 17.97 -61.14 -19.94
N ALA C 39 17.82 -60.00 -20.60
CA ALA C 39 18.63 -59.66 -21.78
C ALA C 39 20.11 -59.69 -21.43
N TYR C 40 20.43 -59.29 -20.20
CA TYR C 40 21.81 -59.32 -19.74
C TYR C 40 22.06 -60.54 -18.85
N ASN C 41 21.21 -61.54 -19.02
CA ASN C 41 21.40 -62.84 -18.37
C ASN C 41 21.34 -62.78 -16.84
N ASN C 42 20.38 -62.01 -16.36
CA ASN C 42 19.96 -62.09 -14.97
C ASN C 42 18.67 -62.89 -14.90
N SER C 43 18.78 -64.14 -14.46
CA SER C 43 17.63 -65.05 -14.46
C SER C 43 16.79 -64.96 -13.19
N ALA C 44 17.19 -64.06 -12.29
CA ALA C 44 16.49 -63.91 -11.01
C ALA C 44 15.35 -62.90 -11.13
N ILE C 45 15.38 -62.11 -12.20
CA ILE C 45 14.37 -61.07 -12.40
C ILE C 45 13.63 -61.30 -13.71
N ALA C 46 12.43 -60.76 -13.82
CA ALA C 46 11.63 -60.88 -15.03
C ALA C 46 11.47 -59.53 -15.73
N THR C 47 12.04 -59.42 -16.93
CA THR C 47 11.94 -58.21 -17.73
C THR C 47 11.62 -58.57 -19.18
N PRO C 48 10.44 -59.16 -19.41
CA PRO C 48 10.04 -59.69 -20.71
C PRO C 48 10.05 -58.66 -21.83
N HIS C 49 9.71 -57.42 -21.51
CA HIS C 49 9.58 -56.39 -22.54
C HIS C 49 10.94 -55.90 -23.01
N LEU C 50 11.88 -55.78 -22.08
CA LEU C 50 13.25 -55.44 -22.42
C LEU C 50 13.89 -56.59 -23.16
N ASP C 51 13.59 -57.82 -22.73
CA ASP C 51 14.09 -59.01 -23.40
C ASP C 51 13.59 -59.03 -24.84
N ALA C 52 12.31 -58.68 -25.00
CA ALA C 52 11.70 -58.67 -26.33
C ALA C 52 12.39 -57.63 -27.21
N LEU C 53 12.62 -56.45 -26.65
CA LEU C 53 13.31 -55.40 -27.37
C LEU C 53 14.70 -55.88 -27.80
N ALA C 54 15.38 -56.56 -26.89
CA ALA C 54 16.74 -57.01 -27.14
C ALA C 54 16.81 -57.96 -28.35
N ARG C 55 15.73 -58.71 -28.57
CA ARG C 55 15.68 -59.63 -29.70
C ARG C 55 15.57 -58.88 -31.02
N ARG C 56 15.11 -57.63 -30.93
CA ARG C 56 14.99 -56.78 -32.11
C ARG C 56 16.07 -55.70 -32.09
N SER C 57 17.11 -55.93 -31.29
CA SER C 57 18.13 -54.90 -31.09
C SER C 57 19.53 -55.50 -31.11
N LEU C 58 20.52 -54.62 -31.27
CA LEU C 58 21.89 -54.97 -31.00
C LEU C 58 22.21 -54.59 -29.55
N LEU C 59 22.58 -55.59 -28.76
CA LEU C 59 22.87 -55.37 -27.35
C LEU C 59 24.37 -55.13 -27.16
N PHE C 60 24.70 -54.08 -26.43
CA PHE C 60 26.10 -53.73 -26.19
C PHE C 60 26.54 -54.17 -24.79
N ARG C 61 27.58 -55.00 -24.74
CA ARG C 61 28.08 -55.53 -23.48
C ARG C 61 28.99 -54.54 -22.78
N ASN C 62 29.62 -53.66 -23.56
CA ASN C 62 30.61 -52.74 -23.02
C ASN C 62 30.28 -51.29 -23.32
N ALA C 63 29.11 -50.84 -22.88
CA ALA C 63 28.71 -49.45 -23.01
C ALA C 63 28.90 -48.72 -21.69
N PHE C 64 29.30 -47.45 -21.76
CA PHE C 64 29.56 -46.66 -20.56
C PHE C 64 29.05 -45.23 -20.67
N THR C 65 28.69 -44.65 -19.54
CA THR C 65 28.46 -43.22 -19.46
C THR C 65 29.80 -42.53 -19.14
N SER C 66 29.92 -41.26 -19.51
CA SER C 66 31.14 -40.51 -19.30
C SER C 66 31.16 -39.89 -17.91
N VAL C 67 30.00 -39.87 -17.27
CA VAL C 67 29.86 -39.25 -15.96
C VAL C 67 28.76 -39.94 -15.17
N SER C 68 29.01 -40.19 -13.88
CA SER C 68 28.10 -40.97 -13.06
C SER C 68 27.29 -40.08 -12.10
N SER C 69 26.69 -39.03 -12.65
CA SER C 69 25.84 -38.12 -11.88
C SER C 69 24.64 -37.74 -12.73
N SER C 71 22.37 -35.10 -13.73
CA SER C 71 22.25 -33.93 -14.67
C SER C 71 23.41 -33.90 -15.66
N PRO C 72 24.65 -34.03 -15.16
CA PRO C 72 25.80 -34.05 -16.05
C PRO C 72 25.70 -35.16 -17.10
N SER C 73 25.23 -36.34 -16.70
CA SER C 73 25.13 -37.46 -17.62
C SER C 73 24.10 -37.18 -18.71
N ARG C 74 23.01 -36.54 -18.32
CA ARG C 74 21.91 -36.25 -19.23
C ARG C 74 22.28 -35.12 -20.17
N ALA C 75 23.05 -34.17 -19.66
CA ALA C 75 23.54 -33.07 -20.47
C ALA C 75 24.54 -33.57 -21.51
N SER C 76 25.45 -34.43 -21.08
CA SER C 76 26.45 -35.01 -21.98
C SER C 76 25.77 -35.88 -23.03
N LEU C 77 24.79 -36.67 -22.60
CA LEU C 77 24.08 -37.56 -23.49
C LEU C 77 23.34 -36.76 -24.57
N LEU C 78 22.78 -35.62 -24.18
CA LEU C 78 21.97 -34.81 -25.07
C LEU C 78 22.77 -33.77 -25.85
N THR C 79 24.10 -33.76 -25.65
CA THR C 79 24.95 -32.82 -26.35
C THR C 79 26.09 -33.53 -27.09
N GLY C 80 26.51 -34.67 -26.57
CA GLY C 80 27.66 -35.38 -27.13
C GLY C 80 28.95 -34.80 -26.59
N LEU C 81 28.82 -33.95 -25.57
CA LEU C 81 29.97 -33.29 -24.97
C LEU C 81 30.10 -33.71 -23.51
N PRO C 82 31.35 -33.95 -23.05
CA PRO C 82 31.58 -34.27 -21.65
C PRO C 82 31.22 -33.11 -20.72
N GLN C 83 30.88 -33.42 -19.48
CA GLN C 83 30.35 -32.42 -18.56
C GLN C 83 31.27 -31.20 -18.44
N HIS C 84 32.58 -31.42 -18.52
CA HIS C 84 33.53 -30.34 -18.34
C HIS C 84 33.57 -29.42 -19.55
N GLN C 85 32.87 -29.81 -20.61
CA GLN C 85 32.85 -29.01 -21.82
C GLN C 85 31.50 -28.33 -22.03
N ASN C 86 30.42 -29.03 -21.69
CA ASN C 86 29.08 -28.45 -21.88
C ASN C 86 28.66 -27.55 -20.71
N GLY C 87 29.30 -27.70 -19.56
CA GLY C 87 29.08 -26.78 -18.45
C GLY C 87 28.23 -27.29 -17.29
N MET C 88 27.63 -28.46 -17.48
CA MET C 88 26.89 -29.10 -16.40
C MET C 88 27.85 -29.85 -15.50
N TYR C 89 28.53 -29.10 -14.64
CA TYR C 89 29.59 -29.67 -13.81
C TYR C 89 29.00 -30.49 -12.67
N GLY C 90 27.69 -30.35 -12.43
CA GLY C 90 27.04 -31.04 -11.34
C GLY C 90 25.53 -31.01 -11.48
N LEU C 91 24.83 -31.24 -10.37
CA LEU C 91 23.37 -31.32 -10.38
C LEU C 91 22.77 -29.97 -10.72
N HIS C 92 21.61 -30.01 -11.37
CA HIS C 92 20.98 -28.83 -11.94
C HIS C 92 20.00 -28.11 -11.00
N GLN C 93 19.41 -28.84 -10.05
CA GLN C 93 18.27 -28.31 -9.31
C GLN C 93 18.64 -27.44 -8.11
N ASP C 94 17.65 -26.68 -7.66
CA ASP C 94 17.77 -25.74 -6.54
C ASP C 94 19.18 -25.29 -6.20
N VAL C 95 19.66 -25.72 -5.03
CA VAL C 95 20.88 -25.21 -4.43
C VAL C 95 22.14 -25.52 -5.24
N HIS C 96 22.07 -26.52 -6.11
CA HIS C 96 23.22 -26.95 -6.89
C HIS C 96 23.37 -26.15 -8.17
N HIS C 97 22.26 -25.96 -8.88
CA HIS C 97 22.12 -24.81 -9.76
C HIS C 97 23.07 -24.79 -10.98
N PHE C 98 23.51 -25.96 -11.43
CA PHE C 98 24.40 -26.02 -12.60
C PHE C 98 23.63 -26.00 -13.92
N ASN C 99 24.13 -25.24 -14.87
CA ASN C 99 23.54 -25.15 -16.21
C ASN C 99 24.59 -25.28 -17.30
N SER C 100 24.18 -25.80 -18.45
CA SER C 100 25.07 -25.84 -19.60
C SER C 100 25.25 -24.43 -20.14
N PHE C 101 26.34 -24.21 -20.87
CA PHE C 101 26.59 -22.90 -21.45
C PHE C 101 25.53 -22.54 -22.50
N ASP C 102 25.18 -21.26 -22.57
CA ASP C 102 24.12 -20.79 -23.46
C ASP C 102 24.35 -21.16 -24.92
N LYS C 103 25.61 -21.10 -25.35
CA LYS C 103 25.95 -21.30 -26.75
C LYS C 103 26.07 -22.78 -27.14
N VAL C 104 25.90 -23.68 -26.18
CA VAL C 104 25.93 -25.10 -26.47
C VAL C 104 24.75 -25.47 -27.37
N ARG C 105 25.02 -26.28 -28.39
CA ARG C 105 23.99 -26.72 -29.32
C ARG C 105 23.67 -28.20 -29.08
N SER C 106 22.54 -28.44 -28.41
CA SER C 106 22.17 -29.78 -28.00
C SER C 106 21.48 -30.53 -29.12
N LEU C 107 21.37 -31.84 -28.96
CA LEU C 107 20.67 -32.70 -29.90
C LEU C 107 19.28 -32.14 -30.23
N PRO C 108 18.42 -31.97 -29.20
CA PRO C 108 17.04 -31.50 -29.40
C PRO C 108 16.96 -30.16 -30.14
N LEU C 109 17.86 -29.24 -29.84
CA LEU C 109 17.92 -27.97 -30.54
C LEU C 109 18.20 -28.20 -32.02
N LEU C 110 19.24 -28.98 -32.30
CA LEU C 110 19.64 -29.25 -33.68
C LEU C 110 18.57 -29.99 -34.45
N LEU C 111 17.87 -30.90 -33.78
CA LEU C 111 16.80 -31.66 -34.42
C LEU C 111 15.66 -30.72 -34.79
N SER C 112 15.28 -29.86 -33.84
CA SER C 112 14.22 -28.89 -34.07
C SER C 112 14.53 -28.00 -35.27
N GLN C 113 15.76 -27.51 -35.35
CA GLN C 113 16.17 -26.65 -36.46
C GLN C 113 16.15 -27.39 -37.79
N ALA C 114 16.29 -28.71 -37.76
CA ALA C 114 16.29 -29.52 -38.97
C ALA C 114 14.88 -29.95 -39.35
N GLY C 115 13.89 -29.50 -38.59
CA GLY C 115 12.48 -29.76 -38.91
C GLY C 115 11.92 -31.00 -38.22
N VAL C 116 12.62 -31.48 -37.20
CA VAL C 116 12.16 -32.65 -36.46
C VAL C 116 11.37 -32.22 -35.23
N ARG C 117 10.19 -32.80 -35.04
CA ARG C 117 9.39 -32.52 -33.86
C ARG C 117 9.98 -33.25 -32.66
N THR C 118 10.25 -32.51 -31.59
CA THR C 118 10.85 -33.08 -30.39
C THR C 118 9.88 -33.16 -29.23
N GLY C 119 10.01 -34.22 -28.44
CA GLY C 119 9.16 -34.41 -27.28
C GLY C 119 9.93 -35.05 -26.14
N ILE C 120 9.59 -34.65 -24.92
CA ILE C 120 10.18 -35.27 -23.74
C ILE C 120 9.07 -35.60 -22.74
N ILE C 121 9.17 -36.78 -22.16
CA ILE C 121 8.24 -37.19 -21.12
C ILE C 121 9.04 -37.81 -19.97
N GLY C 122 8.98 -37.17 -18.81
CA GLY C 122 9.67 -37.66 -17.63
C GLY C 122 10.65 -36.67 -17.02
N LYS C 123 11.73 -37.19 -16.46
CA LYS C 123 12.73 -36.39 -15.78
C LYS C 123 13.68 -35.71 -16.75
N LYS C 124 13.75 -34.38 -16.69
CA LYS C 124 14.65 -33.61 -17.56
C LYS C 124 15.97 -33.36 -16.85
N HIS C 125 15.91 -32.58 -15.77
CA HIS C 125 17.03 -32.44 -14.85
C HIS C 125 18.23 -31.77 -15.52
N VAL C 126 17.95 -30.94 -16.52
CA VAL C 126 18.99 -30.16 -17.19
C VAL C 126 18.43 -28.82 -17.65
N GLY C 127 19.34 -27.87 -17.87
CA GLY C 127 18.97 -26.54 -18.35
C GLY C 127 20.20 -25.87 -18.94
N PRO C 128 20.03 -24.65 -19.45
CA PRO C 128 18.76 -23.92 -19.46
C PRO C 128 17.81 -24.38 -20.57
N GLU C 129 16.59 -23.89 -20.53
CA GLU C 129 15.55 -24.27 -21.50
C GLU C 129 15.98 -23.94 -22.94
N THR C 130 16.62 -22.80 -23.12
CA THR C 130 17.02 -22.36 -24.46
C THR C 130 18.01 -23.34 -25.09
N VAL C 131 18.81 -24.01 -24.26
CA VAL C 131 19.79 -24.96 -24.75
C VAL C 131 19.15 -26.32 -24.98
N TYR C 132 18.18 -26.66 -24.14
CA TYR C 132 17.50 -27.95 -24.21
C TYR C 132 16.00 -27.79 -24.43
N PRO C 133 15.60 -27.20 -25.56
CA PRO C 133 14.19 -26.96 -25.84
C PRO C 133 13.47 -28.19 -26.39
N PHE C 134 12.19 -28.34 -26.03
CA PHE C 134 11.35 -29.42 -26.55
C PHE C 134 9.99 -28.89 -26.96
N ASP C 135 9.51 -29.27 -28.15
CA ASP C 135 8.20 -28.83 -28.62
C ASP C 135 7.09 -29.35 -27.71
N PHE C 136 7.22 -30.61 -27.32
CA PHE C 136 6.24 -31.30 -26.49
C PHE C 136 6.96 -31.72 -25.21
N ALA C 137 6.55 -31.16 -24.08
CA ALA C 137 7.28 -31.37 -22.83
C ALA C 137 6.38 -31.61 -21.64
N TYR C 138 6.55 -32.77 -21.01
CA TYR C 138 5.89 -33.06 -19.75
C TYR C 138 6.93 -33.59 -18.77
N THR C 139 7.43 -32.70 -17.92
CA THR C 139 8.56 -33.01 -17.05
C THR C 139 8.31 -32.53 -15.62
N GLU C 140 9.37 -32.57 -14.80
CA GLU C 140 9.27 -32.12 -13.42
C GLU C 140 9.10 -30.60 -13.36
N GLU C 141 9.36 -29.93 -14.48
CA GLU C 141 9.33 -28.47 -14.52
C GLU C 141 7.90 -27.94 -14.62
N ASN C 142 7.01 -28.75 -15.18
CA ASN C 142 5.61 -28.33 -15.34
C ASN C 142 4.64 -29.37 -14.79
N GLY C 143 5.10 -30.20 -13.86
CA GLY C 143 4.27 -31.25 -13.29
C GLY C 143 5.01 -32.12 -12.29
N SER C 144 4.44 -33.27 -11.99
CA SER C 144 4.99 -34.18 -11.00
C SER C 144 5.87 -35.24 -11.65
N VAL C 145 7.12 -35.33 -11.20
CA VAL C 145 8.06 -36.32 -11.73
C VAL C 145 7.61 -37.72 -11.36
N LEU C 146 6.81 -37.80 -10.30
CA LEU C 146 6.25 -39.05 -9.86
C LEU C 146 5.31 -39.59 -10.94
N GLN C 147 4.46 -38.71 -11.47
CA GLN C 147 3.46 -39.11 -12.47
C GLN C 147 4.08 -39.41 -13.83
N VAL C 148 4.84 -38.45 -14.35
CA VAL C 148 5.40 -38.57 -15.69
C VAL C 148 6.68 -39.39 -15.72
N GLY C 149 7.17 -39.78 -14.54
CA GLY C 149 8.41 -40.54 -14.43
C GLY C 149 8.23 -41.98 -13.95
N ARG C 150 7.18 -42.21 -13.17
CA ARG C 150 6.98 -43.52 -12.56
C ARG C 150 5.61 -44.13 -12.89
N ASN C 151 4.61 -43.28 -13.10
CA ASN C 151 3.28 -43.76 -13.45
C ASN C 151 3.20 -44.10 -14.93
N ILE C 152 3.45 -45.37 -15.24
CA ILE C 152 3.61 -45.80 -16.63
C ILE C 152 2.32 -45.67 -17.43
N THR C 153 1.18 -45.64 -16.75
CA THR C 153 -0.10 -45.41 -17.42
C THR C 153 -0.17 -43.98 -17.92
N ARG C 154 0.21 -43.04 -17.07
CA ARG C 154 0.27 -41.62 -17.45
C ARG C 154 1.24 -41.46 -18.60
N ILE C 155 2.39 -42.12 -18.50
CA ILE C 155 3.41 -42.05 -19.54
C ILE C 155 2.86 -42.58 -20.86
N LYS C 156 2.17 -43.72 -20.80
CA LYS C 156 1.63 -44.35 -22.00
C LYS C 156 0.65 -43.44 -22.72
N LEU C 157 -0.20 -42.77 -21.94
CA LEU C 157 -1.20 -41.87 -22.50
C LEU C 157 -0.57 -40.59 -23.08
N LEU C 158 0.53 -40.15 -22.48
CA LEU C 158 1.23 -38.98 -23.00
C LEU C 158 1.93 -39.32 -24.32
N VAL C 159 2.42 -40.55 -24.42
CA VAL C 159 3.04 -41.01 -25.66
C VAL C 159 1.99 -41.10 -26.75
N ARG C 160 0.83 -41.67 -26.40
CA ARG C 160 -0.29 -41.74 -27.31
C ARG C 160 -0.65 -40.36 -27.84
N LYS C 161 -0.77 -39.39 -26.92
CA LYS C 161 -1.12 -38.03 -27.29
C LYS C 161 -0.08 -37.45 -28.24
N PHE C 162 1.20 -37.68 -27.94
CA PHE C 162 2.29 -37.20 -28.79
C PHE C 162 2.14 -37.72 -30.22
N LEU C 163 1.86 -39.01 -30.36
CA LEU C 163 1.78 -39.64 -31.67
C LEU C 163 0.52 -39.27 -32.42
N GLN C 164 -0.57 -39.08 -31.68
CA GLN C 164 -1.85 -38.76 -32.27
C GLN C 164 -1.82 -37.34 -32.86
N THR C 165 -0.99 -36.47 -32.26
CA THR C 165 -0.88 -35.08 -32.69
C THR C 165 0.28 -34.83 -33.64
N GLN C 166 0.88 -35.91 -34.16
CA GLN C 166 1.99 -35.78 -35.10
C GLN C 166 1.49 -35.26 -36.46
N ASP C 167 2.35 -34.57 -37.19
CA ASP C 167 1.94 -33.83 -38.38
C ASP C 167 2.86 -34.01 -39.58
N ASP C 168 3.22 -35.25 -39.90
CA ASP C 168 3.98 -35.51 -41.13
C ASP C 168 5.47 -35.20 -40.98
N ARG C 169 5.81 -34.39 -39.98
CA ARG C 169 7.21 -34.19 -39.62
C ARG C 169 7.74 -35.45 -38.96
N PRO C 170 9.03 -35.72 -39.14
CA PRO C 170 9.69 -36.76 -38.35
C PRO C 170 9.63 -36.36 -36.88
N PHE C 171 9.81 -37.32 -35.98
CA PHE C 171 9.82 -36.99 -34.57
C PHE C 171 10.96 -37.64 -33.80
N PHE C 172 11.33 -36.99 -32.70
CA PHE C 172 12.26 -37.55 -31.73
C PHE C 172 11.60 -37.50 -30.36
N LEU C 173 11.35 -38.68 -29.80
CA LEU C 173 10.67 -38.79 -28.53
C LEU C 173 11.62 -39.27 -27.45
N TYR C 174 11.76 -38.46 -26.41
CA TYR C 174 12.66 -38.75 -25.30
C TYR C 174 11.84 -39.10 -24.06
N VAL C 175 11.83 -40.39 -23.72
CA VAL C 175 11.12 -40.87 -22.55
C VAL C 175 12.11 -41.18 -21.43
N ALA C 176 12.17 -40.28 -20.45
CA ALA C 176 13.14 -40.39 -19.37
C ALA C 176 12.45 -40.87 -18.09
N PHE C 177 12.41 -42.19 -17.91
CA PHE C 177 11.82 -42.78 -16.73
C PHE C 177 12.57 -42.30 -15.48
N HIS C 178 11.84 -42.20 -14.38
CA HIS C 178 12.46 -41.87 -13.10
C HIS C 178 12.77 -43.17 -12.36
N ASP C 179 12.07 -44.24 -12.74
CA ASP C 179 12.42 -45.58 -12.31
C ASP C 179 13.70 -46.00 -13.03
N PRO C 180 14.54 -46.82 -12.37
CA PRO C 180 14.41 -47.30 -11.01
C PRO C 180 15.24 -46.49 -9.99
N HIS C 181 14.97 -45.20 -9.90
CA HIS C 181 15.64 -44.32 -8.94
C HIS C 181 15.08 -44.55 -7.53
N ARG C 182 15.91 -44.34 -6.51
CA ARG C 182 15.49 -44.48 -5.12
C ARG C 182 14.44 -43.45 -4.78
N CYS C 183 13.79 -43.65 -3.64
CA CYS C 183 12.60 -42.92 -3.32
C CYS C 183 12.59 -42.68 -1.81
N GLY C 184 13.63 -43.20 -1.14
CA GLY C 184 13.73 -43.20 0.32
C GLY C 184 13.92 -41.84 0.98
N HIS C 185 14.74 -41.00 0.36
CA HIS C 185 14.99 -39.66 0.89
C HIS C 185 13.72 -38.80 0.77
N SER C 186 13.16 -38.76 -0.44
CA SER C 186 11.99 -37.92 -0.72
C SER C 186 10.68 -38.49 -0.17
N GLN C 187 10.32 -39.70 -0.60
CA GLN C 187 9.01 -40.27 -0.29
C GLN C 187 9.10 -41.70 0.22
N PRO C 188 9.42 -41.86 1.50
CA PRO C 188 9.61 -43.16 2.14
C PRO C 188 8.35 -44.03 2.21
N GLN C 189 7.17 -43.42 2.14
CA GLN C 189 5.92 -44.16 2.25
C GLN C 189 5.68 -45.07 1.04
N TYR C 190 6.40 -44.81 -0.05
CA TYR C 190 6.27 -45.62 -1.25
C TYR C 190 7.33 -46.72 -1.34
N GLY C 191 8.18 -46.80 -0.32
CA GLY C 191 9.25 -47.80 -0.29
C GLY C 191 10.58 -47.22 -0.70
N THR C 192 11.66 -47.99 -0.53
CA THR C 192 13.00 -47.48 -0.80
C THR C 192 13.22 -47.16 -2.28
N PHE C 193 12.51 -47.87 -3.15
CA PHE C 193 12.60 -47.61 -4.59
C PHE C 193 11.25 -47.22 -5.18
N CYS C 194 10.35 -46.74 -4.32
CA CYS C 194 8.99 -46.39 -4.74
C CYS C 194 8.28 -47.61 -5.35
N GLU C 195 8.67 -48.79 -4.90
CA GLU C 195 8.12 -50.03 -5.45
C GLU C 195 6.68 -50.27 -5.01
N LYS C 196 6.21 -49.45 -4.08
CA LYS C 196 4.85 -49.59 -3.54
C LYS C 196 3.89 -48.60 -4.20
N PHE C 197 4.44 -47.54 -4.75
CA PHE C 197 3.63 -46.53 -5.43
C PHE C 197 2.79 -47.17 -6.55
N GLY C 198 1.47 -47.04 -6.42
CA GLY C 198 0.56 -47.51 -7.45
C GLY C 198 0.33 -49.02 -7.42
N ASN C 199 0.66 -49.66 -6.31
CA ASN C 199 0.57 -51.11 -6.21
C ASN C 199 -0.83 -51.58 -5.83
N GLY C 200 -1.70 -50.64 -5.50
CA GLY C 200 -3.09 -50.98 -5.17
C GLY C 200 -3.40 -50.94 -3.69
N GLU C 201 -2.37 -51.13 -2.86
CA GLU C 201 -2.55 -51.11 -1.41
C GLU C 201 -3.02 -49.74 -0.94
N SER C 202 -3.51 -49.69 0.30
CA SER C 202 -4.03 -48.46 0.89
C SER C 202 -3.00 -47.33 0.86
N GLY C 203 -3.41 -46.18 0.33
CA GLY C 203 -2.57 -44.99 0.32
C GLY C 203 -1.57 -44.96 -0.81
N MET C 204 -1.55 -46.02 -1.62
CA MET C 204 -0.55 -46.15 -2.67
C MET C 204 -1.10 -45.75 -4.04
N GLY C 205 -2.42 -45.83 -4.19
CA GLY C 205 -3.06 -45.56 -5.46
C GLY C 205 -2.92 -46.75 -6.40
N ARG C 206 -3.37 -46.58 -7.63
CA ARG C 206 -3.31 -47.66 -8.61
C ARG C 206 -2.79 -47.18 -9.96
N ILE C 207 -1.90 -47.98 -10.54
CA ILE C 207 -1.49 -47.80 -11.92
C ILE C 207 -2.02 -48.97 -12.73
N PRO C 208 -3.18 -48.78 -13.37
CA PRO C 208 -3.94 -49.85 -14.03
C PRO C 208 -3.10 -50.74 -14.96
N ASP C 209 -2.14 -50.14 -15.66
CA ASP C 209 -1.34 -50.89 -16.63
C ASP C 209 -0.17 -51.62 -15.99
N TRP C 210 -0.02 -51.50 -14.68
CA TRP C 210 1.12 -52.11 -13.99
C TRP C 210 0.70 -53.33 -13.18
N THR C 211 1.40 -54.43 -13.40
CA THR C 211 1.22 -55.63 -12.60
C THR C 211 2.45 -55.84 -11.71
N PRO C 212 2.36 -55.39 -10.45
CA PRO C 212 3.49 -55.48 -9.51
C PRO C 212 4.09 -56.88 -9.46
N GLN C 213 5.42 -56.94 -9.36
CA GLN C 213 6.14 -58.19 -9.27
C GLN C 213 6.97 -58.22 -8.00
N ALA C 214 6.52 -58.99 -7.02
CA ALA C 214 7.25 -59.10 -5.76
C ALA C 214 8.47 -59.99 -5.91
N TYR C 215 9.51 -59.69 -5.14
CA TYR C 215 10.74 -60.48 -5.16
C TYR C 215 11.21 -60.80 -3.75
N ASP C 216 11.68 -62.02 -3.55
CA ASP C 216 12.21 -62.45 -2.26
C ASP C 216 13.66 -62.00 -2.15
N PRO C 217 14.01 -61.32 -1.05
CA PRO C 217 15.37 -60.84 -0.83
C PRO C 217 16.43 -61.95 -0.90
N LEU C 218 16.00 -63.20 -0.73
CA LEU C 218 16.93 -64.33 -0.77
C LEU C 218 17.18 -64.82 -2.19
N ASP C 219 16.42 -64.29 -3.15
CA ASP C 219 16.49 -64.76 -4.53
C ASP C 219 17.19 -63.77 -5.47
N VAL C 220 17.31 -62.52 -5.02
CA VAL C 220 17.95 -61.49 -5.84
C VAL C 220 19.43 -61.76 -5.99
N LEU C 221 20.01 -61.25 -7.07
CA LEU C 221 21.44 -61.39 -7.31
C LEU C 221 22.17 -60.22 -6.67
N VAL C 222 23.09 -60.54 -5.77
CA VAL C 222 23.88 -59.50 -5.11
C VAL C 222 25.13 -59.20 -5.91
N PRO C 223 25.17 -58.03 -6.58
CA PRO C 223 26.32 -57.63 -7.36
C PRO C 223 27.58 -57.65 -6.50
N TYR C 224 28.73 -57.87 -7.12
CA TYR C 224 29.97 -58.06 -6.38
C TYR C 224 30.32 -56.85 -5.51
N PHE C 225 29.84 -55.67 -5.89
CA PHE C 225 30.20 -54.43 -5.21
C PHE C 225 29.16 -54.01 -4.15
N VAL C 226 28.13 -54.84 -3.98
CA VAL C 226 27.11 -54.57 -2.99
C VAL C 226 27.28 -55.49 -1.79
N PRO C 227 27.28 -54.93 -0.57
CA PRO C 227 27.40 -55.73 0.64
C PRO C 227 26.34 -56.81 0.71
N ASN C 228 26.74 -58.02 1.07
CA ASN C 228 25.79 -59.12 1.16
C ASN C 228 25.16 -59.15 2.55
N THR C 229 24.20 -58.27 2.77
CA THR C 229 23.52 -58.18 4.04
C THR C 229 22.01 -58.18 3.83
N PRO C 230 21.24 -58.52 4.87
CA PRO C 230 19.79 -58.48 4.77
C PRO C 230 19.26 -57.13 4.29
N ALA C 231 19.87 -56.05 4.79
CA ALA C 231 19.43 -54.70 4.44
C ALA C 231 19.62 -54.44 2.96
N ALA C 232 20.76 -54.88 2.43
CA ALA C 232 21.08 -54.68 1.02
C ALA C 232 20.18 -55.53 0.13
N ARG C 233 19.90 -56.76 0.56
CA ARG C 233 19.06 -57.66 -0.21
C ARG C 233 17.64 -57.11 -0.28
N ALA C 234 17.21 -56.49 0.81
CA ALA C 234 15.87 -55.91 0.86
C ALA C 234 15.80 -54.77 -0.14
N ASP C 235 16.85 -53.95 -0.16
CA ASP C 235 16.97 -52.87 -1.13
C ASP C 235 16.87 -53.42 -2.56
N LEU C 236 17.57 -54.51 -2.81
CA LEU C 236 17.61 -55.09 -4.16
C LEU C 236 16.25 -55.65 -4.58
N ALA C 237 15.58 -56.31 -3.64
CA ALA C 237 14.25 -56.84 -3.90
C ALA C 237 13.30 -55.72 -4.32
N ALA C 238 13.34 -54.60 -3.59
CA ALA C 238 12.50 -53.47 -3.90
C ALA C 238 12.88 -52.91 -5.25
N GLN C 239 14.18 -52.90 -5.54
CA GLN C 239 14.66 -52.41 -6.83
C GLN C 239 14.11 -53.25 -7.96
N TYR C 240 14.19 -54.57 -7.80
CA TYR C 240 13.71 -55.50 -8.82
C TYR C 240 12.25 -55.21 -9.17
N THR C 241 11.43 -55.00 -8.16
CA THR C 241 10.01 -54.73 -8.37
C THR C 241 9.84 -53.48 -9.21
N THR C 242 10.63 -52.45 -8.90
CA THR C 242 10.52 -51.17 -9.59
C THR C 242 11.08 -51.25 -11.01
N VAL C 243 12.11 -52.07 -11.20
CA VAL C 243 12.66 -52.28 -12.53
C VAL C 243 11.60 -52.94 -13.41
N GLY C 244 10.81 -53.83 -12.80
CA GLY C 244 9.72 -54.48 -13.51
C GLY C 244 8.71 -53.47 -14.02
N ARG C 245 8.42 -52.46 -13.20
CA ARG C 245 7.48 -51.42 -13.60
C ARG C 245 8.05 -50.66 -14.79
N MET C 246 9.33 -50.35 -14.72
CA MET C 246 10.01 -49.66 -15.81
C MET C 246 9.96 -50.53 -17.07
N ASP C 247 10.17 -51.83 -16.88
CA ASP C 247 10.12 -52.78 -18.00
C ASP C 247 8.75 -52.74 -18.68
N GLN C 248 7.69 -52.74 -17.87
CA GLN C 248 6.34 -52.73 -18.39
C GLN C 248 6.03 -51.39 -19.06
N GLY C 249 6.68 -50.34 -18.57
CA GLY C 249 6.55 -49.02 -19.16
C GLY C 249 7.12 -49.03 -20.57
N VAL C 250 8.26 -49.70 -20.73
CA VAL C 250 8.90 -49.82 -22.03
C VAL C 250 7.97 -50.55 -22.99
N GLY C 251 7.32 -51.60 -22.50
CA GLY C 251 6.40 -52.37 -23.31
C GLY C 251 5.24 -51.52 -23.80
N LEU C 252 4.69 -50.71 -22.91
CA LEU C 252 3.56 -49.85 -23.24
C LEU C 252 3.94 -48.80 -24.28
N VAL C 253 5.10 -48.20 -24.10
CA VAL C 253 5.58 -47.18 -25.03
C VAL C 253 5.75 -47.75 -26.43
N LEU C 254 6.46 -48.87 -26.54
CA LEU C 254 6.67 -49.52 -27.83
C LEU C 254 5.35 -49.89 -28.48
N GLN C 255 4.40 -50.30 -27.66
CA GLN C 255 3.10 -50.71 -28.16
C GLN C 255 2.32 -49.52 -28.72
N GLU C 256 2.55 -48.34 -28.15
CA GLU C 256 1.86 -47.14 -28.61
C GLU C 256 2.33 -46.75 -30.00
N LEU C 257 3.63 -46.90 -30.25
CA LEU C 257 4.19 -46.67 -31.58
C LEU C 257 3.68 -47.72 -32.56
N ARG C 258 3.56 -48.95 -32.07
CA ARG C 258 3.06 -50.05 -32.87
C ARG C 258 1.60 -49.82 -33.26
N ASP C 259 0.83 -49.24 -32.34
CA ASP C 259 -0.58 -48.91 -32.58
C ASP C 259 -0.73 -47.70 -33.51
N ALA C 260 0.26 -46.82 -33.53
CA ALA C 260 0.23 -45.66 -34.40
C ALA C 260 0.87 -46.01 -35.76
N GLY C 261 1.37 -47.23 -35.86
CA GLY C 261 2.00 -47.71 -37.10
C GLY C 261 3.29 -46.99 -37.48
N VAL C 262 4.13 -46.68 -36.49
CA VAL C 262 5.38 -45.96 -36.76
C VAL C 262 6.61 -46.66 -36.19
N LEU C 263 6.40 -47.76 -35.48
CA LEU C 263 7.53 -48.46 -34.85
C LEU C 263 8.54 -48.91 -35.90
N ASN C 264 8.06 -49.34 -37.04
CA ASN C 264 8.92 -49.85 -38.10
C ASN C 264 9.63 -48.73 -38.86
N ASP C 265 9.38 -47.49 -38.45
CA ASP C 265 10.04 -46.34 -39.06
C ASP C 265 10.91 -45.62 -38.04
N THR C 266 11.02 -46.22 -36.86
CA THR C 266 11.61 -45.54 -35.72
C THR C 266 12.85 -46.27 -35.19
N LEU C 267 13.92 -45.51 -34.99
CA LEU C 267 15.12 -46.03 -34.35
C LEU C 267 14.90 -46.00 -32.85
N VAL C 268 14.98 -47.15 -32.21
CA VAL C 268 14.77 -47.24 -30.78
C VAL C 268 16.08 -47.50 -30.05
N ILE C 269 16.29 -46.72 -29.00
CA ILE C 269 17.47 -46.86 -28.17
C ILE C 269 17.07 -46.88 -26.70
N PHE C 270 17.55 -47.88 -25.98
CA PHE C 270 17.36 -47.95 -24.55
C PHE C 270 18.70 -47.95 -23.82
N THR C 271 18.78 -47.19 -22.74
CA THR C 271 19.98 -47.15 -21.91
C THR C 271 19.68 -46.48 -20.56
N SER C 272 20.74 -46.25 -19.77
CA SER C 272 20.58 -45.68 -18.43
C SER C 272 21.62 -44.56 -18.26
N ASP C 273 21.33 -43.58 -17.40
CA ASP C 273 22.18 -42.39 -17.29
C ASP C 273 23.42 -42.62 -16.42
N ASN C 274 23.33 -43.53 -15.46
CA ASN C 274 24.48 -43.86 -14.62
C ASN C 274 24.30 -45.17 -13.86
N GLY C 275 25.34 -45.57 -13.12
CA GLY C 275 25.32 -46.84 -12.39
C GLY C 275 24.31 -46.86 -11.26
N ILE C 276 24.06 -48.04 -10.71
CA ILE C 276 23.02 -48.21 -9.70
C ILE C 276 23.42 -47.57 -8.37
N PRO C 277 22.42 -47.11 -7.59
CA PRO C 277 22.63 -46.34 -6.36
C PRO C 277 23.04 -47.21 -5.18
N PHE C 278 24.22 -47.81 -5.30
CA PHE C 278 24.79 -48.62 -4.23
C PHE C 278 26.27 -48.26 -4.12
N PRO C 279 26.95 -48.79 -3.11
CA PRO C 279 28.37 -48.51 -2.95
C PRO C 279 29.16 -48.84 -4.21
N SER C 280 30.12 -47.98 -4.56
CA SER C 280 30.98 -48.18 -5.72
C SER C 280 30.23 -48.00 -7.03
N GLY C 281 28.92 -47.75 -6.94
CA GLY C 281 28.12 -47.46 -8.12
C GLY C 281 28.02 -45.97 -8.40
N ARG C 282 26.79 -45.47 -8.44
CA ARG C 282 26.54 -44.08 -8.76
C ARG C 282 27.54 -43.14 -8.08
N THR C 283 27.99 -42.15 -8.83
CA THR C 283 28.96 -41.14 -8.39
C THR C 283 30.42 -41.61 -8.49
N ASN C 284 30.62 -42.87 -8.85
CA ASN C 284 31.96 -43.41 -9.04
C ASN C 284 32.30 -43.58 -10.52
N LEU C 285 33.59 -43.49 -10.85
CA LEU C 285 34.05 -43.83 -12.18
C LEU C 285 34.61 -45.26 -12.21
N TYR C 286 34.27 -46.04 -11.19
CA TYR C 286 34.57 -47.47 -11.21
C TYR C 286 33.57 -48.11 -12.18
N TRP C 287 33.87 -49.34 -12.61
CA TRP C 287 33.06 -50.00 -13.61
C TRP C 287 31.58 -49.93 -13.23
N PRO C 288 31.25 -50.28 -11.98
CA PRO C 288 29.86 -50.30 -11.50
C PRO C 288 29.15 -48.96 -11.60
N GLY C 289 29.91 -47.88 -11.63
CA GLY C 289 29.32 -46.53 -11.63
C GLY C 289 29.07 -45.96 -13.03
N THR C 290 29.72 -46.54 -14.03
CA THR C 290 29.66 -45.99 -15.39
C THR C 290 29.17 -47.01 -16.43
N ALA C 291 29.32 -48.30 -16.12
CA ALA C 291 28.80 -49.34 -17.00
C ALA C 291 27.29 -49.21 -17.10
N GLU C 292 26.77 -49.23 -18.33
CA GLU C 292 25.33 -49.04 -18.55
C GLU C 292 24.82 -50.02 -19.60
N PRO C 293 23.55 -50.44 -19.45
CA PRO C 293 22.91 -51.24 -20.49
C PRO C 293 22.65 -50.39 -21.72
N LEU C 294 22.67 -51.02 -22.90
CA LEU C 294 22.43 -50.30 -24.14
C LEU C 294 21.88 -51.24 -25.20
N LEU C 295 20.71 -50.89 -25.72
CA LEU C 295 20.10 -51.61 -26.82
C LEU C 295 19.83 -50.63 -27.96
N VAL C 296 20.16 -51.06 -29.18
CA VAL C 296 19.90 -50.22 -30.35
C VAL C 296 19.15 -51.03 -31.41
N SER C 297 17.94 -50.60 -31.71
CA SER C 297 17.09 -51.29 -32.69
C SER C 297 16.80 -50.43 -33.89
N SER C 298 17.38 -50.79 -35.03
CA SER C 298 17.13 -50.11 -36.28
C SER C 298 16.28 -51.00 -37.17
N PRO C 299 15.10 -50.51 -37.57
CA PRO C 299 14.21 -51.27 -38.44
C PRO C 299 14.78 -51.42 -39.85
N GLU C 300 15.83 -50.67 -40.14
CA GLU C 300 16.43 -50.70 -41.47
C GLU C 300 17.67 -51.59 -41.50
N HIS C 301 18.19 -51.93 -40.33
CA HIS C 301 19.38 -52.77 -40.22
C HIS C 301 19.16 -53.89 -39.22
N PRO C 302 18.34 -54.87 -39.58
CA PRO C 302 18.00 -55.99 -38.72
C PRO C 302 19.01 -57.13 -38.82
N LYS C 303 20.07 -56.93 -39.59
CA LYS C 303 21.07 -57.97 -39.80
C LYS C 303 21.57 -58.52 -38.48
N ARG C 304 21.75 -57.65 -37.49
CA ARG C 304 22.36 -58.05 -36.23
C ARG C 304 21.38 -57.98 -35.06
N TRP C 305 20.09 -58.12 -35.37
CA TRP C 305 19.05 -58.19 -34.35
C TRP C 305 19.24 -59.41 -33.47
N GLY C 306 19.23 -59.22 -32.15
CA GLY C 306 19.36 -60.32 -31.20
C GLY C 306 20.80 -60.74 -30.96
N GLN C 307 21.74 -59.95 -31.46
CA GLN C 307 23.16 -60.25 -31.28
C GLN C 307 23.79 -59.39 -30.18
N VAL C 308 25.00 -59.76 -29.78
CA VAL C 308 25.73 -59.03 -28.75
C VAL C 308 27.04 -58.44 -29.30
N SER C 309 27.24 -57.15 -29.06
CA SER C 309 28.44 -56.45 -29.52
C SER C 309 29.46 -56.32 -28.38
N GLU C 310 30.73 -56.47 -28.73
CA GLU C 310 31.79 -56.41 -27.74
C GLU C 310 32.48 -55.05 -27.78
N ALA C 311 32.06 -54.20 -28.71
CA ALA C 311 32.70 -52.91 -28.92
C ALA C 311 32.49 -51.99 -27.73
N TYR C 312 33.53 -51.22 -27.40
CA TYR C 312 33.46 -50.27 -26.31
C TYR C 312 32.87 -48.95 -26.79
N VAL C 313 31.73 -48.58 -26.23
CA VAL C 313 30.98 -47.42 -26.67
C VAL C 313 30.60 -46.53 -25.50
N SER C 314 30.23 -45.29 -25.80
CA SER C 314 29.91 -44.30 -24.78
C SER C 314 28.59 -43.63 -25.08
N LEU C 315 27.92 -43.12 -24.05
CA LEU C 315 26.71 -42.34 -24.23
C LEU C 315 27.00 -41.06 -25.02
N LEU C 316 28.28 -40.71 -25.12
CA LEU C 316 28.69 -39.58 -25.96
C LEU C 316 28.48 -39.92 -27.43
N ASP C 317 28.18 -41.19 -27.71
CA ASP C 317 27.98 -41.65 -29.08
C ASP C 317 26.54 -41.50 -29.53
N LEU C 318 25.64 -41.23 -28.59
CA LEU C 318 24.21 -41.20 -28.87
C LEU C 318 23.80 -40.00 -29.73
N THR C 319 24.24 -38.80 -29.35
CA THR C 319 23.93 -37.61 -30.12
C THR C 319 24.40 -37.78 -31.57
N PRO C 320 25.66 -38.18 -31.76
CA PRO C 320 26.21 -38.44 -33.09
C PRO C 320 25.42 -39.51 -33.85
N THR C 321 24.97 -40.53 -33.12
CA THR C 321 24.22 -41.62 -33.71
C THR C 321 22.88 -41.12 -34.23
N ILE C 322 22.17 -40.36 -33.40
CA ILE C 322 20.85 -39.86 -33.76
C ILE C 322 20.94 -38.80 -34.86
N LEU C 323 21.95 -37.93 -34.78
CA LEU C 323 22.19 -36.97 -35.85
C LEU C 323 22.43 -37.72 -37.17
N ASP C 324 23.23 -38.78 -37.10
CA ASP C 324 23.52 -39.59 -38.27
C ASP C 324 22.24 -40.19 -38.83
N TRP C 325 21.38 -40.64 -37.93
CA TRP C 325 20.11 -41.26 -38.30
C TRP C 325 19.23 -40.29 -39.10
N PHE C 326 19.21 -39.03 -38.68
CA PHE C 326 18.43 -38.00 -39.35
C PHE C 326 19.23 -37.28 -40.44
N SER C 327 20.47 -37.71 -40.65
CA SER C 327 21.32 -37.10 -41.67
C SER C 327 21.55 -35.62 -41.38
N ILE C 328 21.75 -35.30 -40.11
CA ILE C 328 22.02 -33.93 -39.70
C ILE C 328 23.47 -33.82 -39.26
N PRO C 329 24.24 -32.95 -39.93
CA PRO C 329 25.64 -32.74 -39.57
C PRO C 329 25.79 -31.82 -38.37
N TYR C 330 26.82 -32.04 -37.58
CA TYR C 330 27.10 -31.17 -36.45
C TYR C 330 27.68 -29.88 -36.99
N PRO C 331 27.04 -28.75 -36.63
CA PRO C 331 27.45 -27.46 -37.15
C PRO C 331 28.81 -27.03 -36.62
N SER C 332 29.48 -26.16 -37.36
CA SER C 332 30.75 -25.60 -36.96
C SER C 332 30.51 -24.35 -36.13
N TYR C 333 30.79 -24.42 -34.84
CA TYR C 333 30.62 -23.26 -33.96
C TYR C 333 31.54 -23.33 -32.75
N ALA C 334 31.60 -22.23 -32.01
CA ALA C 334 32.40 -22.18 -30.80
C ALA C 334 31.52 -21.73 -29.63
N ILE C 335 31.89 -22.15 -28.43
CA ILE C 335 31.22 -21.66 -27.24
C ILE C 335 31.97 -20.45 -26.72
N PHE C 336 33.28 -20.60 -26.54
CA PHE C 336 34.12 -19.49 -26.12
C PHE C 336 35.22 -19.26 -27.15
N GLY C 337 35.59 -18.00 -27.34
CA GLY C 337 36.62 -17.64 -28.30
C GLY C 337 36.37 -18.28 -29.65
N SER C 338 37.45 -18.68 -30.31
CA SER C 338 37.36 -19.32 -31.62
C SER C 338 37.54 -20.83 -31.47
N LYS C 339 37.52 -21.31 -30.23
CA LYS C 339 37.70 -22.72 -29.94
C LYS C 339 36.54 -23.54 -30.51
N THR C 340 36.65 -23.91 -31.78
CA THR C 340 35.62 -24.69 -32.45
C THR C 340 35.34 -26.00 -31.70
N ILE C 341 34.07 -26.38 -31.68
CA ILE C 341 33.63 -27.56 -30.96
C ILE C 341 33.46 -28.74 -31.91
N HIS C 342 34.03 -29.89 -31.54
CA HIS C 342 33.80 -31.11 -32.28
C HIS C 342 33.50 -32.29 -31.33
N LEU C 343 32.70 -33.23 -31.80
CA LEU C 343 32.31 -34.38 -31.00
C LEU C 343 33.41 -35.45 -31.02
N THR C 344 33.65 -36.06 -29.87
CA THR C 344 34.62 -37.15 -29.77
C THR C 344 33.94 -38.51 -29.91
N GLY C 345 32.62 -38.52 -29.74
CA GLY C 345 31.85 -39.74 -29.95
C GLY C 345 31.71 -40.05 -31.42
N ARG C 346 31.05 -41.15 -31.73
CA ARG C 346 30.82 -41.54 -33.12
C ARG C 346 29.47 -42.21 -33.26
N SER C 347 28.96 -42.24 -34.48
CA SER C 347 27.70 -42.92 -34.74
C SER C 347 27.86 -44.41 -34.50
N LEU C 348 26.87 -45.01 -33.85
CA LEU C 348 26.91 -46.45 -33.60
C LEU C 348 26.26 -47.23 -34.74
N LEU C 349 25.66 -46.51 -35.68
CA LEU C 349 24.93 -47.14 -36.77
C LEU C 349 25.76 -48.20 -37.51
N PRO C 350 27.02 -47.87 -37.82
CA PRO C 350 27.89 -48.82 -38.54
C PRO C 350 28.04 -50.16 -37.83
N ALA C 351 27.93 -50.15 -36.50
CA ALA C 351 28.05 -51.39 -35.71
C ALA C 351 26.84 -52.29 -35.92
N LEU C 352 25.74 -51.71 -36.39
CA LEU C 352 24.51 -52.46 -36.61
C LEU C 352 24.64 -53.34 -37.85
N GLU C 353 25.70 -53.12 -38.61
CA GLU C 353 25.94 -53.87 -39.85
C GLU C 353 27.12 -54.81 -39.70
N ALA C 354 28.18 -54.33 -39.07
CA ALA C 354 29.37 -55.15 -38.84
C ALA C 354 30.05 -54.75 -37.53
N GLU C 355 30.57 -55.75 -36.84
CA GLU C 355 31.24 -55.53 -35.57
C GLU C 355 32.55 -54.78 -35.77
N PRO C 356 32.69 -53.61 -35.12
CA PRO C 356 33.90 -52.81 -35.15
C PRO C 356 34.86 -53.16 -34.02
N LEU C 357 36.03 -52.53 -34.03
CA LEU C 357 37.07 -52.84 -33.05
C LEU C 357 37.27 -51.72 -32.03
N TRP C 358 36.29 -50.83 -31.90
CA TRP C 358 36.39 -49.73 -30.94
C TRP C 358 36.72 -50.27 -29.55
N ALA C 359 37.72 -49.69 -28.90
CA ALA C 359 38.21 -50.24 -27.64
C ALA C 359 38.41 -49.21 -26.53
N THR C 360 38.16 -47.94 -26.85
CA THR C 360 38.50 -46.87 -25.92
C THR C 360 37.30 -46.02 -25.53
N VAL C 361 37.13 -45.78 -24.23
CA VAL C 361 36.10 -44.87 -23.73
C VAL C 361 36.64 -44.03 -22.59
N PHE C 362 36.13 -42.82 -22.45
CA PHE C 362 36.62 -41.89 -21.44
C PHE C 362 35.56 -41.57 -20.39
N GLY C 363 36.00 -40.98 -19.28
CA GLY C 363 35.09 -40.55 -18.23
C GLY C 363 35.56 -39.24 -17.62
N SER C 364 34.61 -38.38 -17.26
CA SER C 364 34.93 -37.11 -16.59
C SER C 364 33.81 -36.67 -15.68
N GLN C 365 34.16 -36.43 -14.42
CA GLN C 365 33.20 -35.99 -13.43
C GLN C 365 33.86 -34.96 -12.53
N SER C 366 33.13 -33.90 -12.22
CA SER C 366 33.65 -32.85 -11.36
C SER C 366 32.85 -32.80 -10.06
N HIS C 367 31.69 -32.16 -10.11
CA HIS C 367 30.78 -32.15 -8.96
C HIS C 367 29.69 -33.20 -9.14
N HIS C 368 29.01 -33.48 -8.04
CA HIS C 368 27.70 -34.10 -8.06
C HIS C 368 26.78 -33.03 -7.45
N GLU C 369 26.60 -33.08 -6.14
CA GLU C 369 26.05 -31.94 -5.42
C GLU C 369 27.13 -30.87 -5.39
N VAL C 370 26.73 -29.62 -5.19
CA VAL C 370 27.69 -28.52 -5.27
C VAL C 370 28.71 -28.64 -4.14
N THR C 371 28.31 -29.29 -3.06
CA THR C 371 29.18 -29.45 -1.90
C THR C 371 30.12 -30.65 -2.10
N MET C 372 29.86 -31.43 -3.15
CA MET C 372 30.67 -32.61 -3.44
C MET C 372 31.66 -32.36 -4.57
N SER C 373 32.84 -31.86 -4.23
CA SER C 373 33.86 -31.56 -5.23
C SER C 373 34.98 -32.61 -5.22
N TYR C 374 34.84 -33.62 -6.07
CA TYR C 374 35.80 -34.71 -6.12
C TYR C 374 35.99 -35.09 -7.57
N PRO C 375 36.71 -34.25 -8.32
CA PRO C 375 36.85 -34.46 -9.74
C PRO C 375 37.58 -35.75 -10.06
N MET C 376 37.06 -36.50 -11.02
CA MET C 376 37.69 -37.72 -11.48
C MET C 376 37.72 -37.74 -13.00
N ARG C 377 38.77 -38.34 -13.54
CA ARG C 377 38.93 -38.46 -14.98
C ARG C 377 39.38 -39.90 -15.24
N SER C 378 38.81 -40.53 -16.26
CA SER C 378 39.13 -41.93 -16.52
C SER C 378 39.31 -42.21 -18.01
N VAL C 379 40.07 -43.27 -18.29
CA VAL C 379 40.22 -43.76 -19.64
C VAL C 379 40.23 -45.28 -19.60
N GLN C 380 39.51 -45.90 -20.51
CA GLN C 380 39.46 -47.34 -20.56
C GLN C 380 39.85 -47.86 -21.94
N HIS C 381 40.86 -48.73 -22.00
CA HIS C 381 41.21 -49.41 -23.21
C HIS C 381 40.98 -50.90 -23.01
N ARG C 382 39.93 -51.41 -23.62
CA ARG C 382 39.48 -52.77 -23.36
C ARG C 382 39.30 -52.99 -21.85
N HIS C 383 40.02 -53.96 -21.29
CA HIS C 383 39.82 -54.34 -19.90
C HIS C 383 40.64 -53.50 -18.93
N PHE C 384 41.50 -52.64 -19.45
CA PHE C 384 42.30 -51.77 -18.60
C PHE C 384 41.58 -50.47 -18.35
N ARG C 385 41.40 -50.12 -17.08
CA ARG C 385 40.78 -48.86 -16.72
C ARG C 385 41.72 -48.05 -15.83
N LEU C 386 41.86 -46.77 -16.14
CA LEU C 386 42.67 -45.86 -15.35
C LEU C 386 41.81 -44.72 -14.84
N VAL C 387 41.82 -44.52 -13.53
CA VAL C 387 41.06 -43.44 -12.93
C VAL C 387 42.01 -42.47 -12.25
N HIS C 388 41.80 -41.18 -12.48
CA HIS C 388 42.58 -40.14 -11.83
C HIS C 388 41.69 -39.37 -10.87
N ASN C 389 42.05 -39.39 -9.60
CA ASN C 389 41.30 -38.68 -8.57
C ASN C 389 42.02 -37.39 -8.20
N LEU C 390 41.53 -36.27 -8.73
CA LEU C 390 42.22 -34.99 -8.61
C LEU C 390 42.28 -34.44 -7.19
N ASN C 391 41.27 -34.74 -6.38
CA ASN C 391 41.28 -34.28 -4.98
C ASN C 391 41.46 -35.44 -3.99
N PHE C 392 42.33 -36.37 -4.35
CA PHE C 392 42.41 -37.68 -3.68
C PHE C 392 42.71 -37.62 -2.19
N LYS C 393 43.36 -36.56 -1.72
CA LYS C 393 43.76 -36.49 -0.31
C LYS C 393 42.57 -36.22 0.63
N MET C 394 41.47 -35.72 0.07
CA MET C 394 40.26 -35.56 0.87
C MET C 394 39.35 -36.76 0.67
N PRO C 395 38.45 -37.01 1.63
CA PRO C 395 37.59 -38.19 1.53
C PRO C 395 36.52 -38.08 0.44
N PHE C 396 36.28 -39.21 -0.23
CA PHE C 396 35.22 -39.32 -1.21
C PHE C 396 33.91 -38.90 -0.55
N PRO C 397 33.20 -37.93 -1.16
CA PRO C 397 31.96 -37.41 -0.59
C PRO C 397 30.76 -38.30 -0.88
N ILE C 398 29.79 -38.31 0.04
CA ILE C 398 28.59 -39.11 -0.07
C ILE C 398 27.39 -38.19 -0.23
N ASP C 399 26.51 -38.48 -1.19
CA ASP C 399 25.36 -37.62 -1.45
C ASP C 399 24.25 -37.86 -0.42
N GLN C 400 23.40 -36.85 -0.26
CA GLN C 400 22.38 -36.85 0.79
C GLN C 400 21.34 -37.95 0.62
N ASP C 401 21.05 -38.31 -0.63
CA ASP C 401 20.03 -39.32 -0.91
C ASP C 401 20.55 -40.71 -0.59
N PHE C 402 21.78 -40.99 -0.99
CA PHE C 402 22.36 -42.31 -0.77
C PHE C 402 22.67 -42.56 0.70
N TYR C 403 23.03 -41.50 1.42
CA TYR C 403 23.42 -41.62 2.81
C TYR C 403 22.35 -42.32 3.64
N VAL C 404 21.07 -42.00 3.36
CA VAL C 404 19.96 -42.55 4.14
C VAL C 404 19.45 -43.87 3.59
N SER C 405 20.11 -44.41 2.57
CA SER C 405 19.73 -45.71 2.04
C SER C 405 20.00 -46.77 3.09
N PRO C 406 19.11 -47.76 3.19
CA PRO C 406 19.35 -48.86 4.12
C PRO C 406 20.72 -49.52 3.90
N THR C 407 21.13 -49.64 2.64
CA THR C 407 22.39 -50.30 2.30
C THR C 407 23.58 -49.57 2.93
N PHE C 408 23.64 -48.25 2.75
CA PHE C 408 24.74 -47.47 3.31
C PHE C 408 24.64 -47.36 4.84
N GLN C 409 23.44 -47.08 5.34
CA GLN C 409 23.20 -47.02 6.78
C GLN C 409 23.70 -48.28 7.46
N ASP C 410 23.37 -49.42 6.86
CA ASP C 410 23.81 -50.70 7.38
C ASP C 410 25.34 -50.80 7.35
N LEU C 411 25.93 -50.43 6.22
CA LEU C 411 27.38 -50.45 6.06
C LEU C 411 28.06 -49.54 7.08
N LEU C 412 27.52 -48.34 7.22
CA LEU C 412 28.05 -47.37 8.17
C LEU C 412 27.92 -47.91 9.60
N ASN C 413 26.77 -48.50 9.90
CA ASN C 413 26.50 -49.05 11.24
C ASN C 413 27.49 -50.14 11.61
N ARG C 414 27.67 -51.11 10.72
CA ARG C 414 28.57 -52.22 10.97
C ARG C 414 30.02 -51.74 11.08
N THR C 415 30.40 -50.82 10.20
CA THR C 415 31.75 -50.29 10.22
C THR C 415 32.04 -49.61 11.55
N THR C 416 31.09 -48.79 12.00
CA THR C 416 31.25 -48.05 13.24
C THR C 416 31.34 -48.98 14.44
N ALA C 417 30.65 -50.11 14.36
CA ALA C 417 30.61 -51.05 15.46
C ALA C 417 31.79 -52.01 15.40
N GLY C 418 32.61 -51.88 14.36
CA GLY C 418 33.77 -52.74 14.18
C GLY C 418 33.38 -54.18 13.89
N GLN C 419 32.22 -54.36 13.25
CA GLN C 419 31.79 -55.69 12.85
C GLN C 419 31.98 -55.90 11.36
N PRO C 420 32.06 -57.17 10.93
CA PRO C 420 32.14 -57.52 9.52
C PRO C 420 30.99 -56.93 8.71
N THR C 421 31.31 -56.36 7.55
CA THR C 421 30.35 -55.63 6.74
C THR C 421 29.76 -56.48 5.61
N GLY C 422 30.46 -57.56 5.26
CA GLY C 422 30.08 -58.37 4.10
C GLY C 422 30.34 -57.63 2.80
N TRP C 423 31.26 -56.68 2.84
CA TRP C 423 31.55 -55.83 1.68
C TRP C 423 32.96 -56.08 1.17
N TYR C 424 33.15 -56.03 -0.15
CA TYR C 424 34.43 -56.34 -0.77
C TYR C 424 35.48 -55.24 -0.53
N LYS C 425 35.04 -54.12 0.03
CA LYS C 425 35.95 -53.06 0.44
C LYS C 425 35.65 -52.65 1.87
N ASP C 426 36.39 -51.66 2.36
CA ASP C 426 36.04 -51.02 3.63
C ASP C 426 35.94 -49.52 3.42
N LEU C 427 35.20 -48.85 4.29
CA LEU C 427 34.92 -47.43 4.11
C LEU C 427 36.19 -46.58 4.07
N ARG C 428 37.20 -46.99 4.83
CA ARG C 428 38.46 -46.24 4.87
C ARG C 428 39.04 -46.10 3.46
N HIS C 429 39.07 -47.21 2.71
CA HIS C 429 39.64 -47.22 1.36
C HIS C 429 38.64 -46.72 0.31
N TYR C 430 37.37 -46.64 0.69
CA TYR C 430 36.37 -46.04 -0.19
C TYR C 430 36.48 -44.53 -0.12
N TYR C 431 36.82 -44.02 1.06
CA TYR C 431 36.96 -42.58 1.30
C TYR C 431 38.32 -42.09 0.81
N TYR C 432 39.39 -42.75 1.22
CA TYR C 432 40.74 -42.33 0.87
C TYR C 432 41.35 -43.21 -0.21
N ARG C 433 41.40 -42.66 -1.42
CA ARG C 433 41.84 -43.40 -2.59
C ARG C 433 43.19 -42.90 -3.09
N ALA C 434 43.84 -43.70 -3.91
CA ALA C 434 45.10 -43.30 -4.52
C ALA C 434 44.81 -42.30 -5.64
N ARG C 435 45.77 -41.44 -5.94
CA ARG C 435 45.61 -40.44 -6.96
C ARG C 435 45.35 -41.11 -8.31
N TRP C 436 46.08 -42.19 -8.56
CA TRP C 436 45.92 -42.94 -9.78
C TRP C 436 45.53 -44.37 -9.46
N GLU C 437 44.44 -44.82 -10.07
CA GLU C 437 43.97 -46.19 -9.91
C GLU C 437 43.98 -46.89 -11.26
N LEU C 438 44.78 -47.94 -11.38
CA LEU C 438 44.90 -48.70 -12.63
C LEU C 438 44.46 -50.14 -12.42
N TYR C 439 43.48 -50.58 -13.19
CA TYR C 439 42.91 -51.91 -13.02
C TYR C 439 42.87 -52.70 -14.32
N ASP C 440 43.16 -53.99 -14.21
CA ASP C 440 43.01 -54.91 -15.32
C ASP C 440 41.86 -55.85 -15.00
N ARG C 441 40.70 -55.58 -15.59
CA ARG C 441 39.47 -56.29 -15.23
C ARG C 441 39.43 -57.71 -15.78
N SER C 442 40.38 -58.06 -16.64
CA SER C 442 40.48 -59.43 -17.15
C SER C 442 41.09 -60.34 -16.08
N ARG C 443 41.78 -59.73 -15.13
CA ARG C 443 42.39 -60.46 -14.01
C ARG C 443 41.74 -60.06 -12.70
N ASP C 444 41.26 -58.82 -12.64
CA ASP C 444 40.72 -58.26 -11.41
C ASP C 444 39.44 -57.46 -11.71
N PRO C 445 38.34 -58.17 -11.98
CA PRO C 445 37.07 -57.52 -12.33
C PRO C 445 36.50 -56.67 -11.20
N HIS C 446 36.79 -57.03 -9.95
CA HIS C 446 36.31 -56.25 -8.80
C HIS C 446 37.05 -54.94 -8.67
N GLU C 447 38.12 -54.78 -9.45
CA GLU C 447 38.92 -53.57 -9.41
C GLU C 447 39.43 -53.30 -7.99
N THR C 448 40.12 -54.27 -7.40
CA THR C 448 40.65 -54.12 -6.04
C THR C 448 42.18 -54.18 -6.00
N GLN C 449 42.79 -54.53 -7.13
CA GLN C 449 44.24 -54.60 -7.21
C GLN C 449 44.80 -53.46 -8.06
N ASN C 450 45.14 -52.36 -7.40
CA ASN C 450 45.69 -51.20 -8.08
C ASN C 450 47.10 -51.49 -8.60
N LEU C 451 47.31 -51.25 -9.89
CA LEU C 451 48.58 -51.57 -10.53
C LEU C 451 49.43 -50.33 -10.75
N ALA C 452 48.91 -49.16 -10.37
CA ALA C 452 49.54 -47.89 -10.72
C ALA C 452 50.93 -47.73 -10.14
N THR C 453 51.17 -48.31 -8.96
CA THR C 453 52.47 -48.17 -8.31
C THR C 453 53.40 -49.32 -8.66
N ASP C 454 52.87 -50.32 -9.36
CA ASP C 454 53.67 -51.45 -9.78
C ASP C 454 54.51 -51.05 -10.99
N PRO C 455 55.84 -51.06 -10.82
CA PRO C 455 56.78 -50.62 -11.86
C PRO C 455 56.65 -51.41 -13.16
N ARG C 456 56.12 -52.62 -13.08
CA ARG C 456 55.97 -53.46 -14.26
C ARG C 456 54.94 -52.87 -15.21
N PHE C 457 54.09 -51.98 -14.72
CA PHE C 457 53.03 -51.40 -15.54
C PHE C 457 53.25 -49.93 -15.85
N ALA C 458 54.49 -49.46 -15.71
CA ALA C 458 54.82 -48.07 -15.95
C ALA C 458 54.51 -47.65 -17.39
N GLN C 459 54.89 -48.47 -18.35
CA GLN C 459 54.68 -48.16 -19.75
C GLN C 459 53.20 -48.06 -20.09
N LEU C 460 52.41 -49.00 -19.60
CA LEU C 460 50.98 -48.99 -19.85
C LEU C 460 50.35 -47.78 -19.20
N LEU C 461 50.82 -47.47 -18.01
CA LEU C 461 50.32 -46.32 -17.27
C LEU C 461 50.54 -45.03 -18.05
N GLU C 462 51.76 -44.84 -18.55
CA GLU C 462 52.10 -43.66 -19.31
C GLU C 462 51.24 -43.55 -20.58
N MET C 463 51.01 -44.69 -21.23
CA MET C 463 50.22 -44.70 -22.46
C MET C 463 48.80 -44.21 -22.20
N LEU C 464 48.18 -44.74 -21.14
CA LEU C 464 46.81 -44.38 -20.82
C LEU C 464 46.70 -42.94 -20.36
N ARG C 465 47.69 -42.48 -19.60
CA ARG C 465 47.75 -41.08 -19.18
C ARG C 465 47.79 -40.15 -20.37
N ASP C 466 48.60 -40.51 -21.36
CA ASP C 466 48.73 -39.73 -22.58
C ASP C 466 47.39 -39.66 -23.32
N GLN C 467 46.70 -40.79 -23.42
CA GLN C 467 45.42 -40.84 -24.12
C GLN C 467 44.41 -39.97 -23.40
N LEU C 468 44.40 -40.06 -22.08
CA LEU C 468 43.45 -39.30 -21.27
C LEU C 468 43.68 -37.80 -21.44
N ALA C 469 44.93 -37.39 -21.27
CA ALA C 469 45.28 -35.98 -21.36
C ALA C 469 44.94 -35.40 -22.74
N LYS C 470 45.24 -36.14 -23.79
CA LYS C 470 44.93 -35.71 -25.15
C LYS C 470 43.42 -35.44 -25.30
N TRP C 471 42.60 -36.34 -24.75
CA TRP C 471 41.15 -36.16 -24.78
C TRP C 471 40.71 -34.94 -23.99
N GLN C 472 41.35 -34.72 -22.85
CA GLN C 472 41.04 -33.58 -21.99
C GLN C 472 41.29 -32.26 -22.72
N TRP C 473 42.45 -32.15 -23.36
CA TRP C 473 42.77 -30.98 -24.17
C TRP C 473 41.80 -30.83 -25.33
N GLU C 474 41.53 -31.94 -26.01
CA GLU C 474 40.65 -31.96 -27.17
C GLU C 474 39.25 -31.46 -26.82
N THR C 475 38.82 -31.70 -25.58
CA THR C 475 37.48 -31.32 -25.14
C THR C 475 37.52 -30.12 -24.17
N HIS C 476 38.62 -29.37 -24.21
CA HIS C 476 38.74 -28.14 -23.46
C HIS C 476 38.38 -28.28 -21.98
N ASP C 477 38.99 -29.27 -21.33
CA ASP C 477 38.79 -29.52 -19.90
C ASP C 477 39.52 -28.50 -19.04
N PRO C 478 38.77 -27.67 -18.30
CA PRO C 478 39.38 -26.68 -17.41
C PRO C 478 40.23 -27.30 -16.31
N TRP C 479 40.01 -28.57 -16.02
CA TRP C 479 40.72 -29.27 -14.96
C TRP C 479 41.94 -30.01 -15.48
N VAL C 480 42.31 -29.76 -16.74
CA VAL C 480 43.34 -30.55 -17.40
C VAL C 480 44.71 -30.50 -16.72
N CYS C 481 45.01 -29.42 -15.98
CA CYS C 481 46.32 -29.29 -15.34
C CYS C 481 46.26 -29.61 -13.85
N ALA C 482 45.06 -29.64 -13.30
CA ALA C 482 44.89 -29.91 -11.87
C ALA C 482 45.24 -31.36 -11.55
N PRO C 483 45.69 -31.61 -10.31
CA PRO C 483 45.82 -30.62 -9.25
C PRO C 483 47.26 -30.14 -9.05
N ASP C 484 48.19 -30.70 -9.80
CA ASP C 484 49.62 -30.39 -9.61
C ASP C 484 50.07 -29.13 -10.35
N GLY C 485 49.22 -28.60 -11.23
CA GLY C 485 49.62 -27.47 -12.05
C GLY C 485 48.51 -26.48 -12.33
N VAL C 486 48.87 -25.37 -12.97
CA VAL C 486 47.91 -24.33 -13.33
C VAL C 486 47.90 -24.15 -14.84
N LEU C 487 46.72 -23.88 -15.39
CA LEU C 487 46.56 -23.74 -16.83
C LEU C 487 46.93 -22.32 -17.27
N GLU C 488 47.94 -22.23 -18.12
CA GLU C 488 48.37 -20.97 -18.71
C GLU C 488 48.43 -21.14 -20.21
N GLU C 489 47.34 -20.79 -20.89
CA GLU C 489 47.19 -21.07 -22.30
C GLU C 489 48.23 -20.37 -23.16
N LYS C 490 48.68 -19.20 -22.72
CA LYS C 490 49.53 -18.36 -23.55
C LYS C 490 51.02 -18.70 -23.46
N LEU C 491 51.37 -19.78 -22.74
CA LEU C 491 52.77 -20.20 -22.69
C LEU C 491 52.95 -21.72 -22.73
N SER C 492 54.19 -22.18 -22.67
CA SER C 492 54.50 -23.59 -22.86
C SER C 492 55.59 -24.07 -21.89
N PRO C 493 55.34 -25.20 -21.23
CA PRO C 493 54.10 -25.96 -21.39
C PRO C 493 52.88 -25.20 -20.83
N GLN C 494 51.69 -25.53 -21.32
CA GLN C 494 50.49 -24.85 -20.91
C GLN C 494 50.12 -25.16 -19.47
N CYS C 495 50.55 -26.32 -18.98
CA CYS C 495 50.38 -26.66 -17.57
C CYS C 495 51.64 -26.29 -16.80
N GLN C 496 51.52 -25.30 -15.93
CA GLN C 496 52.66 -24.80 -15.16
C GLN C 496 52.61 -25.36 -13.75
N PRO C 497 53.77 -25.80 -13.24
CA PRO C 497 53.86 -26.52 -11.98
C PRO C 497 53.68 -25.63 -10.78
N LEU C 498 53.04 -26.17 -9.74
CA LEU C 498 52.84 -25.45 -8.50
C LEU C 498 53.82 -25.93 -7.43
N HIS C 499 54.42 -27.09 -7.67
CA HIS C 499 55.30 -27.70 -6.69
C HIS C 499 54.59 -27.78 -5.35
N ASN C 500 53.40 -28.36 -5.37
CA ASN C 500 52.59 -28.49 -4.15
C ASN C 500 52.63 -29.91 -3.60
N GLU C 501 53.77 -30.56 -3.75
CA GLU C 501 54.00 -31.90 -3.22
C GLU C 501 53.12 -32.90 -3.95
N LEU C 502 52.69 -32.52 -5.16
CA LEU C 502 51.97 -33.40 -6.04
C LEU C 502 52.71 -33.48 -7.37
N ARG C 503 53.01 -34.71 -7.81
CA ARG C 503 53.86 -34.95 -8.98
C ARG C 503 53.19 -34.57 -10.30
N SER C 504 53.99 -34.52 -11.37
CA SER C 504 53.49 -34.17 -12.70
C SER C 504 54.08 -35.10 -13.76
N PRO D 22 16.11 15.60 -2.35
CA PRO D 22 16.07 14.16 -2.55
C PRO D 22 17.42 13.49 -2.24
N ARG D 23 17.37 12.37 -1.53
CA ARG D 23 18.58 11.64 -1.14
C ARG D 23 19.12 10.81 -2.29
N ASN D 24 20.45 10.74 -2.38
CA ASN D 24 21.11 9.91 -3.39
C ASN D 24 22.21 9.08 -2.73
N ALA D 25 22.82 8.19 -3.52
CA ALA D 25 23.89 7.35 -3.02
C ALA D 25 24.93 7.08 -4.10
N LEU D 26 26.20 7.04 -3.69
CA LEU D 26 27.30 6.75 -4.59
C LEU D 26 28.18 5.68 -3.98
N LEU D 27 28.32 4.55 -4.69
CA LEU D 27 29.18 3.48 -4.23
C LEU D 27 30.44 3.40 -5.10
N LEU D 28 31.58 3.76 -4.50
CA LEU D 28 32.87 3.66 -5.17
C LEU D 28 33.54 2.36 -4.75
N LEU D 29 33.82 1.50 -5.71
CA LEU D 29 34.41 0.20 -5.41
C LEU D 29 35.72 0.00 -6.14
N ALA D 30 36.79 -0.15 -5.37
CA ALA D 30 38.10 -0.47 -5.93
C ALA D 30 38.22 -1.98 -6.13
N ASP D 31 38.96 -2.38 -7.15
CA ASP D 31 39.12 -3.78 -7.48
C ASP D 31 40.46 -4.30 -6.99
N ASP D 32 40.44 -5.16 -5.97
CA ASP D 32 41.67 -5.70 -5.37
C ASP D 32 42.45 -4.60 -4.65
N GLY D 33 41.74 -3.60 -4.15
CA GLY D 33 42.38 -2.47 -3.49
C GLY D 33 42.69 -2.73 -2.03
N GLY D 34 43.78 -2.13 -1.55
CA GLY D 34 44.21 -2.31 -0.17
C GLY D 34 44.29 -1.00 0.59
N PHE D 35 45.24 -0.90 1.50
CA PHE D 35 45.34 0.27 2.37
C PHE D 35 46.44 1.22 1.90
N GLU D 36 46.66 1.27 0.59
CA GLU D 36 47.66 2.15 0.02
C GLU D 36 47.10 3.56 -0.13
N SER D 37 47.02 4.28 0.98
CA SER D 37 46.57 5.67 0.96
C SER D 37 47.05 6.42 2.20
N GLY D 38 47.23 7.72 2.07
CA GLY D 38 47.58 8.56 3.20
C GLY D 38 46.53 8.47 4.29
N ALA D 39 45.28 8.27 3.88
CA ALA D 39 44.17 8.17 4.83
C ALA D 39 44.41 7.02 5.80
N TYR D 40 45.05 5.97 5.32
CA TYR D 40 45.36 4.82 6.16
C TYR D 40 46.84 4.83 6.56
N ASN D 41 47.42 6.03 6.58
CA ASN D 41 48.76 6.22 7.13
C ASN D 41 49.87 5.54 6.32
N ASN D 42 49.73 5.58 5.00
CA ASN D 42 50.82 5.19 4.11
C ASN D 42 51.44 6.45 3.49
N SER D 43 52.61 6.84 3.99
CA SER D 43 53.24 8.08 3.56
C SER D 43 54.17 7.88 2.36
N ALA D 44 54.21 6.65 1.84
CA ALA D 44 55.05 6.34 0.68
C ALA D 44 54.29 6.56 -0.63
N ILE D 45 52.97 6.69 -0.53
CA ILE D 45 52.14 6.90 -1.71
C ILE D 45 51.34 8.20 -1.59
N ALA D 46 50.93 8.74 -2.73
CA ALA D 46 50.13 9.96 -2.76
C ALA D 46 48.70 9.67 -3.26
N THR D 47 47.72 9.89 -2.37
CA THR D 47 46.31 9.70 -2.70
C THR D 47 45.49 10.85 -2.16
N PRO D 48 45.75 12.06 -2.66
CA PRO D 48 45.15 13.30 -2.15
C PRO D 48 43.62 13.33 -2.20
N HIS D 49 43.03 12.71 -3.20
N HIS D 49 43.03 12.71 -3.20
CA HIS D 49 41.59 12.74 -3.36
CA HIS D 49 41.58 12.73 -3.37
C HIS D 49 40.90 11.81 -2.36
C HIS D 49 40.90 11.82 -2.36
N LEU D 50 41.50 10.65 -2.11
CA LEU D 50 40.99 9.73 -1.11
C LEU D 50 41.18 10.32 0.27
N ASP D 51 42.32 10.97 0.46
CA ASP D 51 42.61 11.63 1.73
C ASP D 51 41.57 12.71 1.97
N ALA D 52 41.26 13.46 0.93
CA ALA D 52 40.28 14.52 1.02
C ALA D 52 38.92 13.94 1.41
N LEU D 53 38.55 12.84 0.76
CA LEU D 53 37.30 12.18 1.06
C LEU D 53 37.26 11.74 2.51
N ALA D 54 38.37 11.19 2.99
CA ALA D 54 38.47 10.71 4.37
C ALA D 54 38.23 11.81 5.40
N ARG D 55 38.59 13.04 5.05
CA ARG D 55 38.37 14.18 5.94
C ARG D 55 36.88 14.51 6.04
N ARG D 56 36.11 14.11 5.02
CA ARG D 56 34.67 14.33 5.00
C ARG D 56 33.95 13.01 5.28
N SER D 57 34.67 12.04 5.81
CA SER D 57 34.11 10.71 6.01
C SER D 57 34.46 10.16 7.38
N LEU D 58 33.72 9.11 7.77
CA LEU D 58 34.12 8.26 8.87
C LEU D 58 34.94 7.12 8.30
N LEU D 59 36.18 6.99 8.76
CA LEU D 59 37.06 5.93 8.28
C LEU D 59 36.97 4.71 9.19
N PHE D 60 36.81 3.53 8.60
CA PHE D 60 36.70 2.30 9.37
C PHE D 60 38.01 1.52 9.34
N ARG D 61 38.58 1.29 10.51
CA ARG D 61 39.85 0.59 10.61
C ARG D 61 39.65 -0.91 10.49
N ASN D 62 38.45 -1.39 10.82
CA ASN D 62 38.19 -2.82 10.89
C ASN D 62 37.01 -3.27 10.03
N ALA D 63 37.11 -3.02 8.73
CA ALA D 63 36.08 -3.44 7.79
C ALA D 63 36.56 -4.67 7.00
N PHE D 64 35.66 -5.60 6.75
CA PHE D 64 36.02 -6.85 6.08
C PHE D 64 34.98 -7.25 5.06
N THR D 65 35.46 -7.89 3.99
CA THR D 65 34.57 -8.58 3.07
C THR D 65 34.34 -9.98 3.62
N SER D 66 33.21 -10.57 3.28
CA SER D 66 32.88 -11.91 3.74
C SER D 66 33.52 -12.97 2.84
N VAL D 67 34.00 -12.56 1.67
CA VAL D 67 34.59 -13.50 0.71
C VAL D 67 35.66 -12.79 -0.12
N SER D 68 36.77 -13.48 -0.38
CA SER D 68 37.91 -12.85 -1.02
C SER D 68 38.02 -13.26 -2.48
N SER D 69 36.90 -13.14 -3.19
CA SER D 69 36.83 -13.50 -4.61
C SER D 69 35.87 -12.55 -5.31
N SER D 71 33.70 -12.00 -7.99
CA SER D 71 32.24 -12.09 -8.28
C SER D 71 31.45 -12.36 -7.01
N PRO D 72 31.88 -13.34 -6.20
CA PRO D 72 31.19 -13.63 -4.96
C PRO D 72 31.13 -12.42 -4.03
N SER D 73 32.22 -11.67 -3.95
CA SER D 73 32.27 -10.50 -3.07
C SER D 73 31.31 -9.44 -3.57
N ARG D 74 31.25 -9.25 -4.88
CA ARG D 74 30.39 -8.23 -5.47
C ARG D 74 28.92 -8.61 -5.37
N ALA D 75 28.64 -9.91 -5.48
CA ALA D 75 27.29 -10.40 -5.32
C ALA D 75 26.82 -10.22 -3.86
N SER D 76 27.72 -10.52 -2.92
CA SER D 76 27.38 -10.43 -1.51
C SER D 76 27.19 -8.98 -1.10
N LEU D 77 28.09 -8.11 -1.56
CA LEU D 77 27.96 -6.70 -1.23
C LEU D 77 26.67 -6.10 -1.85
N LEU D 78 26.24 -6.59 -3.01
CA LEU D 78 25.05 -6.04 -3.67
C LEU D 78 23.76 -6.73 -3.26
N THR D 79 23.85 -7.69 -2.35
CA THR D 79 22.67 -8.42 -1.89
C THR D 79 22.55 -8.39 -0.37
N GLY D 80 23.69 -8.31 0.30
CA GLY D 80 23.72 -8.42 1.76
C GLY D 80 23.70 -9.88 2.19
N LEU D 81 23.90 -10.76 1.23
CA LEU D 81 23.87 -12.20 1.49
C LEU D 81 25.24 -12.81 1.19
N PRO D 82 25.68 -13.75 2.04
CA PRO D 82 26.96 -14.43 1.80
C PRO D 82 26.89 -15.29 0.53
N GLN D 83 28.03 -15.52 -0.08
CA GLN D 83 28.08 -16.22 -1.36
C GLN D 83 27.35 -17.56 -1.33
N HIS D 84 27.41 -18.26 -0.21
CA HIS D 84 26.79 -19.58 -0.12
C HIS D 84 25.27 -19.48 -0.05
N GLN D 85 24.76 -18.26 0.11
CA GLN D 85 23.31 -18.06 0.17
C GLN D 85 22.75 -17.43 -1.10
N ASN D 86 23.49 -16.50 -1.70
CA ASN D 86 23.01 -15.85 -2.92
C ASN D 86 23.29 -16.68 -4.17
N GLY D 87 24.22 -17.62 -4.08
CA GLY D 87 24.45 -18.55 -5.19
C GLY D 87 25.68 -18.29 -6.04
N MET D 88 26.35 -17.17 -5.80
CA MET D 88 27.57 -16.86 -6.53
C MET D 88 28.72 -17.54 -5.81
N TYR D 89 28.83 -18.85 -6.01
CA TYR D 89 29.80 -19.66 -5.28
C TYR D 89 31.21 -19.43 -5.78
N GLY D 90 31.33 -18.78 -6.94
CA GLY D 90 32.65 -18.55 -7.53
C GLY D 90 32.57 -17.50 -8.61
N LEU D 91 33.58 -17.48 -9.48
CA LEU D 91 33.66 -16.47 -10.54
C LEU D 91 32.54 -16.64 -11.55
N HIS D 92 32.14 -15.53 -12.16
CA HIS D 92 30.95 -15.47 -12.99
C HIS D 92 31.22 -15.70 -14.48
N GLN D 93 32.42 -15.38 -14.94
CA GLN D 93 32.68 -15.31 -16.38
C GLN D 93 32.99 -16.64 -17.04
N ASP D 94 32.89 -16.63 -18.36
CA ASP D 94 33.08 -17.80 -19.22
C ASP D 94 32.96 -19.16 -18.53
N VAL D 95 34.09 -19.85 -18.41
CA VAL D 95 34.12 -21.24 -18.01
C VAL D 95 33.69 -21.48 -16.56
N HIS D 96 33.72 -20.42 -15.76
CA HIS D 96 33.40 -20.53 -14.33
C HIS D 96 31.89 -20.41 -14.13
N HIS D 97 31.28 -19.40 -14.75
CA HIS D 97 29.86 -19.48 -15.09
C HIS D 97 28.92 -19.51 -13.87
N PHE D 98 29.34 -18.93 -12.75
CA PHE D 98 28.47 -18.90 -11.58
C PHE D 98 27.50 -17.72 -11.61
N ASN D 99 26.25 -17.99 -11.24
CA ASN D 99 25.22 -16.97 -11.17
C ASN D 99 24.46 -17.03 -9.84
N SER D 100 23.97 -15.89 -9.39
CA SER D 100 23.10 -15.86 -8.22
C SER D 100 21.77 -16.46 -8.57
N PHE D 101 21.03 -16.93 -7.57
CA PHE D 101 19.72 -17.53 -7.80
C PHE D 101 18.73 -16.48 -8.34
N ASP D 102 17.85 -16.91 -9.25
CA ASP D 102 16.90 -16.01 -9.89
C ASP D 102 16.05 -15.21 -8.90
N LYS D 103 15.67 -15.85 -7.80
CA LYS D 103 14.74 -15.25 -6.85
C LYS D 103 15.42 -14.31 -5.85
N VAL D 104 16.73 -14.19 -5.92
CA VAL D 104 17.45 -13.26 -5.05
C VAL D 104 17.07 -11.82 -5.36
N ARG D 105 16.82 -11.03 -4.31
CA ARG D 105 16.45 -9.63 -4.47
C ARG D 105 17.61 -8.72 -4.06
N SER D 106 18.30 -8.18 -5.06
CA SER D 106 19.50 -7.41 -4.83
C SER D 106 19.19 -5.96 -4.49
N LEU D 107 20.20 -5.27 -3.99
CA LEU D 107 20.08 -3.86 -3.66
C LEU D 107 19.51 -3.06 -4.83
N PRO D 108 20.17 -3.13 -5.99
CA PRO D 108 19.75 -2.39 -7.18
C PRO D 108 18.30 -2.68 -7.59
N LEU D 109 17.88 -3.93 -7.48
CA LEU D 109 16.52 -4.30 -7.80
C LEU D 109 15.56 -3.59 -6.82
N LEU D 110 15.86 -3.70 -5.53
CA LEU D 110 15.01 -3.13 -4.49
C LEU D 110 14.94 -1.62 -4.59
N LEU D 111 16.08 -1.00 -4.94
CA LEU D 111 16.11 0.44 -5.12
C LEU D 111 15.22 0.85 -6.29
N SER D 112 15.33 0.12 -7.39
CA SER D 112 14.53 0.40 -8.58
C SER D 112 13.04 0.34 -8.24
N GLN D 113 12.64 -0.71 -7.51
CA GLN D 113 11.24 -0.91 -7.14
C GLN D 113 10.74 0.19 -6.22
N ALA D 114 11.65 0.87 -5.53
CA ALA D 114 11.28 1.95 -4.62
C ALA D 114 11.28 3.30 -5.31
N GLY D 115 11.60 3.31 -6.60
CA GLY D 115 11.57 4.54 -7.39
C GLY D 115 12.92 5.24 -7.47
N VAL D 116 13.99 4.52 -7.16
CA VAL D 116 15.34 5.08 -7.25
C VAL D 116 15.99 4.71 -8.58
N ARG D 117 16.55 5.71 -9.27
CA ARG D 117 17.26 5.47 -10.52
C ARG D 117 18.62 4.87 -10.24
N THR D 118 18.92 3.75 -10.88
CA THR D 118 20.19 3.06 -10.65
C THR D 118 21.12 3.14 -11.85
N GLY D 119 22.42 3.19 -11.56
CA GLY D 119 23.44 3.24 -12.60
C GLY D 119 24.70 2.50 -12.18
N ILE D 120 25.37 1.90 -13.16
CA ILE D 120 26.64 1.22 -12.91
C ILE D 120 27.63 1.58 -14.00
N ILE D 121 28.87 1.83 -13.60
CA ILE D 121 29.94 2.14 -14.53
C ILE D 121 31.17 1.37 -14.10
N GLY D 122 31.62 0.45 -14.97
CA GLY D 122 32.82 -0.31 -14.69
C GLY D 122 32.57 -1.81 -14.70
N LYS D 123 33.31 -2.51 -13.85
CA LYS D 123 33.27 -3.96 -13.78
C LYS D 123 32.07 -4.44 -12.98
N LYS D 124 31.22 -5.23 -13.61
CA LYS D 124 30.05 -5.79 -12.95
C LYS D 124 30.39 -7.17 -12.38
N HIS D 125 30.70 -8.11 -13.28
CA HIS D 125 31.25 -9.40 -12.89
C HIS D 125 30.28 -10.21 -12.03
N VAL D 126 28.99 -9.97 -12.23
CA VAL D 126 27.95 -10.73 -11.55
C VAL D 126 26.73 -10.87 -12.47
N GLY D 127 25.89 -11.86 -12.17
CA GLY D 127 24.67 -12.08 -12.92
C GLY D 127 23.75 -12.96 -12.11
N PRO D 128 22.55 -13.24 -12.64
CA PRO D 128 22.11 -12.77 -13.96
C PRO D 128 21.63 -11.32 -13.96
N GLU D 129 21.39 -10.78 -15.16
CA GLU D 129 20.93 -9.41 -15.31
C GLU D 129 19.63 -9.14 -14.55
N THR D 130 18.71 -10.11 -14.56
CA THR D 130 17.41 -9.92 -13.92
C THR D 130 17.55 -9.71 -12.42
N VAL D 131 18.60 -10.29 -11.84
CA VAL D 131 18.84 -10.18 -10.42
C VAL D 131 19.59 -8.89 -10.11
N TYR D 132 20.45 -8.48 -11.04
CA TYR D 132 21.28 -7.30 -10.85
C TYR D 132 21.04 -6.27 -11.95
N PRO D 133 19.81 -5.74 -12.04
CA PRO D 133 19.47 -4.81 -13.10
C PRO D 133 19.89 -3.38 -12.79
N PHE D 134 20.26 -2.64 -13.83
CA PHE D 134 20.62 -1.24 -13.70
C PHE D 134 20.00 -0.44 -14.84
N ASP D 135 19.35 0.68 -14.51
CA ASP D 135 18.72 1.52 -15.52
C ASP D 135 19.76 2.07 -16.48
N PHE D 136 20.91 2.45 -15.92
CA PHE D 136 22.02 3.02 -16.68
C PHE D 136 23.24 2.14 -16.46
N ALA D 137 23.74 1.52 -17.52
CA ALA D 137 24.78 0.52 -17.39
C ALA D 137 25.85 0.61 -18.47
N TYR D 138 27.09 0.80 -18.04
CA TYR D 138 28.24 0.72 -18.93
C TYR D 138 29.29 -0.17 -18.29
N THR D 139 29.29 -1.43 -18.70
CA THR D 139 30.12 -2.44 -18.07
C THR D 139 30.87 -3.28 -19.10
N GLU D 140 31.47 -4.37 -18.65
CA GLU D 140 32.20 -5.27 -19.53
C GLU D 140 31.23 -6.04 -20.42
N GLU D 141 29.95 -5.99 -20.06
CA GLU D 141 28.94 -6.76 -20.78
C GLU D 141 28.52 -6.07 -22.08
N ASN D 142 28.67 -4.75 -22.12
CA ASN D 142 28.31 -3.98 -23.31
C ASN D 142 29.41 -3.04 -23.77
N GLY D 143 30.66 -3.38 -23.43
CA GLY D 143 31.79 -2.54 -23.78
C GLY D 143 33.12 -3.06 -23.22
N SER D 144 34.12 -2.19 -23.21
CA SER D 144 35.47 -2.57 -22.78
C SER D 144 35.70 -2.23 -21.31
N VAL D 145 36.04 -3.23 -20.50
CA VAL D 145 36.33 -3.02 -19.08
C VAL D 145 37.57 -2.15 -18.89
N LEU D 146 38.43 -2.15 -19.91
CA LEU D 146 39.62 -1.30 -19.90
C LEU D 146 39.19 0.17 -19.89
N GLN D 147 38.24 0.51 -20.74
CA GLN D 147 37.77 1.88 -20.87
C GLN D 147 36.94 2.33 -19.68
N VAL D 148 35.90 1.56 -19.35
CA VAL D 148 34.96 1.96 -18.30
C VAL D 148 35.46 1.59 -16.91
N GLY D 149 36.60 0.89 -16.85
CA GLY D 149 37.16 0.45 -15.57
C GLY D 149 38.47 1.11 -15.21
N ARG D 150 39.24 1.53 -16.21
CA ARG D 150 40.58 2.08 -15.97
C ARG D 150 40.77 3.47 -16.58
N ASN D 151 40.06 3.76 -17.66
CA ASN D 151 40.16 5.08 -18.29
C ASN D 151 39.29 6.10 -17.55
N ILE D 152 39.89 6.78 -16.58
CA ILE D 152 39.13 7.63 -15.66
C ILE D 152 38.48 8.81 -16.35
N THR D 153 39.01 9.21 -17.50
CA THR D 153 38.40 10.24 -18.31
C THR D 153 37.06 9.75 -18.86
N ARG D 154 37.06 8.53 -19.39
CA ARG D 154 35.84 7.91 -19.89
C ARG D 154 34.84 7.77 -18.76
N ILE D 155 35.33 7.36 -17.59
CA ILE D 155 34.47 7.18 -16.43
C ILE D 155 33.85 8.50 -16.02
N LYS D 156 34.67 9.54 -15.95
CA LYS D 156 34.21 10.85 -15.52
C LYS D 156 33.13 11.39 -16.47
N LEU D 157 33.27 11.14 -17.77
CA LEU D 157 32.28 11.57 -18.76
C LEU D 157 30.98 10.77 -18.67
N LEU D 158 31.08 9.49 -18.31
CA LEU D 158 29.91 8.66 -18.15
C LEU D 158 29.13 9.05 -16.89
N VAL D 159 29.84 9.46 -15.86
CA VAL D 159 29.21 9.97 -14.65
C VAL D 159 28.48 11.28 -14.96
N ARG D 160 29.14 12.16 -15.71
CA ARG D 160 28.53 13.40 -16.14
C ARG D 160 27.24 13.13 -16.88
N LYS D 161 27.29 12.19 -17.82
CA LYS D 161 26.13 11.84 -18.62
C LYS D 161 25.00 11.33 -17.73
N PHE D 162 25.34 10.50 -16.75
CA PHE D 162 24.36 9.96 -15.82
C PHE D 162 23.62 11.08 -15.08
N LEU D 163 24.39 12.06 -14.61
CA LEU D 163 23.83 13.16 -13.83
C LEU D 163 23.04 14.13 -14.68
N GLN D 164 23.48 14.32 -15.92
CA GLN D 164 22.80 15.26 -16.82
C GLN D 164 21.43 14.72 -17.23
N THR D 165 21.30 13.40 -17.25
CA THR D 165 20.06 12.76 -17.68
C THR D 165 19.14 12.44 -16.51
N GLN D 166 19.41 13.03 -15.34
CA GLN D 166 18.60 12.78 -14.15
C GLN D 166 17.22 13.43 -14.27
N ASP D 167 16.25 12.85 -13.57
CA ASP D 167 14.94 13.45 -13.42
C ASP D 167 14.67 13.64 -11.92
N ASP D 168 13.41 13.93 -11.58
CA ASP D 168 13.07 14.24 -10.19
C ASP D 168 13.45 13.13 -9.22
N ARG D 169 13.91 11.99 -9.75
CA ARG D 169 14.14 10.80 -8.92
C ARG D 169 15.47 10.81 -8.19
N PRO D 170 15.49 10.24 -6.98
CA PRO D 170 16.76 9.95 -6.32
C PRO D 170 17.57 8.99 -7.17
N PHE D 171 18.87 8.93 -6.96
CA PHE D 171 19.69 8.00 -7.73
C PHE D 171 20.67 7.22 -6.86
N PHE D 172 21.06 6.06 -7.36
CA PHE D 172 22.13 5.27 -6.79
C PHE D 172 23.14 4.95 -7.88
N LEU D 173 24.36 5.46 -7.72
CA LEU D 173 25.38 5.31 -8.74
C LEU D 173 26.50 4.40 -8.24
N TYR D 174 26.77 3.35 -8.99
CA TYR D 174 27.73 2.34 -8.62
C TYR D 174 28.92 2.43 -9.58
N VAL D 175 30.03 2.95 -9.09
CA VAL D 175 31.25 3.05 -9.89
C VAL D 175 32.24 1.98 -9.45
N ALA D 176 32.39 0.95 -10.28
CA ALA D 176 33.27 -0.17 -9.97
C ALA D 176 34.54 -0.08 -10.79
N PHE D 177 35.54 0.61 -10.25
CA PHE D 177 36.84 0.67 -10.90
C PHE D 177 37.40 -0.72 -11.12
N HIS D 178 38.15 -0.90 -12.21
CA HIS D 178 38.90 -2.13 -12.42
C HIS D 178 40.31 -2.00 -11.85
N ASP D 179 40.75 -0.75 -11.67
CA ASP D 179 41.96 -0.48 -10.92
C ASP D 179 41.68 -0.72 -9.45
N PRO D 180 42.69 -1.17 -8.69
CA PRO D 180 44.04 -1.50 -9.12
C PRO D 180 44.26 -3.00 -9.32
N HIS D 181 43.45 -3.60 -10.20
CA HIS D 181 43.57 -5.01 -10.52
C HIS D 181 44.79 -5.26 -11.44
N ARG D 182 45.38 -6.44 -11.35
CA ARG D 182 46.53 -6.80 -12.18
C ARG D 182 46.15 -6.88 -13.65
N CYS D 183 47.15 -6.84 -14.52
CA CYS D 183 46.96 -6.96 -15.97
C CYS D 183 47.95 -7.94 -16.58
N GLY D 184 48.87 -8.44 -15.76
CA GLY D 184 49.96 -9.28 -16.26
C GLY D 184 49.54 -10.48 -17.10
N HIS D 185 48.44 -11.12 -16.71
CA HIS D 185 47.95 -12.30 -17.41
C HIS D 185 47.32 -11.90 -18.75
N SER D 186 46.37 -10.96 -18.70
CA SER D 186 45.61 -10.57 -19.87
C SER D 186 46.41 -9.70 -20.83
N GLN D 187 46.89 -8.56 -20.33
CA GLN D 187 47.54 -7.57 -21.18
C GLN D 187 48.85 -7.07 -20.57
N PRO D 188 49.93 -7.84 -20.76
CA PRO D 188 51.26 -7.55 -20.21
C PRO D 188 51.91 -6.28 -20.79
N GLN D 189 51.46 -5.85 -21.97
CA GLN D 189 52.05 -4.68 -22.61
C GLN D 189 51.75 -3.40 -21.84
N TYR D 190 50.75 -3.44 -20.97
CA TYR D 190 50.38 -2.27 -20.17
C TYR D 190 51.02 -2.29 -18.78
N GLY D 191 51.81 -3.32 -18.50
CA GLY D 191 52.47 -3.46 -17.22
C GLY D 191 51.75 -4.43 -16.29
N THR D 192 52.40 -4.77 -15.19
CA THR D 192 51.85 -5.72 -14.24
C THR D 192 50.49 -5.30 -13.69
N PHE D 193 50.31 -4.00 -13.53
CA PHE D 193 49.06 -3.46 -13.00
C PHE D 193 48.39 -2.49 -13.97
N CYS D 194 48.72 -2.62 -15.24
CA CYS D 194 48.22 -1.71 -16.26
C CYS D 194 48.62 -0.26 -15.96
N GLU D 195 49.74 -0.10 -15.27
CA GLU D 195 50.18 1.23 -14.84
C GLU D 195 50.71 2.05 -16.03
N LYS D 196 50.84 1.41 -17.19
CA LYS D 196 51.37 2.08 -18.38
C LYS D 196 50.26 2.49 -19.33
N PHE D 197 49.11 1.84 -19.21
CA PHE D 197 47.96 2.16 -20.03
C PHE D 197 47.58 3.63 -19.89
N GLY D 198 47.60 4.35 -21.00
CA GLY D 198 47.20 5.76 -21.03
C GLY D 198 48.24 6.72 -20.47
N ASN D 199 49.49 6.27 -20.36
CA ASN D 199 50.54 7.09 -19.79
C ASN D 199 51.16 8.05 -20.79
N GLY D 200 50.81 7.91 -22.07
CA GLY D 200 51.30 8.80 -23.12
C GLY D 200 52.37 8.20 -24.00
N GLU D 201 53.08 7.20 -23.49
CA GLU D 201 54.13 6.53 -24.25
C GLU D 201 53.57 5.80 -25.47
N SER D 202 54.45 5.42 -26.40
CA SER D 202 54.03 4.78 -27.64
C SER D 202 53.23 3.51 -27.37
N GLY D 203 52.07 3.41 -28.01
CA GLY D 203 51.23 2.22 -27.92
C GLY D 203 50.36 2.18 -26.70
N MET D 204 50.50 3.17 -25.83
CA MET D 204 49.80 3.17 -24.55
C MET D 204 48.54 4.04 -24.59
N GLY D 205 48.52 5.02 -25.48
CA GLY D 205 47.41 5.95 -25.56
C GLY D 205 47.52 7.02 -24.47
N ARG D 206 46.51 7.87 -24.37
CA ARG D 206 46.54 8.94 -23.38
C ARG D 206 45.20 9.10 -22.66
N ILE D 207 45.28 9.27 -21.34
CA ILE D 207 44.13 9.62 -20.54
C ILE D 207 44.32 11.03 -20.00
N PRO D 208 43.72 12.02 -20.70
CA PRO D 208 43.96 13.44 -20.44
C PRO D 208 43.86 13.84 -18.97
N ASP D 209 42.91 13.26 -18.24
CA ASP D 209 42.67 13.66 -16.86
C ASP D 209 43.62 12.96 -15.88
N TRP D 210 44.48 12.10 -16.39
CA TRP D 210 45.38 11.33 -15.53
C TRP D 210 46.82 11.82 -15.59
N THR D 211 47.38 12.10 -14.42
CA THR D 211 48.79 12.45 -14.30
C THR D 211 49.54 11.29 -13.67
N PRO D 212 50.21 10.47 -14.49
CA PRO D 212 50.93 9.31 -14.00
C PRO D 212 51.90 9.66 -12.86
N GLN D 213 51.95 8.79 -11.86
CA GLN D 213 52.83 9.00 -10.72
C GLN D 213 53.77 7.81 -10.61
N ALA D 214 55.03 8.01 -10.98
CA ALA D 214 56.02 6.95 -10.92
C ALA D 214 56.47 6.73 -9.47
N TYR D 215 56.80 5.48 -9.14
CA TYR D 215 57.29 5.16 -7.81
C TYR D 215 58.55 4.30 -7.88
N ASP D 216 59.50 4.60 -7.00
CA ASP D 216 60.73 3.81 -6.89
C ASP D 216 60.46 2.58 -6.04
N PRO D 217 60.84 1.40 -6.55
CA PRO D 217 60.64 0.14 -5.83
C PRO D 217 61.28 0.14 -4.44
N LEU D 218 62.25 1.02 -4.22
CA LEU D 218 62.92 1.10 -2.92
C LEU D 218 62.14 1.95 -1.92
N ASP D 219 61.11 2.65 -2.39
CA ASP D 219 60.36 3.58 -1.54
C ASP D 219 58.99 3.06 -1.13
N VAL D 220 58.52 2.03 -1.82
CA VAL D 220 57.21 1.46 -1.51
C VAL D 220 57.25 0.75 -0.16
N LEU D 221 56.08 0.67 0.49
CA LEU D 221 55.96 -0.08 1.74
C LEU D 221 55.63 -1.54 1.45
N VAL D 222 56.46 -2.44 1.95
CA VAL D 222 56.26 -3.87 1.76
C VAL D 222 55.43 -4.48 2.89
N PRO D 223 54.16 -4.79 2.61
CA PRO D 223 53.28 -5.40 3.60
C PRO D 223 53.90 -6.66 4.21
N TYR D 224 53.55 -6.95 5.46
CA TYR D 224 54.20 -8.03 6.19
C TYR D 224 54.05 -9.37 5.48
N PHE D 225 53.00 -9.51 4.69
CA PHE D 225 52.68 -10.79 4.05
C PHE D 225 53.22 -10.89 2.62
N VAL D 226 53.93 -9.85 2.19
CA VAL D 226 54.52 -9.83 0.86
C VAL D 226 56.02 -10.02 0.97
N PRO D 227 56.57 -10.96 0.18
CA PRO D 227 58.01 -11.21 0.16
C PRO D 227 58.81 -9.95 -0.13
N ASN D 228 59.85 -9.70 0.66
CA ASN D 228 60.69 -8.53 0.44
C ASN D 228 61.76 -8.83 -0.59
N THR D 229 61.37 -8.86 -1.86
CA THR D 229 62.29 -9.12 -2.96
C THR D 229 62.16 -8.03 -4.03
N PRO D 230 63.20 -7.87 -4.85
CA PRO D 230 63.16 -6.88 -5.93
C PRO D 230 61.94 -7.05 -6.83
N ALA D 231 61.60 -8.31 -7.13
CA ALA D 231 60.46 -8.58 -7.99
C ALA D 231 59.16 -8.10 -7.37
N ALA D 232 58.99 -8.34 -6.07
CA ALA D 232 57.78 -7.93 -5.35
C ALA D 232 57.70 -6.41 -5.23
N ARG D 233 58.84 -5.77 -4.98
CA ARG D 233 58.88 -4.32 -4.85
C ARG D 233 58.54 -3.66 -6.20
N ALA D 234 58.98 -4.27 -7.29
CA ALA D 234 58.64 -3.78 -8.62
C ALA D 234 57.13 -3.87 -8.85
N ASP D 235 56.53 -4.99 -8.45
CA ASP D 235 55.08 -5.16 -8.49
C ASP D 235 54.36 -4.06 -7.70
N LEU D 236 54.85 -3.79 -6.50
CA LEU D 236 54.24 -2.79 -5.63
C LEU D 236 54.35 -1.40 -6.22
N ALA D 237 55.50 -1.09 -6.81
CA ALA D 237 55.71 0.22 -7.44
C ALA D 237 54.70 0.44 -8.54
N ALA D 238 54.48 -0.59 -9.36
CA ALA D 238 53.50 -0.51 -10.43
C ALA D 238 52.09 -0.36 -9.86
N GLN D 239 51.83 -1.07 -8.77
CA GLN D 239 50.54 -0.99 -8.11
C GLN D 239 50.28 0.42 -7.63
N TYR D 240 51.29 1.02 -7.00
CA TYR D 240 51.16 2.37 -6.47
C TYR D 240 50.76 3.36 -7.56
N THR D 241 51.41 3.25 -8.72
CA THR D 241 51.11 4.11 -9.85
C THR D 241 49.64 3.97 -10.24
N THR D 242 49.15 2.74 -10.27
CA THR D 242 47.79 2.46 -10.71
C THR D 242 46.77 2.88 -9.65
N VAL D 243 47.13 2.73 -8.38
CA VAL D 243 46.27 3.20 -7.30
C VAL D 243 46.09 4.71 -7.40
N GLY D 244 47.16 5.40 -7.81
CA GLY D 244 47.10 6.84 -8.02
C GLY D 244 46.10 7.22 -9.09
N ARG D 245 46.04 6.43 -10.15
CA ARG D 245 45.07 6.65 -11.21
C ARG D 245 43.66 6.48 -10.66
N MET D 246 43.47 5.43 -9.88
CA MET D 246 42.18 5.17 -9.24
C MET D 246 41.82 6.33 -8.31
N ASP D 247 42.80 6.81 -7.56
CA ASP D 247 42.62 7.96 -6.67
C ASP D 247 42.12 9.18 -7.45
N GLN D 248 42.76 9.46 -8.58
CA GLN D 248 42.39 10.62 -9.40
C GLN D 248 41.01 10.41 -10.01
N GLY D 249 40.66 9.15 -10.26
CA GLY D 249 39.33 8.82 -10.76
C GLY D 249 38.27 9.17 -9.73
N VAL D 250 38.55 8.88 -8.47
CA VAL D 250 37.64 9.22 -7.38
C VAL D 250 37.44 10.73 -7.32
N GLY D 251 38.52 11.48 -7.49
CA GLY D 251 38.44 12.92 -7.47
C GLY D 251 37.54 13.45 -8.57
N LEU D 252 37.66 12.87 -9.77
CA LEU D 252 36.89 13.31 -10.91
C LEU D 252 35.41 13.02 -10.72
N VAL D 253 35.10 11.83 -10.20
CA VAL D 253 33.72 11.44 -9.94
C VAL D 253 33.05 12.38 -8.95
N LEU D 254 33.70 12.60 -7.81
CA LEU D 254 33.16 13.47 -6.78
C LEU D 254 32.96 14.86 -7.32
N GLN D 255 33.86 15.29 -8.19
CA GLN D 255 33.80 16.63 -8.78
C GLN D 255 32.60 16.75 -9.72
N GLU D 256 32.25 15.65 -10.37
CA GLU D 256 31.10 15.66 -11.27
C GLU D 256 29.80 15.85 -10.50
N LEU D 257 29.69 15.24 -9.33
CA LEU D 257 28.53 15.42 -8.48
C LEU D 257 28.53 16.84 -7.95
N ARG D 258 29.71 17.36 -7.65
CA ARG D 258 29.86 18.71 -7.14
C ARG D 258 29.44 19.73 -8.20
N ASP D 259 29.74 19.40 -9.46
CA ASP D 259 29.38 20.28 -10.59
C ASP D 259 27.88 20.20 -10.88
N ALA D 260 27.26 19.08 -10.56
CA ALA D 260 25.84 18.91 -10.78
C ALA D 260 25.07 19.39 -9.56
N GLY D 261 25.80 19.75 -8.51
CA GLY D 261 25.20 20.26 -7.28
C GLY D 261 24.38 19.23 -6.51
N VAL D 262 24.88 18.00 -6.44
CA VAL D 262 24.17 16.94 -5.74
C VAL D 262 25.02 16.23 -4.70
N LEU D 263 26.30 16.59 -4.61
CA LEU D 263 27.20 15.95 -3.67
C LEU D 263 26.71 16.10 -2.22
N ASN D 264 26.15 17.26 -1.90
CA ASN D 264 25.69 17.52 -0.54
C ASN D 264 24.36 16.84 -0.23
N ASP D 265 23.85 16.08 -1.18
CA ASP D 265 22.61 15.34 -1.00
C ASP D 265 22.87 13.86 -1.14
N THR D 266 24.14 13.51 -1.26
CA THR D 266 24.52 12.15 -1.62
C THR D 266 25.37 11.48 -0.55
N LEU D 267 24.98 10.27 -0.18
CA LEU D 267 25.77 9.44 0.70
C LEU D 267 26.87 8.78 -0.13
N VAL D 268 28.13 9.04 0.23
CA VAL D 268 29.24 8.48 -0.53
C VAL D 268 29.95 7.40 0.28
N ILE D 269 30.21 6.27 -0.38
CA ILE D 269 30.89 5.16 0.25
C ILE D 269 32.00 4.66 -0.66
N PHE D 270 33.20 4.54 -0.09
CA PHE D 270 34.31 3.94 -0.81
C PHE D 270 34.83 2.69 -0.11
N THR D 271 35.07 1.64 -0.88
CA THR D 271 35.64 0.41 -0.34
C THR D 271 36.23 -0.44 -1.46
N SER D 272 36.64 -1.67 -1.10
CA SER D 272 37.25 -2.59 -2.07
C SER D 272 36.62 -3.98 -1.92
N ASP D 273 36.60 -4.76 -3.00
CA ASP D 273 35.88 -6.04 -2.99
C ASP D 273 36.65 -7.17 -2.29
N ASN D 274 37.97 -7.12 -2.33
CA ASN D 274 38.77 -8.13 -1.65
C ASN D 274 40.21 -7.65 -1.45
N GLY D 275 41.02 -8.49 -0.80
CA GLY D 275 42.39 -8.14 -0.48
C GLY D 275 43.27 -8.06 -1.71
N ILE D 276 44.47 -7.49 -1.54
CA ILE D 276 45.38 -7.26 -2.66
C ILE D 276 45.93 -8.56 -3.23
N PRO D 277 46.25 -8.56 -4.54
CA PRO D 277 46.67 -9.75 -5.27
C PRO D 277 48.12 -10.13 -5.01
N PHE D 278 48.39 -10.53 -3.77
CA PHE D 278 49.71 -10.99 -3.36
C PHE D 278 49.52 -12.21 -2.46
N PRO D 279 50.62 -12.88 -2.10
CA PRO D 279 50.52 -14.06 -1.23
C PRO D 279 49.75 -13.76 0.06
N SER D 280 48.94 -14.70 0.50
CA SER D 280 48.13 -14.54 1.73
C SER D 280 47.05 -13.46 1.60
N GLY D 281 47.00 -12.80 0.46
CA GLY D 281 45.94 -11.83 0.18
C GLY D 281 44.72 -12.45 -0.52
N ARG D 282 44.39 -11.90 -1.68
CA ARG D 282 43.23 -12.34 -2.43
C ARG D 282 43.10 -13.87 -2.44
N THR D 283 41.86 -14.32 -2.25
CA THR D 283 41.50 -15.76 -2.20
C THR D 283 41.70 -16.39 -0.83
N ASN D 284 42.28 -15.63 0.10
CA ASN D 284 42.44 -16.10 1.47
C ASN D 284 41.45 -15.46 2.42
N LEU D 285 41.08 -16.19 3.47
CA LEU D 285 40.29 -15.61 4.55
C LEU D 285 41.20 -15.17 5.69
N TYR D 286 42.49 -15.03 5.41
CA TYR D 286 43.40 -14.43 6.36
C TYR D 286 43.14 -12.92 6.35
N TRP D 287 43.63 -12.21 7.35
CA TRP D 287 43.36 -10.79 7.47
C TRP D 287 43.65 -10.06 6.16
N PRO D 288 44.82 -10.32 5.56
CA PRO D 288 45.23 -9.63 4.33
C PRO D 288 44.27 -9.85 3.16
N GLY D 289 43.48 -10.90 3.22
CA GLY D 289 42.65 -11.29 2.08
C GLY D 289 41.24 -10.73 2.17
N THR D 290 40.85 -10.33 3.39
CA THR D 290 39.48 -9.89 3.63
C THR D 290 39.42 -8.46 4.20
N ALA D 291 40.49 -8.02 4.85
CA ALA D 291 40.55 -6.65 5.36
C ALA D 291 40.43 -5.69 4.18
N GLU D 292 39.56 -4.69 4.32
CA GLU D 292 39.30 -3.75 3.23
C GLU D 292 39.19 -2.34 3.78
N PRO D 293 39.62 -1.35 2.98
CA PRO D 293 39.40 0.04 3.34
C PRO D 293 37.92 0.38 3.24
N LEU D 294 37.46 1.27 4.10
CA LEU D 294 36.06 1.68 4.06
C LEU D 294 35.89 3.11 4.56
N LEU D 295 35.30 3.96 3.70
CA LEU D 295 34.98 5.33 4.06
C LEU D 295 33.50 5.57 3.84
N VAL D 296 32.86 6.24 4.80
CA VAL D 296 31.45 6.55 4.69
C VAL D 296 31.21 8.03 4.99
N SER D 297 30.70 8.76 4.00
CA SER D 297 30.48 10.19 4.12
C SER D 297 29.01 10.55 3.97
N SER D 298 28.39 10.96 5.07
CA SER D 298 27.00 11.39 5.07
C SER D 298 26.94 12.89 5.25
N PRO D 299 26.33 13.59 4.29
CA PRO D 299 26.19 15.05 4.37
C PRO D 299 25.23 15.47 5.48
N GLU D 300 24.50 14.51 6.05
CA GLU D 300 23.53 14.82 7.08
C GLU D 300 24.08 14.51 8.48
N HIS D 301 25.17 13.75 8.53
CA HIS D 301 25.78 13.39 9.80
C HIS D 301 27.29 13.65 9.76
N PRO D 302 27.68 14.93 9.78
CA PRO D 302 29.07 15.33 9.71
C PRO D 302 29.75 15.34 11.08
N LYS D 303 29.03 14.92 12.11
CA LYS D 303 29.57 14.96 13.47
C LYS D 303 30.92 14.27 13.56
N ARG D 304 31.07 13.16 12.84
CA ARG D 304 32.26 12.33 12.95
C ARG D 304 33.10 12.36 11.68
N TRP D 305 32.98 13.44 10.91
CA TRP D 305 33.80 13.63 9.72
C TRP D 305 35.27 13.75 10.10
N GLY D 306 36.12 12.97 9.44
CA GLY D 306 37.55 13.01 9.70
C GLY D 306 37.98 12.12 10.87
N GLN D 307 37.06 11.33 11.40
CA GLN D 307 37.35 10.46 12.53
C GLN D 307 37.57 9.02 12.08
N VAL D 308 38.11 8.21 12.98
CA VAL D 308 38.34 6.79 12.71
C VAL D 308 37.49 5.91 13.65
N SER D 309 36.79 4.94 13.07
CA SER D 309 35.98 4.02 13.84
C SER D 309 36.69 2.68 14.04
N GLU D 310 36.54 2.12 15.24
CA GLU D 310 37.22 0.88 15.60
C GLU D 310 36.26 -0.31 15.45
N ALA D 311 34.99 -0.02 15.15
CA ALA D 311 33.95 -1.05 15.10
C ALA D 311 34.21 -2.04 14.00
N TYR D 312 33.91 -3.31 14.26
CA TYR D 312 34.09 -4.36 13.28
C TYR D 312 32.87 -4.46 12.38
N VAL D 313 33.10 -4.24 11.08
CA VAL D 313 32.02 -4.16 10.12
C VAL D 313 32.33 -5.00 8.89
N SER D 314 31.28 -5.33 8.13
CA SER D 314 31.39 -6.20 6.97
C SER D 314 30.74 -5.54 5.75
N LEU D 315 31.18 -5.94 4.57
CA LEU D 315 30.55 -5.47 3.34
C LEU D 315 29.10 -5.96 3.26
N LEU D 316 28.76 -6.96 4.08
CA LEU D 316 27.38 -7.40 4.18
C LEU D 316 26.50 -6.31 4.83
N ASP D 317 27.15 -5.28 5.37
CA ASP D 317 26.44 -4.18 6.01
C ASP D 317 26.04 -3.09 5.02
N LEU D 318 26.57 -3.14 3.81
CA LEU D 318 26.39 -2.06 2.85
C LEU D 318 24.97 -2.01 2.31
N THR D 319 24.44 -3.15 1.90
CA THR D 319 23.09 -3.20 1.37
C THR D 319 22.11 -2.68 2.42
N PRO D 320 22.22 -3.18 3.67
CA PRO D 320 21.38 -2.70 4.76
C PRO D 320 21.56 -1.20 5.02
N THR D 321 22.79 -0.72 4.87
CA THR D 321 23.11 0.68 5.12
C THR D 321 22.42 1.57 4.07
N ILE D 322 22.54 1.18 2.81
CA ILE D 322 21.97 1.94 1.72
C ILE D 322 20.44 1.86 1.72
N LEU D 323 19.90 0.69 2.01
CA LEU D 323 18.46 0.56 2.18
C LEU D 323 17.97 1.49 3.29
N ASP D 324 18.72 1.53 4.40
CA ASP D 324 18.37 2.38 5.53
C ASP D 324 18.39 3.85 5.10
N TRP D 325 19.39 4.20 4.30
CA TRP D 325 19.54 5.56 3.80
C TRP D 325 18.33 6.00 3.00
N PHE D 326 17.79 5.10 2.17
CA PHE D 326 16.62 5.41 1.35
C PHE D 326 15.31 5.06 2.05
N SER D 327 15.41 4.60 3.29
CA SER D 327 14.22 4.22 4.06
C SER D 327 13.44 3.11 3.37
N ILE D 328 14.18 2.15 2.81
CA ILE D 328 13.58 1.00 2.16
C ILE D 328 13.79 -0.25 3.00
N PRO D 329 12.69 -0.91 3.40
CA PRO D 329 12.79 -2.12 4.20
C PRO D 329 13.08 -3.34 3.33
N TYR D 330 13.80 -4.31 3.88
CA TYR D 330 14.03 -5.56 3.17
C TYR D 330 12.75 -6.38 3.18
N PRO D 331 12.28 -6.78 1.99
CA PRO D 331 11.03 -7.50 1.88
C PRO D 331 11.11 -8.91 2.47
N SER D 332 9.95 -9.46 2.80
CA SER D 332 9.87 -10.81 3.31
C SER D 332 9.62 -11.76 2.15
N TYR D 333 10.61 -12.58 1.84
CA TYR D 333 10.48 -13.53 0.74
C TYR D 333 11.41 -14.72 0.92
N ALA D 334 11.22 -15.73 0.09
CA ALA D 334 12.07 -16.90 0.12
C ALA D 334 12.67 -17.15 -1.27
N ILE D 335 13.84 -17.77 -1.29
CA ILE D 335 14.43 -18.23 -2.53
C ILE D 335 13.96 -19.66 -2.80
N PHE D 336 14.10 -20.52 -1.80
CA PHE D 336 13.63 -21.89 -1.92
C PHE D 336 12.57 -22.16 -0.86
N GLY D 337 11.53 -22.90 -1.23
CA GLY D 337 10.48 -23.27 -0.30
C GLY D 337 9.95 -22.06 0.46
N SER D 338 9.74 -22.25 1.77
CA SER D 338 9.30 -21.16 2.64
C SER D 338 10.46 -20.66 3.50
N LYS D 339 11.68 -21.05 3.15
CA LYS D 339 12.87 -20.60 3.87
C LYS D 339 13.07 -19.10 3.72
N THR D 340 12.38 -18.33 4.55
CA THR D 340 12.44 -16.87 4.49
C THR D 340 13.87 -16.36 4.62
N ILE D 341 14.18 -15.30 3.87
CA ILE D 341 15.52 -14.72 3.85
C ILE D 341 15.58 -13.47 4.72
N HIS D 342 16.61 -13.38 5.55
CA HIS D 342 16.86 -12.16 6.32
C HIS D 342 18.36 -11.82 6.33
N LEU D 343 18.66 -10.52 6.39
CA LEU D 343 20.04 -10.06 6.37
C LEU D 343 20.69 -10.19 7.74
N THR D 344 21.97 -10.58 7.76
CA THR D 344 22.72 -10.69 9.00
C THR D 344 23.57 -9.43 9.24
N GLY D 345 23.71 -8.61 8.20
CA GLY D 345 24.42 -7.34 8.33
C GLY D 345 23.54 -6.31 9.01
N ARG D 346 24.05 -5.09 9.13
CA ARG D 346 23.31 -4.01 9.77
C ARG D 346 23.66 -2.70 9.11
N SER D 347 22.79 -1.71 9.27
CA SER D 347 23.10 -0.37 8.81
C SER D 347 24.28 0.19 9.59
N LEU D 348 25.20 0.86 8.88
CA LEU D 348 26.34 1.51 9.52
C LEU D 348 26.02 2.95 9.90
N LEU D 349 24.85 3.43 9.50
CA LEU D 349 24.49 4.83 9.70
C LEU D 349 24.63 5.27 11.16
N PRO D 350 24.17 4.43 12.11
CA PRO D 350 24.25 4.76 13.53
C PRO D 350 25.67 5.04 14.02
N ALA D 351 26.65 4.44 13.36
CA ALA D 351 28.06 4.65 13.71
C ALA D 351 28.53 6.05 13.32
N LEU D 352 27.81 6.67 12.40
CA LEU D 352 28.15 8.02 11.94
C LEU D 352 27.81 9.07 12.99
N GLU D 353 27.01 8.66 13.98
CA GLU D 353 26.59 9.57 15.04
C GLU D 353 27.35 9.28 16.33
N ALA D 354 27.52 8.00 16.65
CA ALA D 354 28.23 7.59 17.86
C ALA D 354 28.91 6.25 17.65
N GLU D 355 30.07 6.07 18.25
CA GLU D 355 30.83 4.83 18.15
C GLU D 355 30.14 3.66 18.85
N PRO D 356 29.87 2.58 18.11
CA PRO D 356 29.26 1.37 18.66
C PRO D 356 30.31 0.33 19.06
N LEU D 357 29.86 -0.78 19.64
CA LEU D 357 30.77 -1.82 20.13
C LEU D 357 30.72 -3.09 19.29
N TRP D 358 30.26 -3.00 18.04
CA TRP D 358 30.19 -4.16 17.16
C TRP D 358 31.55 -4.82 17.08
N ALA D 359 31.57 -6.14 17.23
CA ALA D 359 32.83 -6.85 17.36
C ALA D 359 32.93 -8.13 16.54
N THR D 360 31.83 -8.51 15.88
CA THR D 360 31.78 -9.80 15.19
C THR D 360 31.55 -9.69 13.68
N VAL D 361 32.31 -10.49 12.93
CA VAL D 361 32.22 -10.48 11.48
C VAL D 361 32.49 -11.88 10.97
N PHE D 362 31.79 -12.28 9.91
CA PHE D 362 31.91 -13.63 9.37
C PHE D 362 32.52 -13.66 7.98
N GLY D 363 32.92 -14.86 7.55
CA GLY D 363 33.48 -15.04 6.21
C GLY D 363 33.08 -16.39 5.65
N SER D 364 32.83 -16.44 4.35
CA SER D 364 32.48 -17.69 3.69
C SER D 364 32.93 -17.66 2.24
N GLN D 365 33.71 -18.65 1.85
CA GLN D 365 34.18 -18.78 0.48
C GLN D 365 34.15 -20.25 0.08
N SER D 366 33.69 -20.53 -1.14
CA SER D 366 33.62 -21.90 -1.64
C SER D 366 34.59 -22.06 -2.81
N HIS D 367 34.17 -21.64 -4.00
CA HIS D 367 35.04 -21.62 -5.16
C HIS D 367 35.65 -20.24 -5.36
N HIS D 368 36.71 -20.21 -6.16
CA HIS D 368 37.13 -18.98 -6.84
C HIS D 368 36.91 -19.27 -8.32
N GLU D 369 37.92 -19.78 -8.99
CA GLU D 369 37.73 -20.42 -10.28
C GLU D 369 36.99 -21.72 -10.02
N VAL D 370 36.29 -22.23 -11.04
CA VAL D 370 35.50 -23.44 -10.86
C VAL D 370 36.38 -24.64 -10.51
N THR D 371 37.64 -24.60 -10.95
CA THR D 371 38.59 -25.67 -10.67
C THR D 371 39.23 -25.52 -9.29
N MET D 372 38.97 -24.39 -8.63
CA MET D 372 39.51 -24.12 -7.30
C MET D 372 38.45 -24.32 -6.24
N SER D 373 38.33 -25.55 -5.75
CA SER D 373 37.38 -25.86 -4.69
C SER D 373 38.09 -26.02 -3.34
N TYR D 374 38.16 -24.92 -2.59
CA TYR D 374 38.78 -24.92 -1.27
C TYR D 374 37.91 -24.08 -0.35
N PRO D 375 36.78 -24.66 0.10
CA PRO D 375 35.83 -23.90 0.92
C PRO D 375 36.43 -23.52 2.26
N MET D 376 36.18 -22.27 2.66
CA MET D 376 36.63 -21.78 3.94
C MET D 376 35.50 -21.02 4.60
N ARG D 377 35.44 -21.11 5.93
CA ARG D 377 34.44 -20.41 6.72
C ARG D 377 35.17 -19.76 7.89
N SER D 378 34.84 -18.51 8.19
CA SER D 378 35.55 -17.81 9.25
C SER D 378 34.61 -17.00 10.14
N VAL D 379 35.03 -16.79 11.37
CA VAL D 379 34.35 -15.89 12.28
C VAL D 379 35.41 -15.08 13.02
N GLN D 380 35.17 -13.78 13.15
CA GLN D 380 36.09 -12.91 13.87
C GLN D 380 35.39 -12.19 15.00
N HIS D 381 35.92 -12.32 16.21
CA HIS D 381 35.47 -11.53 17.33
C HIS D 381 36.62 -10.63 17.79
N ARG D 382 36.52 -9.35 17.50
CA ARG D 382 37.62 -8.42 17.73
C ARG D 382 38.88 -8.93 17.05
N HIS D 383 39.93 -9.14 17.82
CA HIS D 383 41.22 -9.53 17.25
C HIS D 383 41.38 -11.04 17.08
N PHE D 384 40.40 -11.80 17.56
CA PHE D 384 40.42 -13.25 17.40
C PHE D 384 39.75 -13.67 16.10
N ARG D 385 40.48 -14.40 15.27
CA ARG D 385 39.96 -14.87 13.99
C ARG D 385 40.05 -16.39 13.93
N LEU D 386 38.96 -17.03 13.53
CA LEU D 386 38.92 -18.47 13.40
C LEU D 386 38.59 -18.83 11.96
N VAL D 387 39.44 -19.61 11.33
CA VAL D 387 39.20 -20.05 9.97
C VAL D 387 39.07 -21.56 9.92
N HIS D 388 38.04 -22.03 9.22
CA HIS D 388 37.84 -23.45 9.02
C HIS D 388 38.06 -23.81 7.55
N ASN D 389 39.05 -24.68 7.32
CA ASN D 389 39.38 -25.10 5.96
C ASN D 389 38.79 -26.47 5.68
N LEU D 390 37.66 -26.51 4.98
CA LEU D 390 36.88 -27.73 4.80
C LEU D 390 37.61 -28.80 3.99
N ASN D 391 38.48 -28.36 3.07
CA ASN D 391 39.21 -29.26 2.18
C ASN D 391 40.70 -29.28 2.52
N PHE D 392 41.01 -29.19 3.81
CA PHE D 392 42.37 -28.88 4.25
C PHE D 392 43.44 -29.89 3.81
N LYS D 393 43.07 -31.14 3.59
CA LYS D 393 44.06 -32.15 3.24
C LYS D 393 44.65 -31.97 1.84
N MET D 394 43.94 -31.25 0.97
CA MET D 394 44.46 -30.92 -0.35
C MET D 394 45.16 -29.56 -0.32
N PRO D 395 46.09 -29.34 -1.25
CA PRO D 395 46.82 -28.07 -1.28
C PRO D 395 45.97 -26.88 -1.69
N PHE D 396 46.20 -25.75 -1.04
CA PHE D 396 45.55 -24.49 -1.38
C PHE D 396 45.82 -24.20 -2.86
N PRO D 397 44.73 -24.00 -3.64
CA PRO D 397 44.86 -23.74 -5.06
C PRO D 397 45.26 -22.30 -5.39
N ILE D 398 45.98 -22.14 -6.49
CA ILE D 398 46.45 -20.84 -6.94
C ILE D 398 45.75 -20.51 -8.25
N ASP D 399 45.26 -19.28 -8.39
CA ASP D 399 44.51 -18.91 -9.60
C ASP D 399 45.46 -18.58 -10.74
N GLN D 400 44.94 -18.65 -11.97
CA GLN D 400 45.76 -18.54 -13.17
C GLN D 400 46.41 -17.16 -13.32
N ASP D 401 45.73 -16.14 -12.82
CA ASP D 401 46.21 -14.77 -13.00
C ASP D 401 47.35 -14.48 -12.04
N PHE D 402 47.20 -14.93 -10.80
CA PHE D 402 48.21 -14.66 -9.77
C PHE D 402 49.47 -15.49 -10.02
N TYR D 403 49.30 -16.67 -10.60
CA TYR D 403 50.43 -17.58 -10.81
C TYR D 403 51.55 -16.92 -11.61
N VAL D 404 51.18 -16.12 -12.61
CA VAL D 404 52.17 -15.51 -13.49
C VAL D 404 52.65 -14.15 -12.99
N SER D 405 52.21 -13.77 -11.80
CA SER D 405 52.67 -12.52 -11.23
C SER D 405 54.15 -12.66 -10.93
N PRO D 406 54.92 -11.59 -11.16
CA PRO D 406 56.33 -11.61 -10.80
C PRO D 406 56.53 -12.01 -9.34
N THR D 407 55.65 -11.56 -8.46
CA THR D 407 55.78 -11.85 -7.04
C THR D 407 55.73 -13.35 -6.76
N PHE D 408 54.74 -14.02 -7.32
CA PHE D 408 54.59 -15.46 -7.09
C PHE D 408 55.65 -16.25 -7.84
N GLN D 409 55.90 -15.87 -9.08
CA GLN D 409 56.93 -16.52 -9.88
C GLN D 409 58.26 -16.49 -9.16
N ASP D 410 58.59 -15.33 -8.60
CA ASP D 410 59.83 -15.16 -7.86
C ASP D 410 59.83 -16.08 -6.65
N LEU D 411 58.74 -16.06 -5.89
CA LEU D 411 58.60 -16.90 -4.70
C LEU D 411 58.72 -18.39 -5.08
N LEU D 412 58.02 -18.79 -6.12
CA LEU D 412 58.06 -20.16 -6.58
C LEU D 412 59.48 -20.52 -7.00
N ASN D 413 60.12 -19.63 -7.75
CA ASN D 413 61.47 -19.87 -8.25
C ASN D 413 62.47 -20.06 -7.12
N ARG D 414 62.44 -19.17 -6.14
CA ARG D 414 63.35 -19.26 -5.00
C ARG D 414 63.09 -20.52 -4.17
N THR D 415 61.82 -20.81 -3.93
CA THR D 415 61.46 -21.99 -3.18
C THR D 415 62.00 -23.24 -3.87
N THR D 416 61.81 -23.31 -5.18
CA THR D 416 62.22 -24.47 -5.95
C THR D 416 63.75 -24.62 -5.96
N ALA D 417 64.44 -23.49 -5.93
CA ALA D 417 65.89 -23.48 -5.94
C ALA D 417 66.47 -23.68 -4.54
N GLY D 418 65.58 -23.78 -3.55
CA GLY D 418 66.00 -23.99 -2.16
C GLY D 418 66.70 -22.77 -1.57
N GLN D 419 66.38 -21.59 -2.10
CA GLN D 419 66.99 -20.35 -1.65
C GLN D 419 66.04 -19.55 -0.76
N PRO D 420 66.59 -18.64 0.06
CA PRO D 420 65.78 -17.78 0.92
C PRO D 420 64.78 -16.96 0.11
N THR D 421 63.54 -16.89 0.58
CA THR D 421 62.44 -16.28 -0.16
C THR D 421 62.16 -14.85 0.31
N GLY D 422 62.58 -14.53 1.52
CA GLY D 422 62.26 -13.22 2.10
C GLY D 422 60.80 -13.14 2.50
N TRP D 423 60.18 -14.30 2.70
CA TRP D 423 58.75 -14.39 2.98
C TRP D 423 58.49 -14.89 4.40
N TYR D 424 57.46 -14.35 5.05
CA TYR D 424 57.16 -14.71 6.43
C TYR D 424 56.59 -16.12 6.57
N LYS D 425 56.31 -16.77 5.45
CA LYS D 425 55.88 -18.16 5.45
C LYS D 425 56.71 -18.95 4.43
N ASP D 426 56.41 -20.23 4.29
CA ASP D 426 56.94 -21.03 3.19
C ASP D 426 55.79 -21.68 2.45
N LEU D 427 56.01 -22.01 1.18
CA LEU D 427 54.92 -22.50 0.34
C LEU D 427 54.29 -23.78 0.88
N ARG D 428 55.08 -24.60 1.55
CA ARG D 428 54.59 -25.87 2.07
C ARG D 428 53.40 -25.61 3.01
N HIS D 429 53.57 -24.65 3.91
CA HIS D 429 52.55 -24.32 4.90
C HIS D 429 51.45 -23.42 4.34
N TYR D 430 51.74 -22.81 3.19
CA TYR D 430 50.73 -22.03 2.48
C TYR D 430 49.78 -22.98 1.75
N TYR D 431 50.33 -24.08 1.26
CA TYR D 431 49.55 -25.10 0.56
C TYR D 431 48.80 -25.99 1.54
N TYR D 432 49.52 -26.53 2.52
CA TYR D 432 48.93 -27.46 3.48
C TYR D 432 48.68 -26.83 4.84
N ARG D 433 47.41 -26.55 5.10
CA ARG D 433 46.99 -25.85 6.30
C ARG D 433 46.25 -26.77 7.26
N ALA D 434 46.18 -26.36 8.51
CA ALA D 434 45.39 -27.06 9.51
C ALA D 434 43.90 -26.88 9.21
N ARG D 435 43.10 -27.85 9.62
CA ARG D 435 41.66 -27.76 9.44
C ARG D 435 41.11 -26.52 10.14
N TRP D 436 41.57 -26.28 11.36
CA TRP D 436 41.16 -25.12 12.12
C TRP D 436 42.36 -24.21 12.40
N GLU D 437 42.21 -22.94 12.06
CA GLU D 437 43.24 -21.95 12.33
C GLU D 437 42.65 -20.87 13.24
N LEU D 438 43.21 -20.72 14.43
CA LEU D 438 42.77 -19.70 15.38
C LEU D 438 43.90 -18.73 15.67
N TYR D 439 43.66 -17.44 15.45
CA TYR D 439 44.69 -16.43 15.64
C TYR D 439 44.25 -15.28 16.55
N ASP D 440 45.19 -14.76 17.33
CA ASP D 440 44.96 -13.55 18.13
C ASP D 440 45.85 -12.44 17.59
N ARG D 441 45.26 -11.56 16.77
CA ARG D 441 46.04 -10.54 16.06
C ARG D 441 46.51 -9.38 16.95
N SER D 442 46.02 -9.31 18.18
CA SER D 442 46.53 -8.36 19.16
C SER D 442 47.93 -8.75 19.64
N ARG D 443 48.27 -10.03 19.47
CA ARG D 443 49.57 -10.56 19.87
C ARG D 443 50.35 -11.09 18.66
N ASP D 444 49.61 -11.56 17.66
CA ASP D 444 50.21 -12.21 16.49
C ASP D 444 49.51 -11.72 15.23
N PRO D 445 49.80 -10.48 14.82
CA PRO D 445 49.13 -9.85 13.69
C PRO D 445 49.41 -10.57 12.37
N HIS D 446 50.57 -11.20 12.27
CA HIS D 446 50.94 -11.92 11.04
C HIS D 446 50.18 -13.22 10.91
N GLU D 447 49.43 -13.58 11.96
CA GLU D 447 48.65 -14.81 11.96
C GLU D 447 49.53 -16.02 11.64
N THR D 448 50.60 -16.22 12.41
CA THR D 448 51.52 -17.33 12.20
C THR D 448 51.53 -18.30 13.39
N GLN D 449 50.88 -17.92 14.49
CA GLN D 449 50.81 -18.77 15.69
C GLN D 449 49.41 -19.34 15.90
N ASN D 450 49.18 -20.54 15.37
CA ASN D 450 47.87 -21.18 15.47
C ASN D 450 47.60 -21.61 16.91
N LEU D 451 46.44 -21.20 17.45
CA LEU D 451 46.09 -21.48 18.84
C LEU D 451 45.04 -22.58 18.98
N ALA D 452 44.62 -23.15 17.85
CA ALA D 452 43.51 -24.10 17.85
C ALA D 452 43.77 -25.38 18.67
N THR D 453 45.03 -25.79 18.77
CA THR D 453 45.38 -26.99 19.54
C THR D 453 45.86 -26.67 20.94
N ASP D 454 45.89 -25.38 21.28
CA ASP D 454 46.31 -24.95 22.61
C ASP D 454 45.12 -25.02 23.57
N PRO D 455 45.22 -25.86 24.60
CA PRO D 455 44.13 -26.09 25.55
C PRO D 455 43.67 -24.83 26.28
N ARG D 456 44.54 -23.82 26.35
CA ARG D 456 44.22 -22.56 27.02
C ARG D 456 43.14 -21.82 26.25
N PHE D 457 42.90 -22.24 25.01
CA PHE D 457 41.95 -21.55 24.16
C PHE D 457 40.79 -22.44 23.72
N ALA D 458 40.62 -23.56 24.40
CA ALA D 458 39.57 -24.51 24.06
C ALA D 458 38.19 -23.87 24.18
N GLN D 459 37.99 -23.14 25.27
CA GLN D 459 36.70 -22.53 25.56
C GLN D 459 36.36 -21.48 24.50
N LEU D 460 37.36 -20.68 24.14
CA LEU D 460 37.17 -19.65 23.14
C LEU D 460 36.89 -20.29 21.79
N LEU D 461 37.61 -21.36 21.49
CA LEU D 461 37.45 -22.09 20.25
C LEU D 461 36.01 -22.58 20.09
N GLU D 462 35.47 -23.21 21.13
CA GLU D 462 34.12 -23.74 21.08
C GLU D 462 33.12 -22.59 20.89
N MET D 463 33.37 -21.47 21.54
CA MET D 463 32.46 -20.33 21.48
C MET D 463 32.39 -19.83 20.05
N LEU D 464 33.55 -19.69 19.41
CA LEU D 464 33.63 -19.17 18.05
C LEU D 464 33.01 -20.15 17.07
N ARG D 465 33.25 -21.43 17.30
CA ARG D 465 32.67 -22.48 16.47
C ARG D 465 31.14 -22.43 16.53
N ASP D 466 30.61 -22.19 17.72
CA ASP D 466 29.18 -22.09 17.91
C ASP D 466 28.61 -20.88 17.17
N GLN D 467 29.29 -19.75 17.28
CA GLN D 467 28.87 -18.54 16.58
C GLN D 467 28.88 -18.77 15.08
N LEU D 468 29.93 -19.42 14.59
CA LEU D 468 30.08 -19.65 13.17
C LEU D 468 28.95 -20.56 12.64
N ALA D 469 28.73 -21.67 13.33
CA ALA D 469 27.72 -22.65 12.92
C ALA D 469 26.33 -22.05 12.92
N LYS D 470 26.01 -21.29 13.96
CA LYS D 470 24.74 -20.60 14.04
C LYS D 470 24.51 -19.69 12.83
N TRP D 471 25.55 -18.96 12.44
CA TRP D 471 25.48 -18.09 11.28
C TRP D 471 25.27 -18.89 9.99
N GLN D 472 25.95 -20.03 9.92
CA GLN D 472 25.84 -20.88 8.75
C GLN D 472 24.41 -21.38 8.56
N TRP D 473 23.79 -21.83 9.64
CA TRP D 473 22.40 -22.28 9.58
C TRP D 473 21.48 -21.11 9.25
N GLU D 474 21.74 -19.98 9.90
CA GLU D 474 20.93 -18.80 9.72
C GLU D 474 20.93 -18.33 8.27
N THR D 475 22.05 -18.55 7.59
CA THR D 475 22.20 -18.13 6.19
C THR D 475 22.15 -19.31 5.21
N HIS D 476 21.58 -20.43 5.66
CA HIS D 476 21.30 -21.57 4.80
C HIS D 476 22.52 -22.00 3.99
N ASP D 477 23.63 -22.23 4.69
CA ASP D 477 24.86 -22.68 4.07
C ASP D 477 24.78 -24.17 3.74
N PRO D 478 24.84 -24.51 2.44
CA PRO D 478 24.81 -25.91 2.02
C PRO D 478 26.01 -26.71 2.53
N TRP D 479 27.08 -26.01 2.91
CA TRP D 479 28.32 -26.64 3.36
C TRP D 479 28.36 -26.75 4.88
N VAL D 480 27.23 -26.49 5.52
CA VAL D 480 27.19 -26.40 6.97
C VAL D 480 27.60 -27.69 7.70
N CYS D 481 27.40 -28.83 7.06
CA CYS D 481 27.73 -30.12 7.70
C CYS D 481 29.09 -30.65 7.23
N ALA D 482 29.63 -30.06 6.18
CA ALA D 482 30.89 -30.54 5.61
C ALA D 482 32.07 -30.15 6.49
N PRO D 483 33.17 -30.92 6.41
CA PRO D 483 33.29 -32.08 5.56
C PRO D 483 32.99 -33.40 6.28
N ASP D 484 32.70 -33.33 7.58
CA ASP D 484 32.58 -34.53 8.40
C ASP D 484 31.20 -35.17 8.34
N GLY D 485 30.23 -34.46 7.78
CA GLY D 485 28.86 -34.94 7.82
C GLY D 485 28.06 -34.61 6.58
N VAL D 486 26.84 -35.12 6.55
CA VAL D 486 25.93 -34.89 5.43
C VAL D 486 24.66 -34.21 5.94
N LEU D 487 24.13 -33.30 5.15
CA LEU D 487 22.94 -32.55 5.53
C LEU D 487 21.68 -33.35 5.25
N GLU D 488 20.94 -33.66 6.32
CA GLU D 488 19.66 -34.33 6.19
C GLU D 488 18.61 -33.49 6.91
N GLU D 489 17.96 -32.60 6.17
CA GLU D 489 17.04 -31.64 6.75
C GLU D 489 15.89 -32.28 7.51
N LYS D 490 15.48 -33.47 7.09
CA LYS D 490 14.32 -34.13 7.71
C LYS D 490 14.72 -34.97 8.93
N LEU D 491 16.00 -34.99 9.26
CA LEU D 491 16.51 -35.78 10.38
C LEU D 491 16.98 -34.88 11.52
N SER D 492 17.21 -35.50 12.68
CA SER D 492 17.75 -34.79 13.84
C SER D 492 18.77 -35.67 14.55
N PRO D 493 20.02 -35.20 14.65
CA PRO D 493 20.46 -33.89 14.16
C PRO D 493 20.48 -33.83 12.64
N GLN D 494 20.40 -32.62 12.11
CA GLN D 494 20.33 -32.41 10.67
C GLN D 494 21.66 -32.74 9.99
N CYS D 495 22.76 -32.62 10.71
CA CYS D 495 24.06 -33.07 10.21
C CYS D 495 24.34 -34.48 10.70
N GLN D 496 24.43 -35.40 9.74
CA GLN D 496 24.66 -36.81 10.05
C GLN D 496 26.11 -37.16 9.74
N PRO D 497 26.76 -37.92 10.63
CA PRO D 497 28.20 -38.22 10.53
C PRO D 497 28.55 -39.22 9.43
N LEU D 498 29.69 -39.02 8.80
CA LEU D 498 30.20 -39.91 7.75
C LEU D 498 31.32 -40.82 8.29
N HIS D 499 31.86 -40.44 9.44
CA HIS D 499 32.99 -41.18 10.01
C HIS D 499 34.10 -41.32 8.96
N ASN D 500 34.49 -40.20 8.36
CA ASN D 500 35.52 -40.19 7.34
C ASN D 500 36.85 -39.66 7.84
N GLU D 501 37.13 -39.87 9.12
CA GLU D 501 38.46 -39.63 9.66
C GLU D 501 38.75 -38.14 9.77
N PRO E 22 42.85 22.37 42.57
CA PRO E 22 41.85 21.30 42.52
C PRO E 22 40.41 21.83 42.47
N ARG E 23 39.59 21.22 41.62
CA ARG E 23 38.19 21.64 41.45
C ARG E 23 37.22 20.74 42.20
N ASN E 24 36.33 21.34 42.98
CA ASN E 24 35.31 20.60 43.73
C ASN E 24 33.91 21.15 43.44
N ALA E 25 32.89 20.47 43.95
CA ALA E 25 31.52 20.88 43.70
C ALA E 25 30.61 20.58 44.89
N LEU E 26 29.67 21.48 45.15
CA LEU E 26 28.72 21.33 46.24
C LEU E 26 27.31 21.58 45.75
N LEU E 27 26.46 20.57 45.89
CA LEU E 27 25.07 20.69 45.49
C LEU E 27 24.16 20.73 46.71
N LEU E 28 23.54 21.89 46.94
CA LEU E 28 22.60 22.07 48.05
C LEU E 28 21.18 21.93 47.53
N LEU E 29 20.45 20.94 48.04
CA LEU E 29 19.10 20.67 47.57
C LEU E 29 18.06 20.78 48.69
N ALA E 30 17.17 21.73 48.55
CA ALA E 30 16.06 21.90 49.49
C ALA E 30 14.91 20.99 49.08
N ASP E 31 14.13 20.54 50.07
CA ASP E 31 13.00 19.66 49.81
C ASP E 31 11.71 20.45 49.87
N ASP E 32 11.07 20.62 48.71
CA ASP E 32 9.81 21.37 48.62
C ASP E 32 10.04 22.86 48.84
N GLY E 33 11.23 23.34 48.45
CA GLY E 33 11.58 24.75 48.63
C GLY E 33 11.04 25.63 47.51
N GLY E 34 10.71 26.87 47.86
CA GLY E 34 10.20 27.84 46.88
C GLY E 34 11.04 29.10 46.80
N PHE E 35 10.39 30.22 46.53
CA PHE E 35 11.10 31.49 46.35
C PHE E 35 11.00 32.39 47.59
N GLU E 36 10.87 31.78 48.76
CA GLU E 36 10.82 32.53 50.00
C GLU E 36 12.23 32.94 50.43
N SER E 37 12.75 33.99 49.80
CA SER E 37 14.08 34.49 50.13
C SER E 37 14.26 35.93 49.66
N GLY E 38 15.09 36.69 50.38
CA GLY E 38 15.41 38.06 50.00
C GLY E 38 16.06 38.10 48.63
N ALA E 39 16.81 37.04 48.32
CA ALA E 39 17.48 36.92 47.03
C ALA E 39 16.47 36.98 45.89
N TYR E 40 15.28 36.44 46.12
CA TYR E 40 14.21 36.47 45.13
C TYR E 40 13.20 37.57 45.46
N ASN E 41 13.68 38.59 46.17
CA ASN E 41 12.89 39.78 46.45
C ASN E 41 11.62 39.52 47.26
N ASN E 42 11.74 38.66 48.27
CA ASN E 42 10.70 38.50 49.29
C ASN E 42 11.16 39.20 50.58
N SER E 43 10.61 40.36 50.85
CA SER E 43 11.06 41.19 51.97
C SER E 43 10.34 40.83 53.28
N ALA E 44 9.44 39.86 53.22
CA ALA E 44 8.66 39.46 54.38
C ALA E 44 9.38 38.39 55.19
N ILE E 45 10.38 37.77 54.58
CA ILE E 45 11.14 36.71 55.24
C ILE E 45 12.62 37.09 55.31
N ALA E 46 13.33 36.48 56.25
CA ALA E 46 14.77 36.73 56.41
C ALA E 46 15.57 35.47 56.06
N THR E 47 16.37 35.58 54.99
CA THR E 47 17.25 34.49 54.57
C THR E 47 18.63 35.04 54.24
N PRO E 48 19.32 35.59 55.25
CA PRO E 48 20.61 36.27 55.09
C PRO E 48 21.70 35.41 54.46
N HIS E 49 21.69 34.12 54.75
CA HIS E 49 22.74 33.23 54.26
C HIS E 49 22.55 32.91 52.78
N LEU E 50 21.30 32.70 52.37
CA LEU E 50 20.99 32.49 50.96
C LEU E 50 21.22 33.79 50.19
N ASP E 51 20.86 34.91 50.80
CA ASP E 51 21.12 36.21 50.21
C ASP E 51 22.62 36.42 50.00
N ALA E 52 23.40 36.04 51.02
CA ALA E 52 24.85 36.16 50.95
C ALA E 52 25.40 35.33 49.80
N LEU E 53 24.91 34.09 49.69
CA LEU E 53 25.30 33.21 48.60
C LEU E 53 24.97 33.84 47.24
N ALA E 54 23.79 34.44 47.15
CA ALA E 54 23.33 35.04 45.91
C ALA E 54 24.23 36.19 45.46
N ARG E 55 24.85 36.89 46.40
CA ARG E 55 25.77 37.97 46.06
C ARG E 55 27.03 37.42 45.43
N ARG E 56 27.34 36.16 45.72
CA ARG E 56 28.51 35.50 45.16
C ARG E 56 28.10 34.51 44.07
N SER E 57 26.87 34.65 43.57
CA SER E 57 26.33 33.70 42.61
C SER E 57 25.46 34.34 41.52
N LEU E 58 25.14 33.55 40.51
CA LEU E 58 24.20 33.96 39.46
C LEU E 58 22.83 33.38 39.76
N LEU E 59 21.84 34.25 39.91
CA LEU E 59 20.48 33.83 40.26
C LEU E 59 19.62 33.64 39.01
N PHE E 60 18.96 32.49 38.92
CA PHE E 60 18.12 32.16 37.77
C PHE E 60 16.64 32.39 38.08
N ARG E 61 16.01 33.28 37.30
CA ARG E 61 14.61 33.61 37.51
C ARG E 61 13.69 32.58 36.87
N ASN E 62 14.21 31.88 35.86
CA ASN E 62 13.39 30.96 35.08
C ASN E 62 13.94 29.54 35.04
N ALA E 63 14.09 28.92 36.20
CA ALA E 63 14.54 27.54 36.29
C ALA E 63 13.36 26.64 36.65
N PHE E 64 13.28 25.48 36.02
CA PHE E 64 12.18 24.54 36.25
C PHE E 64 12.71 23.12 36.45
N THR E 65 12.02 22.34 37.28
CA THR E 65 12.26 20.90 37.38
C THR E 65 11.45 20.21 36.29
N SER E 66 11.88 19.02 35.89
CA SER E 66 11.18 18.27 34.84
C SER E 66 10.01 17.50 35.42
N VAL E 67 9.99 17.35 36.75
CA VAL E 67 8.96 16.57 37.42
C VAL E 67 8.73 17.09 38.84
N SER E 68 7.48 17.16 39.27
CA SER E 68 7.13 17.74 40.55
C SER E 68 6.84 16.67 41.60
N SER E 69 7.76 15.71 41.70
CA SER E 69 7.65 14.64 42.69
C SER E 69 9.04 14.30 43.21
N SER E 71 11.12 11.60 44.55
CA SER E 71 12.11 10.57 44.08
C SER E 71 12.40 10.76 42.60
N PRO E 72 11.35 10.87 41.77
CA PRO E 72 11.56 11.09 40.34
C PRO E 72 12.40 12.32 40.05
N SER E 73 12.16 13.40 40.79
CA SER E 73 12.88 14.65 40.55
C SER E 73 14.34 14.48 40.90
N ARG E 74 14.60 13.75 41.98
CA ARG E 74 15.97 13.55 42.46
C ARG E 74 16.72 12.59 41.55
N ALA E 75 16.01 11.62 40.99
CA ALA E 75 16.59 10.68 40.05
C ALA E 75 16.95 11.38 38.74
N SER E 76 16.04 12.22 38.26
CA SER E 76 16.27 12.95 37.03
C SER E 76 17.41 13.95 37.19
N LEU E 77 17.43 14.62 38.33
CA LEU E 77 18.47 15.57 38.66
C LEU E 77 19.84 14.89 38.70
N LEU E 78 19.88 13.67 39.23
CA LEU E 78 21.13 12.96 39.43
C LEU E 78 21.54 12.10 38.23
N THR E 79 20.74 12.14 37.18
CA THR E 79 21.02 11.35 35.97
C THR E 79 21.02 12.21 34.71
N GLY E 80 20.23 13.27 34.73
CA GLY E 80 20.07 14.11 33.55
C GLY E 80 19.04 13.51 32.61
N LEU E 81 18.32 12.51 33.11
CA LEU E 81 17.30 11.82 32.32
C LEU E 81 15.93 12.01 32.94
N PRO E 82 14.91 12.21 32.10
CA PRO E 82 13.55 12.35 32.62
C PRO E 82 13.07 11.06 33.27
N GLN E 83 12.14 11.18 34.22
CA GLN E 83 11.70 10.04 35.00
C GLN E 83 11.26 8.87 34.13
N HIS E 84 10.64 9.16 32.99
CA HIS E 84 10.14 8.11 32.12
C HIS E 84 11.26 7.38 31.40
N GLN E 85 12.48 7.89 31.52
CA GLN E 85 13.63 7.28 30.86
C GLN E 85 14.54 6.57 31.86
N ASN E 86 14.70 7.15 33.04
CA ASN E 86 15.59 6.56 34.05
C ASN E 86 14.89 5.48 34.89
N GLY E 87 13.57 5.49 34.91
CA GLY E 87 12.82 4.40 35.54
C GLY E 87 12.19 4.71 36.89
N MET E 88 12.52 5.87 37.46
CA MET E 88 11.86 6.32 38.68
C MET E 88 10.53 6.96 38.35
N TYR E 89 9.53 6.13 38.07
CA TYR E 89 8.24 6.60 37.63
C TYR E 89 7.44 7.23 38.77
N GLY E 90 7.89 6.99 40.00
CA GLY E 90 7.19 7.50 41.18
C GLY E 90 8.05 7.42 42.42
N LEU E 91 7.41 7.44 43.59
CA LEU E 91 8.13 7.44 44.86
C LEU E 91 8.86 6.13 45.09
N HIS E 92 9.96 6.21 45.82
CA HIS E 92 10.89 5.09 45.95
C HIS E 92 10.64 4.21 47.18
N GLN E 93 10.04 4.77 48.22
CA GLN E 93 9.99 4.09 49.51
C GLN E 93 8.86 3.08 49.65
N ASP E 94 9.00 2.23 50.67
CA ASP E 94 8.07 1.14 50.98
C ASP E 94 7.17 0.69 49.83
N VAL E 95 5.86 0.91 49.97
CA VAL E 95 4.86 0.32 49.07
C VAL E 95 4.92 0.87 47.65
N HIS E 96 5.57 2.01 47.46
CA HIS E 96 5.66 2.64 46.15
C HIS E 96 6.79 2.02 45.34
N HIS E 97 7.97 1.89 45.95
CA HIS E 97 8.94 0.89 45.52
C HIS E 97 9.51 1.10 44.11
N PHE E 98 9.58 2.34 43.64
CA PHE E 98 10.12 2.59 42.32
C PHE E 98 11.63 2.74 42.36
N ASN E 99 12.29 2.15 41.36
CA ASN E 99 13.74 2.20 41.24
C ASN E 99 14.15 2.54 39.82
N SER E 100 15.30 3.20 39.68
CA SER E 100 15.85 3.45 38.35
C SER E 100 16.37 2.14 37.78
N PHE E 101 16.51 2.09 36.46
CA PHE E 101 17.00 0.88 35.80
C PHE E 101 18.45 0.62 36.17
N ASP E 102 18.81 -0.66 36.30
CA ASP E 102 20.16 -1.04 36.70
C ASP E 102 21.25 -0.44 35.82
N LYS E 103 20.99 -0.36 34.52
CA LYS E 103 22.02 0.06 33.56
C LYS E 103 22.14 1.57 33.44
N VAL E 104 21.33 2.31 34.18
CA VAL E 104 21.43 3.76 34.20
C VAL E 104 22.74 4.20 34.84
N ARG E 105 23.42 5.14 34.19
CA ARG E 105 24.67 5.67 34.70
C ARG E 105 24.47 7.07 35.27
N SER E 106 24.42 7.16 36.60
CA SER E 106 24.10 8.41 37.28
C SER E 106 25.34 9.29 37.44
N LEU E 107 25.10 10.55 37.78
CA LEU E 107 26.17 11.51 38.02
C LEU E 107 27.19 10.95 39.02
N PRO E 108 26.73 10.59 40.23
CA PRO E 108 27.62 10.08 41.28
C PRO E 108 28.45 8.87 40.84
N LEU E 109 27.84 7.97 40.08
CA LEU E 109 28.56 6.82 39.55
C LEU E 109 29.68 7.28 38.63
N LEU E 110 29.33 8.13 37.68
CA LEU E 110 30.30 8.64 36.70
C LEU E 110 31.42 9.43 37.37
N LEU E 111 31.07 10.21 38.39
CA LEU E 111 32.06 10.99 39.13
C LEU E 111 33.02 10.04 39.85
N SER E 112 32.48 9.02 40.49
CA SER E 112 33.28 8.04 41.20
C SER E 112 34.28 7.37 40.27
N GLN E 113 33.80 6.96 39.10
CA GLN E 113 34.65 6.31 38.11
C GLN E 113 35.75 7.24 37.60
N ALA E 114 35.52 8.55 37.69
CA ALA E 114 36.50 9.53 37.22
C ALA E 114 37.47 9.93 38.32
N GLY E 115 37.33 9.29 39.48
CA GLY E 115 38.24 9.54 40.59
C GLY E 115 37.80 10.69 41.49
N VAL E 116 36.52 11.04 41.43
CA VAL E 116 35.99 12.07 42.31
C VAL E 116 35.35 11.42 43.54
N ARG E 117 35.70 11.91 44.72
CA ARG E 117 35.10 11.40 45.96
C ARG E 117 33.69 11.95 46.11
N THR E 118 32.72 11.08 46.30
CA THR E 118 31.33 11.49 46.41
C THR E 118 30.80 11.34 47.83
N GLY E 119 29.93 12.26 48.22
CA GLY E 119 29.31 12.22 49.53
C GLY E 119 27.88 12.71 49.48
N ILE E 120 27.04 12.13 50.33
CA ILE E 120 25.66 12.58 50.46
C ILE E 120 25.28 12.69 51.93
N ILE E 121 24.60 13.78 52.27
CA ILE E 121 24.09 13.98 53.62
C ILE E 121 22.65 14.45 53.53
N GLY E 122 21.74 13.65 54.08
CA GLY E 122 20.33 14.01 54.12
C GLY E 122 19.45 12.99 53.42
N LYS E 123 18.40 13.50 52.77
CA LYS E 123 17.40 12.65 52.13
C LYS E 123 17.88 12.19 50.76
N LYS E 124 17.98 10.87 50.57
CA LYS E 124 18.37 10.31 49.27
C LYS E 124 17.12 10.02 48.44
N HIS E 125 16.30 9.10 48.92
CA HIS E 125 14.97 8.87 48.35
C HIS E 125 15.04 8.37 46.92
N VAL E 126 16.13 7.70 46.57
CA VAL E 126 16.28 7.08 45.26
C VAL E 126 17.09 5.80 45.37
N GLY E 127 16.95 4.93 44.37
CA GLY E 127 17.67 3.67 44.31
C GLY E 127 17.64 3.13 42.90
N PRO E 128 18.30 2.00 42.65
CA PRO E 128 19.02 1.23 43.67
C PRO E 128 20.39 1.80 44.01
N GLU E 129 21.02 1.24 45.04
CA GLU E 129 22.33 1.71 45.50
C GLU E 129 23.39 1.62 44.42
N THR E 130 23.35 0.55 43.63
CA THR E 130 24.34 0.33 42.58
C THR E 130 24.31 1.43 41.52
N VAL E 131 23.12 2.01 41.31
CA VAL E 131 22.97 3.08 40.35
C VAL E 131 23.32 4.43 40.96
N TYR E 132 23.04 4.58 42.25
CA TYR E 132 23.30 5.84 42.96
C TYR E 132 24.25 5.64 44.14
N PRO E 133 25.49 5.23 43.86
CA PRO E 133 26.45 4.96 44.92
C PRO E 133 27.14 6.22 45.45
N PHE E 134 27.43 6.24 46.75
CA PHE E 134 28.17 7.33 47.37
C PHE E 134 29.24 6.78 48.31
N ASP E 135 30.45 7.31 48.21
CA ASP E 135 31.55 6.90 49.07
C ASP E 135 31.25 7.21 50.53
N PHE E 136 30.69 8.39 50.75
CA PHE E 136 30.38 8.88 52.09
C PHE E 136 28.89 9.15 52.13
N ALA E 137 28.16 8.39 52.96
CA ALA E 137 26.71 8.45 52.95
C ALA E 137 26.07 8.45 54.34
N TYR E 138 25.33 9.50 54.62
CA TYR E 138 24.51 9.58 55.84
C TYR E 138 23.10 10.01 55.45
N THR E 139 22.21 9.03 55.32
CA THR E 139 20.87 9.27 54.80
C THR E 139 19.79 8.60 55.64
N GLU E 140 18.57 8.58 55.12
CA GLU E 140 17.45 7.93 55.80
C GLU E 140 17.63 6.41 55.80
N GLU E 141 18.54 5.92 54.96
CA GLU E 141 18.75 4.49 54.81
C GLU E 141 19.58 3.91 55.97
N ASN E 142 20.41 4.74 56.57
CA ASN E 142 21.28 4.29 57.66
C ASN E 142 21.19 5.20 58.88
N GLY E 143 20.09 5.93 58.99
CA GLY E 143 19.88 6.82 60.13
C GLY E 143 18.53 7.52 60.08
N SER E 144 18.40 8.59 60.86
CA SER E 144 17.16 9.35 60.95
C SER E 144 17.17 10.54 60.00
N VAL E 145 16.18 10.61 59.10
CA VAL E 145 16.05 11.72 58.17
C VAL E 145 15.80 13.03 58.93
N LEU E 146 15.25 12.90 60.12
CA LEU E 146 15.01 14.06 60.99
C LEU E 146 16.35 14.70 61.38
N GLN E 147 17.31 13.87 61.75
CA GLN E 147 18.62 14.34 62.18
C GLN E 147 19.48 14.85 61.03
N VAL E 148 19.64 14.03 60.00
CA VAL E 148 20.55 14.35 58.89
C VAL E 148 19.88 15.26 57.86
N GLY E 149 18.58 15.53 58.06
CA GLY E 149 17.82 16.33 57.11
C GLY E 149 17.33 17.66 57.68
N ARG E 150 17.12 17.70 58.99
CA ARG E 150 16.57 18.90 59.62
C ARG E 150 17.46 19.47 60.73
N ASN E 151 18.21 18.61 61.40
CA ASN E 151 19.10 19.05 62.46
C ASN E 151 20.39 19.61 61.86
N ILE E 152 20.41 20.92 61.63
CA ILE E 152 21.49 21.55 60.88
C ILE E 152 22.83 21.47 61.61
N THR E 153 22.78 21.30 62.92
CA THR E 153 24.00 21.11 63.69
C THR E 153 24.62 19.77 63.33
N ARG E 154 23.79 18.73 63.29
CA ARG E 154 24.22 17.40 62.88
C ARG E 154 24.78 17.45 61.46
N ILE E 155 24.07 18.15 60.58
CA ILE E 155 24.50 18.29 59.19
C ILE E 155 25.85 18.98 59.10
N LYS E 156 26.00 20.08 59.84
CA LYS E 156 27.24 20.85 59.84
C LYS E 156 28.42 19.98 60.25
N LEU E 157 28.23 19.14 61.26
CA LEU E 157 29.30 18.30 61.77
C LEU E 157 29.64 17.19 60.79
N LEU E 158 28.65 16.73 60.04
CA LEU E 158 28.88 15.68 59.05
C LEU E 158 29.63 16.25 57.85
N VAL E 159 29.36 17.50 57.51
CA VAL E 159 30.10 18.19 56.47
C VAL E 159 31.55 18.37 56.89
N ARG E 160 31.73 18.79 58.13
CA ARG E 160 33.07 18.96 58.69
C ARG E 160 33.84 17.65 58.59
N LYS E 161 33.20 16.56 59.00
CA LYS E 161 33.82 15.25 58.97
C LYS E 161 34.22 14.88 57.53
N PHE E 162 33.33 15.14 56.58
CA PHE E 162 33.60 14.84 55.19
C PHE E 162 34.86 15.54 54.70
N LEU E 163 34.97 16.81 55.03
CA LEU E 163 36.09 17.63 54.58
C LEU E 163 37.40 17.27 55.28
N GLN E 164 37.30 16.91 56.55
CA GLN E 164 38.49 16.57 57.33
C GLN E 164 39.10 15.27 56.84
N THR E 165 38.27 14.40 56.27
CA THR E 165 38.73 13.09 55.81
C THR E 165 39.07 13.09 54.33
N GLN E 166 39.19 14.26 53.74
CA GLN E 166 39.55 14.39 52.32
C GLN E 166 40.98 13.96 52.06
N ASP E 167 41.26 13.54 50.84
CA ASP E 167 42.59 12.99 50.50
C ASP E 167 43.16 13.52 49.19
N ASP E 168 43.19 14.84 49.02
CA ASP E 168 43.82 15.46 47.85
C ASP E 168 43.03 15.23 46.56
N ARG E 169 42.12 14.26 46.61
CA ARG E 169 41.30 13.92 45.46
C ARG E 169 40.07 14.84 45.44
N PRO E 170 39.59 15.22 44.24
CA PRO E 170 38.45 16.15 44.16
C PRO E 170 37.21 15.57 44.81
N PHE E 171 36.25 16.41 45.18
CA PHE E 171 35.04 15.90 45.81
C PHE E 171 33.75 16.49 45.25
N PHE E 172 32.68 15.71 45.36
CA PHE E 172 31.33 16.18 45.09
C PHE E 172 30.47 15.89 46.31
N LEU E 173 30.00 16.95 46.95
CA LEU E 173 29.20 16.82 48.17
C LEU E 173 27.75 17.19 47.91
N TYR E 174 26.87 16.25 48.21
CA TYR E 174 25.45 16.40 47.96
C TYR E 174 24.71 16.53 49.30
N VAL E 175 24.28 17.74 49.62
CA VAL E 175 23.55 17.99 50.87
C VAL E 175 22.06 18.17 50.58
N ALA E 176 21.28 17.15 50.91
CA ALA E 176 19.86 17.15 50.61
C ALA E 176 19.03 17.40 51.87
N PHE E 177 18.76 18.68 52.15
CA PHE E 177 17.95 19.05 53.30
C PHE E 177 16.57 18.42 53.20
N HIS E 178 15.97 18.11 54.34
CA HIS E 178 14.60 17.62 54.37
C HIS E 178 13.67 18.82 54.61
N ASP E 179 14.23 19.90 55.14
CA ASP E 179 13.53 21.17 55.20
C ASP E 179 13.48 21.75 53.79
N PRO E 180 12.41 22.49 53.47
CA PRO E 180 11.26 22.77 54.31
C PRO E 180 10.05 21.87 54.00
N HIS E 181 10.25 20.56 54.09
CA HIS E 181 9.20 19.58 53.87
C HIS E 181 8.23 19.56 55.04
N ARG E 182 6.97 19.23 54.77
CA ARG E 182 5.96 19.19 55.83
C ARG E 182 6.25 18.07 56.81
N CYS E 183 5.62 18.14 57.99
CA CYS E 183 5.76 17.12 59.02
C CYS E 183 4.40 16.71 59.57
N GLY E 184 3.34 17.38 59.12
CA GLY E 184 2.00 17.16 59.66
C GLY E 184 1.55 15.71 59.66
N HIS E 185 1.89 14.99 58.60
CA HIS E 185 1.48 13.59 58.47
C HIS E 185 2.26 12.69 59.42
N SER E 186 3.59 12.77 59.34
CA SER E 186 4.46 11.90 60.14
C SER E 186 4.56 12.33 61.61
N GLN E 187 4.96 13.58 61.84
CA GLN E 187 5.26 14.05 63.19
C GLN E 187 4.61 15.40 63.49
N PRO E 188 3.30 15.39 63.83
CA PRO E 188 2.51 16.59 64.10
C PRO E 188 2.96 17.36 65.35
N GLN E 189 3.63 16.69 66.28
CA GLN E 189 4.05 17.33 67.52
C GLN E 189 5.13 18.39 67.29
N TYR E 190 5.77 18.35 66.12
CA TYR E 190 6.82 19.31 65.79
C TYR E 190 6.28 20.46 64.95
N GLY E 191 4.98 20.46 64.70
CA GLY E 191 4.35 21.49 63.89
C GLY E 191 4.14 21.04 62.45
N THR E 192 3.40 21.84 61.69
CA THR E 192 3.03 21.46 60.33
C THR E 192 4.26 21.36 59.42
N PHE E 193 5.30 22.13 59.72
CA PHE E 193 6.53 22.09 58.94
C PHE E 193 7.73 21.72 59.80
N CYS E 194 7.48 21.07 60.94
CA CYS E 194 8.53 20.74 61.88
C CYS E 194 9.26 21.98 62.36
N GLU E 195 8.56 23.11 62.37
CA GLU E 195 9.17 24.38 62.75
C GLU E 195 9.43 24.46 64.25
N LYS E 196 8.92 23.49 65.00
CA LYS E 196 9.08 23.47 66.44
C LYS E 196 10.21 22.53 66.87
N PHE E 197 10.57 21.60 65.99
CA PHE E 197 11.63 20.66 66.27
C PHE E 197 12.93 21.38 66.57
N GLY E 198 13.47 21.17 67.76
CA GLY E 198 14.74 21.74 68.15
C GLY E 198 14.68 23.21 68.54
N ASN E 199 13.48 23.70 68.86
CA ASN E 199 13.30 25.12 69.18
C ASN E 199 13.57 25.43 70.65
N GLY E 200 13.74 24.39 71.45
CA GLY E 200 14.08 24.56 72.86
C GLY E 200 12.93 24.28 73.80
N GLU E 201 11.70 24.41 73.29
CA GLU E 201 10.50 24.19 74.09
C GLU E 201 10.39 22.75 74.56
N SER E 202 9.51 22.52 75.53
CA SER E 202 9.34 21.21 76.14
C SER E 202 9.00 20.15 75.10
N GLY E 203 9.79 19.08 75.08
CA GLY E 203 9.54 17.94 74.19
C GLY E 203 10.07 18.14 72.79
N MET E 204 10.71 19.28 72.54
CA MET E 204 11.16 19.61 71.19
C MET E 204 12.66 19.39 70.99
N GLY E 205 13.42 19.45 72.08
CA GLY E 205 14.88 19.31 71.98
C GLY E 205 15.52 20.62 71.55
N ARG E 206 16.83 20.58 71.28
CA ARG E 206 17.58 21.78 70.96
C ARG E 206 18.59 21.57 69.83
N ILE E 207 18.60 22.51 68.88
CA ILE E 207 19.63 22.55 67.84
C ILE E 207 20.48 23.79 68.06
N PRO E 208 21.63 23.64 68.72
CA PRO E 208 22.45 24.75 69.19
C PRO E 208 22.73 25.82 68.13
N ASP E 209 22.96 25.39 66.89
CA ASP E 209 23.34 26.31 65.83
C ASP E 209 22.15 27.01 65.20
N TRP E 210 20.95 26.69 65.68
CA TRP E 210 19.74 27.26 65.09
C TRP E 210 19.10 28.30 65.99
N THR E 211 18.83 29.47 65.40
CA THR E 211 18.11 30.52 66.09
C THR E 211 16.73 30.65 65.46
N PRO E 212 15.72 30.05 66.10
CA PRO E 212 14.35 30.07 65.58
C PRO E 212 13.86 31.47 65.24
N GLN E 213 13.15 31.59 64.12
CA GLN E 213 12.63 32.87 63.66
C GLN E 213 11.11 32.78 63.53
N ALA E 214 10.40 33.40 64.46
CA ALA E 214 8.95 33.37 64.47
C ALA E 214 8.39 34.34 63.44
N TYR E 215 7.25 33.98 62.84
CA TYR E 215 6.61 34.83 61.85
C TYR E 215 5.12 34.97 62.12
N ASP E 216 4.61 36.19 61.96
CA ASP E 216 3.19 36.45 62.13
C ASP E 216 2.46 36.07 60.84
N PRO E 217 1.39 35.27 60.97
CA PRO E 217 0.61 34.82 59.81
C PRO E 217 0.08 35.98 58.96
N LEU E 218 0.00 37.18 59.57
CA LEU E 218 -0.52 38.35 58.87
C LEU E 218 0.57 39.07 58.08
N ASP E 219 1.82 38.66 58.27
CA ASP E 219 2.94 39.33 57.61
C ASP E 219 3.50 38.52 56.43
N VAL E 220 3.21 37.22 56.41
CA VAL E 220 3.71 36.35 55.36
C VAL E 220 3.07 36.67 54.01
N LEU E 221 3.78 36.39 52.93
CA LEU E 221 3.25 36.61 51.58
C LEU E 221 2.49 35.39 51.09
N VAL E 222 1.23 35.59 50.71
CA VAL E 222 0.41 34.50 50.21
C VAL E 222 0.54 34.39 48.69
N PRO E 223 1.25 33.34 48.21
CA PRO E 223 1.41 33.12 46.78
C PRO E 223 0.06 33.08 46.08
N TYR E 224 0.03 33.45 44.80
CA TYR E 224 -1.23 33.60 44.09
C TYR E 224 -2.04 32.30 44.04
N PHE E 225 -1.35 31.17 44.15
CA PHE E 225 -2.00 29.86 44.02
C PHE E 225 -2.39 29.26 45.37
N VAL E 226 -2.13 30.01 46.45
CA VAL E 226 -2.46 29.55 47.78
C VAL E 226 -3.67 30.32 48.31
N PRO E 227 -4.67 29.59 48.81
CA PRO E 227 -5.87 30.22 49.37
C PRO E 227 -5.52 31.24 50.46
N ASN E 228 -6.13 32.42 50.39
CA ASN E 228 -5.90 33.43 51.40
C ASN E 228 -6.82 33.23 52.61
N THR E 229 -6.51 32.23 53.42
CA THR E 229 -7.29 31.92 54.61
C THR E 229 -6.38 31.87 55.83
N PRO E 230 -6.98 32.00 57.03
CA PRO E 230 -6.19 31.94 58.26
C PRO E 230 -5.38 30.66 58.37
N ALA E 231 -5.97 29.54 57.99
CA ALA E 231 -5.31 28.25 58.06
C ALA E 231 -4.07 28.21 57.15
N ALA E 232 -4.21 28.75 55.95
CA ALA E 232 -3.11 28.76 54.99
C ALA E 232 -1.99 29.69 55.45
N ARG E 233 -2.37 30.82 56.04
CA ARG E 233 -1.39 31.78 56.53
C ARG E 233 -0.59 31.19 57.67
N ALA E 234 -1.28 30.40 58.51
CA ALA E 234 -0.62 29.73 59.62
C ALA E 234 0.40 28.73 59.07
N ASP E 235 0.01 28.00 58.04
CA ASP E 235 0.91 27.08 57.35
C ASP E 235 2.14 27.81 56.85
N LEU E 236 1.92 28.94 56.18
CA LEU E 236 3.01 29.72 55.61
C LEU E 236 3.95 30.24 56.70
N ALA E 237 3.39 30.71 57.81
CA ALA E 237 4.20 31.21 58.91
C ALA E 237 5.13 30.13 59.43
N ALA E 238 4.60 28.93 59.59
CA ALA E 238 5.39 27.80 60.05
C ALA E 238 6.45 27.45 59.01
N GLN E 239 6.08 27.54 57.74
CA GLN E 239 7.01 27.27 56.66
C GLN E 239 8.17 28.24 56.71
N TYR E 240 7.86 29.52 56.89
CA TYR E 240 8.88 30.57 56.93
C TYR E 240 9.91 30.28 58.01
N THR E 241 9.44 29.88 59.19
CA THR E 241 10.32 29.54 60.30
C THR E 241 11.27 28.41 59.91
N THR E 242 10.73 27.39 59.24
CA THR E 242 11.51 26.22 58.86
C THR E 242 12.47 26.53 57.71
N VAL E 243 12.06 27.39 56.79
CA VAL E 243 12.93 27.83 55.71
C VAL E 243 14.13 28.55 56.31
N GLY E 244 13.89 29.28 57.39
CA GLY E 244 14.95 30.00 58.09
C GLY E 244 15.99 29.05 58.64
N ARG E 245 15.54 27.91 59.15
CA ARG E 245 16.43 26.87 59.64
C ARG E 245 17.27 26.33 58.48
N MET E 246 16.61 26.07 57.37
CA MET E 246 17.30 25.60 56.17
C MET E 246 18.32 26.63 55.72
N ASP E 247 17.93 27.90 55.78
CA ASP E 247 18.81 29.01 55.41
C ASP E 247 20.07 29.00 56.28
N GLN E 248 19.89 28.85 57.59
CA GLN E 248 21.01 28.84 58.52
C GLN E 248 21.86 27.60 58.29
N GLY E 249 21.23 26.53 57.84
CA GLY E 249 21.94 25.31 57.50
C GLY E 249 22.89 25.54 56.34
N VAL E 250 22.41 26.28 55.35
CA VAL E 250 23.23 26.64 54.18
C VAL E 250 24.43 27.47 54.62
N GLY E 251 24.21 28.40 55.54
CA GLY E 251 25.27 29.23 56.07
C GLY E 251 26.35 28.40 56.74
N LEU E 252 25.92 27.42 57.55
CA LEU E 252 26.84 26.56 58.28
C LEU E 252 27.66 25.70 57.32
N VAL E 253 27.01 25.16 56.29
CA VAL E 253 27.68 24.31 55.31
C VAL E 253 28.77 25.10 54.57
N LEU E 254 28.39 26.25 54.02
CA LEU E 254 29.33 27.10 53.30
C LEU E 254 30.49 27.49 54.21
N GLN E 255 30.19 27.71 55.48
CA GLN E 255 31.21 28.12 56.45
C GLN E 255 32.20 26.97 56.71
N GLU E 256 31.72 25.74 56.64
CA GLU E 256 32.58 24.59 56.86
C GLU E 256 33.61 24.45 55.73
N LEU E 257 33.18 24.73 54.50
CA LEU E 257 34.09 24.73 53.36
C LEU E 257 35.07 25.89 53.49
N ARG E 258 34.59 27.02 53.99
CA ARG E 258 35.43 28.19 54.21
C ARG E 258 36.49 27.90 55.26
N ASP E 259 36.12 27.13 56.27
CA ASP E 259 37.04 26.77 57.35
C ASP E 259 38.05 25.73 56.88
N ALA E 260 37.67 24.93 55.90
CA ALA E 260 38.55 23.91 55.36
C ALA E 260 39.37 24.49 54.21
N GLY E 261 39.07 25.73 53.85
CA GLY E 261 39.80 26.44 52.80
C GLY E 261 39.61 25.86 51.41
N VAL E 262 38.38 25.47 51.10
CA VAL E 262 38.09 24.86 49.79
C VAL E 262 36.93 25.55 49.07
N LEU E 263 36.31 26.53 49.72
CA LEU E 263 35.16 27.19 49.12
C LEU E 263 35.53 27.86 47.80
N ASN E 264 36.73 28.43 47.74
CA ASN E 264 37.20 29.14 46.55
C ASN E 264 37.65 28.19 45.44
N ASP E 265 37.54 26.89 45.69
CA ASP E 265 37.89 25.88 44.70
C ASP E 265 36.68 25.05 44.33
N THR E 266 35.52 25.44 44.87
CA THR E 266 34.32 24.62 44.74
C THR E 266 33.18 25.32 44.01
N LEU E 267 32.58 24.61 43.07
CA LEU E 267 31.37 25.06 42.40
C LEU E 267 30.18 24.79 43.31
N VAL E 268 29.46 25.85 43.67
CA VAL E 268 28.31 25.72 44.55
C VAL E 268 27.01 25.90 43.77
N ILE E 269 26.07 24.99 43.99
CA ILE E 269 24.77 25.06 43.36
C ILE E 269 23.68 24.83 44.39
N PHE E 270 22.71 25.74 44.45
CA PHE E 270 21.55 25.57 45.33
C PHE E 270 20.26 25.55 44.53
N THR E 271 19.37 24.64 44.89
CA THR E 271 18.08 24.51 44.22
C THR E 271 17.11 23.69 45.06
N SER E 272 15.94 23.39 44.48
CA SER E 272 14.91 22.61 45.14
C SER E 272 14.39 21.55 44.18
N ASP E 273 13.91 20.43 44.71
CA ASP E 273 13.53 19.29 43.87
C ASP E 273 12.16 19.46 43.23
N ASN E 274 11.27 20.19 43.88
CA ASN E 274 9.95 20.46 43.33
C ASN E 274 9.25 21.63 44.01
N GLY E 275 8.07 21.97 43.53
CA GLY E 275 7.32 23.12 44.05
C GLY E 275 6.85 22.91 45.47
N ILE E 276 6.40 23.99 46.10
CA ILE E 276 5.98 23.96 47.50
C ILE E 276 4.69 23.15 47.68
N PRO E 277 4.54 22.52 48.86
CA PRO E 277 3.44 21.62 49.17
C PRO E 277 2.13 22.35 49.46
N PHE E 278 1.61 23.03 48.45
CA PHE E 278 0.33 23.71 48.54
C PHE E 278 -0.45 23.43 47.26
N PRO E 279 -1.72 23.83 47.21
CA PRO E 279 -2.52 23.60 46.00
C PRO E 279 -1.83 24.13 44.75
N SER E 280 -1.92 23.38 43.67
CA SER E 280 -1.34 23.77 42.38
C SER E 280 0.20 23.74 42.41
N GLY E 281 0.76 23.38 43.56
CA GLY E 281 2.21 23.27 43.68
C GLY E 281 2.66 21.84 43.46
N ARG E 282 3.33 21.28 44.45
CA ARG E 282 3.87 19.93 44.36
C ARG E 282 2.90 18.96 43.69
N THR E 283 3.44 18.13 42.79
CA THR E 283 2.68 17.11 42.05
C THR E 283 2.02 17.67 40.79
N ASN E 284 2.10 18.99 40.60
CA ASN E 284 1.56 19.61 39.40
C ASN E 284 2.66 20.02 38.43
N LEU E 285 2.34 20.05 37.15
CA LEU E 285 3.26 20.58 36.15
C LEU E 285 2.88 22.02 35.82
N TYR E 286 2.06 22.62 36.67
CA TYR E 286 1.80 24.05 36.59
C TYR E 286 3.06 24.78 37.08
N TRP E 287 3.15 26.07 36.77
CA TRP E 287 4.35 26.82 37.11
C TRP E 287 4.75 26.61 38.56
N PRO E 288 3.78 26.76 39.48
CA PRO E 288 4.03 26.66 40.92
C PRO E 288 4.60 25.30 41.34
N GLY E 289 4.37 24.28 40.53
CA GLY E 289 4.79 22.92 40.88
C GLY E 289 6.16 22.54 40.37
N THR E 290 6.65 23.29 39.37
CA THR E 290 7.92 22.95 38.72
C THR E 290 8.95 24.08 38.78
N ALA E 291 8.47 25.31 38.95
CA ALA E 291 9.39 26.44 39.11
C ALA E 291 10.21 26.25 40.37
N GLU E 292 11.52 26.43 40.24
CA GLU E 292 12.42 26.21 41.37
C GLU E 292 13.46 27.33 41.45
N PRO E 293 13.89 27.66 42.67
CA PRO E 293 15.01 28.57 42.84
C PRO E 293 16.30 27.92 42.37
N LEU E 294 17.23 28.72 41.87
CA LEU E 294 18.50 28.18 41.40
C LEU E 294 19.61 29.22 41.48
N LEU E 295 20.65 28.88 42.24
CA LEU E 295 21.84 29.71 42.33
C LEU E 295 23.05 28.89 41.89
N VAL E 296 23.90 29.48 41.05
CA VAL E 296 25.12 28.82 40.60
C VAL E 296 26.32 29.73 40.83
N SER E 297 27.24 29.29 41.68
CA SER E 297 28.40 30.10 42.05
C SER E 297 29.70 29.41 41.63
N SER E 298 30.36 29.95 40.62
CA SER E 298 31.65 29.45 40.17
C SER E 298 32.75 30.41 40.57
N PRO E 299 33.73 29.93 41.36
CA PRO E 299 34.85 30.76 41.77
C PRO E 299 35.78 31.10 40.61
N GLU E 300 35.57 30.46 39.46
CA GLU E 300 36.39 30.68 38.28
C GLU E 300 35.75 31.67 37.32
N HIS E 301 34.44 31.86 37.47
CA HIS E 301 33.70 32.77 36.60
C HIS E 301 32.82 33.71 37.43
N PRO E 302 33.45 34.68 38.10
CA PRO E 302 32.76 35.64 38.95
C PRO E 302 32.23 36.86 38.19
N LYS E 303 32.39 36.85 36.87
CA LYS E 303 31.96 37.97 36.04
C LYS E 303 30.50 38.34 36.31
N ARG E 304 29.65 37.34 36.51
CA ARG E 304 28.22 37.58 36.65
C ARG E 304 27.71 37.27 38.06
N TRP E 305 28.61 37.38 39.04
CA TRP E 305 28.23 37.19 40.43
C TRP E 305 27.22 38.25 40.87
N GLY E 306 26.13 37.80 41.47
CA GLY E 306 25.12 38.71 41.99
C GLY E 306 24.15 39.19 40.93
N GLN E 307 24.21 38.59 39.75
CA GLN E 307 23.31 38.96 38.65
C GLN E 307 22.16 37.98 38.51
N VAL E 308 21.17 38.35 37.70
CA VAL E 308 20.02 37.49 37.45
C VAL E 308 19.95 37.10 35.96
N SER E 309 19.79 35.80 35.71
CA SER E 309 19.71 35.29 34.34
C SER E 309 18.26 34.99 33.97
N GLU E 310 17.91 35.27 32.72
CA GLU E 310 16.55 35.10 32.26
C GLU E 310 16.41 33.83 31.42
N ALA E 311 17.54 33.13 31.23
CA ALA E 311 17.55 31.92 30.41
C ALA E 311 16.72 30.81 31.05
N TYR E 312 16.03 30.04 30.21
CA TYR E 312 15.20 28.93 30.68
C TYR E 312 16.03 27.66 30.81
N VAL E 313 16.12 27.16 32.03
CA VAL E 313 16.93 25.98 32.32
C VAL E 313 16.11 24.94 33.10
N SER E 314 16.56 23.69 33.05
CA SER E 314 15.91 22.60 33.78
C SER E 314 16.90 21.91 34.69
N LEU E 315 16.39 21.17 35.68
CA LEU E 315 17.23 20.38 36.56
C LEU E 315 17.94 19.29 35.76
N LEU E 316 17.45 19.04 34.55
CA LEU E 316 18.09 18.10 33.65
C LEU E 316 19.44 18.65 33.19
N ASP E 317 19.70 19.91 33.48
CA ASP E 317 20.94 20.58 33.07
C ASP E 317 22.05 20.42 34.11
N LEU E 318 21.67 19.97 35.31
CA LEU E 318 22.61 19.91 36.43
C LEU E 318 23.69 18.84 36.24
N THR E 319 23.28 17.64 35.87
CA THR E 319 24.24 16.56 35.64
C THR E 319 25.24 16.95 34.56
N PRO E 320 24.75 17.45 33.42
CA PRO E 320 25.62 17.93 32.35
C PRO E 320 26.55 19.05 32.82
N THR E 321 26.03 19.91 33.69
CA THR E 321 26.80 21.04 34.20
C THR E 321 27.95 20.56 35.08
N ILE E 322 27.65 19.66 36.00
CA ILE E 322 28.67 19.14 36.92
C ILE E 322 29.69 18.28 36.18
N LEU E 323 29.23 17.47 35.23
CA LEU E 323 30.13 16.69 34.41
C LEU E 323 31.08 17.63 33.66
N ASP E 324 30.53 18.70 33.11
CA ASP E 324 31.32 19.69 32.40
C ASP E 324 32.36 20.30 33.34
N TRP E 325 31.95 20.57 34.58
CA TRP E 325 32.82 21.17 35.58
C TRP E 325 34.05 20.29 35.83
N PHE E 326 33.84 18.98 35.88
CA PHE E 326 34.94 18.04 36.14
C PHE E 326 35.58 17.55 34.84
N SER E 327 35.11 18.06 33.72
CA SER E 327 35.62 17.65 32.41
C SER E 327 35.41 16.15 32.17
N ILE E 328 34.25 15.65 32.59
CA ILE E 328 33.89 14.25 32.39
C ILE E 328 32.82 14.14 31.32
N PRO E 329 33.10 13.39 30.24
CA PRO E 329 32.13 13.23 29.17
C PRO E 329 31.08 12.17 29.51
N TYR E 330 29.86 12.35 28.99
CA TYR E 330 28.82 11.35 29.16
C TYR E 330 29.14 10.18 28.23
N PRO E 331 29.25 8.97 28.80
CA PRO E 331 29.63 7.80 28.02
C PRO E 331 28.54 7.39 27.04
N SER E 332 28.92 6.66 26.00
CA SER E 332 27.98 6.17 25.02
C SER E 332 27.55 4.76 25.41
N TYR E 333 26.29 4.62 25.80
CA TYR E 333 25.77 3.32 26.21
C TYR E 333 24.27 3.24 25.99
N ALA E 334 23.72 2.04 26.18
CA ALA E 334 22.29 1.84 26.09
C ALA E 334 21.77 1.17 27.36
N ILE E 335 20.50 1.42 27.68
CA ILE E 335 19.85 0.73 28.79
C ILE E 335 19.16 -0.51 28.25
N PHE E 336 18.34 -0.32 27.22
CA PHE E 336 17.65 -1.42 26.57
C PHE E 336 18.04 -1.46 25.09
N GLY E 337 18.19 -2.66 24.55
CA GLY E 337 18.56 -2.84 23.15
C GLY E 337 19.79 -2.04 22.77
N SER E 338 19.78 -1.49 21.56
CA SER E 338 20.88 -0.66 21.07
C SER E 338 20.50 0.82 21.13
N LYS E 339 19.39 1.14 21.77
CA LYS E 339 18.93 2.51 21.90
C LYS E 339 19.89 3.35 22.75
N THR E 340 20.89 3.94 22.09
CA THR E 340 21.90 4.74 22.77
C THR E 340 21.24 5.88 23.55
N ILE E 341 21.82 6.20 24.71
CA ILE E 341 21.27 7.23 25.59
C ILE E 341 22.06 8.53 25.43
N HIS E 342 21.35 9.64 25.26
CA HIS E 342 21.99 10.95 25.25
C HIS E 342 21.18 11.94 26.08
N LEU E 343 21.88 12.89 26.69
CA LEU E 343 21.24 13.89 27.53
C LEU E 343 20.61 14.99 26.67
N THR E 344 19.44 15.47 27.10
CA THR E 344 18.77 16.55 26.40
C THR E 344 19.08 17.88 27.07
N GLY E 345 19.61 17.82 28.28
CA GLY E 345 20.01 19.02 29.01
C GLY E 345 21.34 19.56 28.48
N ARG E 346 21.81 20.65 29.08
CA ARG E 346 23.08 21.25 28.66
C ARG E 346 23.80 21.84 29.87
N SER E 347 25.11 22.01 29.75
CA SER E 347 25.89 22.63 30.81
C SER E 347 25.47 24.09 30.95
N LEU E 348 25.30 24.54 32.20
CA LEU E 348 24.90 25.92 32.46
C LEU E 348 26.13 26.82 32.59
N LEU E 349 27.30 26.21 32.59
CA LEU E 349 28.56 26.96 32.80
C LEU E 349 28.68 28.16 31.86
N PRO E 350 28.39 27.96 30.57
CA PRO E 350 28.50 29.05 29.60
C PRO E 350 27.68 30.27 29.97
N ALA E 351 26.58 30.06 30.69
CA ALA E 351 25.71 31.17 31.11
C ALA E 351 26.36 32.01 32.19
N LEU E 352 27.35 31.46 32.88
CA LEU E 352 28.06 32.18 33.93
C LEU E 352 29.02 33.21 33.33
N GLU E 353 29.27 33.10 32.03
CA GLU E 353 30.15 34.04 31.33
C GLU E 353 29.34 35.04 30.52
N ALA E 354 28.32 34.55 29.81
CA ALA E 354 27.47 35.39 29.00
C ALA E 354 26.05 34.86 28.95
N GLU E 355 25.08 35.76 28.93
CA GLU E 355 23.67 35.39 28.91
C GLU E 355 23.30 34.69 27.60
N PRO E 356 22.78 33.45 27.69
CA PRO E 356 22.34 32.70 26.53
C PRO E 356 20.87 32.97 26.18
N LEU E 357 20.40 32.39 25.08
CA LEU E 357 19.02 32.63 24.63
C LEU E 357 18.13 31.39 24.79
N TRP E 358 18.57 30.43 25.61
CA TRP E 358 17.79 29.22 25.85
C TRP E 358 16.38 29.58 26.29
N ALA E 359 15.39 28.95 25.67
CA ALA E 359 14.00 29.33 25.90
C ALA E 359 13.06 28.13 26.10
N THR E 360 13.58 26.92 25.98
CA THR E 360 12.72 25.73 26.01
C THR E 360 13.06 24.77 27.14
N VAL E 361 12.03 24.35 27.90
CA VAL E 361 12.18 23.33 28.94
C VAL E 361 10.99 22.37 28.92
N PHE E 362 11.24 21.13 29.32
CA PHE E 362 10.21 20.10 29.26
C PHE E 362 9.86 19.56 30.65
N GLY E 363 8.75 18.85 30.72
CA GLY E 363 8.31 18.22 31.96
C GLY E 363 7.66 16.88 31.69
N SER E 364 7.88 15.92 32.59
CA SER E 364 7.29 14.61 32.47
C SER E 364 7.08 14.00 33.85
N GLN E 365 5.84 13.58 34.11
CA GLN E 365 5.51 12.95 35.37
C GLN E 365 4.51 11.83 35.11
N SER E 366 4.71 10.70 35.77
CA SER E 366 3.79 9.57 35.63
C SER E 366 3.07 9.30 36.95
N HIS E 367 3.75 8.62 37.86
CA HIS E 367 3.21 8.41 39.19
C HIS E 367 3.77 9.43 40.17
N HIS E 368 3.11 9.53 41.32
CA HIS E 368 3.70 10.08 42.52
C HIS E 368 3.75 8.91 43.49
N GLU E 369 2.69 8.75 44.27
CA GLU E 369 2.46 7.49 44.97
C GLU E 369 2.05 6.48 43.91
N VAL E 370 2.24 5.20 44.19
CA VAL E 370 1.94 4.16 43.22
C VAL E 370 0.45 4.14 42.88
N THR E 371 -0.38 4.61 43.80
CA THR E 371 -1.82 4.63 43.59
C THR E 371 -2.24 5.88 42.82
N MET E 372 -1.31 6.81 42.66
CA MET E 372 -1.57 8.07 41.98
C MET E 372 -1.05 8.01 40.55
N SER E 373 -1.87 7.51 39.63
CA SER E 373 -1.48 7.43 38.23
C SER E 373 -2.15 8.53 37.42
N TYR E 374 -1.46 9.65 37.29
CA TYR E 374 -1.97 10.78 36.53
C TYR E 374 -0.82 11.35 35.69
N PRO E 375 -0.47 10.68 34.60
CA PRO E 375 0.67 11.09 33.80
C PRO E 375 0.46 12.45 33.15
N MET E 376 1.49 13.29 33.19
CA MET E 376 1.46 14.60 32.56
C MET E 376 2.75 14.83 31.80
N ARG E 377 2.63 15.54 30.69
CA ARG E 377 3.78 15.90 29.88
C ARG E 377 3.66 17.37 29.55
N SER E 378 4.76 18.11 29.64
CA SER E 378 4.72 19.55 29.41
C SER E 378 5.89 20.05 28.58
N VAL E 379 5.67 21.15 27.87
CA VAL E 379 6.73 21.84 27.17
C VAL E 379 6.53 23.34 27.38
N GLN E 380 7.63 24.04 27.65
CA GLN E 380 7.56 25.48 27.85
C GLN E 380 8.52 26.21 26.92
N HIS E 381 7.98 27.13 26.13
CA HIS E 381 8.80 28.02 25.31
C HIS E 381 8.60 29.43 25.82
N ARG E 382 9.61 29.95 26.52
CA ARG E 382 9.50 31.23 27.20
C ARG E 382 8.28 31.20 28.13
N HIS E 383 7.35 32.13 27.92
CA HIS E 383 6.21 32.27 28.83
C HIS E 383 5.04 31.36 28.47
N PHE E 384 5.15 30.66 27.34
CA PHE E 384 4.11 29.74 26.92
C PHE E 384 4.35 28.36 27.49
N ARG E 385 3.38 27.85 28.26
CA ARG E 385 3.46 26.51 28.82
C ARG E 385 2.31 25.64 28.31
N LEU E 386 2.63 24.44 27.85
CA LEU E 386 1.63 23.49 27.40
C LEU E 386 1.72 22.23 28.25
N VAL E 387 0.59 21.84 28.84
CA VAL E 387 0.53 20.62 29.63
C VAL E 387 -0.44 19.63 29.01
N HIS E 388 -0.01 18.36 28.93
CA HIS E 388 -0.86 17.30 28.43
C HIS E 388 -1.18 16.33 29.57
N ASN E 389 -2.46 16.20 29.87
CA ASN E 389 -2.91 15.32 30.95
C ASN E 389 -3.47 14.02 30.36
N LEU E 390 -2.67 12.97 30.42
CA LEU E 390 -2.97 11.71 29.73
C LEU E 390 -4.18 10.97 30.32
N ASN E 391 -4.40 11.11 31.61
CA ASN E 391 -5.56 10.47 32.25
C ASN E 391 -6.60 11.50 32.71
N PHE E 392 -6.80 12.52 31.87
CA PHE E 392 -7.57 13.69 32.25
C PHE E 392 -9.02 13.40 32.70
N LYS E 393 -9.60 12.30 32.25
CA LYS E 393 -11.00 12.00 32.56
C LYS E 393 -11.19 11.58 34.01
N MET E 394 -10.13 11.10 34.64
CA MET E 394 -10.20 10.79 36.07
C MET E 394 -9.72 11.98 36.88
N PRO E 395 -10.18 12.09 38.14
CA PRO E 395 -9.80 13.24 38.96
C PRO E 395 -8.34 13.25 39.36
N PHE E 396 -7.76 14.44 39.36
CA PHE E 396 -6.39 14.64 39.85
C PHE E 396 -6.30 14.07 41.26
N PRO E 397 -5.35 13.14 41.48
CA PRO E 397 -5.18 12.49 42.78
C PRO E 397 -4.42 13.36 43.78
N ILE E 398 -4.76 13.21 45.05
CA ILE E 398 -4.14 13.96 46.13
C ILE E 398 -3.34 13.01 47.00
N ASP E 399 -2.11 13.39 47.34
CA ASP E 399 -1.24 12.50 48.11
C ASP E 399 -1.59 12.54 49.60
N GLN E 400 -1.21 11.48 50.30
CA GLN E 400 -1.63 11.26 51.68
C GLN E 400 -1.08 12.33 52.63
N ASP E 401 0.09 12.86 52.32
CA ASP E 401 0.74 13.84 53.18
C ASP E 401 0.08 15.21 53.05
N PHE E 402 -0.23 15.61 51.82
CA PHE E 402 -0.83 16.90 51.57
C PHE E 402 -2.29 16.96 52.01
N TYR E 403 -2.98 15.82 51.93
CA TYR E 403 -4.39 15.76 52.28
C TYR E 403 -4.67 16.29 53.69
N VAL E 404 -3.80 15.95 54.62
CA VAL E 404 -4.00 16.32 56.02
C VAL E 404 -3.40 17.68 56.37
N SER E 405 -2.89 18.38 55.37
CA SER E 405 -2.39 19.73 55.58
C SER E 405 -3.55 20.65 55.95
N PRO E 406 -3.32 21.57 56.91
CA PRO E 406 -4.35 22.53 57.25
C PRO E 406 -4.87 23.28 56.02
N THR E 407 -3.98 23.59 55.08
CA THR E 407 -4.36 24.34 53.89
C THR E 407 -5.40 23.60 53.05
N PHE E 408 -5.15 22.32 52.79
CA PHE E 408 -6.08 21.54 51.99
C PHE E 408 -7.35 21.20 52.77
N GLN E 409 -7.18 20.82 54.03
CA GLN E 409 -8.32 20.54 54.89
C GLN E 409 -9.27 21.72 54.92
N ASP E 410 -8.71 22.92 55.06
CA ASP E 410 -9.49 24.16 55.08
C ASP E 410 -10.20 24.34 53.74
N LEU E 411 -9.46 24.18 52.66
CA LEU E 411 -10.02 24.30 51.31
C LEU E 411 -11.14 23.29 51.08
N LEU E 412 -10.91 22.06 51.49
CA LEU E 412 -11.89 20.99 51.34
C LEU E 412 -13.12 21.31 52.18
N ASN E 413 -12.90 21.75 53.41
CA ASN E 413 -14.00 22.11 54.31
C ASN E 413 -14.88 23.21 53.74
N ARG E 414 -14.25 24.29 53.29
CA ARG E 414 -14.99 25.43 52.77
C ARG E 414 -15.73 25.06 51.49
N THR E 415 -15.07 24.30 50.61
CA THR E 415 -15.70 23.86 49.37
C THR E 415 -16.96 23.04 49.65
N THR E 416 -16.82 22.06 50.54
CA THR E 416 -17.95 21.18 50.87
C THR E 416 -19.09 21.96 51.54
N ALA E 417 -18.76 23.02 52.28
CA ALA E 417 -19.77 23.83 52.96
C ALA E 417 -20.35 24.89 52.04
N GLY E 418 -19.81 24.98 50.83
CA GLY E 418 -20.30 25.96 49.86
C GLY E 418 -19.93 27.39 50.22
N GLN E 419 -18.85 27.54 50.98
CA GLN E 419 -18.38 28.85 51.37
C GLN E 419 -17.27 29.30 50.44
N PRO E 420 -17.08 30.64 50.34
CA PRO E 420 -15.94 31.17 49.59
C PRO E 420 -14.63 30.59 50.12
N THR E 421 -13.76 30.19 49.20
CA THR E 421 -12.52 29.52 49.56
C THR E 421 -11.34 30.48 49.62
N GLY E 422 -11.47 31.62 48.95
CA GLY E 422 -10.37 32.56 48.84
C GLY E 422 -9.29 32.00 47.94
N TRP E 423 -9.68 31.06 47.08
CA TRP E 423 -8.76 30.38 46.19
C TRP E 423 -9.02 30.78 44.74
N TYR E 424 -7.95 30.91 43.97
CA TYR E 424 -8.06 31.38 42.60
C TYR E 424 -8.66 30.32 41.67
N LYS E 425 -8.86 29.11 42.19
CA LYS E 425 -9.54 28.05 41.46
C LYS E 425 -10.60 27.43 42.36
N ASP E 426 -11.27 26.41 41.84
CA ASP E 426 -12.15 25.60 42.67
C ASP E 426 -11.78 24.13 42.48
N LEU E 427 -12.12 23.30 43.47
CA LEU E 427 -11.70 21.90 43.47
C LEU E 427 -12.19 21.14 42.24
N ARG E 428 -13.38 21.48 41.76
CA ARG E 428 -13.94 20.80 40.60
C ARG E 428 -12.97 20.87 39.43
N HIS E 429 -12.46 22.06 39.16
CA HIS E 429 -11.56 22.28 38.03
C HIS E 429 -10.13 21.88 38.34
N TYR E 430 -9.83 21.70 39.62
CA TYR E 430 -8.53 21.20 40.05
C TYR E 430 -8.49 19.69 39.83
N TYR E 431 -9.63 19.04 40.05
CA TYR E 431 -9.75 17.59 39.85
C TYR E 431 -9.91 17.23 38.38
N TYR E 432 -10.85 17.87 37.71
CA TYR E 432 -11.16 17.55 36.33
C TYR E 432 -10.62 18.61 35.38
N ARG E 433 -9.54 18.25 34.69
CA ARG E 433 -8.81 19.18 33.84
C ARG E 433 -8.99 18.81 32.37
N ALA E 434 -8.69 19.76 31.50
CA ALA E 434 -8.72 19.52 30.07
C ALA E 434 -7.53 18.65 29.69
N ARG E 435 -7.67 17.89 28.61
CA ARG E 435 -6.60 17.04 28.15
C ARG E 435 -5.38 17.90 27.81
N TRP E 436 -5.64 19.05 27.18
CA TRP E 436 -4.58 19.99 26.83
C TRP E 436 -4.77 21.36 27.50
N GLU E 437 -3.74 21.80 28.22
CA GLU E 437 -3.76 23.12 28.86
C GLU E 437 -2.65 24.00 28.31
N LEU E 438 -3.02 25.11 27.69
CA LEU E 438 -2.05 26.04 27.12
C LEU E 438 -2.16 27.40 27.80
N TYR E 439 -1.04 27.91 28.33
CA TYR E 439 -1.05 29.18 29.05
C TYR E 439 0.03 30.14 28.57
N ASP E 440 -0.30 31.43 28.56
CA ASP E 440 0.67 32.48 28.28
C ASP E 440 0.88 33.29 29.55
N ARG E 441 1.96 33.01 30.27
CA ARG E 441 2.18 33.59 31.59
C ARG E 441 2.59 35.05 31.56
N SER E 442 2.89 35.56 30.37
CA SER E 442 3.21 36.98 30.23
C SER E 442 1.92 37.81 30.34
N ARG E 443 0.79 37.16 30.08
CA ARG E 443 -0.52 37.81 30.15
C ARG E 443 -1.38 37.18 31.24
N ASP E 444 -1.13 35.91 31.52
CA ASP E 444 -1.92 35.14 32.48
C ASP E 444 -1.01 34.30 33.37
N PRO E 445 -0.29 34.96 34.30
CA PRO E 445 0.67 34.27 35.16
C PRO E 445 0.01 33.25 36.08
N HIS E 446 -1.25 33.47 36.43
CA HIS E 446 -1.99 32.55 37.29
C HIS E 446 -2.36 31.26 36.53
N GLU E 447 -2.16 31.27 35.21
CA GLU E 447 -2.46 30.10 34.39
C GLU E 447 -3.92 29.67 34.57
N THR E 448 -4.85 30.60 34.34
CA THR E 448 -6.27 30.30 34.49
C THR E 448 -7.04 30.43 33.18
N GLN E 449 -6.38 30.99 32.17
CA GLN E 449 -7.02 31.15 30.87
C GLN E 449 -6.44 30.16 29.87
N ASN E 450 -7.08 29.00 29.77
CA ASN E 450 -6.63 27.96 28.85
C ASN E 450 -6.83 28.44 27.41
N LEU E 451 -5.75 28.43 26.65
CA LEU E 451 -5.77 28.95 25.29
C LEU E 451 -5.84 27.83 24.26
N ALA E 452 -5.82 26.58 24.73
CA ALA E 452 -5.85 25.43 23.86
C ALA E 452 -7.12 25.43 23.02
N THR E 453 -8.16 26.07 23.53
CA THR E 453 -9.48 26.09 22.87
C THR E 453 -9.68 27.34 22.03
N ASP E 454 -8.65 28.19 21.98
CA ASP E 454 -8.71 29.44 21.23
C ASP E 454 -8.02 29.29 19.87
N PRO E 455 -8.79 29.45 18.78
CA PRO E 455 -8.28 29.28 17.42
C PRO E 455 -7.10 30.19 17.10
N ARG E 456 -6.98 31.29 17.84
CA ARG E 456 -5.91 32.26 17.62
C ARG E 456 -4.56 31.64 17.93
N PHE E 457 -4.57 30.53 18.66
CA PHE E 457 -3.33 29.90 19.12
C PHE E 457 -3.17 28.48 18.58
N ALA E 458 -3.93 28.16 17.53
CA ALA E 458 -3.87 26.83 16.93
C ALA E 458 -2.48 26.51 16.41
N GLN E 459 -1.86 27.47 15.72
CA GLN E 459 -0.53 27.27 15.13
C GLN E 459 0.53 27.06 16.20
N LEU E 460 0.47 27.86 17.26
CA LEU E 460 1.41 27.73 18.37
C LEU E 460 1.21 26.40 19.07
N LEU E 461 -0.04 25.99 19.21
CA LEU E 461 -0.38 24.72 19.84
C LEU E 461 0.27 23.55 19.10
N GLU E 462 0.11 23.52 17.78
CA GLU E 462 0.68 22.45 16.96
C GLU E 462 2.20 22.43 17.08
N MET E 463 2.81 23.61 17.13
CA MET E 463 4.26 23.72 17.22
C MET E 463 4.76 23.12 18.53
N LEU E 464 4.11 23.48 19.63
CA LEU E 464 4.50 23.00 20.95
C LEU E 464 4.27 21.50 21.09
N ARG E 465 3.17 21.02 20.54
CA ARG E 465 2.87 19.59 20.55
C ARG E 465 3.95 18.81 19.82
N ASP E 466 4.41 19.35 18.69
CA ASP E 466 5.48 18.73 17.92
C ASP E 466 6.79 18.69 18.70
N GLN E 467 7.12 19.79 19.37
CA GLN E 467 8.34 19.86 20.18
C GLN E 467 8.27 18.84 21.31
N LEU E 468 7.11 18.76 21.96
CA LEU E 468 6.93 17.84 23.08
C LEU E 468 7.09 16.39 22.63
N ALA E 469 6.38 16.02 21.57
CA ALA E 469 6.42 14.66 21.05
C ALA E 469 7.84 14.27 20.63
N LYS E 470 8.54 15.18 19.97
CA LYS E 470 9.90 14.93 19.52
C LYS E 470 10.80 14.60 20.71
N TRP E 471 10.62 15.35 21.80
CA TRP E 471 11.38 15.13 23.02
C TRP E 471 11.03 13.78 23.63
N GLN E 472 9.74 13.43 23.59
CA GLN E 472 9.28 12.15 24.12
C GLN E 472 9.94 10.98 23.41
N TRP E 473 9.95 11.03 22.08
CA TRP E 473 10.61 9.97 21.30
C TRP E 473 12.11 9.96 21.56
N GLU E 474 12.70 11.15 21.60
CA GLU E 474 14.13 11.31 21.82
C GLU E 474 14.56 10.70 23.16
N THR E 475 13.66 10.73 24.15
CA THR E 475 13.96 10.23 25.49
C THR E 475 13.23 8.92 25.79
N HIS E 476 12.79 8.23 24.73
CA HIS E 476 12.22 6.89 24.85
C HIS E 476 11.12 6.80 25.89
N ASP E 477 10.13 7.68 25.77
CA ASP E 477 8.99 7.74 26.67
C ASP E 477 7.99 6.64 26.35
N PRO E 478 7.80 5.70 27.29
CA PRO E 478 6.85 4.61 27.08
C PRO E 478 5.41 5.10 26.92
N TRP E 479 5.14 6.31 27.38
CA TRP E 479 3.79 6.87 27.35
C TRP E 479 3.56 7.72 26.10
N VAL E 480 4.47 7.63 25.14
CA VAL E 480 4.47 8.53 23.99
C VAL E 480 3.19 8.44 23.13
N CYS E 481 2.55 7.27 23.11
CA CYS E 481 1.36 7.08 22.28
C CYS E 481 0.07 7.21 23.10
N ALA E 482 0.20 7.15 24.42
CA ALA E 482 -0.96 7.24 25.29
C ALA E 482 -1.56 8.64 25.26
N PRO E 483 -2.86 8.74 25.54
CA PRO E 483 -3.75 7.63 25.85
C PRO E 483 -4.58 7.14 24.67
N ASP E 484 -4.45 7.80 23.52
CA ASP E 484 -5.31 7.50 22.38
C ASP E 484 -4.78 6.35 21.53
N GLY E 485 -3.54 5.93 21.77
CA GLY E 485 -2.91 4.90 20.94
C GLY E 485 -2.01 3.95 21.69
N VAL E 486 -1.52 2.94 20.96
CA VAL E 486 -0.61 1.95 21.51
C VAL E 486 0.71 1.96 20.75
N LEU E 487 1.81 1.74 21.46
CA LEU E 487 3.14 1.76 20.87
C LEU E 487 3.48 0.44 20.22
N GLU E 488 3.69 0.46 18.91
CA GLU E 488 4.11 -0.70 18.16
C GLU E 488 5.36 -0.36 17.35
N GLU E 489 6.53 -0.64 17.92
CA GLU E 489 7.80 -0.24 17.32
C GLU E 489 8.06 -0.88 15.96
N LYS E 490 7.53 -2.08 15.74
CA LYS E 490 7.85 -2.84 14.55
C LYS E 490 7.04 -2.42 13.32
N LEU E 491 6.18 -1.42 13.45
CA LEU E 491 5.40 -0.96 12.30
C LEU E 491 5.23 0.56 12.24
N SER E 492 4.52 1.02 11.21
CA SER E 492 4.35 2.46 10.97
C SER E 492 2.92 2.81 10.59
N PRO E 493 2.36 3.84 11.23
CA PRO E 493 3.04 4.60 12.27
C PRO E 493 3.25 3.78 13.54
N GLN E 494 4.24 4.17 14.34
CA GLN E 494 4.57 3.42 15.55
C GLN E 494 3.46 3.55 16.60
N CYS E 495 2.72 4.65 16.56
CA CYS E 495 1.55 4.80 17.43
C CYS E 495 0.30 4.36 16.69
N GLN E 496 -0.30 3.27 17.15
CA GLN E 496 -1.50 2.72 16.53
C GLN E 496 -2.74 3.12 17.33
N PRO E 497 -3.81 3.52 16.64
CA PRO E 497 -5.02 4.05 17.26
C PRO E 497 -5.87 2.99 17.96
N LEU E 498 -6.48 3.36 19.08
CA LEU E 498 -7.34 2.46 19.84
C LEU E 498 -8.81 2.77 19.59
N HIS E 499 -9.08 3.95 19.04
CA HIS E 499 -10.45 4.39 18.83
C HIS E 499 -11.23 4.23 20.13
N ASN E 500 -10.69 4.80 21.21
CA ASN E 500 -11.32 4.74 22.51
C ASN E 500 -11.98 6.07 22.87
N GLU E 501 -12.56 6.72 21.87
CA GLU E 501 -13.29 7.98 22.06
C GLU E 501 -12.35 9.12 22.49
N LEU E 502 -11.08 9.01 22.14
CA LEU E 502 -10.09 10.05 22.44
C LEU E 502 -9.43 10.55 21.15
N ARG E 503 -9.34 11.87 21.00
CA ARG E 503 -8.82 12.49 19.78
C ARG E 503 -7.33 12.18 19.53
N SER E 504 -6.89 12.39 18.30
CA SER E 504 -5.50 12.13 17.92
C SER E 504 -4.98 13.21 16.97
N PRO F 22 9.44 -40.63 50.38
CA PRO F 22 9.87 -39.23 50.22
C PRO F 22 8.95 -38.44 49.29
N ARG F 23 8.62 -37.22 49.70
CA ARG F 23 7.66 -36.39 48.96
C ARG F 23 8.31 -35.38 48.03
N ASN F 24 7.75 -35.28 46.82
CA ASN F 24 8.17 -34.27 45.86
C ASN F 24 6.97 -33.48 45.37
N ALA F 25 7.22 -32.44 44.57
CA ALA F 25 6.14 -31.65 44.00
C ALA F 25 6.51 -31.17 42.60
N LEU F 26 5.54 -31.18 41.71
CA LEU F 26 5.73 -30.74 40.34
C LEU F 26 4.61 -29.78 39.95
N LEU F 27 4.98 -28.56 39.60
CA LEU F 27 4.00 -27.57 39.17
C LEU F 27 4.12 -27.32 37.68
N LEU F 28 3.10 -27.74 36.95
CA LEU F 28 3.05 -27.53 35.50
C LEU F 28 2.17 -26.32 35.23
N LEU F 29 2.76 -25.30 34.62
CA LEU F 29 2.04 -24.06 34.39
C LEU F 29 2.00 -23.69 32.91
N ALA F 30 0.80 -23.66 32.34
CA ALA F 30 0.60 -23.22 30.97
C ALA F 30 0.52 -21.70 30.95
N ASP F 31 0.96 -21.10 29.84
CA ASP F 31 0.96 -19.66 29.69
C ASP F 31 -0.23 -19.24 28.83
N ASP F 32 -1.22 -18.59 29.44
CA ASP F 32 -2.41 -18.15 28.73
C ASP F 32 -3.26 -19.33 28.30
N GLY F 33 -3.22 -20.41 29.07
CA GLY F 33 -4.00 -21.61 28.76
C GLY F 33 -5.43 -21.52 29.25
N GLY F 34 -6.34 -22.19 28.56
CA GLY F 34 -7.75 -22.19 28.91
C GLY F 34 -8.29 -23.59 29.15
N PHE F 35 -9.55 -23.80 28.78
CA PHE F 35 -10.22 -25.08 29.03
C PHE F 35 -10.29 -25.94 27.77
N GLU F 36 -9.30 -25.79 26.90
CA GLU F 36 -9.25 -26.57 25.67
C GLU F 36 -8.66 -27.94 25.93
N SER F 37 -9.48 -28.84 26.48
CA SER F 37 -9.05 -30.20 26.76
C SER F 37 -10.25 -31.13 26.94
N GLY F 38 -10.07 -32.40 26.60
CA GLY F 38 -11.11 -33.40 26.79
C GLY F 38 -11.49 -33.50 28.25
N ALA F 39 -10.52 -33.27 29.12
CA ALA F 39 -10.75 -33.30 30.56
C ALA F 39 -11.84 -32.30 30.95
N TYR F 40 -11.88 -31.17 30.26
CA TYR F 40 -12.90 -30.16 30.52
C TYR F 40 -14.02 -30.23 29.48
N ASN F 41 -14.23 -31.42 28.94
CA ASN F 41 -15.35 -31.68 28.05
C ASN F 41 -15.32 -30.86 26.76
N ASN F 42 -14.13 -30.68 26.19
CA ASN F 42 -14.01 -30.13 24.85
C ASN F 42 -13.68 -31.27 23.88
N SER F 43 -14.69 -31.70 23.13
CA SER F 43 -14.55 -32.87 22.27
C SER F 43 -14.04 -32.51 20.88
N ALA F 44 -13.73 -31.24 20.67
CA ALA F 44 -13.23 -30.78 19.37
C ALA F 44 -11.71 -30.88 19.30
N ILE F 45 -11.06 -30.96 20.46
CA ILE F 45 -9.61 -30.99 20.53
C ILE F 45 -9.13 -32.29 21.16
N ALA F 46 -7.88 -32.66 20.87
CA ALA F 46 -7.28 -33.87 21.43
C ALA F 46 -6.15 -33.53 22.41
N THR F 47 -6.36 -33.85 23.68
CA THR F 47 -5.36 -33.64 24.71
C THR F 47 -5.26 -34.88 25.59
N PRO F 48 -4.82 -36.00 25.00
CA PRO F 48 -4.79 -37.31 25.66
C PRO F 48 -3.95 -37.33 26.93
N HIS F 49 -2.86 -36.56 26.96
CA HIS F 49 -1.95 -36.57 28.10
C HIS F 49 -2.55 -35.82 29.29
N LEU F 50 -3.21 -34.71 29.02
CA LEU F 50 -3.90 -33.96 30.07
C LEU F 50 -5.09 -34.77 30.55
N ASP F 51 -5.78 -35.43 29.62
CA ASP F 51 -6.90 -36.28 29.98
C ASP F 51 -6.43 -37.41 30.88
N ALA F 52 -5.28 -37.98 30.54
CA ALA F 52 -4.70 -39.05 31.32
C ALA F 52 -4.38 -38.56 32.73
N LEU F 53 -3.77 -37.38 32.82
CA LEU F 53 -3.46 -36.79 34.11
C LEU F 53 -4.73 -36.58 34.92
N ALA F 54 -5.79 -36.12 34.25
CA ALA F 54 -7.05 -35.83 34.92
C ALA F 54 -7.65 -37.08 35.56
N ARG F 55 -7.40 -38.24 34.97
CA ARG F 55 -7.90 -39.49 35.49
C ARG F 55 -7.18 -39.85 36.78
N ARG F 56 -5.98 -39.29 36.96
CA ARG F 56 -5.19 -39.52 38.17
C ARG F 56 -5.21 -38.27 39.06
N SER F 57 -6.17 -37.39 38.82
CA SER F 57 -6.22 -36.11 39.51
C SER F 57 -7.64 -35.74 39.93
N LEU F 58 -7.74 -34.77 40.84
CA LEU F 58 -9.00 -34.11 41.13
C LEU F 58 -9.10 -32.86 40.28
N LEU F 59 -10.14 -32.78 39.45
CA LEU F 59 -10.31 -31.66 38.55
C LEU F 59 -11.22 -30.60 39.17
N PHE F 60 -10.79 -29.34 39.11
CA PHE F 60 -11.55 -28.23 39.67
C PHE F 60 -12.28 -27.44 38.60
N ARG F 61 -13.60 -27.37 38.71
CA ARG F 61 -14.42 -26.67 37.74
C ARG F 61 -14.42 -25.16 38.00
N ASN F 62 -14.15 -24.78 39.25
CA ASN F 62 -14.23 -23.39 39.66
C ASN F 62 -12.94 -22.85 40.28
N ALA F 63 -11.86 -22.91 39.50
CA ALA F 63 -10.58 -22.35 39.93
C ALA F 63 -10.31 -21.03 39.21
N PHE F 64 -9.69 -20.09 39.93
CA PHE F 64 -9.45 -18.75 39.39
C PHE F 64 -8.10 -18.20 39.80
N THR F 65 -7.51 -17.37 38.95
CA THR F 65 -6.34 -16.58 39.32
C THR F 65 -6.83 -15.28 39.95
N SER F 66 -6.01 -14.69 40.81
CA SER F 66 -6.39 -13.44 41.47
C SER F 66 -6.12 -12.23 40.57
N VAL F 67 -5.35 -12.46 39.51
CA VAL F 67 -4.95 -11.38 38.61
C VAL F 67 -4.69 -11.93 37.21
N SER F 68 -5.12 -11.19 36.19
CA SER F 68 -5.03 -11.65 34.81
C SER F 68 -3.87 -10.98 34.06
N SER F 69 -2.70 -11.02 34.67
CA SER F 69 -1.48 -10.47 34.07
C SER F 69 -0.31 -11.38 34.40
N SER F 71 3.15 -11.61 35.01
CA SER F 71 4.12 -11.51 36.14
C SER F 71 3.41 -11.47 37.49
N PRO F 72 2.40 -10.58 37.61
CA PRO F 72 1.65 -10.51 38.85
C PRO F 72 1.02 -11.84 39.24
N SER F 73 0.50 -12.57 38.25
CA SER F 73 -0.14 -13.85 38.51
C SER F 73 0.88 -14.86 39.01
N ARG F 74 2.07 -14.84 38.42
CA ARG F 74 3.11 -15.79 38.76
C ARG F 74 3.72 -15.46 40.11
N ALA F 75 3.80 -14.17 40.43
CA ALA F 75 4.28 -13.73 41.73
C ALA F 75 3.30 -14.12 42.84
N SER F 76 2.02 -13.91 42.57
CA SER F 76 0.98 -14.25 43.54
C SER F 76 0.92 -15.76 43.75
N LEU F 77 1.03 -16.49 42.65
CA LEU F 77 1.00 -17.95 42.70
C LEU F 77 2.18 -18.50 43.52
N LEU F 78 3.33 -17.85 43.38
CA LEU F 78 4.55 -18.32 44.03
C LEU F 78 4.76 -17.72 45.41
N THR F 79 3.82 -16.91 45.87
CA THR F 79 3.92 -16.30 47.20
C THR F 79 2.68 -16.56 48.05
N GLY F 80 1.54 -16.71 47.40
CA GLY F 80 0.27 -16.84 48.10
C GLY F 80 -0.28 -15.49 48.49
N LEU F 81 0.33 -14.44 47.95
CA LEU F 81 -0.06 -13.08 48.23
C LEU F 81 -0.56 -12.38 46.97
N PRO F 82 -1.62 -11.58 47.10
CA PRO F 82 -2.14 -10.84 45.96
C PRO F 82 -1.12 -9.80 45.47
N GLN F 83 -1.20 -9.44 44.19
CA GLN F 83 -0.21 -8.56 43.59
C GLN F 83 -0.02 -7.27 44.36
N HIS F 84 -1.10 -6.74 44.93
CA HIS F 84 -1.02 -5.48 45.65
C HIS F 84 -0.31 -5.63 46.99
N GLN F 85 -0.01 -6.86 47.39
CA GLN F 85 0.65 -7.12 48.66
C GLN F 85 2.10 -7.57 48.47
N ASN F 86 2.36 -8.35 47.42
CA ASN F 86 3.72 -8.83 47.18
C ASN F 86 4.57 -7.83 46.39
N GLY F 87 3.92 -6.90 45.70
CA GLY F 87 4.63 -5.79 45.06
C GLY F 87 4.76 -5.88 43.56
N MET F 88 4.38 -7.02 42.98
CA MET F 88 4.40 -7.19 41.54
C MET F 88 3.11 -6.60 40.97
N TYR F 89 3.07 -5.27 40.90
CA TYR F 89 1.88 -4.54 40.48
C TYR F 89 1.63 -4.67 38.98
N GLY F 90 2.62 -5.17 38.24
CA GLY F 90 2.51 -5.28 36.79
C GLY F 90 3.60 -6.15 36.20
N LEU F 91 3.83 -6.02 34.90
CA LEU F 91 4.82 -6.83 34.22
C LEU F 91 6.24 -6.55 34.70
N HIS F 92 7.09 -7.56 34.63
CA HIS F 92 8.41 -7.53 35.25
C HIS F 92 9.53 -7.09 34.30
N GLN F 93 9.35 -7.33 33.01
CA GLN F 93 10.45 -7.15 32.06
C GLN F 93 10.69 -5.70 31.61
N ASP F 94 11.88 -5.50 31.03
CA ASP F 94 12.36 -4.20 30.56
C ASP F 94 11.67 -2.97 31.17
N VAL F 95 10.93 -2.25 30.34
CA VAL F 95 10.40 -0.93 30.68
C VAL F 95 9.36 -0.97 31.80
N HIS F 96 8.76 -2.13 32.03
CA HIS F 96 7.71 -2.27 33.01
C HIS F 96 8.29 -2.46 34.41
N HIS F 97 9.26 -3.37 34.53
CA HIS F 97 10.24 -3.29 35.60
C HIS F 97 9.68 -3.47 37.01
N PHE F 98 8.57 -4.18 37.15
CA PHE F 98 8.01 -4.41 38.46
C PHE F 98 8.67 -5.60 39.17
N ASN F 99 8.92 -5.42 40.46
CA ASN F 99 9.52 -6.46 41.30
C ASN F 99 8.77 -6.61 42.61
N SER F 100 8.79 -7.81 43.18
CA SER F 100 8.21 -8.03 44.48
C SER F 100 9.11 -7.41 45.54
N PHE F 101 8.55 -7.12 46.72
CA PHE F 101 9.31 -6.51 47.79
C PHE F 101 10.39 -7.46 48.28
N ASP F 102 11.54 -6.90 48.65
CA ASP F 102 12.67 -7.69 49.08
C ASP F 102 12.33 -8.65 50.23
N LYS F 103 11.52 -8.17 51.17
CA LYS F 103 11.23 -8.93 52.39
C LYS F 103 10.17 -10.01 52.21
N VAL F 104 9.62 -10.12 51.00
CA VAL F 104 8.64 -11.16 50.71
C VAL F 104 9.29 -12.55 50.74
N ARG F 105 8.63 -13.49 51.43
CA ARG F 105 9.09 -14.88 51.47
C ARG F 105 8.26 -15.76 50.53
N SER F 106 8.85 -16.12 49.39
CA SER F 106 8.15 -16.89 48.38
C SER F 106 8.21 -18.38 48.66
N LEU F 107 7.36 -19.14 47.97
CA LEU F 107 7.33 -20.58 48.08
C LEU F 107 8.73 -21.20 47.91
N PRO F 108 9.37 -20.94 46.76
CA PRO F 108 10.69 -21.48 46.46
C PRO F 108 11.74 -21.17 47.53
N LEU F 109 11.70 -19.95 48.06
CA LEU F 109 12.61 -19.58 49.13
C LEU F 109 12.36 -20.44 50.35
N LEU F 110 11.10 -20.52 50.76
CA LEU F 110 10.72 -21.30 51.95
C LEU F 110 11.04 -22.77 51.78
N LEU F 111 10.83 -23.29 50.57
CA LEU F 111 11.14 -24.69 50.29
C LEU F 111 12.64 -24.93 50.42
N SER F 112 13.43 -24.03 49.85
CA SER F 112 14.88 -24.14 49.90
C SER F 112 15.37 -24.18 51.34
N GLN F 113 14.84 -23.28 52.16
CA GLN F 113 15.22 -23.20 53.57
C GLN F 113 14.83 -24.46 54.34
N ALA F 114 13.84 -25.19 53.84
CA ALA F 114 13.37 -26.39 54.50
C ALA F 114 14.11 -27.62 53.99
N GLY F 115 15.07 -27.41 53.10
CA GLY F 115 15.91 -28.49 52.60
C GLY F 115 15.40 -29.13 51.34
N VAL F 116 14.48 -28.45 50.65
CA VAL F 116 13.95 -28.95 49.39
C VAL F 116 14.72 -28.36 48.20
N ARG F 117 15.14 -29.22 47.27
CA ARG F 117 15.82 -28.77 46.06
C ARG F 117 14.80 -28.18 45.09
N THR F 118 15.05 -26.97 44.64
CA THR F 118 14.11 -26.28 43.75
C THR F 118 14.66 -26.18 42.34
N GLY F 119 13.77 -26.28 41.36
CA GLY F 119 14.15 -26.12 39.96
C GLY F 119 13.07 -25.43 39.16
N ILE F 120 13.49 -24.65 38.16
CA ILE F 120 12.56 -24.01 37.25
C ILE F 120 13.02 -24.19 35.80
N ILE F 121 12.07 -24.50 34.93
CA ILE F 121 12.35 -24.63 33.51
C ILE F 121 11.26 -23.91 32.72
N GLY F 122 11.66 -22.87 31.99
CA GLY F 122 10.71 -22.12 31.19
C GLY F 122 10.65 -20.65 31.55
N LYS F 123 9.46 -20.08 31.42
CA LYS F 123 9.24 -18.66 31.64
C LYS F 123 9.14 -18.34 33.14
N LYS F 124 10.03 -17.49 33.64
CA LYS F 124 10.00 -17.06 35.03
C LYS F 124 9.17 -15.79 35.16
N HIS F 125 9.66 -14.71 34.57
CA HIS F 125 8.89 -13.49 34.43
C HIS F 125 8.55 -12.84 35.77
N VAL F 126 9.42 -13.09 36.76
CA VAL F 126 9.28 -12.46 38.08
C VAL F 126 10.65 -12.22 38.71
N GLY F 127 10.68 -11.31 39.69
CA GLY F 127 11.90 -10.98 40.41
C GLY F 127 11.56 -10.25 41.69
N PRO F 128 12.58 -9.90 42.50
CA PRO F 128 13.99 -10.15 42.20
C PRO F 128 14.43 -11.59 42.48
N GLU F 129 15.64 -11.92 42.04
CA GLU F 129 16.19 -13.26 42.23
C GLU F 129 16.22 -13.68 43.69
N THR F 130 16.57 -12.75 44.58
CA THR F 130 16.69 -13.06 46.00
C THR F 130 15.36 -13.50 46.60
N VAL F 131 14.26 -12.97 46.05
CA VAL F 131 12.94 -13.34 46.51
C VAL F 131 12.47 -14.64 45.86
N TYR F 132 12.87 -14.85 44.61
CA TYR F 132 12.46 -16.04 43.86
C TYR F 132 13.65 -16.87 43.41
N PRO F 133 14.43 -17.40 44.36
CA PRO F 133 15.62 -18.17 44.03
C PRO F 133 15.31 -19.62 43.63
N PHE F 134 16.09 -20.15 42.70
CA PHE F 134 15.99 -21.55 42.30
C PHE F 134 17.38 -22.17 42.18
N ASP F 135 17.53 -23.36 42.76
CA ASP F 135 18.82 -24.06 42.71
C ASP F 135 19.17 -24.42 41.26
N PHE F 136 18.16 -24.87 40.53
CA PHE F 136 18.32 -25.29 39.15
C PHE F 136 17.41 -24.43 38.29
N ALA F 137 17.99 -23.64 37.39
CA ALA F 137 17.22 -22.63 36.66
C ALA F 137 17.60 -22.53 35.18
N TYR F 138 16.62 -22.77 34.31
CA TYR F 138 16.78 -22.56 32.87
C TYR F 138 15.59 -21.76 32.37
N THR F 139 15.78 -20.45 32.27
CA THR F 139 14.69 -19.54 31.98
C THR F 139 15.07 -18.55 30.89
N GLU F 140 14.23 -17.52 30.72
CA GLU F 140 14.48 -16.49 29.73
C GLU F 140 15.65 -15.61 30.18
N GLU F 141 16.01 -15.72 31.45
CA GLU F 141 17.07 -14.88 32.02
C GLU F 141 18.45 -15.38 31.61
N ASN F 142 18.57 -16.66 31.31
CA ASN F 142 19.85 -17.25 30.94
C ASN F 142 19.77 -18.10 29.68
N GLY F 143 18.78 -17.83 28.84
CA GLY F 143 18.59 -18.57 27.60
C GLY F 143 17.39 -18.09 26.80
N SER F 144 16.97 -18.90 25.83
CA SER F 144 15.85 -18.55 24.96
C SER F 144 14.54 -19.13 25.49
N VAL F 145 13.56 -18.26 25.69
CA VAL F 145 12.24 -18.68 26.18
C VAL F 145 11.56 -19.55 25.14
N LEU F 146 11.98 -19.40 23.88
CA LEU F 146 11.46 -20.22 22.79
C LEU F 146 11.85 -21.68 23.01
N GLN F 147 13.10 -21.90 23.37
CA GLN F 147 13.63 -23.25 23.57
C GLN F 147 13.10 -23.89 24.85
N VAL F 148 13.29 -23.20 25.97
CA VAL F 148 12.92 -23.76 27.27
C VAL F 148 11.43 -23.61 27.59
N GLY F 149 10.70 -22.92 26.71
CA GLY F 149 9.27 -22.67 26.92
C GLY F 149 8.37 -23.36 25.92
N ARG F 150 8.87 -23.59 24.71
CA ARG F 150 8.05 -24.16 23.63
C ARG F 150 8.63 -25.44 23.02
N ASN F 151 9.96 -25.56 23.03
CA ASN F 151 10.61 -26.76 22.52
C ASN F 151 10.55 -27.88 23.56
N ILE F 152 9.49 -28.68 23.48
CA ILE F 152 9.22 -29.68 24.51
C ILE F 152 10.31 -30.75 24.59
N THR F 153 11.07 -30.93 23.52
CA THR F 153 12.20 -31.86 23.54
C THR F 153 13.30 -31.32 24.44
N ARG F 154 13.61 -30.04 24.28
CA ARG F 154 14.57 -29.37 25.13
C ARG F 154 14.11 -29.43 26.60
N ILE F 155 12.82 -29.16 26.80
CA ILE F 155 12.25 -29.20 28.14
C ILE F 155 12.37 -30.59 28.75
N LYS F 156 12.05 -31.60 27.96
CA LYS F 156 12.11 -32.99 28.42
C LYS F 156 13.52 -33.36 28.88
N LEU F 157 14.52 -32.91 28.13
CA LEU F 157 15.91 -33.23 28.44
C LEU F 157 16.40 -32.48 29.67
N LEU F 158 15.86 -31.28 29.89
CA LEU F 158 16.24 -30.50 31.06
C LEU F 158 15.62 -31.10 32.32
N VAL F 159 14.43 -31.66 32.18
CA VAL F 159 13.78 -32.37 33.28
C VAL F 159 14.58 -33.62 33.62
N ARG F 160 15.01 -34.35 32.59
CA ARG F 160 15.87 -35.51 32.78
C ARG F 160 17.10 -35.14 33.58
N LYS F 161 17.76 -34.06 33.15
CA LYS F 161 19.00 -33.62 33.78
C LYS F 161 18.75 -33.27 35.25
N PHE F 162 17.62 -32.61 35.51
CA PHE F 162 17.26 -32.26 36.87
C PHE F 162 17.16 -33.50 37.74
N LEU F 163 16.48 -34.53 37.23
CA LEU F 163 16.23 -35.75 37.99
C LEU F 163 17.49 -36.60 38.13
N GLN F 164 18.34 -36.59 37.11
CA GLN F 164 19.58 -37.36 37.13
C GLN F 164 20.54 -36.83 38.19
N THR F 165 20.45 -35.53 38.46
CA THR F 165 21.37 -34.88 39.38
C THR F 165 20.79 -34.75 40.78
N GLN F 166 19.71 -35.49 41.04
CA GLN F 166 19.06 -35.43 42.35
C GLN F 166 19.90 -36.11 43.42
N ASP F 167 19.71 -35.68 44.66
CA ASP F 167 20.41 -36.26 45.80
C ASP F 167 19.41 -36.68 46.88
N ASP F 168 19.91 -36.90 48.09
CA ASP F 168 19.06 -37.37 49.20
C ASP F 168 18.06 -36.31 49.64
N ARG F 169 17.76 -35.35 48.77
CA ARG F 169 16.81 -34.28 49.10
C ARG F 169 15.52 -34.35 48.28
N PRO F 170 14.38 -34.00 48.90
CA PRO F 170 13.12 -33.85 48.17
C PRO F 170 13.27 -32.75 47.13
N PHE F 171 12.39 -32.71 46.14
CA PHE F 171 12.48 -31.67 45.12
C PHE F 171 11.15 -31.02 44.80
N PHE F 172 11.24 -29.77 44.33
CA PHE F 172 10.10 -29.06 43.78
C PHE F 172 10.48 -28.57 42.40
N LEU F 173 9.81 -29.09 41.38
CA LEU F 173 10.13 -28.75 40.00
C LEU F 173 9.03 -27.91 39.38
N TYR F 174 9.42 -26.74 38.89
CA TYR F 174 8.47 -25.78 38.34
C TYR F 174 8.70 -25.69 36.84
N VAL F 175 7.78 -26.26 36.07
CA VAL F 175 7.86 -26.22 34.62
C VAL F 175 6.85 -25.23 34.07
N ALA F 176 7.35 -24.08 33.63
CA ALA F 176 6.50 -23.00 33.16
C ALA F 176 6.52 -22.91 31.64
N PHE F 177 5.61 -23.62 30.98
CA PHE F 177 5.51 -23.59 29.53
C PHE F 177 5.22 -22.17 29.06
N HIS F 178 5.70 -21.84 27.87
CA HIS F 178 5.38 -20.57 27.25
C HIS F 178 4.19 -20.77 26.32
N ASP F 179 3.97 -22.00 25.89
CA ASP F 179 2.74 -22.38 25.20
C ASP F 179 1.60 -22.36 26.22
N PRO F 180 0.39 -22.03 25.77
CA PRO F 180 0.02 -21.61 24.43
C PRO F 180 -0.08 -20.10 24.28
N HIS F 181 1.00 -19.40 24.58
CA HIS F 181 1.06 -17.94 24.46
C HIS F 181 1.17 -17.55 22.99
N ARG F 182 0.64 -16.39 22.63
CA ARG F 182 0.69 -15.91 21.25
C ARG F 182 2.13 -15.61 20.83
N CYS F 183 2.34 -15.51 19.52
CA CYS F 183 3.65 -15.21 18.97
C CYS F 183 3.57 -14.07 17.95
N GLY F 184 2.35 -13.58 17.73
CA GLY F 184 2.12 -12.48 16.81
C GLY F 184 2.28 -11.14 17.50
CA GLN F 187 7.71 -13.94 15.87
C GLN F 187 6.57 -14.45 15.00
N PRO F 188 6.14 -13.62 14.03
CA PRO F 188 5.00 -13.91 13.16
C PRO F 188 5.26 -15.07 12.19
N GLN F 189 6.52 -15.37 11.92
CA GLN F 189 6.86 -16.43 10.96
C GLN F 189 6.51 -17.82 11.48
N TYR F 190 6.28 -17.93 12.78
CA TYR F 190 5.94 -19.21 13.39
C TYR F 190 4.44 -19.36 13.56
N GLY F 191 3.68 -18.36 13.12
CA GLY F 191 2.23 -18.39 13.23
C GLY F 191 1.74 -17.56 14.40
N THR F 192 0.42 -17.35 14.46
CA THR F 192 -0.17 -16.52 15.49
C THR F 192 0.05 -17.08 16.90
N PHE F 193 0.15 -18.41 17.02
CA PHE F 193 0.41 -19.04 18.31
C PHE F 193 1.71 -19.86 18.29
N CYS F 194 2.59 -19.56 17.36
CA CYS F 194 3.83 -20.32 17.20
C CYS F 194 3.52 -21.79 16.89
N GLU F 195 2.38 -22.04 16.26
CA GLU F 195 1.94 -23.41 16.00
C GLU F 195 2.75 -24.05 14.88
N LYS F 196 3.58 -23.26 14.22
CA LYS F 196 4.39 -23.74 13.10
C LYS F 196 5.82 -24.03 13.53
N PHE F 197 6.24 -23.43 14.64
CA PHE F 197 7.58 -23.63 15.17
C PHE F 197 7.84 -25.10 15.43
N GLY F 198 8.85 -25.65 14.76
CA GLY F 198 9.27 -27.04 14.98
C GLY F 198 8.36 -28.07 14.34
N ASN F 199 7.56 -27.63 13.36
CA ASN F 199 6.60 -28.52 12.71
C ASN F 199 7.21 -29.34 11.58
N GLY F 200 8.47 -29.05 11.25
CA GLY F 200 9.16 -29.82 10.23
C GLY F 200 9.27 -29.12 8.89
N GLU F 201 8.32 -28.23 8.59
CA GLU F 201 8.32 -27.51 7.32
C GLU F 201 9.59 -26.66 7.20
N SER F 202 9.93 -26.29 5.98
CA SER F 202 11.13 -25.49 5.72
C SER F 202 11.13 -24.17 6.53
N GLY F 203 12.23 -23.93 7.22
CA GLY F 203 12.42 -22.70 8.00
C GLY F 203 11.83 -22.74 9.40
N MET F 204 11.19 -23.86 9.74
CA MET F 204 10.51 -24.00 11.03
C MET F 204 11.32 -24.83 12.03
N GLY F 205 12.18 -25.69 11.51
CA GLY F 205 12.96 -26.58 12.36
C GLY F 205 12.14 -27.80 12.77
N ARG F 206 12.69 -28.62 13.66
CA ARG F 206 12.04 -29.85 14.07
C ARG F 206 12.14 -30.07 15.57
N ILE F 207 11.01 -30.43 16.18
CA ILE F 207 10.98 -30.88 17.56
C ILE F 207 10.62 -32.35 17.55
N PRO F 208 11.64 -33.23 17.62
CA PRO F 208 11.49 -34.67 17.41
C PRO F 208 10.34 -35.29 18.22
N ASP F 209 10.14 -34.83 19.44
CA ASP F 209 9.15 -35.43 20.32
C ASP F 209 7.74 -34.88 20.08
N TRP F 210 7.61 -33.95 19.14
CA TRP F 210 6.32 -33.33 18.87
C TRP F 210 5.69 -33.81 17.57
N THR F 211 4.46 -34.29 17.65
CA THR F 211 3.68 -34.66 16.48
C THR F 211 2.55 -33.63 16.27
N PRO F 212 2.76 -32.67 15.36
CA PRO F 212 1.81 -31.59 15.11
C PRO F 212 0.39 -32.09 14.84
N GLN F 213 -0.60 -31.39 15.38
CA GLN F 213 -2.00 -31.74 15.16
C GLN F 213 -2.75 -30.56 14.53
N ALA F 214 -3.10 -30.72 13.26
CA ALA F 214 -3.81 -29.65 12.54
C ALA F 214 -5.29 -29.64 12.91
N TYR F 215 -5.89 -28.46 12.87
CA TYR F 215 -7.30 -28.30 13.20
C TYR F 215 -8.03 -27.42 12.18
N ASP F 216 -9.25 -27.82 11.83
CA ASP F 216 -10.08 -27.04 10.92
C ASP F 216 -10.79 -25.94 11.68
N PRO F 217 -10.69 -24.69 11.19
CA PRO F 217 -11.32 -23.54 11.84
C PRO F 217 -12.83 -23.73 12.03
N LEU F 218 -13.42 -24.67 11.30
CA LEU F 218 -14.86 -24.92 11.35
C LEU F 218 -15.21 -25.97 12.41
N ASP F 219 -14.19 -26.54 13.05
CA ASP F 219 -14.40 -27.59 14.06
C ASP F 219 -14.10 -27.10 15.46
N VAL F 220 -13.37 -26.00 15.58
CA VAL F 220 -12.99 -25.47 16.89
C VAL F 220 -14.23 -24.94 17.63
N LEU F 221 -14.17 -24.97 18.96
CA LEU F 221 -15.24 -24.42 19.78
C LEU F 221 -15.01 -22.93 20.02
N VAL F 222 -15.97 -22.10 19.64
CA VAL F 222 -15.87 -20.65 19.81
C VAL F 222 -16.46 -20.23 21.14
N PRO F 223 -15.59 -19.86 22.10
CA PRO F 223 -16.06 -19.41 23.40
C PRO F 223 -17.03 -18.26 23.25
N TYR F 224 -17.96 -18.12 24.20
CA TYR F 224 -19.03 -17.14 24.08
C TYR F 224 -18.50 -15.70 23.97
N PHE F 225 -17.30 -15.47 24.51
CA PHE F 225 -16.73 -14.13 24.56
C PHE F 225 -15.83 -13.83 23.38
N VAL F 226 -15.71 -14.79 22.47
CA VAL F 226 -14.87 -14.62 21.29
C VAL F 226 -15.76 -14.41 20.07
N PRO F 227 -15.47 -13.36 19.29
CA PRO F 227 -16.24 -13.07 18.08
C PRO F 227 -16.27 -14.29 17.16
N ASN F 228 -17.44 -14.63 16.65
CA ASN F 228 -17.55 -15.77 15.74
C ASN F 228 -17.29 -15.32 14.29
N THR F 229 -16.01 -15.13 13.98
CA THR F 229 -15.60 -14.70 12.65
C THR F 229 -14.52 -15.64 12.12
N PRO F 230 -14.32 -15.65 10.80
CA PRO F 230 -13.27 -16.47 10.20
C PRO F 230 -11.90 -16.18 10.81
N ALA F 231 -11.59 -14.91 11.04
CA ALA F 231 -10.30 -14.53 11.63
C ALA F 231 -10.11 -15.14 13.00
N ALA F 232 -11.16 -15.10 13.82
CA ALA F 232 -11.09 -15.61 15.18
C ALA F 232 -10.99 -17.13 15.20
N ARG F 233 -11.72 -17.79 14.30
CA ARG F 233 -11.69 -19.25 14.21
C ARG F 233 -10.32 -19.71 13.77
N ALA F 234 -9.69 -18.95 12.88
CA ALA F 234 -8.33 -19.25 12.44
C ALA F 234 -7.37 -19.15 13.63
N ASP F 235 -7.53 -18.11 14.44
CA ASP F 235 -6.74 -17.95 15.66
C ASP F 235 -6.90 -19.17 16.55
N LEU F 236 -8.14 -19.61 16.73
CA LEU F 236 -8.44 -20.73 17.62
C LEU F 236 -7.83 -22.02 17.10
N ALA F 237 -7.92 -22.24 15.78
CA ALA F 237 -7.33 -23.42 15.16
C ALA F 237 -5.83 -23.50 15.42
N ALA F 238 -5.15 -22.36 15.28
CA ALA F 238 -3.72 -22.28 15.56
C ALA F 238 -3.45 -22.53 17.03
N GLN F 239 -4.32 -21.99 17.89
CA GLN F 239 -4.19 -22.19 19.33
C GLN F 239 -4.29 -23.67 19.66
N TYR F 240 -5.27 -24.34 19.08
CA TYR F 240 -5.50 -25.75 19.33
C TYR F 240 -4.25 -26.57 19.03
N THR F 241 -3.62 -26.29 17.90
CA THR F 241 -2.41 -26.98 17.50
C THR F 241 -1.31 -26.80 18.56
N THR F 242 -1.17 -25.57 19.04
CA THR F 242 -0.13 -25.25 20.01
C THR F 242 -0.44 -25.83 21.39
N VAL F 243 -1.72 -25.88 21.74
CA VAL F 243 -2.14 -26.49 23.00
C VAL F 243 -1.76 -27.97 22.97
N GLY F 244 -1.88 -28.58 21.79
CA GLY F 244 -1.51 -29.98 21.61
C GLY F 244 -0.03 -30.20 21.89
N ARG F 245 0.79 -29.26 21.47
CA ARG F 245 2.23 -29.33 21.73
C ARG F 245 2.48 -29.26 23.24
N MET F 246 1.78 -28.34 23.90
CA MET F 246 1.88 -28.20 25.34
C MET F 246 1.42 -29.48 26.01
N ASP F 247 0.34 -30.06 25.50
CA ASP F 247 -0.17 -31.33 26.01
C ASP F 247 0.87 -32.43 25.92
N GLN F 248 1.54 -32.53 24.77
CA GLN F 248 2.59 -33.52 24.58
C GLN F 248 3.77 -33.26 25.48
N GLY F 249 4.01 -31.98 25.78
CA GLY F 249 5.08 -31.59 26.70
C GLY F 249 4.80 -32.12 28.08
N VAL F 250 3.54 -32.03 28.50
CA VAL F 250 3.13 -32.55 29.80
C VAL F 250 3.37 -34.06 29.86
N GLY F 251 3.03 -34.74 28.77
CA GLY F 251 3.23 -36.18 28.68
C GLY F 251 4.69 -36.56 28.85
N LEU F 252 5.57 -35.80 28.20
CA LEU F 252 7.01 -36.07 28.26
C LEU F 252 7.56 -35.85 29.67
N VAL F 253 7.13 -34.78 30.30
CA VAL F 253 7.59 -34.44 31.64
C VAL F 253 7.21 -35.54 32.64
N LEU F 254 5.94 -35.91 32.62
CA LEU F 254 5.44 -36.97 33.50
C LEU F 254 6.19 -38.27 33.24
N GLN F 255 6.51 -38.53 31.99
CA GLN F 255 7.25 -39.72 31.60
C GLN F 255 8.66 -39.74 32.17
N GLU F 256 9.26 -38.56 32.26
CA GLU F 256 10.61 -38.46 32.79
C GLU F 256 10.64 -38.81 34.26
N LEU F 257 9.61 -38.40 34.99
CA LEU F 257 9.48 -38.74 36.41
C LEU F 257 9.20 -40.23 36.54
N ARG F 258 8.40 -40.76 35.62
CA ARG F 258 8.11 -42.19 35.60
C ARG F 258 9.38 -43.00 35.34
N ASP F 259 10.25 -42.47 34.48
CA ASP F 259 11.50 -43.15 34.14
C ASP F 259 12.50 -43.04 35.28
N ALA F 260 12.37 -42.01 36.09
CA ALA F 260 13.26 -41.83 37.24
C ALA F 260 12.67 -42.50 38.47
N GLY F 261 11.46 -43.02 38.33
CA GLY F 261 10.79 -43.76 39.40
C GLY F 261 10.39 -42.89 40.58
N VAL F 262 9.91 -41.69 40.31
CA VAL F 262 9.54 -40.76 41.38
C VAL F 262 8.14 -40.22 41.22
N LEU F 263 7.45 -40.58 40.13
CA LEU F 263 6.11 -40.06 39.89
C LEU F 263 5.15 -40.42 41.01
N ASN F 264 5.27 -41.64 41.53
CA ASN F 264 4.38 -42.11 42.59
C ASN F 264 4.71 -41.50 43.95
N ASP F 265 5.71 -40.63 43.99
CA ASP F 265 6.11 -39.98 45.23
C ASP F 265 5.92 -38.47 45.08
N THR F 266 5.32 -38.06 43.97
CA THR F 266 5.27 -36.65 43.61
C THR F 266 3.85 -36.13 43.48
N LEU F 267 3.60 -35.00 44.13
CA LEU F 267 2.35 -34.27 43.96
C LEU F 267 2.41 -33.47 42.65
N VAL F 268 1.47 -33.76 41.75
CA VAL F 268 1.45 -33.07 40.47
C VAL F 268 0.30 -32.08 40.40
N ILE F 269 0.62 -30.86 39.97
CA ILE F 269 -0.39 -29.81 39.82
C ILE F 269 -0.24 -29.15 38.45
N PHE F 270 -1.36 -29.04 37.73
CA PHE F 270 -1.38 -28.33 36.46
C PHE F 270 -2.40 -27.21 36.50
N THR F 271 -2.02 -26.06 35.95
CA THR F 271 -2.93 -24.92 35.86
C THR F 271 -2.39 -23.89 34.87
N SER F 272 -3.05 -22.74 34.80
CA SER F 272 -2.65 -21.67 33.90
C SER F 272 -2.61 -20.35 34.66
N ASP F 273 -1.76 -19.42 34.22
CA ASP F 273 -1.54 -18.19 34.98
C ASP F 273 -2.64 -17.15 34.78
N ASN F 274 -3.30 -17.18 33.63
CA ASN F 274 -4.42 -16.28 33.38
C ASN F 274 -5.28 -16.72 32.20
N GLY F 275 -6.34 -15.97 31.94
CA GLY F 275 -7.28 -16.33 30.87
C GLY F 275 -6.68 -16.24 29.49
N ILE F 276 -7.36 -16.81 28.51
CA ILE F 276 -6.85 -16.86 27.14
C ILE F 276 -6.79 -15.47 26.51
N PRO F 277 -5.84 -15.27 25.59
CA PRO F 277 -5.57 -13.97 24.98
C PRO F 277 -6.60 -13.60 23.90
N PHE F 278 -7.84 -13.42 24.32
CA PHE F 278 -8.92 -12.97 23.43
C PHE F 278 -9.72 -11.88 24.16
N PRO F 279 -10.67 -11.25 23.46
CA PRO F 279 -11.48 -10.21 24.08
C PRO F 279 -12.14 -10.69 25.36
N SER F 280 -12.16 -9.84 26.37
CA SER F 280 -12.80 -10.15 27.66
C SER F 280 -12.02 -11.22 28.43
N GLY F 281 -10.92 -11.69 27.84
CA GLY F 281 -10.07 -12.66 28.51
C GLY F 281 -8.92 -12.01 29.26
N ARG F 282 -7.70 -12.39 28.90
CA ARG F 282 -6.51 -11.88 29.57
C ARG F 282 -6.60 -10.38 29.85
N THR F 283 -6.19 -10.00 31.06
CA THR F 283 -6.19 -8.59 31.52
C THR F 283 -7.53 -8.16 32.10
N ASN F 284 -8.54 -9.02 32.00
CA ASN F 284 -9.86 -8.72 32.57
C ASN F 284 -10.09 -9.52 33.84
N LEU F 285 -10.90 -8.97 34.73
CA LEU F 285 -11.35 -9.72 35.90
C LEU F 285 -12.74 -10.29 35.65
N TYR F 286 -13.12 -10.35 34.37
CA TYR F 286 -14.33 -11.06 33.99
C TYR F 286 -14.01 -12.55 34.07
N TRP F 287 -15.04 -13.39 34.10
CA TRP F 287 -14.85 -14.82 34.24
C TRP F 287 -13.77 -15.34 33.27
N PRO F 288 -13.90 -14.99 31.99
CA PRO F 288 -12.99 -15.47 30.94
C PRO F 288 -11.53 -15.09 31.19
N GLY F 289 -11.30 -14.05 31.99
CA GLY F 289 -9.95 -13.54 32.22
C GLY F 289 -9.26 -14.15 33.42
N THR F 290 -10.04 -14.73 34.33
CA THR F 290 -9.52 -15.24 35.59
C THR F 290 -9.80 -16.73 35.80
N ALA F 291 -10.81 -17.26 35.11
CA ALA F 291 -11.11 -18.68 35.18
C ALA F 291 -9.94 -19.47 34.62
N GLU F 292 -9.50 -20.48 35.36
CA GLU F 292 -8.34 -21.28 34.95
C GLU F 292 -8.60 -22.76 35.15
N PRO F 293 -8.00 -23.61 34.29
CA PRO F 293 -8.02 -25.05 34.53
C PRO F 293 -7.14 -25.39 35.73
N LEU F 294 -7.49 -26.44 36.45
CA LEU F 294 -6.69 -26.86 37.60
C LEU F 294 -6.84 -28.35 37.85
N LEU F 295 -5.71 -29.05 37.83
CA LEU F 295 -5.68 -30.48 38.15
C LEU F 295 -4.72 -30.71 39.31
N VAL F 296 -5.14 -31.53 40.27
CA VAL F 296 -4.29 -31.86 41.40
C VAL F 296 -4.25 -33.37 41.60
N SER F 297 -3.06 -33.95 41.44
CA SER F 297 -2.89 -35.39 41.55
C SER F 297 -1.97 -35.75 42.71
N SER F 298 -2.54 -36.33 43.75
CA SER F 298 -1.78 -36.79 44.89
C SER F 298 -1.74 -38.32 44.88
N PRO F 299 -0.53 -38.89 44.84
CA PRO F 299 -0.36 -40.34 44.85
C PRO F 299 -0.75 -40.96 46.19
N GLU F 300 -0.96 -40.11 47.20
CA GLU F 300 -1.31 -40.57 48.54
C GLU F 300 -2.80 -40.43 48.82
N HIS F 301 -3.50 -39.67 47.98
CA HIS F 301 -4.94 -39.49 48.12
C HIS F 301 -5.65 -39.70 46.80
N PRO F 302 -5.73 -40.97 46.35
CA PRO F 302 -6.34 -41.33 45.08
C PRO F 302 -7.84 -41.54 45.19
N LYS F 303 -8.40 -41.30 46.38
CA LYS F 303 -9.83 -41.54 46.61
C LYS F 303 -10.67 -40.81 45.56
N ARG F 304 -10.27 -39.60 45.21
CA ARG F 304 -11.08 -38.77 44.32
C ARG F 304 -10.43 -38.59 42.94
N TRP F 305 -9.59 -39.54 42.56
CA TRP F 305 -8.98 -39.53 41.23
C TRP F 305 -10.09 -39.68 40.18
N GLY F 306 -10.08 -38.80 39.19
CA GLY F 306 -11.04 -38.87 38.10
C GLY F 306 -12.35 -38.20 38.42
N GLN F 307 -12.39 -37.48 39.54
CA GLN F 307 -13.61 -36.78 39.97
C GLN F 307 -13.53 -35.29 39.65
N VAL F 308 -14.67 -34.62 39.75
CA VAL F 308 -14.75 -33.18 39.52
C VAL F 308 -15.20 -32.48 40.78
N SER F 309 -14.46 -31.45 41.17
CA SER F 309 -14.80 -30.68 42.36
C SER F 309 -15.50 -29.38 41.98
N GLU F 310 -16.52 -29.03 42.77
CA GLU F 310 -17.33 -27.85 42.49
C GLU F 310 -16.86 -26.68 43.34
N ALA F 311 -15.88 -26.93 44.21
CA ALA F 311 -15.40 -25.91 45.16
C ALA F 311 -14.71 -24.76 44.44
N TYR F 312 -14.92 -23.55 44.96
CA TYR F 312 -14.29 -22.36 44.41
C TYR F 312 -12.92 -22.15 45.03
N VAL F 313 -11.89 -22.20 44.18
CA VAL F 313 -10.52 -22.13 44.64
C VAL F 313 -9.72 -21.09 43.85
N SER F 314 -8.59 -20.68 44.42
CA SER F 314 -7.76 -19.63 43.83
C SER F 314 -6.32 -20.10 43.72
N LEU F 315 -5.56 -19.50 42.80
CA LEU F 315 -4.14 -19.80 42.68
C LEU F 315 -3.40 -19.33 43.94
N LEU F 316 -4.06 -18.51 44.74
CA LEU F 316 -3.51 -18.12 46.04
C LEU F 316 -3.49 -19.31 46.98
N ASP F 317 -4.14 -20.40 46.58
CA ASP F 317 -4.21 -21.61 47.40
C ASP F 317 -3.04 -22.55 47.14
N LEU F 318 -2.29 -22.30 46.07
CA LEU F 318 -1.23 -23.21 45.65
C LEU F 318 -0.03 -23.21 46.59
N THR F 319 0.44 -22.03 46.98
CA THR F 319 1.57 -21.95 47.89
C THR F 319 1.24 -22.64 49.21
N PRO F 320 0.07 -22.33 49.80
CA PRO F 320 -0.39 -23.00 51.01
C PRO F 320 -0.50 -24.51 50.83
N THR F 321 -0.93 -24.93 49.63
CA THR F 321 -1.11 -26.34 49.34
C THR F 321 0.24 -27.07 49.31
N ILE F 322 1.20 -26.49 48.61
CA ILE F 322 2.54 -27.08 48.49
C ILE F 322 3.26 -27.06 49.84
N LEU F 323 3.13 -25.96 50.58
CA LEU F 323 3.71 -25.89 51.92
C LEU F 323 3.13 -27.00 52.80
N ASP F 324 1.82 -27.17 52.72
CA ASP F 324 1.14 -28.22 53.47
C ASP F 324 1.69 -29.59 53.06
N TRP F 325 1.92 -29.77 51.77
CA TRP F 325 2.42 -31.04 51.25
C TRP F 325 3.77 -31.39 51.87
N PHE F 326 4.63 -30.39 52.02
CA PHE F 326 5.96 -30.61 52.58
C PHE F 326 5.97 -30.41 54.09
N SER F 327 4.81 -30.12 54.66
CA SER F 327 4.68 -29.90 56.10
C SER F 327 5.54 -28.72 56.54
N ILE F 328 5.55 -27.67 55.73
CA ILE F 328 6.30 -26.45 56.05
C ILE F 328 5.33 -25.34 56.44
N PRO F 329 5.50 -24.79 57.65
CA PRO F 329 4.63 -23.70 58.11
C PRO F 329 5.05 -22.35 57.55
N TYR F 330 4.08 -21.45 57.34
CA TYR F 330 4.38 -20.10 56.91
C TYR F 330 4.93 -19.32 58.10
N PRO F 331 6.13 -18.74 57.93
CA PRO F 331 6.79 -18.04 59.03
C PRO F 331 6.08 -16.74 59.41
N SER F 332 6.30 -16.28 60.63
CA SER F 332 5.73 -15.04 61.11
C SER F 332 6.70 -13.89 60.85
N TYR F 333 6.32 -12.99 59.95
CA TYR F 333 7.17 -11.87 59.60
C TYR F 333 6.36 -10.72 59.03
N ALA F 334 7.01 -9.56 58.88
CA ALA F 334 6.37 -8.40 58.27
C ALA F 334 7.22 -7.89 57.11
N ILE F 335 6.58 -7.25 56.15
CA ILE F 335 7.29 -6.60 55.05
C ILE F 335 7.55 -5.15 55.43
N PHE F 336 6.50 -4.46 55.86
CA PHE F 336 6.61 -3.08 56.32
C PHE F 336 6.10 -2.97 57.76
N GLY F 337 6.75 -2.13 58.56
CA GLY F 337 6.37 -1.94 59.95
C GLY F 337 6.19 -3.26 60.68
N SER F 338 5.17 -3.33 61.53
CA SER F 338 4.87 -4.54 62.27
C SER F 338 3.67 -5.26 61.67
N LYS F 339 3.26 -4.83 60.49
CA LYS F 339 2.14 -5.45 59.79
C LYS F 339 2.45 -6.90 59.42
N THR F 340 2.21 -7.81 60.36
CA THR F 340 2.48 -9.23 60.13
C THR F 340 1.73 -9.75 58.91
N ILE F 341 2.37 -10.64 58.16
CA ILE F 341 1.80 -11.18 56.94
C ILE F 341 1.18 -12.55 57.17
N HIS F 342 -0.04 -12.74 56.68
CA HIS F 342 -0.67 -14.06 56.70
C HIS F 342 -1.35 -14.35 55.36
N LEU F 343 -1.39 -15.63 55.00
CA LEU F 343 -2.01 -16.05 53.74
C LEU F 343 -3.53 -16.10 53.87
N THR F 344 -4.22 -15.70 52.81
CA THR F 344 -5.69 -15.77 52.78
C THR F 344 -6.16 -17.02 52.05
N GLY F 345 -5.25 -17.65 51.31
CA GLY F 345 -5.56 -18.90 50.64
C GLY F 345 -5.58 -20.05 51.64
N ARG F 346 -5.84 -21.26 51.14
CA ARG F 346 -5.83 -22.44 51.99
C ARG F 346 -5.32 -23.65 51.21
N SER F 347 -4.87 -24.67 51.93
CA SER F 347 -4.41 -25.90 51.29
C SER F 347 -5.60 -26.56 50.61
N LEU F 348 -5.37 -27.07 49.41
CA LEU F 348 -6.41 -27.76 48.66
C LEU F 348 -6.40 -29.26 48.98
N LEU F 349 -5.40 -29.69 49.74
CA LEU F 349 -5.23 -31.10 50.04
C LEU F 349 -6.49 -31.75 50.63
N PRO F 350 -7.14 -31.07 51.58
CA PRO F 350 -8.35 -31.60 52.21
C PRO F 350 -9.46 -31.92 51.21
N ALA F 351 -9.49 -31.20 50.09
CA ALA F 351 -10.50 -31.43 49.06
C ALA F 351 -10.23 -32.73 48.31
N LEU F 352 -9.00 -33.23 48.41
CA LEU F 352 -8.63 -34.47 47.74
C LEU F 352 -9.22 -35.67 48.46
N GLU F 353 -9.70 -35.44 49.69
CA GLU F 353 -10.29 -36.49 50.50
C GLU F 353 -11.81 -36.37 50.54
N ALA F 354 -12.30 -35.14 50.71
CA ALA F 354 -13.74 -34.90 50.74
C ALA F 354 -14.09 -33.53 50.17
N GLU F 355 -15.22 -33.45 49.48
CA GLU F 355 -15.67 -32.22 48.84
C GLU F 355 -16.09 -31.17 49.87
N PRO F 356 -15.45 -30.00 49.82
CA PRO F 356 -15.77 -28.87 50.70
C PRO F 356 -16.77 -27.92 50.05
N LEU F 357 -17.20 -26.92 50.80
CA LEU F 357 -18.21 -25.97 50.30
C LEU F 357 -17.64 -24.57 50.07
N TRP F 358 -16.32 -24.49 49.89
CA TRP F 358 -15.68 -23.20 49.62
C TRP F 358 -16.39 -22.52 48.45
N ALA F 359 -16.70 -21.25 48.61
CA ALA F 359 -17.53 -20.55 47.62
C ALA F 359 -17.03 -19.16 47.27
N THR F 360 -15.96 -18.71 47.93
CA THR F 360 -15.50 -17.34 47.77
C THR F 360 -14.06 -17.25 47.24
N VAL F 361 -13.89 -16.42 46.21
CA VAL F 361 -12.55 -16.13 45.68
C VAL F 361 -12.43 -14.64 45.34
N PHE F 362 -11.22 -14.09 45.48
CA PHE F 362 -11.00 -12.67 45.26
C PHE F 362 -10.10 -12.41 44.07
N GLY F 363 -10.10 -11.17 43.60
CA GLY F 363 -9.26 -10.75 42.49
C GLY F 363 -8.74 -9.33 42.71
N SER F 364 -7.51 -9.10 42.29
CA SER F 364 -6.90 -7.78 42.40
C SER F 364 -5.87 -7.57 41.30
N GLN F 365 -6.04 -6.50 40.54
CA GLN F 365 -5.14 -6.17 39.46
C GLN F 365 -4.95 -4.66 39.42
N SER F 366 -3.71 -4.22 39.26
CA SER F 366 -3.41 -2.79 39.19
C SER F 366 -2.92 -2.42 37.79
N HIS F 367 -1.65 -2.71 37.52
CA HIS F 367 -1.08 -2.52 36.20
C HIS F 367 -1.06 -3.82 35.44
N HIS F 368 -0.88 -3.71 34.13
CA HIS F 368 -0.40 -4.81 33.32
C HIS F 368 0.95 -4.32 32.80
N GLU F 369 0.93 -3.66 31.65
CA GLU F 369 2.08 -2.86 31.24
C GLU F 369 2.09 -1.63 32.14
N VAL F 370 3.24 -1.01 32.30
CA VAL F 370 3.37 0.14 33.20
C VAL F 370 2.48 1.30 32.73
N THR F 371 2.20 1.35 31.43
CA THR F 371 1.38 2.42 30.86
C THR F 371 -0.11 2.09 31.00
N MET F 372 -0.40 0.86 31.40
CA MET F 372 -1.78 0.41 31.54
C MET F 372 -2.20 0.42 33.01
N SER F 373 -2.69 1.56 33.47
CA SER F 373 -3.14 1.69 34.85
C SER F 373 -4.65 1.67 34.94
N TYR F 374 -5.21 0.48 35.14
CA TYR F 374 -6.65 0.29 35.24
C TYR F 374 -6.92 -0.69 36.37
N PRO F 375 -6.79 -0.22 37.62
CA PRO F 375 -6.93 -1.12 38.76
C PRO F 375 -8.33 -1.68 38.87
N MET F 376 -8.42 -2.97 39.17
CA MET F 376 -9.69 -3.64 39.35
C MET F 376 -9.61 -4.52 40.59
N ARG F 377 -10.72 -4.61 41.30
CA ARG F 377 -10.82 -5.48 42.47
C ARG F 377 -12.11 -6.26 42.35
N SER F 378 -12.06 -7.56 42.67
CA SER F 378 -13.23 -8.40 42.50
C SER F 378 -13.43 -9.37 43.65
N VAL F 379 -14.67 -9.76 43.87
CA VAL F 379 -15.00 -10.81 44.81
C VAL F 379 -16.07 -11.69 44.18
N GLN F 380 -15.93 -13.00 44.33
CA GLN F 380 -16.89 -13.92 43.76
C GLN F 380 -17.43 -14.86 44.82
N HIS F 381 -18.74 -14.88 44.97
CA HIS F 381 -19.40 -15.87 45.82
C HIS F 381 -20.23 -16.78 44.92
N ARG F 382 -19.76 -18.00 44.72
CA ARG F 382 -20.39 -18.91 43.77
C ARG F 382 -20.50 -18.23 42.41
N HIS F 383 -21.73 -18.12 41.91
CA HIS F 383 -21.93 -17.60 40.55
C HIS F 383 -22.08 -16.08 40.52
N PHE F 384 -22.08 -15.46 41.69
CA PHE F 384 -22.15 -14.00 41.77
C PHE F 384 -20.75 -13.41 41.76
N ARG F 385 -20.51 -12.52 40.81
CA ARG F 385 -19.21 -11.86 40.69
C ARG F 385 -19.38 -10.36 40.75
N LEU F 386 -18.55 -9.71 41.57
CA LEU F 386 -18.57 -8.27 41.70
C LEU F 386 -17.20 -7.71 41.32
N VAL F 387 -17.18 -6.79 40.36
CA VAL F 387 -15.94 -6.17 39.94
C VAL F 387 -16.00 -4.67 40.20
N HIS F 388 -14.92 -4.14 40.75
CA HIS F 388 -14.80 -2.70 40.99
C HIS F 388 -13.69 -2.13 40.11
N ASN F 389 -14.07 -1.21 39.22
CA ASN F 389 -13.13 -0.58 38.31
C ASN F 389 -12.75 0.80 38.82
N LEU F 390 -11.57 0.91 39.43
CA LEU F 390 -11.17 2.12 40.14
C LEU F 390 -10.94 3.32 39.22
N ASN F 391 -10.52 3.08 37.98
CA ASN F 391 -10.30 4.16 37.02
C ASN F 391 -11.31 4.10 35.88
N PHE F 392 -12.56 3.79 36.23
CA PHE F 392 -13.60 3.48 35.25
C PHE F 392 -13.85 4.57 34.21
N LYS F 393 -13.57 5.83 34.55
CA LYS F 393 -13.88 6.95 33.66
C LYS F 393 -12.95 7.01 32.44
N MET F 394 -11.78 6.39 32.55
CA MET F 394 -10.88 6.27 31.41
C MET F 394 -11.12 4.94 30.70
N PRO F 395 -10.76 4.87 29.42
CA PRO F 395 -10.97 3.64 28.64
C PRO F 395 -10.07 2.49 29.07
N PHE F 396 -10.65 1.29 29.11
CA PHE F 396 -9.89 0.07 29.33
C PHE F 396 -8.73 0.03 28.35
N PRO F 397 -7.50 -0.06 28.87
CA PRO F 397 -6.31 -0.11 28.02
C PRO F 397 -6.09 -1.48 27.37
N ILE F 398 -5.53 -1.47 26.17
CA ILE F 398 -5.23 -2.69 25.43
C ILE F 398 -3.73 -2.86 25.35
N ASP F 399 -3.24 -4.07 25.62
CA ASP F 399 -1.80 -4.31 25.60
C ASP F 399 -1.28 -4.47 24.18
N GLN F 400 0.02 -4.24 24.02
CA GLN F 400 0.65 -4.20 22.70
C GLN F 400 0.59 -5.54 21.97
N ASP F 401 0.60 -6.63 22.72
CA ASP F 401 0.63 -7.97 22.15
C ASP F 401 -0.74 -8.35 21.58
N PHE F 402 -1.77 -8.06 22.34
CA PHE F 402 -3.12 -8.45 21.95
C PHE F 402 -3.65 -7.57 20.82
N TYR F 403 -3.21 -6.31 20.79
CA TYR F 403 -3.67 -5.37 19.79
C TYR F 403 -3.47 -5.92 18.36
N VAL F 404 -2.33 -6.56 18.12
CA VAL F 404 -2.00 -7.03 16.77
C VAL F 404 -2.52 -8.43 16.46
N SER F 405 -3.29 -8.99 17.40
CA SER F 405 -3.90 -10.29 17.16
C SER F 405 -4.95 -10.18 16.06
N PRO F 406 -5.03 -11.19 15.17
CA PRO F 406 -6.05 -11.17 14.13
C PRO F 406 -7.45 -10.97 14.71
N THR F 407 -7.70 -11.55 15.88
CA THR F 407 -9.02 -11.48 16.50
C THR F 407 -9.41 -10.04 16.83
N PHE F 408 -8.49 -9.31 17.47
CA PHE F 408 -8.77 -7.93 17.84
C PHE F 408 -8.74 -7.02 16.61
N GLN F 409 -7.75 -7.22 15.74
CA GLN F 409 -7.66 -6.45 14.51
C GLN F 409 -8.95 -6.57 13.73
N ASP F 410 -9.48 -7.80 13.63
CA ASP F 410 -10.73 -8.05 12.92
C ASP F 410 -11.86 -7.29 13.60
N LEU F 411 -11.95 -7.40 14.92
CA LEU F 411 -12.98 -6.71 15.70
C LEU F 411 -12.87 -5.20 15.52
N LEU F 412 -11.66 -4.68 15.63
CA LEU F 412 -11.42 -3.25 15.46
C LEU F 412 -11.79 -2.80 14.05
N ASN F 413 -11.35 -3.59 13.06
CA ASN F 413 -11.62 -3.28 11.67
C ASN F 413 -13.11 -3.22 11.37
N ARG F 414 -13.86 -4.23 11.80
CA ARG F 414 -15.29 -4.29 11.55
C ARG F 414 -16.02 -3.15 12.26
N THR F 415 -15.62 -2.90 13.51
CA THR F 415 -16.23 -1.83 14.28
C THR F 415 -16.04 -0.50 13.57
N THR F 416 -14.82 -0.23 13.14
CA THR F 416 -14.49 1.02 12.47
C THR F 416 -15.23 1.17 11.15
N ALA F 417 -15.46 0.04 10.48
CA ALA F 417 -16.15 0.06 9.19
C ALA F 417 -17.67 0.03 9.35
N GLY F 418 -18.13 -0.07 10.59
CA GLY F 418 -19.57 -0.09 10.87
C GLY F 418 -20.23 -1.38 10.44
N GLN F 419 -19.46 -2.46 10.41
CA GLN F 419 -19.97 -3.77 10.05
C GLN F 419 -20.29 -4.58 11.29
N PRO F 420 -21.20 -5.56 11.16
CA PRO F 420 -21.46 -6.51 12.24
C PRO F 420 -20.17 -7.21 12.66
N THR F 421 -19.96 -7.33 13.97
CA THR F 421 -18.71 -7.87 14.49
C THR F 421 -18.83 -9.35 14.85
N GLY F 422 -20.05 -9.80 15.10
CA GLY F 422 -20.29 -11.16 15.57
C GLY F 422 -19.83 -11.32 17.02
N TRP F 423 -19.78 -10.20 17.74
CA TRP F 423 -19.28 -10.18 19.11
C TRP F 423 -20.40 -9.86 20.09
N TYR F 424 -20.37 -10.50 21.26
CA TYR F 424 -21.43 -10.36 22.24
C TYR F 424 -21.41 -9.01 22.94
N LYS F 425 -20.36 -8.23 22.69
CA LYS F 425 -20.27 -6.87 23.19
C LYS F 425 -19.88 -5.94 22.04
N ASP F 426 -19.72 -4.66 22.36
CA ASP F 426 -19.14 -3.71 21.43
C ASP F 426 -17.99 -2.98 22.10
N LEU F 427 -17.07 -2.45 21.30
CA LEU F 427 -15.86 -1.83 21.82
C LEU F 427 -16.13 -0.66 22.77
N ARG F 428 -17.18 0.11 22.48
CA ARG F 428 -17.53 1.25 23.32
C ARG F 428 -17.72 0.82 24.78
N HIS F 429 -18.48 -0.25 24.98
CA HIS F 429 -18.78 -0.75 26.31
C HIS F 429 -17.64 -1.59 26.89
N TYR F 430 -16.72 -2.02 26.04
CA TYR F 430 -15.54 -2.73 26.48
C TYR F 430 -14.54 -1.74 27.05
N TYR F 431 -14.50 -0.55 26.43
CA TYR F 431 -13.61 0.51 26.88
C TYR F 431 -14.16 1.24 28.10
N TYR F 432 -15.42 1.65 28.02
CA TYR F 432 -16.03 2.44 29.09
C TYR F 432 -17.01 1.62 29.91
N ARG F 433 -16.60 1.28 31.13
CA ARG F 433 -17.34 0.38 32.00
C ARG F 433 -17.89 1.12 33.21
N ALA F 434 -18.87 0.50 33.87
CA ALA F 434 -19.42 1.03 35.10
C ALA F 434 -18.40 0.85 36.22
N ARG F 435 -18.47 1.71 37.23
CA ARG F 435 -17.57 1.61 38.36
C ARG F 435 -17.76 0.28 39.08
N TRP F 436 -19.02 -0.13 39.25
CA TRP F 436 -19.34 -1.42 39.87
C TRP F 436 -20.08 -2.31 38.89
N GLU F 437 -19.57 -3.52 38.70
CA GLU F 437 -20.21 -4.51 37.85
C GLU F 437 -20.58 -5.74 38.69
N LEU F 438 -21.87 -6.05 38.76
CA LEU F 438 -22.36 -7.22 39.50
C LEU F 438 -23.07 -8.17 38.56
N TYR F 439 -22.63 -9.42 38.53
CA TYR F 439 -23.18 -10.41 37.61
C TYR F 439 -23.61 -11.70 38.33
N ASP F 440 -24.69 -12.30 37.84
CA ASP F 440 -25.12 -13.62 38.27
C ASP F 440 -24.97 -14.59 37.11
N ARG F 441 -23.88 -15.36 37.11
CA ARG F 441 -23.54 -16.21 35.98
C ARG F 441 -24.42 -17.44 35.87
N SER F 442 -25.26 -17.69 36.88
CA SER F 442 -26.21 -18.78 36.80
C SER F 442 -27.28 -18.44 35.76
N ARG F 443 -27.60 -17.16 35.68
CA ARG F 443 -28.63 -16.69 34.75
C ARG F 443 -28.01 -15.93 33.57
N ASP F 444 -26.83 -15.36 33.79
CA ASP F 444 -26.18 -14.51 32.79
C ASP F 444 -24.69 -14.83 32.74
N PRO F 445 -24.34 -16.00 32.18
CA PRO F 445 -22.97 -16.47 32.11
C PRO F 445 -22.08 -15.54 31.30
N HIS F 446 -22.67 -14.84 30.35
CA HIS F 446 -21.92 -13.92 29.49
C HIS F 446 -21.53 -12.65 30.23
N GLU F 447 -22.11 -12.47 31.42
CA GLU F 447 -21.83 -11.29 32.24
C GLU F 447 -22.13 -10.00 31.47
N THR F 448 -23.35 -9.88 30.98
CA THR F 448 -23.75 -8.72 30.20
C THR F 448 -24.87 -7.93 30.88
N GLN F 449 -25.46 -8.51 31.93
CA GLN F 449 -26.55 -7.88 32.65
C GLN F 449 -26.09 -7.40 34.02
N ASN F 450 -25.66 -6.15 34.10
CA ASN F 450 -25.18 -5.58 35.35
C ASN F 450 -26.32 -5.39 36.34
N LEU F 451 -26.16 -5.93 37.55
CA LEU F 451 -27.21 -5.89 38.55
C LEU F 451 -26.92 -4.85 39.64
N ALA F 452 -25.80 -4.15 39.51
CA ALA F 452 -25.34 -3.23 40.56
C ALA F 452 -26.32 -2.09 40.82
N THR F 453 -27.08 -1.69 39.79
CA THR F 453 -28.04 -0.60 39.91
C THR F 453 -29.46 -1.10 40.21
N ASP F 454 -29.61 -2.41 40.33
CA ASP F 454 -30.92 -3.02 40.61
C ASP F 454 -31.14 -3.15 42.12
N PRO F 455 -32.16 -2.46 42.64
CA PRO F 455 -32.45 -2.43 44.09
C PRO F 455 -32.73 -3.81 44.68
N ARG F 456 -33.11 -4.75 43.82
CA ARG F 456 -33.41 -6.10 44.24
C ARG F 456 -32.16 -6.79 44.76
N PHE F 457 -31.00 -6.23 44.43
CA PHE F 457 -29.71 -6.85 44.78
C PHE F 457 -28.85 -5.94 45.64
N ALA F 458 -29.48 -4.93 46.24
CA ALA F 458 -28.76 -3.98 47.08
C ALA F 458 -28.07 -4.68 48.25
N GLN F 459 -28.80 -5.58 48.91
CA GLN F 459 -28.28 -6.26 50.10
C GLN F 459 -27.12 -7.17 49.75
N LEU F 460 -27.25 -7.89 48.64
CA LEU F 460 -26.16 -8.74 48.15
C LEU F 460 -24.94 -7.89 47.79
N LEU F 461 -25.19 -6.76 47.15
CA LEU F 461 -24.12 -5.84 46.77
C LEU F 461 -23.31 -5.38 47.98
N GLU F 462 -24.01 -4.95 49.02
CA GLU F 462 -23.35 -4.46 50.23
C GLU F 462 -22.55 -5.58 50.91
N MET F 463 -23.10 -6.79 50.91
CA MET F 463 -22.42 -7.94 51.50
C MET F 463 -21.10 -8.21 50.78
N LEU F 464 -21.15 -8.23 49.45
CA LEU F 464 -19.96 -8.51 48.66
C LEU F 464 -18.92 -7.39 48.81
N ARG F 465 -19.40 -6.15 48.87
CA ARG F 465 -18.51 -5.01 49.05
C ARG F 465 -17.77 -5.11 50.37
N ASP F 466 -18.48 -5.53 51.42
CA ASP F 466 -17.89 -5.67 52.74
C ASP F 466 -16.85 -6.79 52.74
N GLN F 467 -17.17 -7.90 52.09
CA GLN F 467 -16.22 -9.01 51.96
C GLN F 467 -14.96 -8.57 51.24
N LEU F 468 -15.15 -7.82 50.15
CA LEU F 468 -14.04 -7.36 49.33
C LEU F 468 -13.13 -6.42 50.13
N ALA F 469 -13.74 -5.42 50.76
CA ALA F 469 -12.99 -4.44 51.52
C ALA F 469 -12.22 -5.08 52.68
N LYS F 470 -12.86 -6.01 53.38
CA LYS F 470 -12.23 -6.71 54.48
C LYS F 470 -10.97 -7.43 53.99
N TRP F 471 -11.07 -8.05 52.82
CA TRP F 471 -9.94 -8.74 52.22
C TRP F 471 -8.84 -7.75 51.85
N GLN F 472 -9.24 -6.60 51.33
CA GLN F 472 -8.29 -5.56 50.95
C GLN F 472 -7.48 -5.07 52.15
N TRP F 473 -8.15 -4.79 53.25
CA TRP F 473 -7.48 -4.38 54.49
C TRP F 473 -6.59 -5.51 55.02
N GLU F 474 -7.14 -6.71 55.02
CA GLU F 474 -6.44 -7.90 55.50
C GLU F 474 -5.14 -8.12 54.75
N THR F 475 -5.12 -7.75 53.46
CA THR F 475 -3.96 -7.97 52.61
C THR F 475 -3.21 -6.66 52.31
N HIS F 476 -3.47 -5.64 53.13
CA HIS F 476 -2.74 -4.38 53.06
C HIS F 476 -2.70 -3.78 51.66
N ASP F 477 -3.88 -3.63 51.06
CA ASP F 477 -4.02 -3.09 49.72
C ASP F 477 -3.86 -1.57 49.75
N PRO F 478 -2.82 -1.05 49.10
CA PRO F 478 -2.61 0.40 49.04
C PRO F 478 -3.73 1.14 48.32
N TRP F 479 -4.50 0.43 47.50
CA TRP F 479 -5.60 1.02 46.72
C TRP F 479 -6.94 0.92 47.45
N VAL F 480 -6.91 0.58 48.73
CA VAL F 480 -8.14 0.22 49.44
C VAL F 480 -9.13 1.38 49.55
N CYS F 481 -8.63 2.61 49.54
CA CYS F 481 -9.51 3.78 49.67
C CYS F 481 -9.83 4.42 48.31
N ALA F 482 -9.07 4.06 47.29
CA ALA F 482 -9.24 4.64 45.96
C ALA F 482 -10.54 4.16 45.31
N PRO F 483 -11.09 4.97 44.40
CA PRO F 483 -10.55 6.25 43.99
C PRO F 483 -11.21 7.44 44.68
N ASP F 484 -12.23 7.18 45.49
CA ASP F 484 -13.00 8.26 46.10
C ASP F 484 -12.39 8.81 47.40
N GLY F 485 -11.38 8.12 47.93
CA GLY F 485 -10.79 8.55 49.21
C GLY F 485 -9.29 8.38 49.31
N VAL F 486 -8.73 8.87 50.42
CA VAL F 486 -7.30 8.78 50.66
C VAL F 486 -7.04 8.01 51.95
N LEU F 487 -5.98 7.21 51.94
CA LEU F 487 -5.63 6.38 53.09
C LEU F 487 -4.87 7.16 54.15
N GLU F 488 -5.47 7.25 55.34
CA GLU F 488 -4.82 7.88 56.48
C GLU F 488 -4.87 6.91 57.65
N GLU F 489 -3.81 6.13 57.81
CA GLU F 489 -3.79 5.03 58.78
C GLU F 489 -4.00 5.52 60.21
N LYS F 490 -3.55 6.74 60.51
CA LYS F 490 -3.64 7.27 61.87
C LYS F 490 -4.99 7.89 62.18
N LEU F 491 -5.87 7.95 61.18
CA LEU F 491 -7.18 8.58 61.35
C LEU F 491 -8.31 7.57 61.32
N SER F 492 -9.51 8.04 61.69
CA SER F 492 -10.69 7.19 61.68
C SER F 492 -11.90 7.99 61.21
N PRO F 493 -12.54 7.56 60.11
CA PRO F 493 -12.17 6.36 59.38
C PRO F 493 -10.82 6.49 58.68
N GLN F 494 -10.18 5.36 58.40
CA GLN F 494 -8.86 5.37 57.77
C GLN F 494 -8.94 5.85 56.31
N CYS F 495 -10.09 5.65 55.68
CA CYS F 495 -10.32 6.20 54.34
C CYS F 495 -11.01 7.55 54.46
N GLN F 496 -10.30 8.61 54.07
CA GLN F 496 -10.83 9.96 54.15
C GLN F 496 -11.31 10.42 52.77
N PRO F 497 -12.48 11.08 52.71
CA PRO F 497 -13.13 11.44 51.44
C PRO F 497 -12.44 12.59 50.72
N LEU F 498 -12.39 12.51 49.39
CA LEU F 498 -11.83 13.57 48.56
C LEU F 498 -12.93 14.42 47.92
N HIS F 499 -14.16 13.90 47.94
CA HIS F 499 -15.28 14.58 47.33
C HIS F 499 -14.95 14.93 45.87
N ASN F 500 -14.54 13.91 45.13
CA ASN F 500 -14.16 14.09 43.73
C ASN F 500 -15.18 13.48 42.77
N GLU F 501 -16.45 13.52 43.15
CA GLU F 501 -17.53 12.96 42.33
C GLU F 501 -17.22 11.53 41.89
N PRO G 22 -8.04 28.45 12.06
CA PRO G 22 -8.64 27.14 11.75
C PRO G 22 -10.00 27.28 11.07
N ARG G 23 -10.21 26.49 10.02
CA ARG G 23 -11.47 26.54 9.26
C ARG G 23 -12.58 25.79 9.96
N ASN G 24 -13.78 26.35 9.93
CA ASN G 24 -14.97 25.70 10.47
C ASN G 24 -16.09 25.72 9.43
N ALA G 25 -17.19 25.05 9.74
CA ALA G 25 -18.32 25.00 8.82
C ALA G 25 -19.64 24.97 9.59
N LEU G 26 -20.64 25.66 9.05
CA LEU G 26 -21.97 25.68 9.64
C LEU G 26 -23.02 25.38 8.57
N LEU G 27 -23.78 24.32 8.78
CA LEU G 27 -24.84 23.95 7.85
C LEU G 27 -26.21 24.22 8.47
N LEU G 28 -26.91 25.21 7.94
CA LEU G 28 -28.26 25.55 8.39
C LEU G 28 -29.27 24.92 7.44
N LEU G 29 -30.12 24.05 7.96
CA LEU G 29 -31.06 23.33 7.12
C LEU G 29 -32.51 23.54 7.56
N ALA G 30 -33.29 24.17 6.69
CA ALA G 30 -34.72 24.34 6.92
C ALA G 30 -35.46 23.08 6.45
N ASP G 31 -36.57 22.79 7.11
CA ASP G 31 -37.37 21.61 6.79
C ASP G 31 -38.58 22.01 5.97
N ASP G 32 -38.59 21.58 4.70
CA ASP G 32 -39.69 21.92 3.80
C ASP G 32 -39.73 23.41 3.49
N GLY G 33 -38.55 24.05 3.51
CA GLY G 33 -38.45 25.48 3.23
C GLY G 33 -38.41 25.75 1.74
N GLY G 34 -38.96 26.90 1.33
CA GLY G 34 -38.99 27.28 -0.06
C GLY G 34 -38.29 28.60 -0.30
N PHE G 35 -38.80 29.37 -1.25
CA PHE G 35 -38.16 30.63 -1.64
C PHE G 35 -38.86 31.83 -1.02
N GLU G 36 -39.43 31.65 0.16
CA GLU G 36 -40.08 32.74 0.87
C GLU G 36 -39.07 33.60 1.60
N SER G 37 -38.38 34.45 0.85
CA SER G 37 -37.41 35.38 1.43
C SER G 37 -37.14 36.55 0.50
N GLY G 38 -36.78 37.69 1.07
CA GLY G 38 -36.44 38.87 0.27
C GLY G 38 -35.25 38.59 -0.61
N ALA G 39 -34.35 37.73 -0.12
CA ALA G 39 -33.17 37.33 -0.86
C ALA G 39 -33.57 36.72 -2.20
N TYR G 40 -34.69 36.00 -2.22
CA TYR G 40 -35.18 35.40 -3.45
C TYR G 40 -36.35 36.20 -4.03
N ASN G 41 -36.34 37.49 -3.76
CA ASN G 41 -37.27 38.42 -4.39
C ASN G 41 -38.73 38.18 -4.04
N ASN G 42 -38.99 37.85 -2.78
CA ASN G 42 -40.35 37.82 -2.25
C ASN G 42 -40.56 39.01 -1.32
N SER G 43 -41.25 40.04 -1.83
CA SER G 43 -41.39 41.29 -1.10
C SER G 43 -42.60 41.28 -0.17
N ALA G 44 -43.31 40.15 -0.12
CA ALA G 44 -44.50 40.03 0.72
C ALA G 44 -44.14 39.54 2.12
N ILE G 45 -42.94 38.99 2.26
CA ILE G 45 -42.49 38.46 3.54
C ILE G 45 -41.24 39.18 4.02
N ALA G 46 -41.01 39.16 5.32
CA ALA G 46 -39.84 39.79 5.89
C ALA G 46 -38.87 38.73 6.46
N THR G 47 -37.69 38.65 5.86
CA THR G 47 -36.65 37.73 6.32
C THR G 47 -35.32 38.45 6.34
N PRO G 48 -35.19 39.47 7.20
CA PRO G 48 -34.02 40.35 7.26
C PRO G 48 -32.71 39.62 7.54
N HIS G 49 -32.78 38.54 8.32
CA HIS G 49 -31.56 37.82 8.71
C HIS G 49 -31.04 36.97 7.56
N LEU G 50 -31.95 36.33 6.83
CA LEU G 50 -31.58 35.57 5.64
C LEU G 50 -31.09 36.52 4.56
N ASP G 51 -31.75 37.66 4.44
CA ASP G 51 -31.34 38.68 3.49
C ASP G 51 -29.93 39.16 3.82
N ALA G 52 -29.66 39.34 5.11
CA ALA G 52 -28.35 39.77 5.57
C ALA G 52 -27.31 38.72 5.22
N LEU G 53 -27.64 37.45 5.46
CA LEU G 53 -26.75 36.36 5.13
C LEU G 53 -26.45 36.35 3.64
N ALA G 54 -27.48 36.56 2.84
CA ALA G 54 -27.35 36.55 1.38
C ALA G 54 -26.38 37.62 0.91
N ARG G 55 -26.29 38.72 1.65
CA ARG G 55 -25.38 39.81 1.32
C ARG G 55 -23.93 39.39 1.58
N ARG G 56 -23.74 38.37 2.42
CA ARG G 56 -22.41 37.84 2.70
C ARG G 56 -22.22 36.48 2.04
N SER G 57 -23.11 36.15 1.11
CA SER G 57 -23.11 34.81 0.51
C SER G 57 -23.25 34.85 -1.00
N LEU G 58 -22.93 33.73 -1.64
CA LEU G 58 -23.27 33.51 -3.04
C LEU G 58 -24.61 32.78 -3.08
N LEU G 59 -25.60 33.41 -3.70
CA LEU G 59 -26.94 32.84 -3.77
C LEU G 59 -27.09 32.04 -5.05
N PHE G 60 -27.62 30.82 -4.93
CA PHE G 60 -27.82 29.96 -6.09
C PHE G 60 -29.28 29.95 -6.54
N ARG G 61 -29.52 30.38 -7.78
CA ARG G 61 -30.86 30.42 -8.33
C ARG G 61 -31.32 29.03 -8.79
N ASN G 62 -30.36 28.16 -9.08
CA ASN G 62 -30.67 26.84 -9.62
C ASN G 62 -30.08 25.69 -8.82
N ALA G 63 -30.50 25.57 -7.57
CA ALA G 63 -30.07 24.48 -6.70
C ALA G 63 -31.22 23.50 -6.50
N PHE G 64 -30.90 22.21 -6.45
CA PHE G 64 -31.91 21.17 -6.36
C PHE G 64 -31.51 20.06 -5.41
N THR G 65 -32.50 19.47 -4.75
CA THR G 65 -32.28 18.25 -4.01
C THR G 65 -32.50 17.10 -4.98
N SER G 66 -31.90 15.95 -4.68
CA SER G 66 -32.01 14.79 -5.55
C SER G 66 -33.27 14.02 -5.24
N VAL G 67 -33.86 14.32 -4.09
CA VAL G 67 -35.06 13.61 -3.63
C VAL G 67 -35.92 14.52 -2.74
N SER G 68 -37.23 14.46 -2.92
CA SER G 68 -38.15 15.34 -2.23
C SER G 68 -38.82 14.66 -1.06
N SER G 69 -38.01 14.02 -0.22
CA SER G 69 -38.51 13.35 0.97
C SER G 69 -37.50 13.52 2.11
N SER G 71 -36.16 12.15 5.06
CA SER G 71 -35.01 11.29 5.49
C SER G 71 -34.07 11.03 4.32
N PRO G 72 -34.62 10.61 3.18
CA PRO G 72 -33.79 10.35 1.99
C PRO G 72 -32.97 11.56 1.58
N SER G 73 -33.58 12.74 1.63
CA SER G 73 -32.89 13.97 1.27
C SER G 73 -31.76 14.28 2.23
N ARG G 74 -32.00 14.04 3.52
CA ARG G 74 -31.01 14.33 4.55
C ARG G 74 -29.87 13.31 4.51
N ALA G 75 -30.19 12.08 4.15
CA ALA G 75 -29.18 11.04 4.04
C ALA G 75 -28.28 11.31 2.83
N SER G 76 -28.89 11.69 1.72
CA SER G 76 -28.16 11.99 0.51
C SER G 76 -27.28 13.22 0.71
N LEU G 77 -27.85 14.22 1.36
CA LEU G 77 -27.13 15.45 1.66
C LEU G 77 -25.91 15.18 2.53
N LEU G 78 -26.04 14.26 3.48
CA LEU G 78 -24.99 13.99 4.46
C LEU G 78 -24.04 12.88 4.00
N THR G 79 -24.25 12.37 2.79
CA THR G 79 -23.40 11.30 2.27
C THR G 79 -22.83 11.65 0.89
N GLY G 80 -23.58 12.44 0.13
CA GLY G 80 -23.21 12.75 -1.25
C GLY G 80 -23.64 11.65 -2.19
N LEU G 81 -24.46 10.73 -1.68
CA LEU G 81 -24.96 9.60 -2.45
C LEU G 81 -26.48 9.70 -2.59
N PRO G 82 -27.00 9.37 -3.78
CA PRO G 82 -28.45 9.35 -3.97
C PRO G 82 -29.11 8.29 -3.12
N GLN G 83 -30.38 8.49 -2.77
CA GLN G 83 -31.09 7.61 -1.86
C GLN G 83 -30.99 6.14 -2.27
N HIS G 84 -31.00 5.89 -3.57
CA HIS G 84 -31.00 4.52 -4.06
C HIS G 84 -29.64 3.86 -3.90
N GLN G 85 -28.64 4.65 -3.50
CA GLN G 85 -27.28 4.13 -3.31
C GLN G 85 -26.90 4.04 -1.83
N ASN G 86 -27.34 5.01 -1.03
CA ASN G 86 -27.00 5.01 0.40
C ASN G 86 -27.95 4.16 1.23
N GLY G 87 -29.14 3.88 0.70
CA GLY G 87 -30.04 2.93 1.34
C GLY G 87 -31.25 3.53 2.05
N MET G 88 -31.27 4.85 2.19
CA MET G 88 -32.42 5.53 2.77
C MET G 88 -33.49 5.69 1.69
N TYR G 89 -34.18 4.61 1.38
CA TYR G 89 -35.16 4.58 0.29
C TYR G 89 -36.43 5.35 0.66
N GLY G 90 -36.61 5.63 1.94
CA GLY G 90 -37.81 6.32 2.41
C GLY G 90 -37.63 6.88 3.80
N LEU G 91 -38.74 7.15 4.48
CA LEU G 91 -38.70 7.75 5.81
C LEU G 91 -38.09 6.80 6.83
N HIS G 92 -37.47 7.38 7.85
CA HIS G 92 -36.65 6.63 8.79
C HIS G 92 -37.40 6.19 10.06
N GLN G 93 -38.46 6.93 10.43
CA GLN G 93 -39.11 6.77 11.73
C GLN G 93 -40.10 5.60 11.83
N ASP G 94 -40.40 5.22 13.07
CA ASP G 94 -41.28 4.08 13.39
C ASP G 94 -41.50 3.07 12.26
N VAL G 95 -42.73 3.02 11.75
CA VAL G 95 -43.16 1.94 10.85
C VAL G 95 -42.46 1.95 9.50
N HIS G 96 -41.85 3.07 9.14
CA HIS G 96 -41.19 3.21 7.84
C HIS G 96 -39.78 2.65 7.89
N HIS G 97 -39.04 3.02 8.93
CA HIS G 97 -37.92 2.20 9.40
C HIS G 97 -36.79 2.04 8.39
N PHE G 98 -36.60 3.00 7.50
CA PHE G 98 -35.51 2.92 6.53
C PHE G 98 -34.20 3.43 7.11
N ASN G 99 -33.12 2.71 6.80
CA ASN G 99 -31.79 3.08 7.25
C ASN G 99 -30.78 3.00 6.11
N SER G 100 -29.74 3.83 6.19
CA SER G 100 -28.64 3.74 5.26
C SER G 100 -27.83 2.49 5.56
N PHE G 101 -27.07 2.03 4.58
CA PHE G 101 -26.29 0.81 4.75
C PHE G 101 -25.17 1.05 5.77
N ASP G 102 -24.87 0.01 6.56
CA ASP G 102 -23.88 0.11 7.62
C ASP G 102 -22.53 0.62 7.13
N LYS G 103 -22.14 0.20 5.94
CA LYS G 103 -20.80 0.47 5.42
C LYS G 103 -20.67 1.85 4.77
N VAL G 104 -21.79 2.58 4.69
CA VAL G 104 -21.76 3.92 4.12
C VAL G 104 -20.92 4.85 4.99
N ARG G 105 -20.04 5.62 4.37
CA ARG G 105 -19.23 6.61 5.07
C ARG G 105 -19.80 8.02 4.87
N SER G 106 -20.47 8.53 5.90
CA SER G 106 -21.12 9.83 5.81
C SER G 106 -20.17 10.98 6.10
N LEU G 107 -20.61 12.19 5.77
CA LEU G 107 -19.83 13.40 6.00
C LEU G 107 -19.37 13.49 7.45
N PRO G 108 -20.32 13.46 8.40
CA PRO G 108 -20.01 13.55 9.83
C PRO G 108 -19.01 12.50 10.31
N LEU G 109 -19.15 11.27 9.84
CA LEU G 109 -18.20 10.22 10.17
C LEU G 109 -16.80 10.59 9.69
N LEU G 110 -16.70 10.98 8.41
CA LEU G 110 -15.42 11.33 7.80
C LEU G 110 -14.79 12.54 8.47
N LEU G 111 -15.61 13.51 8.84
CA LEU G 111 -15.11 14.70 9.55
C LEU G 111 -14.56 14.31 10.91
N SER G 112 -15.30 13.49 11.65
CA SER G 112 -14.85 13.03 12.96
C SER G 112 -13.50 12.33 12.87
N GLN G 113 -13.35 11.44 11.89
CA GLN G 113 -12.11 10.69 11.72
C GLN G 113 -10.94 11.61 11.39
N ALA G 114 -11.24 12.78 10.81
CA ALA G 114 -10.20 13.72 10.42
C ALA G 114 -9.88 14.69 11.55
N GLY G 115 -10.52 14.50 12.69
CA GLY G 115 -10.26 15.34 13.87
C GLY G 115 -11.13 16.56 13.96
N VAL G 116 -12.25 16.57 13.24
CA VAL G 116 -13.20 17.67 13.31
C VAL G 116 -14.31 17.34 14.30
N ARG G 117 -14.60 18.27 15.21
CA ARG G 117 -15.67 18.09 16.17
C ARG G 117 -17.01 18.32 15.48
N THR G 118 -17.92 17.35 15.61
CA THR G 118 -19.21 17.44 14.95
C THR G 118 -20.33 17.66 15.95
N GLY G 119 -21.33 18.42 15.53
CA GLY G 119 -22.49 18.69 16.36
C GLY G 119 -23.75 18.77 15.53
N ILE G 120 -24.87 18.33 16.10
CA ILE G 120 -26.17 18.46 15.46
C ILE G 120 -27.19 18.97 16.46
N ILE G 121 -28.02 19.90 16.01
CA ILE G 121 -29.10 20.43 16.83
C ILE G 121 -30.37 20.49 15.99
N GLY G 122 -31.36 19.72 16.37
CA GLY G 122 -32.64 19.71 15.66
C GLY G 122 -33.04 18.34 15.16
N LYS G 123 -33.72 18.34 14.01
CA LYS G 123 -34.24 17.12 13.42
C LYS G 123 -33.16 16.35 12.67
N LYS G 124 -32.92 15.11 13.10
CA LYS G 124 -31.93 14.25 12.44
C LYS G 124 -32.62 13.42 11.36
N HIS G 125 -33.52 12.54 11.79
CA HIS G 125 -34.41 11.83 10.88
C HIS G 125 -33.64 10.91 9.93
N VAL G 126 -32.48 10.45 10.38
CA VAL G 126 -31.68 9.51 9.61
C VAL G 126 -30.96 8.55 10.55
N GLY G 127 -30.55 7.41 10.01
CA GLY G 127 -29.83 6.39 10.78
C GLY G 127 -29.16 5.42 9.84
N PRO G 128 -28.40 4.47 10.40
CA PRO G 128 -28.23 4.28 11.83
C PRO G 128 -27.21 5.23 12.45
N GLU G 129 -27.12 5.22 13.79
CA GLU G 129 -26.23 6.11 14.52
C GLU G 129 -24.77 5.90 14.11
N THR G 130 -24.39 4.64 13.88
CA THR G 130 -23.01 4.31 13.52
C THR G 130 -22.59 4.96 12.21
N VAL G 131 -23.57 5.13 11.31
CA VAL G 131 -23.29 5.75 10.02
C VAL G 131 -23.33 7.28 10.13
N TYR G 132 -24.19 7.78 11.00
CA TYR G 132 -24.37 9.23 11.16
C TYR G 132 -24.09 9.67 12.59
N PRO G 133 -22.84 9.50 13.05
CA PRO G 133 -22.48 9.84 14.42
C PRO G 133 -22.19 11.32 14.61
N PHE G 134 -22.53 11.85 15.78
CA PHE G 134 -22.24 13.23 16.14
C PHE G 134 -21.71 13.30 17.57
N ASP G 135 -20.61 14.02 17.76
CA ASP G 135 -20.02 14.19 19.08
C ASP G 135 -20.99 14.91 20.02
N PHE G 136 -21.63 15.94 19.48
CA PHE G 136 -22.57 16.76 20.23
C PHE G 136 -23.92 16.68 19.53
N ALA G 137 -24.91 16.11 20.22
CA ALA G 137 -26.19 15.81 19.58
C ALA G 137 -27.39 16.12 20.46
N TYR G 138 -28.25 17.00 19.96
CA TYR G 138 -29.54 17.27 20.59
C TYR G 138 -30.63 17.20 19.52
N THR G 139 -31.27 16.04 19.44
CA THR G 139 -32.21 15.75 18.37
C THR G 139 -33.51 15.15 18.89
N GLU G 140 -34.34 14.64 17.98
CA GLU G 140 -35.60 14.01 18.35
C GLU G 140 -35.35 12.67 19.03
N GLU G 141 -34.13 12.18 18.92
CA GLU G 141 -33.78 10.87 19.48
C GLU G 141 -33.56 10.95 20.99
N ASN G 142 -33.17 12.13 21.47
CA ASN G 142 -32.96 12.33 22.89
C ASN G 142 -33.71 13.57 23.39
N SER G 144 -37.07 16.56 22.59
CA SER G 144 -38.26 17.03 21.90
C SER G 144 -37.89 17.81 20.63
N VAL G 145 -38.34 17.32 19.49
CA VAL G 145 -38.08 18.00 18.22
C VAL G 145 -38.72 19.37 18.21
N LEU G 146 -39.75 19.56 19.05
CA LEU G 146 -40.42 20.84 19.17
C LEU G 146 -39.46 21.87 19.75
N GLN G 147 -38.74 21.47 20.80
CA GLN G 147 -37.82 22.37 21.50
C GLN G 147 -36.57 22.65 20.68
N VAL G 148 -35.90 21.58 20.25
CA VAL G 148 -34.62 21.71 19.56
C VAL G 148 -34.79 22.02 18.07
N GLY G 149 -36.03 22.01 17.60
CA GLY G 149 -36.31 22.24 16.19
C GLY G 149 -37.07 23.53 15.91
N ARG G 150 -37.86 23.99 16.88
CA ARG G 150 -38.72 25.16 16.67
C ARG G 150 -38.48 26.26 17.72
N ASN G 151 -38.11 25.88 18.92
CA ASN G 151 -37.83 26.87 19.97
C ASN G 151 -36.43 27.47 19.75
N ILE G 152 -36.38 28.58 19.01
CA ILE G 152 -35.12 29.17 18.59
C ILE G 152 -34.27 29.66 19.78
N THR G 153 -34.91 29.93 20.90
CA THR G 153 -34.19 30.31 22.11
C THR G 153 -33.40 29.11 22.62
N ARG G 154 -34.06 27.97 22.69
CA ARG G 154 -33.41 26.72 23.08
C ARG G 154 -32.26 26.42 22.13
N ILE G 155 -32.52 26.59 20.84
CA ILE G 155 -31.51 26.34 19.82
C ILE G 155 -30.32 27.26 20.01
N LYS G 156 -30.59 28.54 20.24
CA LYS G 156 -29.54 29.52 20.41
C LYS G 156 -28.62 29.18 21.58
N LEU G 157 -29.23 28.72 22.67
CA LEU G 157 -28.48 28.37 23.87
C LEU G 157 -27.67 27.09 23.67
N LEU G 158 -28.19 26.18 22.86
CA LEU G 158 -27.47 24.94 22.57
C LEU G 158 -26.26 25.23 21.67
N VAL G 159 -26.41 26.19 20.77
CA VAL G 159 -25.31 26.62 19.92
C VAL G 159 -24.23 27.28 20.78
N ARG G 160 -24.66 28.14 21.69
CA ARG G 160 -23.76 28.79 22.62
C ARG G 160 -22.97 27.74 23.40
N LYS G 161 -23.67 26.73 23.92
CA LYS G 161 -23.04 25.67 24.70
C LYS G 161 -22.01 24.93 23.85
N PHE G 162 -22.37 24.65 22.59
CA PHE G 162 -21.47 23.97 21.68
C PHE G 162 -20.17 24.74 21.51
N LEU G 163 -20.28 26.04 21.31
CA LEU G 163 -19.12 26.89 21.06
C LEU G 163 -18.28 27.11 22.31
N GLN G 164 -18.94 27.20 23.47
CA GLN G 164 -18.26 27.41 24.74
C GLN G 164 -17.41 26.20 25.11
N THR G 165 -17.83 25.02 24.66
CA THR G 165 -17.14 23.77 25.00
C THR G 165 -16.15 23.33 23.93
N GLN G 166 -15.81 24.24 23.02
CA GLN G 166 -14.86 23.92 21.95
C GLN G 166 -13.43 23.72 22.49
N ASP G 167 -12.64 22.93 21.78
CA ASP G 167 -11.34 22.48 22.29
C ASP G 167 -10.22 22.42 21.24
N ASP G 168 -9.88 23.55 20.64
CA ASP G 168 -8.71 23.62 19.74
C ASP G 168 -8.96 22.93 18.40
N ARG G 169 -9.97 22.09 18.35
CA ARG G 169 -10.35 21.38 17.13
C ARG G 169 -11.27 22.24 16.27
N PRO G 170 -11.16 22.09 14.94
CA PRO G 170 -12.15 22.66 14.04
C PRO G 170 -13.50 22.04 14.35
N PHE G 171 -14.58 22.67 13.92
CA PHE G 171 -15.89 22.12 14.17
C PHE G 171 -16.81 22.16 12.94
N PHE G 172 -17.76 21.24 12.92
CA PHE G 172 -18.83 21.25 11.94
C PHE G 172 -20.15 21.20 12.70
N LEU G 173 -20.92 22.27 12.59
CA LEU G 173 -22.18 22.37 13.32
C LEU G 173 -23.35 22.26 12.35
N TYR G 174 -24.24 21.31 12.63
CA TYR G 174 -25.39 21.03 11.79
C TYR G 174 -26.66 21.43 12.54
N VAL G 175 -27.25 22.55 12.14
CA VAL G 175 -28.48 23.02 12.74
C VAL G 175 -29.66 22.73 11.81
N ALA G 176 -30.42 21.69 12.14
CA ALA G 176 -31.55 21.28 11.32
C ALA G 176 -32.88 21.74 11.92
N PHE G 177 -33.31 22.94 11.54
CA PHE G 177 -34.58 23.48 12.00
C PHE G 177 -35.71 22.53 11.59
N HIS G 178 -36.75 22.48 12.42
CA HIS G 178 -37.94 21.74 12.07
C HIS G 178 -38.94 22.69 11.39
N ASP G 179 -38.76 23.98 11.62
CA ASP G 179 -39.46 25.01 10.86
C ASP G 179 -38.88 25.05 9.46
N PRO G 180 -39.71 25.36 8.45
CA PRO G 180 -41.14 25.62 8.56
C PRO G 180 -41.99 24.42 8.16
N HIS G 181 -41.79 23.32 8.87
CA HIS G 181 -42.57 22.10 8.64
C HIS G 181 -43.97 22.25 9.22
N ARG G 182 -44.94 21.57 8.63
CA ARG G 182 -46.32 21.62 9.11
C ARG G 182 -46.45 20.98 10.49
N CYS G 183 -47.56 21.28 11.17
CA CYS G 183 -47.84 20.72 12.50
C CYS G 183 -49.27 20.20 12.59
N GLY G 184 -50.03 20.41 11.53
CA GLY G 184 -51.46 20.08 11.54
C GLY G 184 -51.75 18.66 11.98
N HIS G 185 -50.91 17.72 11.56
CA HIS G 185 -51.12 16.31 11.88
C HIS G 185 -50.78 15.99 13.33
N SER G 186 -49.57 16.38 13.75
CA SER G 186 -49.09 16.06 15.10
C SER G 186 -49.72 16.95 16.19
N GLN G 187 -49.53 18.25 16.07
CA GLN G 187 -50.01 19.19 17.10
C GLN G 187 -50.80 20.36 16.49
N PRO G 188 -52.11 20.14 16.26
CA PRO G 188 -53.00 21.14 15.67
C PRO G 188 -53.23 22.38 16.54
N GLN G 189 -53.01 22.25 17.84
CA GLN G 189 -53.26 23.36 18.76
C GLN G 189 -52.27 24.52 18.55
N TYR G 190 -51.16 24.25 17.87
CA TYR G 190 -50.15 25.26 17.62
C TYR G 190 -50.30 25.89 16.22
N GLY G 191 -51.31 25.44 15.49
CA GLY G 191 -51.58 25.98 14.15
C GLY G 191 -51.09 25.05 13.06
N THR G 192 -51.46 25.36 11.81
CA THR G 192 -51.11 24.51 10.67
C THR G 192 -49.60 24.39 10.48
N PHE G 193 -48.87 25.44 10.84
CA PHE G 193 -47.41 25.44 10.71
C PHE G 193 -46.73 25.68 12.05
N CYS G 194 -47.46 25.42 13.14
CA CYS G 194 -46.94 25.68 14.49
C CYS G 194 -46.59 27.14 14.66
N GLU G 195 -47.28 28.01 13.93
CA GLU G 195 -47.00 29.44 13.96
C GLU G 195 -47.48 30.08 15.27
N LYS G 196 -48.22 29.32 16.07
CA LYS G 196 -48.74 29.83 17.33
C LYS G 196 -47.89 29.39 18.52
N PHE G 197 -47.12 28.33 18.32
CA PHE G 197 -46.24 27.82 19.36
C PHE G 197 -45.26 28.90 19.84
N GLY G 198 -45.33 29.23 21.12
CA GLY G 198 -44.40 30.19 21.72
C GLY G 198 -44.74 31.64 21.41
N ASN G 199 -45.96 31.90 20.97
CA ASN G 199 -46.37 33.24 20.58
C ASN G 199 -46.80 34.10 21.76
N GLY G 200 -46.95 33.48 22.93
CA GLY G 200 -47.31 34.20 24.14
C GLY G 200 -48.74 33.99 24.59
N GLU G 201 -49.62 33.68 23.65
CA GLU G 201 -51.03 33.44 23.98
C GLU G 201 -51.19 32.24 24.91
N SER G 202 -52.38 32.10 25.49
CA SER G 202 -52.65 31.04 26.45
C SER G 202 -52.41 29.65 25.87
N GLY G 203 -51.65 28.84 26.59
CA GLY G 203 -51.40 27.45 26.21
C GLY G 203 -50.33 27.30 25.15
N MET G 204 -49.75 28.42 24.71
CA MET G 204 -48.77 28.40 23.64
C MET G 204 -47.34 28.48 24.17
N GLY G 205 -47.18 29.08 25.34
CA GLY G 205 -45.85 29.28 25.92
C GLY G 205 -45.20 30.51 25.32
N ARG G 206 -43.94 30.75 25.68
CA ARG G 206 -43.21 31.92 25.17
C ARG G 206 -41.79 31.57 24.73
N ILE G 207 -41.40 32.09 23.58
CA ILE G 207 -40.01 32.03 23.12
C ILE G 207 -39.45 33.44 23.12
N PRO G 208 -38.73 33.79 24.20
CA PRO G 208 -38.28 35.16 24.46
C PRO G 208 -37.59 35.83 23.26
N ASP G 209 -36.79 35.07 22.53
CA ASP G 209 -36.01 35.63 21.43
C ASP G 209 -36.83 35.77 20.14
N TRP G 210 -38.09 35.36 20.18
CA TRP G 210 -38.93 35.38 18.99
C TRP G 210 -39.96 36.48 19.03
N THR G 211 -40.00 37.29 17.97
CA THR G 211 -41.03 38.31 17.80
C THR G 211 -41.96 37.89 16.68
N PRO G 212 -43.11 37.30 17.03
CA PRO G 212 -44.06 36.81 16.05
C PRO G 212 -44.41 37.85 15.01
N GLN G 213 -44.48 37.42 13.74
CA GLN G 213 -44.85 38.31 12.65
C GLN G 213 -46.12 37.81 11.98
N ALA G 214 -47.23 38.50 12.22
CA ALA G 214 -48.51 38.11 11.65
C ALA G 214 -48.57 38.52 10.18
N TYR G 215 -49.27 37.73 9.38
CA TYR G 215 -49.44 38.02 7.96
C TYR G 215 -50.89 37.87 7.54
N ASP G 216 -51.34 38.82 6.71
CA ASP G 216 -52.69 38.78 6.17
C ASP G 216 -52.70 37.84 4.96
N PRO G 217 -53.65 36.89 4.94
CA PRO G 217 -53.77 35.95 3.84
C PRO G 217 -53.88 36.63 2.47
N LEU G 218 -54.21 37.91 2.47
CA LEU G 218 -54.36 38.67 1.24
C LEU G 218 -53.04 39.31 0.82
N ASP G 219 -52.04 39.20 1.67
CA ASP G 219 -50.74 39.81 1.41
C ASP G 219 -49.74 38.80 0.86
N VAL G 220 -49.97 37.53 1.16
CA VAL G 220 -49.01 36.48 0.79
C VAL G 220 -48.97 36.23 -0.71
N LEU G 221 -47.81 35.75 -1.18
CA LEU G 221 -47.63 35.40 -2.58
C LEU G 221 -48.02 33.93 -2.82
N VAL G 222 -48.96 33.72 -3.72
CA VAL G 222 -49.44 32.37 -4.02
C VAL G 222 -48.65 31.75 -5.17
N PRO G 223 -47.77 30.78 -4.85
CA PRO G 223 -46.97 30.11 -5.87
C PRO G 223 -47.84 29.52 -6.97
N TYR G 224 -47.30 29.40 -8.18
CA TYR G 224 -48.10 29.00 -9.34
C TYR G 224 -48.73 27.62 -9.16
N PHE G 225 -48.12 26.79 -8.33
CA PHE G 225 -48.57 25.41 -8.15
C PHE G 225 -49.49 25.24 -6.93
N VAL G 226 -49.77 26.34 -6.26
CA VAL G 226 -50.66 26.30 -5.10
C VAL G 226 -52.01 26.90 -5.47
N PRO G 227 -53.10 26.16 -5.15
CA PRO G 227 -54.44 26.65 -5.44
C PRO G 227 -54.68 28.02 -4.83
N ASN G 228 -55.26 28.93 -5.61
CA ASN G 228 -55.54 30.26 -5.12
C ASN G 228 -56.90 30.30 -4.43
N THR G 229 -56.94 29.78 -3.21
CA THR G 229 -58.16 29.75 -2.41
C THR G 229 -57.92 30.33 -1.03
N PRO G 230 -59.00 30.75 -0.34
CA PRO G 230 -58.88 31.29 1.01
C PRO G 230 -58.17 30.32 1.96
N ALA G 231 -58.48 29.03 1.84
CA ALA G 231 -57.84 28.02 2.68
C ALA G 231 -56.33 27.96 2.46
N ALA G 232 -55.92 28.01 1.19
CA ALA G 232 -54.51 27.94 0.84
C ALA G 232 -53.77 29.19 1.28
N ARG G 233 -54.41 30.35 1.13
CA ARG G 233 -53.80 31.61 1.53
C ARG G 233 -53.63 31.66 3.05
N ALA G 234 -54.58 31.08 3.78
CA ALA G 234 -54.46 30.98 5.23
C ALA G 234 -53.26 30.12 5.60
N ASP G 235 -53.09 29.00 4.89
CA ASP G 235 -51.94 28.14 5.08
C ASP G 235 -50.65 28.91 4.87
N LEU G 236 -50.60 29.69 3.80
CA LEU G 236 -49.41 30.44 3.44
C LEU G 236 -49.11 31.50 4.50
N ALA G 237 -50.15 32.17 5.00
CA ALA G 237 -49.98 33.19 6.02
C ALA G 237 -49.35 32.60 7.27
N ALA G 238 -49.83 31.43 7.67
CA ALA G 238 -49.28 30.73 8.83
C ALA G 238 -47.83 30.33 8.55
N GLN G 239 -47.58 29.89 7.33
CA GLN G 239 -46.24 29.50 6.92
C GLN G 239 -45.29 30.67 7.03
N TYR G 240 -45.73 31.83 6.54
CA TYR G 240 -44.91 33.04 6.56
C TYR G 240 -44.49 33.38 7.98
N THR G 241 -45.42 33.30 8.91
CA THR G 241 -45.14 33.59 10.32
C THR G 241 -44.06 32.65 10.83
N THR G 242 -44.16 31.36 10.48
CA THR G 242 -43.23 30.35 10.96
C THR G 242 -41.86 30.47 10.28
N VAL G 243 -41.85 30.85 9.00
CA VAL G 243 -40.61 31.10 8.30
C VAL G 243 -39.87 32.25 8.99
N GLY G 244 -40.63 33.23 9.47
CA GLY G 244 -40.05 34.37 10.18
C GLY G 244 -39.35 33.93 11.44
N ARG G 245 -39.93 32.97 12.15
CA ARG G 245 -39.30 32.40 13.33
C ARG G 245 -37.99 31.73 12.95
N MET G 246 -38.03 30.95 11.87
CA MET G 246 -36.85 30.28 11.37
C MET G 246 -35.80 31.32 10.99
N ASP G 247 -36.24 32.40 10.35
CA ASP G 247 -35.35 33.49 9.97
C ASP G 247 -34.64 34.07 11.18
N GLN G 248 -35.41 34.35 12.24
CA GLN G 248 -34.85 34.90 13.46
C GLN G 248 -33.92 33.90 14.14
N GLY G 249 -34.22 32.61 13.96
CA GLY G 249 -33.36 31.55 14.47
C GLY G 249 -32.00 31.59 13.81
N VAL G 250 -31.99 31.82 12.50
CA VAL G 250 -30.75 31.92 11.74
C VAL G 250 -29.94 33.10 12.26
N GLY G 251 -30.61 34.21 12.54
CA GLY G 251 -29.96 35.40 13.06
C GLY G 251 -29.27 35.13 14.38
N LEU G 252 -29.97 34.40 15.26
CA LEU G 252 -29.46 34.08 16.59
C LEU G 252 -28.24 33.17 16.50
N VAL G 253 -28.33 32.16 15.64
CA VAL G 253 -27.22 31.23 15.46
C VAL G 253 -25.96 31.93 14.97
N LEU G 254 -26.10 32.70 13.89
CA LEU G 254 -24.98 33.45 13.34
C LEU G 254 -24.39 34.39 14.39
N GLN G 255 -25.27 34.96 15.23
CA GLN G 255 -24.84 35.90 16.26
C GLN G 255 -24.03 35.19 17.34
N GLU G 256 -24.36 33.92 17.61
CA GLU G 256 -23.63 33.15 18.61
C GLU G 256 -22.19 32.89 18.16
N LEU G 257 -22.02 32.60 16.86
CA LEU G 257 -20.69 32.43 16.30
C LEU G 257 -19.94 33.77 16.31
N ARG G 258 -20.68 34.83 16.05
CA ARG G 258 -20.11 36.17 16.06
C ARG G 258 -19.65 36.55 17.46
N ASP G 259 -20.39 36.11 18.47
CA ASP G 259 -20.05 36.38 19.87
C ASP G 259 -18.88 35.53 20.34
N ALA G 260 -18.73 34.36 19.73
CA ALA G 260 -17.62 33.48 20.06
C ALA G 260 -16.40 33.82 19.22
N GLY G 261 -16.58 34.74 18.28
CA GLY G 261 -15.49 35.21 17.42
C GLY G 261 -14.98 34.16 16.45
N VAL G 262 -15.88 33.39 15.86
CA VAL G 262 -15.49 32.33 14.93
C VAL G 262 -16.22 32.41 13.59
N LEU G 263 -17.14 33.36 13.46
CA LEU G 263 -17.92 33.47 12.23
C LEU G 263 -17.01 33.72 11.03
N ASN G 264 -15.96 34.50 11.23
CA ASN G 264 -15.05 34.85 10.14
C ASN G 264 -14.08 33.72 9.82
N ASP G 265 -14.23 32.60 10.51
CA ASP G 265 -13.40 31.43 10.27
C ASP G 265 -14.27 30.27 9.79
N THR G 266 -15.55 30.55 9.58
CA THR G 266 -16.53 29.51 9.36
C THR G 266 -17.22 29.60 8.01
N LEU G 267 -17.28 28.48 7.30
CA LEU G 267 -18.05 28.38 6.07
C LEU G 267 -19.50 28.16 6.42
N VAL G 268 -20.37 29.07 5.97
CA VAL G 268 -21.78 28.97 6.29
C VAL G 268 -22.58 28.57 5.05
N ILE G 269 -23.46 27.60 5.24
CA ILE G 269 -24.32 27.13 4.16
C ILE G 269 -25.76 27.02 4.63
N PHE G 270 -26.68 27.63 3.89
CA PHE G 270 -28.09 27.51 4.18
C PHE G 270 -28.85 26.91 3.01
N THR G 271 -29.76 25.99 3.31
CA THR G 271 -30.58 25.37 2.27
C THR G 271 -31.78 24.66 2.89
N SER G 272 -32.55 23.95 2.08
CA SER G 272 -33.72 23.22 2.56
C SER G 272 -33.70 21.80 2.00
N ASP G 273 -34.30 20.86 2.71
CA ASP G 273 -34.18 19.44 2.35
C ASP G 273 -35.11 19.05 1.19
N ASN G 274 -36.24 19.72 1.07
CA ASN G 274 -37.14 19.46 -0.05
C ASN G 274 -38.14 20.59 -0.25
N GLY G 275 -38.99 20.45 -1.27
CA GLY G 275 -39.94 21.50 -1.63
C GLY G 275 -41.00 21.69 -0.57
N ILE G 276 -41.73 22.80 -0.66
CA ILE G 276 -42.74 23.14 0.33
C ILE G 276 -43.92 22.16 0.32
N PRO G 277 -44.56 21.97 1.48
CA PRO G 277 -45.62 21.01 1.68
C PRO G 277 -46.96 21.45 1.09
N PHE G 278 -47.00 21.59 -0.23
CA PHE G 278 -48.22 21.92 -0.95
C PHE G 278 -48.31 21.04 -2.19
N PRO G 279 -49.43 21.10 -2.91
CA PRO G 279 -49.57 20.30 -4.12
C PRO G 279 -48.43 20.51 -5.11
N SER G 280 -47.96 19.44 -5.74
CA SER G 280 -46.88 19.49 -6.71
C SER G 280 -45.54 19.83 -6.08
N GLY G 281 -45.54 20.03 -4.76
CA GLY G 281 -44.31 20.31 -4.04
C GLY G 281 -43.71 19.04 -3.46
N ARG G 282 -43.54 19.03 -2.13
CA ARG G 282 -42.94 17.90 -1.45
C ARG G 282 -43.44 16.56 -1.98
N THR G 283 -42.51 15.62 -2.14
CA THR G 283 -42.78 14.26 -2.64
C THR G 283 -42.81 14.18 -4.16
N ASN G 284 -42.73 15.33 -4.83
CA ASN G 284 -42.68 15.36 -6.29
C ASN G 284 -41.28 15.67 -6.82
N LEU G 285 -40.98 15.17 -8.01
CA LEU G 285 -39.75 15.54 -8.69
C LEU G 285 -40.02 16.64 -9.70
N TYR G 286 -41.18 17.28 -9.57
CA TYR G 286 -41.45 18.48 -10.34
C TYR G 286 -40.61 19.59 -9.76
N TRP G 287 -40.45 20.68 -10.51
CA TRP G 287 -39.58 21.75 -10.06
C TRP G 287 -39.89 22.15 -8.62
N PRO G 288 -41.18 22.39 -8.31
CA PRO G 288 -41.61 22.85 -7.00
C PRO G 288 -41.23 21.92 -5.86
N GLY G 289 -40.98 20.65 -6.18
CA GLY G 289 -40.70 19.64 -5.17
C GLY G 289 -39.22 19.43 -4.87
N THR G 290 -38.37 19.85 -5.81
CA THR G 290 -36.93 19.63 -5.68
C THR G 290 -36.11 20.91 -5.69
N ALA G 291 -36.67 21.98 -6.25
CA ALA G 291 -36.01 23.27 -6.22
C ALA G 291 -35.85 23.72 -4.78
N GLU G 292 -34.64 24.15 -4.42
CA GLU G 292 -34.35 24.56 -3.06
C GLU G 292 -33.53 25.84 -3.04
N PRO G 293 -33.71 26.66 -2.00
CA PRO G 293 -32.82 27.80 -1.80
C PRO G 293 -31.43 27.31 -1.39
N LEU G 294 -30.40 28.06 -1.75
CA LEU G 294 -29.04 27.69 -1.37
C LEU G 294 -28.13 28.92 -1.28
N LEU G 295 -27.58 29.14 -0.09
CA LEU G 295 -26.63 30.23 0.12
C LEU G 295 -25.32 29.65 0.63
N VAL G 296 -24.21 30.13 0.07
CA VAL G 296 -22.89 29.68 0.50
C VAL G 296 -21.98 30.87 0.79
N SER G 297 -21.55 30.98 2.04
CA SER G 297 -20.76 32.12 2.48
C SER G 297 -19.39 31.68 2.96
N SER G 298 -18.36 32.00 2.19
CA SER G 298 -16.99 31.69 2.56
C SER G 298 -16.26 32.98 2.95
N PRO G 299 -15.74 33.03 4.18
CA PRO G 299 -15.00 34.20 4.65
C PRO G 299 -13.65 34.33 3.94
N GLU G 300 -13.26 33.30 3.20
CA GLU G 300 -11.97 33.29 2.50
C GLU G 300 -12.14 33.58 1.01
N HIS G 301 -13.39 33.66 0.55
CA HIS G 301 -13.66 33.97 -0.85
C HIS G 301 -14.86 34.90 -0.95
N PRO G 302 -14.67 36.17 -0.55
CA PRO G 302 -15.74 37.17 -0.57
C PRO G 302 -15.90 37.86 -1.91
N LYS G 303 -15.14 37.43 -2.91
CA LYS G 303 -15.17 38.07 -4.23
C LYS G 303 -16.61 38.16 -4.76
N ARG G 304 -17.40 37.12 -4.52
CA ARG G 304 -18.72 37.03 -5.12
C ARG G 304 -19.83 37.12 -4.07
N TRP G 305 -19.52 37.76 -2.96
CA TRP G 305 -20.52 38.02 -1.91
C TRP G 305 -21.62 38.92 -2.47
N GLY G 306 -22.87 38.51 -2.27
CA GLY G 306 -24.01 39.32 -2.70
C GLY G 306 -24.38 39.11 -4.15
N GLN G 307 -23.74 38.14 -4.80
CA GLN G 307 -24.01 37.84 -6.19
C GLN G 307 -24.92 36.63 -6.33
N VAL G 308 -25.45 36.42 -7.54
CA VAL G 308 -26.29 35.28 -7.83
C VAL G 308 -25.65 34.39 -8.88
N SER G 309 -25.63 33.09 -8.62
CA SER G 309 -25.04 32.12 -9.54
C SER G 309 -26.13 31.39 -10.31
N GLU G 310 -25.87 31.16 -11.59
CA GLU G 310 -26.86 30.54 -12.47
C GLU G 310 -26.56 29.06 -12.65
N ALA G 311 -25.48 28.60 -12.02
CA ALA G 311 -25.03 27.22 -12.17
C ALA G 311 -26.01 26.24 -11.55
N TYR G 312 -26.21 25.11 -12.22
CA TYR G 312 -27.12 24.08 -11.73
C TYR G 312 -26.38 23.17 -10.77
N VAL G 313 -26.85 23.14 -9.53
CA VAL G 313 -26.17 22.41 -8.47
C VAL G 313 -27.15 21.54 -7.69
N SER G 314 -26.60 20.57 -6.98
CA SER G 314 -27.41 19.60 -6.25
C SER G 314 -26.94 19.51 -4.81
N LEU G 315 -27.83 19.08 -3.92
CA LEU G 315 -27.46 18.89 -2.52
C LEU G 315 -26.44 17.77 -2.42
N LEU G 316 -26.28 17.02 -3.51
CA LEU G 316 -25.24 15.99 -3.59
C LEU G 316 -23.86 16.63 -3.64
N ASP G 317 -23.84 17.94 -3.85
CA ASP G 317 -22.58 18.68 -3.95
C ASP G 317 -22.08 19.15 -2.58
N LEU G 318 -22.93 19.05 -1.57
CA LEU G 318 -22.61 19.63 -0.26
C LEU G 318 -21.53 18.84 0.48
N THR G 319 -21.65 17.52 0.50
CA THR G 319 -20.65 16.69 1.16
C THR G 319 -19.28 16.93 0.53
N PRO G 320 -19.20 16.87 -0.81
CA PRO G 320 -17.96 17.13 -1.52
C PRO G 320 -17.42 18.53 -1.23
N THR G 321 -18.33 19.48 -1.10
CA THR G 321 -17.96 20.87 -0.83
C THR G 321 -17.32 21.00 0.55
N ILE G 322 -17.99 20.44 1.55
CA ILE G 322 -17.51 20.53 2.93
C ILE G 322 -16.22 19.73 3.11
N LEU G 323 -16.13 18.55 2.49
CA LEU G 323 -14.90 17.78 2.51
C LEU G 323 -13.76 18.60 1.91
N ASP G 324 -14.05 19.26 0.78
CA ASP G 324 -13.05 20.09 0.12
C ASP G 324 -12.61 21.22 1.05
N TRP G 325 -13.57 21.81 1.76
CA TRP G 325 -13.32 22.90 2.70
C TRP G 325 -12.32 22.49 3.78
N PHE G 326 -12.47 21.27 4.28
CA PHE G 326 -11.58 20.76 5.34
C PHE G 326 -10.38 20.01 4.77
N SER G 327 -10.27 19.96 3.45
CA SER G 327 -9.18 19.24 2.79
C SER G 327 -9.19 17.77 3.18
N ILE G 328 -10.38 17.18 3.20
CA ILE G 328 -10.53 15.76 3.50
C ILE G 328 -10.95 15.00 2.23
N PRO G 329 -10.16 14.01 1.83
CA PRO G 329 -10.46 13.24 0.63
C PRO G 329 -11.50 12.15 0.89
N TYR G 330 -12.31 11.83 -0.12
CA TYR G 330 -13.26 10.73 -0.01
C TYR G 330 -12.49 9.43 -0.12
N PRO G 331 -12.62 8.57 0.89
CA PRO G 331 -11.85 7.33 0.94
C PRO G 331 -12.30 6.33 -0.12
N SER G 332 -11.42 5.40 -0.45
CA SER G 332 -11.73 4.35 -1.39
C SER G 332 -12.28 3.15 -0.64
N TYR G 333 -13.56 2.86 -0.83
CA TYR G 333 -14.18 1.73 -0.16
C TYR G 333 -15.39 1.24 -0.96
N ALA G 334 -15.92 0.08 -0.56
CA ALA G 334 -17.11 -0.45 -1.18
C ALA G 334 -18.15 -0.74 -0.11
N ILE G 335 -19.43 -0.72 -0.51
CA ILE G 335 -20.50 -1.10 0.39
C ILE G 335 -20.79 -2.58 0.19
N PHE G 336 -21.02 -2.98 -1.05
CA PHE G 336 -21.22 -4.38 -1.37
C PHE G 336 -20.18 -4.83 -2.39
N GLY G 337 -19.74 -6.08 -2.26
CA GLY G 337 -18.73 -6.63 -3.14
C GLY G 337 -17.53 -5.70 -3.25
N SER G 338 -16.96 -5.63 -4.44
CA SER G 338 -15.81 -4.77 -4.69
C SER G 338 -16.23 -3.50 -5.42
N LYS G 339 -17.53 -3.28 -5.50
CA LYS G 339 -18.07 -2.12 -6.20
C LYS G 339 -17.69 -0.83 -5.49
N THR G 340 -16.51 -0.31 -5.82
CA THR G 340 -16.01 0.93 -5.20
C THR G 340 -17.01 2.09 -5.37
N ILE G 341 -17.08 2.92 -4.34
CA ILE G 341 -18.04 4.01 -4.33
C ILE G 341 -17.36 5.33 -4.67
N HIS G 342 -17.98 6.10 -5.56
CA HIS G 342 -17.48 7.44 -5.88
C HIS G 342 -18.62 8.44 -5.93
N LEU G 343 -18.34 9.68 -5.55
CA LEU G 343 -19.33 10.75 -5.55
C LEU G 343 -19.55 11.30 -6.96
N THR G 344 -20.80 11.61 -7.29
CA THR G 344 -21.13 12.22 -8.57
C THR G 344 -21.24 13.73 -8.44
N GLY G 345 -21.37 14.21 -7.20
CA GLY G 345 -21.41 15.65 -6.95
C GLY G 345 -20.03 16.25 -7.07
N ARG G 346 -19.93 17.56 -6.88
CA ARG G 346 -18.65 18.25 -6.93
C ARG G 346 -18.61 19.38 -5.91
N SER G 347 -17.41 19.80 -5.54
CA SER G 347 -17.25 20.93 -4.62
C SER G 347 -17.78 22.19 -5.28
N LEU G 348 -18.52 22.98 -4.53
CA LEU G 348 -19.06 24.23 -5.04
C LEU G 348 -18.09 25.37 -4.81
N LEU G 349 -17.02 25.11 -4.08
CA LEU G 349 -16.07 26.15 -3.71
C LEU G 349 -15.58 26.94 -4.91
N PRO G 350 -15.23 26.24 -6.02
CA PRO G 350 -14.74 26.92 -7.21
C PRO G 350 -15.70 27.97 -7.75
N ALA G 351 -17.00 27.77 -7.52
CA ALA G 351 -18.02 28.71 -7.98
C ALA G 351 -17.99 30.02 -7.17
N LEU G 352 -17.37 29.97 -5.99
CA LEU G 352 -17.27 31.14 -5.14
C LEU G 352 -16.22 32.10 -5.67
N GLU G 353 -15.40 31.63 -6.59
CA GLU G 353 -14.34 32.44 -7.19
C GLU G 353 -14.72 32.88 -8.60
N ALA G 354 -15.26 31.94 -9.38
CA ALA G 354 -15.67 32.23 -10.75
C ALA G 354 -16.89 31.39 -11.14
N GLU G 355 -17.77 32.00 -11.94
CA GLU G 355 -18.99 31.33 -12.38
C GLU G 355 -18.68 30.20 -13.36
N PRO G 356 -19.13 28.98 -13.03
CA PRO G 356 -18.96 27.82 -13.88
C PRO G 356 -20.16 27.58 -14.79
N LEU G 357 -20.08 26.57 -15.65
CA LEU G 357 -21.10 26.33 -16.66
C LEU G 357 -21.95 25.10 -16.36
N TRP G 358 -21.87 24.58 -15.13
CA TRP G 358 -22.61 23.37 -14.75
C TRP G 358 -24.08 23.50 -15.09
N ALA G 359 -24.63 22.49 -15.76
CA ALA G 359 -26.00 22.57 -16.28
C ALA G 359 -26.86 21.34 -16.01
N THR G 360 -26.30 20.33 -15.37
CA THR G 360 -27.00 19.06 -15.23
C THR G 360 -27.15 18.62 -13.78
N VAL G 361 -28.38 18.25 -13.41
CA VAL G 361 -28.66 17.72 -12.09
C VAL G 361 -29.64 16.56 -12.19
N PHE G 362 -29.52 15.60 -11.27
CA PHE G 362 -30.33 14.41 -11.31
C PHE G 362 -31.24 14.31 -10.09
N GLY G 363 -32.26 13.46 -10.22
CA GLY G 363 -33.18 13.22 -9.11
C GLY G 363 -33.53 11.75 -9.03
N SER G 364 -33.68 11.24 -7.81
CA SER G 364 -34.08 9.85 -7.60
C SER G 364 -34.86 9.71 -6.31
N GLN G 365 -36.05 9.14 -6.42
CA GLN G 365 -36.91 8.92 -5.27
C GLN G 365 -37.60 7.57 -5.42
N SER G 366 -37.67 6.82 -4.32
CA SER G 366 -38.33 5.52 -4.34
C SER G 366 -39.56 5.55 -3.46
N HIS G 367 -39.36 5.43 -2.16
CA HIS G 367 -40.46 5.54 -1.20
C HIS G 367 -40.48 6.92 -0.59
N HIS G 368 -41.61 7.23 0.04
CA HIS G 368 -41.67 8.28 1.04
C HIS G 368 -42.02 7.56 2.33
N GLU G 369 -43.31 7.43 2.62
CA GLU G 369 -43.77 6.47 3.62
C GLU G 369 -43.59 5.09 2.99
N VAL G 370 -43.49 4.06 3.82
CA VAL G 370 -43.24 2.72 3.32
C VAL G 370 -44.41 2.24 2.45
N THR G 371 -45.59 2.79 2.70
CA THR G 371 -46.80 2.41 1.98
C THR G 371 -46.89 3.19 0.67
N MET G 372 -46.02 4.18 0.51
CA MET G 372 -45.99 5.02 -0.68
C MET G 372 -44.85 4.60 -1.60
N SER G 373 -45.12 3.63 -2.48
CA SER G 373 -44.12 3.19 -3.44
C SER G 373 -44.40 3.77 -4.82
N TYR G 374 -43.81 4.92 -5.12
CA TYR G 374 -43.96 5.58 -6.41
C TYR G 374 -42.60 6.09 -6.87
N PRO G 375 -41.74 5.18 -7.32
CA PRO G 375 -40.38 5.55 -7.70
C PRO G 375 -40.35 6.51 -8.87
N MET G 376 -39.51 7.53 -8.77
CA MET G 376 -39.33 8.49 -9.85
C MET G 376 -37.84 8.75 -10.05
N ARG G 377 -37.47 8.98 -11.31
CA ARG G 377 -36.09 9.30 -11.66
C ARG G 377 -36.12 10.50 -12.61
N SER G 378 -35.23 11.46 -12.39
CA SER G 378 -35.25 12.66 -13.20
C SER G 378 -33.86 13.13 -13.60
N VAL G 379 -33.80 13.83 -14.71
CA VAL G 379 -32.59 14.49 -15.14
C VAL G 379 -32.97 15.87 -15.63
N GLN G 380 -32.18 16.87 -15.27
CA GLN G 380 -32.42 18.22 -15.72
C GLN G 380 -31.18 18.78 -16.39
N HIS G 381 -31.33 19.18 -17.66
CA HIS G 381 -30.29 19.93 -18.34
C HIS G 381 -30.80 21.33 -18.60
N ARG G 382 -30.26 22.29 -17.85
CA ARG G 382 -30.77 23.66 -17.88
C ARG G 382 -32.28 23.65 -17.62
N HIS G 383 -33.05 24.17 -18.57
CA HIS G 383 -34.49 24.33 -18.37
C HIS G 383 -35.30 23.11 -18.79
N PHE G 384 -34.63 22.11 -19.35
CA PHE G 384 -35.31 20.87 -19.71
C PHE G 384 -35.27 19.88 -18.56
N ARG G 385 -36.45 19.43 -18.14
CA ARG G 385 -36.56 18.44 -17.07
C ARG G 385 -37.29 17.20 -17.59
N LEU G 386 -36.72 16.05 -17.31
CA LEU G 386 -37.31 14.77 -17.72
C LEU G 386 -37.56 13.94 -16.47
N VAL G 387 -38.81 13.53 -16.28
CA VAL G 387 -39.15 12.71 -15.14
C VAL G 387 -39.67 11.36 -15.62
N HIS G 388 -39.18 10.30 -14.99
CA HIS G 388 -39.64 8.95 -15.28
C HIS G 388 -40.40 8.40 -14.08
N ASN G 389 -41.68 8.10 -14.28
CA ASN G 389 -42.51 7.55 -13.23
C ASN G 389 -42.65 6.04 -13.38
N LEU G 390 -41.89 5.31 -12.57
CA LEU G 390 -41.79 3.86 -12.73
C LEU G 390 -43.09 3.12 -12.42
N ASN G 391 -43.92 3.68 -11.53
CA ASN G 391 -45.17 3.07 -11.13
C ASN G 391 -46.36 3.86 -11.64
N PHE G 392 -46.22 4.42 -12.82
CA PHE G 392 -47.16 5.43 -13.32
C PHE G 392 -48.62 4.98 -13.42
N LYS G 393 -48.86 3.68 -13.56
CA LYS G 393 -50.22 3.18 -13.75
C LYS G 393 -51.06 3.25 -12.48
N MET G 394 -50.40 3.31 -11.33
CA MET G 394 -51.11 3.49 -10.06
C MET G 394 -51.13 4.97 -9.72
N PRO G 395 -52.12 5.38 -8.90
CA PRO G 395 -52.24 6.78 -8.55
C PRO G 395 -51.11 7.28 -7.64
N PHE G 396 -50.65 8.50 -7.90
CA PHE G 396 -49.68 9.15 -7.04
C PHE G 396 -50.20 9.14 -5.60
N PRO G 397 -49.41 8.58 -4.68
CA PRO G 397 -49.82 8.47 -3.28
C PRO G 397 -49.67 9.78 -2.50
N ILE G 398 -50.56 9.99 -1.54
CA ILE G 398 -50.52 11.18 -0.70
C ILE G 398 -50.15 10.78 0.73
N ASP G 399 -49.25 11.53 1.36
CA ASP G 399 -48.78 11.20 2.70
C ASP G 399 -49.79 11.66 3.76
N GLN G 400 -49.72 11.01 4.91
CA GLN G 400 -50.72 11.21 5.97
C GLN G 400 -50.72 12.63 6.53
N ASP G 401 -49.56 13.29 6.53
CA ASP G 401 -49.45 14.63 7.09
C ASP G 401 -50.05 15.68 6.16
N PHE G 402 -49.78 15.53 4.86
CA PHE G 402 -50.26 16.49 3.88
C PHE G 402 -51.76 16.36 3.66
N TYR G 403 -52.27 15.14 3.78
CA TYR G 403 -53.68 14.87 3.53
C TYR G 403 -54.58 15.77 4.37
N VAL G 404 -54.22 16.00 5.63
CA VAL G 404 -55.04 16.76 6.55
C VAL G 404 -54.77 18.26 6.50
N SER G 405 -53.90 18.67 5.58
CA SER G 405 -53.63 20.09 5.40
C SER G 405 -54.88 20.77 4.87
N PRO G 406 -55.17 21.99 5.35
CA PRO G 406 -56.29 22.75 4.82
C PRO G 406 -56.24 22.87 3.31
N THR G 407 -55.04 23.05 2.76
CA THR G 407 -54.87 23.22 1.32
C THR G 407 -55.36 22.02 0.54
N PHE G 408 -54.93 20.83 0.95
CA PHE G 408 -55.33 19.61 0.26
C PHE G 408 -56.79 19.27 0.54
N GLN G 409 -57.20 19.40 1.81
CA GLN G 409 -58.59 19.15 2.19
C GLN G 409 -59.52 20.01 1.34
N ASP G 410 -59.16 21.28 1.19
CA ASP G 410 -59.93 22.21 0.36
C ASP G 410 -59.96 21.73 -1.09
N LEU G 411 -58.79 21.38 -1.62
CA LEU G 411 -58.68 20.89 -2.98
C LEU G 411 -59.50 19.63 -3.19
N LEU G 412 -59.38 18.69 -2.26
CA LEU G 412 -60.11 17.44 -2.32
C LEU G 412 -61.60 17.71 -2.25
N ASN G 413 -62.00 18.58 -1.32
CA ASN G 413 -63.40 18.92 -1.13
C ASN G 413 -64.02 19.54 -2.38
N ARG G 414 -63.34 20.53 -2.96
CA ARG G 414 -63.83 21.19 -4.17
C ARG G 414 -63.91 20.22 -5.34
N THR G 415 -62.88 19.39 -5.48
CA THR G 415 -62.85 18.43 -6.57
C THR G 415 -64.02 17.46 -6.47
N THR G 416 -64.22 16.91 -5.27
CA THR G 416 -65.31 15.96 -5.05
C THR G 416 -66.69 16.61 -5.23
N ALA G 417 -66.80 17.91 -4.96
CA ALA G 417 -68.06 18.63 -5.11
C ALA G 417 -68.24 19.14 -6.53
N GLY G 418 -67.25 18.92 -7.38
CA GLY G 418 -67.31 19.34 -8.78
C GLY G 418 -67.24 20.85 -8.93
N GLN G 419 -66.64 21.52 -7.95
CA GLN G 419 -66.49 22.97 -7.99
C GLN G 419 -65.10 23.37 -8.46
N PRO G 420 -64.96 24.59 -9.01
CA PRO G 420 -63.66 25.10 -9.43
C PRO G 420 -62.66 25.09 -8.29
N THR G 421 -61.44 24.66 -8.57
CA THR G 421 -60.44 24.46 -7.53
C THR G 421 -59.49 25.64 -7.41
N GLY G 422 -59.39 26.42 -8.48
CA GLY G 422 -58.41 27.52 -8.54
C GLY G 422 -56.99 26.97 -8.66
N TRP G 423 -56.89 25.75 -9.16
CA TRP G 423 -55.61 25.07 -9.24
C TRP G 423 -55.20 24.88 -10.71
N TYR G 424 -53.90 24.98 -10.97
CA TYR G 424 -53.39 24.93 -12.34
C TYR G 424 -53.46 23.51 -12.91
N LYS G 425 -53.84 22.56 -12.08
CA LYS G 425 -54.04 21.19 -12.53
C LYS G 425 -55.33 20.67 -11.91
N ASP G 426 -55.64 19.39 -12.15
CA ASP G 426 -56.73 18.72 -11.46
C ASP G 426 -56.23 17.41 -10.86
N LEU G 427 -56.93 16.91 -9.85
CA LEU G 427 -56.47 15.74 -9.11
C LEU G 427 -56.31 14.50 -9.99
N ARG G 428 -57.18 14.36 -10.99
CA ARG G 428 -57.12 13.21 -11.88
C ARG G 428 -55.74 13.11 -12.53
N HIS G 429 -55.22 14.24 -13.03
CA HIS G 429 -53.94 14.27 -13.71
C HIS G 429 -52.77 14.34 -12.72
N TYR G 430 -53.06 14.67 -11.47
CA TYR G 430 -52.06 14.67 -10.41
C TYR G 430 -51.83 13.23 -9.95
N TYR G 431 -52.90 12.44 -9.95
CA TYR G 431 -52.84 11.04 -9.57
C TYR G 431 -52.29 10.18 -10.69
N TYR G 432 -52.87 10.32 -11.88
CA TYR G 432 -52.48 9.48 -13.01
C TYR G 432 -51.63 10.25 -14.01
N ARG G 433 -50.34 9.93 -14.01
CA ARG G 433 -49.35 10.65 -14.81
C ARG G 433 -48.82 9.77 -15.91
N ALA G 434 -48.19 10.40 -16.90
CA ALA G 434 -47.53 9.67 -17.98
C ALA G 434 -46.26 9.03 -17.45
N ARG G 435 -45.83 7.95 -18.08
CA ARG G 435 -44.61 7.28 -17.68
C ARG G 435 -43.42 8.21 -17.81
N TRP G 436 -43.38 8.96 -18.91
CA TRP G 436 -42.32 9.93 -19.16
C TRP G 436 -42.90 11.34 -19.26
N GLU G 437 -42.37 12.25 -18.46
CA GLU G 437 -42.77 13.65 -18.51
C GLU G 437 -41.56 14.51 -18.89
N LEU G 438 -41.67 15.20 -20.02
CA LEU G 438 -40.60 16.08 -20.48
C LEU G 438 -41.09 17.52 -20.56
N TYR G 439 -40.40 18.42 -19.87
CA TYR G 439 -40.82 19.82 -19.81
C TYR G 439 -39.70 20.78 -20.19
N ASP G 440 -40.06 21.86 -20.88
CA ASP G 440 -39.15 22.94 -21.16
C ASP G 440 -39.59 24.17 -20.39
N ARG G 441 -38.95 24.42 -19.25
CA ARG G 441 -39.41 25.46 -18.33
C ARG G 441 -39.11 26.87 -18.82
N SER G 442 -38.34 26.99 -19.90
CA SER G 442 -38.09 28.31 -20.49
C SER G 442 -39.33 28.78 -21.25
N ARG G 443 -40.16 27.82 -21.65
CA ARG G 443 -41.40 28.10 -22.35
C ARG G 443 -42.61 27.75 -21.50
N ASP G 444 -42.44 26.74 -20.64
CA ASP G 444 -43.52 26.21 -19.83
C ASP G 444 -43.06 25.96 -18.40
N PRO G 445 -42.86 27.05 -17.63
CA PRO G 445 -42.38 26.95 -16.26
C PRO G 445 -43.33 26.17 -15.33
N HIS G 446 -44.63 26.19 -15.63
CA HIS G 446 -45.60 25.47 -14.80
C HIS G 446 -45.53 23.98 -15.04
N GLU G 447 -44.75 23.57 -16.04
CA GLU G 447 -44.59 22.16 -16.37
C GLU G 447 -45.95 21.51 -16.62
N THR G 448 -46.71 22.06 -17.56
CA THR G 448 -48.03 21.54 -17.88
C THR G 448 -48.11 21.01 -19.32
N GLN G 449 -47.08 21.29 -20.12
CA GLN G 449 -47.04 20.82 -21.49
C GLN G 449 -46.00 19.69 -21.64
N ASN G 450 -46.45 18.45 -21.51
CA ASN G 450 -45.56 17.30 -21.69
C ASN G 450 -45.13 17.16 -23.14
N LEU G 451 -43.82 17.07 -23.37
CA LEU G 451 -43.26 17.03 -24.71
C LEU G 451 -42.78 15.64 -25.10
N ALA G 452 -42.94 14.68 -24.19
CA ALA G 452 -42.37 13.35 -24.37
C ALA G 452 -42.93 12.61 -25.59
N THR G 453 -44.18 12.88 -25.93
CA THR G 453 -44.83 12.22 -27.06
C THR G 453 -44.78 13.07 -28.32
N ASP G 454 -44.15 14.24 -28.23
CA ASP G 454 -43.98 15.11 -29.39
C ASP G 454 -42.72 14.70 -30.15
N PRO G 455 -42.90 14.25 -31.40
CA PRO G 455 -41.80 13.76 -32.24
C PRO G 455 -40.69 14.79 -32.46
N ARG G 456 -41.01 16.07 -32.33
CA ARG G 456 -40.02 17.12 -32.52
C ARG G 456 -38.95 17.09 -31.42
N PHE G 457 -39.24 16.35 -30.34
CA PHE G 457 -38.32 16.31 -29.20
C PHE G 457 -37.79 14.90 -28.95
N ALA G 458 -37.99 14.01 -29.92
CA ALA G 458 -37.55 12.63 -29.79
C ALA G 458 -36.04 12.54 -29.54
N GLN G 459 -35.27 13.30 -30.30
CA GLN G 459 -33.82 13.22 -30.20
C GLN G 459 -33.30 13.77 -28.85
N LEU G 460 -33.91 14.85 -28.38
CA LEU G 460 -33.60 15.38 -27.07
C LEU G 460 -33.97 14.39 -25.97
N LEU G 461 -35.12 13.74 -26.15
CA LEU G 461 -35.61 12.76 -25.19
C LEU G 461 -34.60 11.64 -25.03
N GLU G 462 -34.11 11.11 -26.15
CA GLU G 462 -33.15 10.01 -26.12
C GLU G 462 -31.86 10.43 -25.43
N MET G 463 -31.45 11.67 -25.66
CA MET G 463 -30.22 12.19 -25.07
C MET G 463 -30.33 12.26 -23.55
N LEU G 464 -31.44 12.79 -23.07
CA LEU G 464 -31.68 12.91 -21.63
C LEU G 464 -31.82 11.53 -20.97
N ARG G 465 -32.48 10.61 -21.67
CA ARG G 465 -32.63 9.26 -21.17
C ARG G 465 -31.26 8.61 -21.00
N ASP G 466 -30.37 8.86 -21.95
CA ASP G 466 -29.02 8.30 -21.91
C ASP G 466 -28.24 8.86 -20.72
N GLN G 467 -28.36 10.16 -20.50
CA GLN G 467 -27.69 10.80 -19.38
C GLN G 467 -28.22 10.24 -18.06
N LEU G 468 -29.53 10.07 -17.97
CA LEU G 468 -30.16 9.58 -16.75
C LEU G 468 -29.69 8.16 -16.45
N ALA G 469 -29.78 7.31 -17.46
CA ALA G 469 -29.42 5.90 -17.30
C ALA G 469 -27.95 5.76 -16.90
N LYS G 470 -27.09 6.55 -17.52
CA LYS G 470 -25.66 6.52 -17.21
C LYS G 470 -25.43 6.81 -15.74
N TRP G 471 -26.14 7.80 -15.22
CA TRP G 471 -26.04 8.17 -13.82
C TRP G 471 -26.57 7.06 -12.92
N GLN G 472 -27.66 6.43 -13.35
CA GLN G 472 -28.26 5.33 -12.59
C GLN G 472 -27.29 4.16 -12.44
N TRP G 473 -26.68 3.76 -13.54
CA TRP G 473 -25.68 2.70 -13.51
C TRP G 473 -24.48 3.11 -12.65
N GLU G 474 -24.04 4.34 -12.83
CA GLU G 474 -22.86 4.86 -12.14
C GLU G 474 -23.08 4.84 -10.62
N THR G 475 -24.32 5.03 -10.20
CA THR G 475 -24.66 5.08 -8.78
C THR G 475 -25.36 3.81 -8.30
N HIS G 476 -25.24 2.74 -9.09
CA HIS G 476 -25.71 1.43 -8.69
C HIS G 476 -27.18 1.44 -8.26
N ASP G 477 -28.04 1.99 -9.11
CA ASP G 477 -29.47 2.09 -8.84
C ASP G 477 -30.15 0.75 -9.08
N PRO G 478 -30.70 0.15 -8.00
CA PRO G 478 -31.38 -1.14 -8.13
C PRO G 478 -32.62 -1.07 -9.02
N TRP G 479 -33.14 0.12 -9.23
CA TRP G 479 -34.36 0.31 -10.02
C TRP G 479 -34.04 0.64 -11.47
N VAL G 480 -32.77 0.48 -11.86
CA VAL G 480 -32.32 0.94 -13.17
C VAL G 480 -33.05 0.27 -14.34
N CYS G 481 -33.51 -0.96 -14.16
CA CYS G 481 -34.19 -1.69 -15.24
C CYS G 481 -35.71 -1.64 -15.14
N ALA G 482 -36.22 -1.26 -13.96
CA ALA G 482 -37.66 -1.21 -13.74
C ALA G 482 -38.29 -0.08 -14.55
N PRO G 483 -39.57 -0.23 -14.89
CA PRO G 483 -40.41 -1.36 -14.53
C PRO G 483 -40.56 -2.39 -15.66
N ASP G 484 -39.99 -2.11 -16.82
CA ASP G 484 -40.17 -2.97 -17.99
C ASP G 484 -39.21 -4.16 -18.03
N GLY G 485 -38.21 -4.16 -17.16
CA GLY G 485 -37.18 -5.19 -17.21
C GLY G 485 -36.63 -5.62 -15.86
N VAL G 486 -35.79 -6.65 -15.89
CA VAL G 486 -35.15 -7.16 -14.68
C VAL G 486 -33.64 -7.06 -14.80
N LEU G 487 -32.98 -6.78 -13.68
CA LEU G 487 -31.53 -6.58 -13.68
C LEU G 487 -30.79 -7.90 -13.59
N GLU G 488 -30.01 -8.20 -14.63
CA GLU G 488 -29.17 -9.38 -14.65
C GLU G 488 -27.75 -8.96 -15.00
N GLU G 489 -26.94 -8.72 -13.97
CA GLU G 489 -25.61 -8.15 -14.15
C GLU G 489 -24.70 -9.02 -15.02
N LYS G 490 -24.93 -10.34 -15.00
CA LYS G 490 -24.06 -11.27 -15.71
C LYS G 490 -24.48 -11.43 -17.17
N LEU G 491 -25.59 -10.81 -17.55
CA LEU G 491 -26.13 -10.95 -18.90
C LEU G 491 -25.99 -9.66 -19.71
N SER G 492 -26.23 -9.78 -21.01
CA SER G 492 -26.21 -8.63 -21.90
C SER G 492 -27.33 -8.74 -22.93
N PRO G 493 -28.21 -7.72 -22.97
CA PRO G 493 -28.12 -6.54 -22.11
C PRO G 493 -28.38 -6.86 -20.64
N GLN G 494 -27.88 -6.02 -19.73
CA GLN G 494 -28.04 -6.27 -18.31
C GLN G 494 -29.48 -6.11 -17.86
N CYS G 495 -30.24 -5.29 -18.58
CA CYS G 495 -31.68 -5.19 -18.34
C CYS G 495 -32.42 -6.14 -19.27
N GLN G 496 -33.00 -7.19 -18.70
CA GLN G 496 -33.72 -8.19 -19.48
C GLN G 496 -35.21 -7.90 -19.47
N PRO G 497 -35.85 -8.01 -20.64
CA PRO G 497 -37.23 -7.62 -20.82
C PRO G 497 -38.22 -8.58 -20.17
N LEU G 498 -39.30 -8.02 -19.61
CA LEU G 498 -40.36 -8.82 -19.02
C LEU G 498 -41.55 -8.95 -19.97
N HIS G 499 -41.57 -8.10 -21.00
CA HIS G 499 -42.68 -8.05 -21.93
C HIS G 499 -43.99 -7.95 -21.16
N ASN G 500 -44.06 -6.93 -20.31
CA ASN G 500 -45.24 -6.70 -19.48
C ASN G 500 -46.03 -5.49 -19.95
N GLU G 501 -46.09 -5.30 -21.26
CA GLU G 501 -46.87 -4.20 -21.85
C GLU G 501 -46.71 -2.92 -21.02
CA PRO H 22 -35.65 -31.97 30.14
C PRO H 22 -36.43 -31.83 28.82
N ARG H 23 -37.16 -30.73 28.68
CA ARG H 23 -37.93 -30.45 27.48
C ARG H 23 -37.10 -29.66 26.46
N ASN H 24 -37.13 -30.08 25.20
CA ASN H 24 -36.38 -29.39 24.13
C ASN H 24 -37.24 -29.20 22.88
N ALA H 25 -36.69 -28.52 21.88
CA ALA H 25 -37.42 -28.28 20.63
C ALA H 25 -36.48 -28.26 19.42
N LEU H 26 -36.95 -28.76 18.29
CA LEU H 26 -36.21 -28.74 17.03
C LEU H 26 -37.10 -28.29 15.88
N LEU H 27 -36.71 -27.19 15.23
CA LEU H 27 -37.45 -26.67 14.09
C LEU H 27 -36.66 -26.88 12.80
N LEU H 28 -37.19 -27.74 11.93
CA LEU H 28 -36.57 -28.01 10.64
C LEU H 28 -37.27 -27.21 9.55
N LEU H 29 -36.52 -26.35 8.85
CA LEU H 29 -37.11 -25.47 7.86
C LEU H 29 -36.47 -25.64 6.48
N ALA H 30 -37.27 -26.08 5.52
CA ALA H 30 -36.83 -26.20 4.14
C ALA H 30 -36.95 -24.85 3.43
N ASP H 31 -36.08 -24.61 2.47
CA ASP H 31 -36.07 -23.33 1.75
C ASP H 31 -36.78 -23.48 0.41
N ASP H 32 -37.96 -22.87 0.29
CA ASP H 32 -38.74 -22.93 -0.94
C ASP H 32 -39.26 -24.35 -1.18
N GLY H 33 -39.47 -25.09 -0.10
CA GLY H 33 -39.96 -26.46 -0.20
C GLY H 33 -41.47 -26.56 -0.36
N GLY H 34 -41.92 -27.61 -1.03
CA GLY H 34 -43.33 -27.82 -1.29
C GLY H 34 -43.81 -29.17 -0.75
N PHE H 35 -44.71 -29.81 -1.49
CA PHE H 35 -45.28 -31.08 -1.06
C PHE H 35 -44.68 -32.26 -1.80
N GLU H 36 -43.41 -32.14 -2.15
CA GLU H 36 -42.69 -33.22 -2.83
C GLU H 36 -42.18 -34.24 -1.80
N SER H 37 -43.09 -35.09 -1.34
CA SER H 37 -42.74 -36.14 -0.38
C SER H 37 -43.79 -37.25 -0.37
N GLY H 38 -43.35 -38.46 -0.06
CA GLY H 38 -44.26 -39.59 0.06
C GLY H 38 -45.30 -39.33 1.13
N ALA H 39 -44.89 -38.59 2.15
CA ALA H 39 -45.79 -38.25 3.26
C ALA H 39 -47.02 -37.50 2.73
N TYR H 40 -46.81 -36.70 1.71
CA TYR H 40 -47.91 -35.95 1.08
C TYR H 40 -48.36 -36.61 -0.21
N ASN H 41 -48.16 -37.93 -0.27
CA ASN H 41 -48.69 -38.75 -1.35
C ASN H 41 -48.13 -38.40 -2.73
N ASN H 42 -46.83 -38.10 -2.78
CA ASN H 42 -46.12 -37.97 -4.05
C ASN H 42 -45.25 -39.21 -4.26
N SER H 43 -45.69 -40.09 -5.15
CA SER H 43 -45.02 -41.36 -5.36
C SER H 43 -43.90 -41.28 -6.39
N ALA H 44 -43.66 -40.08 -6.92
CA ALA H 44 -42.61 -39.90 -7.93
C ALA H 44 -41.27 -39.55 -7.29
N ILE H 45 -41.31 -39.13 -6.03
CA ILE H 45 -40.09 -38.78 -5.30
C ILE H 45 -39.88 -39.67 -4.09
N ALA H 46 -38.64 -39.81 -3.66
CA ALA H 46 -38.30 -40.60 -2.49
C ALA H 46 -37.82 -39.72 -1.35
N THR H 47 -38.59 -39.70 -0.26
CA THR H 47 -38.24 -38.93 0.93
C THR H 47 -38.47 -39.76 2.18
N PRO H 48 -37.70 -40.86 2.33
CA PRO H 48 -37.88 -41.84 3.39
C PRO H 48 -37.77 -41.28 4.80
N HIS H 49 -36.89 -40.30 4.99
CA HIS H 49 -36.67 -39.72 6.31
C HIS H 49 -37.83 -38.81 6.72
N LEU H 50 -38.36 -38.04 5.77
CA LEU H 50 -39.52 -37.20 6.02
C LEU H 50 -40.75 -38.08 6.24
N ASP H 51 -40.85 -39.15 5.46
CA ASP H 51 -41.93 -40.12 5.61
C ASP H 51 -41.88 -40.75 7.01
N ALA H 52 -40.67 -41.08 7.44
CA ALA H 52 -40.47 -41.65 8.76
C ALA H 52 -40.92 -40.67 9.84
N LEU H 53 -40.51 -39.41 9.70
CA LEU H 53 -40.90 -38.37 10.63
C LEU H 53 -42.42 -38.24 10.68
N ALA H 54 -43.06 -38.32 9.51
CA ALA H 54 -44.51 -38.17 9.40
C ALA H 54 -45.26 -39.24 10.19
N ARG H 55 -44.66 -40.43 10.28
CA ARG H 55 -45.27 -41.53 11.03
C ARG H 55 -45.23 -41.24 12.53
N ARG H 56 -44.33 -40.36 12.93
CA ARG H 56 -44.20 -39.97 14.33
C ARG H 56 -44.75 -38.55 14.53
N SER H 57 -45.49 -38.07 13.54
CA SER H 57 -45.98 -36.70 13.56
C SER H 57 -47.45 -36.59 13.18
N LEU H 58 -48.05 -35.47 13.54
CA LEU H 58 -49.34 -35.09 13.00
C LEU H 58 -49.08 -34.26 11.75
N LEU H 59 -49.58 -34.74 10.61
CA LEU H 59 -49.37 -34.07 9.34
C LEU H 59 -50.53 -33.12 9.04
N PHE H 60 -50.20 -31.89 8.66
CA PHE H 60 -51.21 -30.89 8.37
C PHE H 60 -51.41 -30.74 6.87
N ARG H 61 -52.63 -31.00 6.40
CA ARG H 61 -52.96 -30.90 4.99
C ARG H 61 -53.20 -29.45 4.58
N ASN H 62 -53.56 -28.62 5.56
CA ASN H 62 -53.93 -27.24 5.30
C ASN H 62 -53.12 -26.25 6.13
N ALA H 63 -51.81 -26.24 5.92
CA ALA H 63 -50.94 -25.27 6.57
C ALA H 63 -50.53 -24.18 5.58
N PHE H 64 -50.49 -22.94 6.05
CA PHE H 64 -50.23 -21.80 5.18
C PHE H 64 -49.25 -20.82 5.84
N THR H 65 -48.42 -20.18 5.01
CA THR H 65 -47.52 -19.13 5.47
C THR H 65 -48.21 -17.77 5.42
N SER H 66 -47.74 -16.82 6.21
CA SER H 66 -48.30 -15.47 6.21
C SER H 66 -47.71 -14.62 5.08
N VAL H 67 -46.58 -15.04 4.54
CA VAL H 67 -45.93 -14.31 3.45
C VAL H 67 -45.04 -15.23 2.62
N SER H 68 -45.01 -15.00 1.32
CA SER H 68 -44.31 -15.88 0.39
C SER H 68 -42.96 -15.32 -0.05
N SER H 69 -42.15 -14.89 0.90
CA SER H 69 -40.80 -14.44 0.60
C SER H 69 -39.87 -14.60 1.80
N SER H 71 -37.30 -13.77 3.77
CA SER H 71 -36.98 -13.07 5.06
C SER H 71 -38.25 -12.76 5.84
N PRO H 72 -39.25 -12.16 5.18
CA PRO H 72 -40.52 -11.87 5.85
C PRO H 72 -41.16 -13.11 6.47
N SER H 73 -41.12 -14.23 5.73
CA SER H 73 -41.71 -15.47 6.22
C SER H 73 -40.97 -15.99 7.45
N ARG H 74 -39.65 -15.88 7.42
CA ARG H 74 -38.82 -16.36 8.51
C ARG H 74 -38.93 -15.45 9.74
N ALA H 75 -39.12 -14.16 9.50
CA ALA H 75 -39.32 -13.20 10.58
C ALA H 75 -40.68 -13.43 11.26
N SER H 76 -41.70 -13.63 10.44
CA SER H 76 -43.04 -13.87 10.95
C SER H 76 -43.08 -15.19 11.72
N LEU H 77 -42.45 -16.21 11.16
CA LEU H 77 -42.38 -17.51 11.78
C LEU H 77 -41.68 -17.45 13.15
N LEU H 78 -40.65 -16.62 13.24
CA LEU H 78 -39.84 -16.54 14.46
C LEU H 78 -40.34 -15.48 15.43
N THR H 79 -41.44 -14.82 15.10
CA THR H 79 -42.01 -13.80 15.98
C THR H 79 -43.48 -14.06 16.29
N GLY H 80 -44.18 -14.70 15.35
CA GLY H 80 -45.61 -14.90 15.47
C GLY H 80 -46.38 -13.67 14.99
N LEU H 81 -45.66 -12.73 14.38
CA LEU H 81 -46.25 -11.49 13.90
C LEU H 81 -46.15 -11.40 12.38
N PRO H 82 -47.21 -10.90 11.73
CA PRO H 82 -47.17 -10.73 10.28
C PRO H 82 -46.12 -9.70 9.86
N GLN H 83 -45.62 -9.83 8.64
CA GLN H 83 -44.50 -9.00 8.18
C GLN H 83 -44.77 -7.52 8.36
N HIS H 84 -46.02 -7.11 8.19
CA HIS H 84 -46.36 -5.69 8.27
C HIS H 84 -46.36 -5.20 9.72
N GLN H 85 -46.24 -6.12 10.67
CA GLN H 85 -46.21 -5.74 12.07
C GLN H 85 -44.82 -5.86 12.69
N ASN H 86 -44.05 -6.86 12.29
CA ASN H 86 -42.70 -7.04 12.83
C ASN H 86 -41.65 -6.19 12.11
N GLY H 87 -41.96 -5.74 10.91
CA GLY H 87 -41.10 -4.78 10.21
C GLY H 87 -40.27 -5.34 9.06
N MET H 88 -40.29 -6.66 8.91
CA MET H 88 -39.57 -7.29 7.80
C MET H 88 -40.46 -7.25 6.55
N TYR H 89 -40.54 -6.08 5.94
CA TYR H 89 -41.44 -5.86 4.81
C TYR H 89 -40.95 -6.54 3.53
N GLY H 90 -39.69 -6.95 3.52
CA GLY H 90 -39.11 -7.58 2.34
C GLY H 90 -37.82 -8.31 2.67
N LEU H 91 -37.01 -8.57 1.64
CA LEU H 91 -35.77 -9.30 1.83
C LEU H 91 -34.77 -8.53 2.68
N HIS H 92 -33.93 -9.27 3.39
CA HIS H 92 -33.07 -8.70 4.43
C HIS H 92 -31.67 -8.34 3.93
N GLN H 93 -31.19 -9.05 2.91
CA GLN H 93 -29.78 -8.94 2.53
C GLN H 93 -29.43 -7.72 1.67
N ASP H 94 -28.13 -7.45 1.62
CA ASP H 94 -27.55 -6.32 0.90
C ASP H 94 -28.52 -5.17 0.59
N VAL H 95 -28.85 -4.97 -0.68
CA VAL H 95 -29.52 -3.75 -1.13
C VAL H 95 -30.97 -3.67 -0.67
N HIS H 96 -31.53 -4.79 -0.26
CA HIS H 96 -32.93 -4.84 0.17
C HIS H 96 -33.05 -4.41 1.63
N HIS H 97 -32.18 -4.94 2.48
CA HIS H 97 -31.84 -4.28 3.73
C HIS H 97 -32.99 -4.12 4.73
N PHE H 98 -33.99 -4.99 4.68
CA PHE H 98 -35.12 -4.89 5.60
C PHE H 98 -34.81 -5.57 6.93
N ASN H 99 -35.18 -4.90 8.02
CA ASN H 99 -34.99 -5.42 9.37
C ASN H 99 -36.26 -5.29 10.20
N SER H 100 -36.44 -6.20 11.16
CA SER H 100 -37.55 -6.10 12.09
C SER H 100 -37.29 -4.96 13.08
N PHE H 101 -38.35 -4.47 13.72
CA PHE H 101 -38.22 -3.37 14.67
C PHE H 101 -37.43 -3.81 15.89
N ASP H 102 -36.62 -2.90 16.44
CA ASP H 102 -35.75 -3.21 17.58
C ASP H 102 -36.52 -3.79 18.76
N LYS H 103 -37.71 -3.26 19.01
CA LYS H 103 -38.47 -3.62 20.21
C LYS H 103 -39.27 -4.91 20.05
N VAL H 104 -39.20 -5.52 18.87
CA VAL H 104 -39.87 -6.81 18.65
C VAL H 104 -39.22 -7.90 19.51
N ARG H 105 -40.05 -8.68 20.19
CA ARG H 105 -39.58 -9.82 20.98
C ARG H 105 -39.80 -11.14 20.26
N SER H 106 -38.73 -11.69 19.69
CA SER H 106 -38.81 -12.91 18.90
C SER H 106 -38.79 -14.15 19.77
N LEU H 107 -39.16 -15.28 19.17
CA LEU H 107 -39.13 -16.57 19.84
C LEU H 107 -37.78 -16.84 20.51
N PRO H 108 -36.70 -16.82 19.71
CA PRO H 108 -35.35 -17.09 20.24
C PRO H 108 -34.95 -16.17 21.39
N LEU H 109 -35.33 -14.90 21.32
CA LEU H 109 -35.06 -13.97 22.41
C LEU H 109 -35.80 -14.42 23.66
N LEU H 110 -37.09 -14.68 23.53
CA LEU H 110 -37.91 -15.07 24.66
C LEU H 110 -37.45 -16.39 25.26
N LEU H 111 -37.02 -17.32 24.40
CA LEU H 111 -36.51 -18.61 24.87
C LEU H 111 -35.23 -18.41 25.68
N SER H 112 -34.32 -17.59 25.15
CA SER H 112 -33.07 -17.28 25.82
C SER H 112 -33.34 -16.71 27.21
N GLN H 113 -34.26 -15.77 27.30
CA GLN H 113 -34.58 -15.13 28.57
C GLN H 113 -35.20 -16.11 29.56
N ALA H 114 -35.78 -17.19 29.05
CA ALA H 114 -36.41 -18.19 29.89
C ALA H 114 -35.42 -19.29 30.28
N GLY H 115 -34.17 -19.14 29.85
CA GLY H 115 -33.12 -20.08 30.22
C GLY H 115 -32.94 -21.22 29.24
N VAL H 116 -33.46 -21.05 28.03
CA VAL H 116 -33.31 -22.06 26.99
C VAL H 116 -32.13 -21.72 26.09
N ARG H 117 -31.27 -22.71 25.85
CA ARG H 117 -30.12 -22.53 24.97
C ARG H 117 -30.60 -22.58 23.52
N THR H 118 -30.25 -21.56 22.75
CA THR H 118 -30.72 -21.46 21.36
C THR H 118 -29.58 -21.68 20.37
N GLY H 119 -29.91 -22.31 19.24
CA GLY H 119 -28.92 -22.54 18.19
C GLY H 119 -29.55 -22.45 16.81
N ILE H 120 -28.78 -21.97 15.84
CA ILE H 120 -29.21 -21.93 14.45
C ILE H 120 -28.10 -22.44 13.53
N ILE H 121 -28.48 -23.26 12.56
CA ILE H 121 -27.54 -23.75 11.56
C ILE H 121 -28.16 -23.64 10.18
N GLY H 122 -27.54 -22.85 9.32
CA GLY H 122 -28.03 -22.67 7.96
C GLY H 122 -28.36 -21.22 7.64
N LYS H 123 -29.41 -21.05 6.85
CA LYS H 123 -29.82 -19.73 6.37
C LYS H 123 -30.64 -19.00 7.41
N LYS H 124 -30.17 -17.83 7.83
CA LYS H 124 -30.89 -17.00 8.79
C LYS H 124 -31.79 -16.03 8.04
N HIS H 125 -31.16 -15.12 7.30
CA HIS H 125 -31.87 -14.25 6.38
C HIS H 125 -32.83 -13.31 7.09
N VAL H 126 -32.53 -13.00 8.36
CA VAL H 126 -33.30 -12.02 9.12
C VAL H 126 -32.40 -11.24 10.08
N GLY H 127 -32.89 -10.09 10.52
CA GLY H 127 -32.18 -9.24 11.47
C GLY H 127 -33.13 -8.24 12.09
N PRO H 128 -32.63 -7.41 13.02
CA PRO H 128 -31.23 -7.38 13.43
C PRO H 128 -30.87 -8.47 14.42
N GLU H 129 -29.59 -8.60 14.71
CA GLU H 129 -29.09 -9.63 15.63
C GLU H 129 -29.73 -9.51 17.01
N THR H 130 -29.90 -8.28 17.49
CA THR H 130 -30.44 -8.06 18.82
C THR H 130 -31.87 -8.59 18.96
N VAL H 131 -32.60 -8.59 17.85
CA VAL H 131 -33.97 -9.09 17.84
C VAL H 131 -33.99 -10.62 17.65
N TYR H 132 -33.03 -11.13 16.88
CA TYR H 132 -32.96 -12.55 16.59
C TYR H 132 -31.64 -13.16 17.04
N PRO H 133 -31.37 -13.13 18.35
CA PRO H 133 -30.11 -13.63 18.88
C PRO H 133 -30.10 -15.15 19.03
N PHE H 134 -28.92 -15.75 18.81
CA PHE H 134 -28.73 -17.18 19.01
C PHE H 134 -27.41 -17.44 19.73
N ASP H 135 -27.44 -18.26 20.78
CA ASP H 135 -26.24 -18.60 21.52
C ASP H 135 -25.24 -19.31 20.62
N PHE H 136 -25.75 -20.20 19.77
CA PHE H 136 -24.94 -20.99 18.87
C PHE H 136 -25.40 -20.72 17.45
N ALA H 137 -24.53 -20.13 16.63
CA ALA H 137 -24.94 -19.66 15.31
C ALA H 137 -23.91 -19.95 14.21
N TYR H 138 -24.33 -20.70 13.21
CA TYR H 138 -23.52 -20.94 12.01
C TYR H 138 -24.37 -20.69 10.78
N THR H 139 -24.25 -19.49 10.22
CA THR H 139 -25.14 -19.03 9.18
C THR H 139 -24.37 -18.39 8.03
N GLU H 140 -25.10 -17.74 7.14
CA GLU H 140 -24.49 -17.05 6.01
C GLU H 140 -23.75 -15.80 6.47
N GLU H 141 -24.02 -15.39 7.71
CA GLU H 141 -23.44 -14.16 8.25
C GLU H 141 -22.00 -14.37 8.69
N ASN H 142 -21.65 -15.61 9.05
CA ASN H 142 -20.31 -15.91 9.54
C ASN H 142 -19.69 -17.11 8.85
N GLY H 143 -20.19 -17.44 7.66
CA GLY H 143 -19.67 -18.56 6.89
C GLY H 143 -20.36 -18.71 5.55
N SER H 144 -20.16 -19.87 4.93
CA SER H 144 -20.72 -20.15 3.61
C SER H 144 -22.09 -20.80 3.74
N VAL H 145 -23.11 -20.18 3.15
CA VAL H 145 -24.47 -20.73 3.17
C VAL H 145 -24.52 -22.03 2.38
N LEU H 146 -23.55 -22.21 1.50
CA LEU H 146 -23.44 -23.43 0.70
C LEU H 146 -23.11 -24.60 1.63
N GLN H 147 -22.16 -24.38 2.53
CA GLN H 147 -21.71 -25.42 3.44
C GLN H 147 -22.74 -25.71 4.53
N VAL H 148 -23.18 -24.67 5.24
CA VAL H 148 -24.08 -24.86 6.38
C VAL H 148 -25.53 -24.99 5.95
N GLY H 149 -25.80 -24.83 4.66
CA GLY H 149 -27.17 -24.87 4.16
C GLY H 149 -27.45 -26.04 3.23
N ARG H 150 -26.41 -26.52 2.55
CA ARG H 150 -26.58 -27.58 1.56
C ARG H 150 -25.69 -28.79 1.81
N ASN H 151 -24.52 -28.58 2.39
CA ASN H 151 -23.63 -29.69 2.74
C ASN H 151 -24.12 -30.38 4.02
N ILE H 152 -24.96 -31.39 3.85
CA ILE H 152 -25.62 -32.05 4.98
C ILE H 152 -24.64 -32.72 5.94
N THR H 153 -23.45 -33.06 5.44
CA THR H 153 -22.42 -33.62 6.29
C THR H 153 -21.93 -32.56 7.27
N ARG H 154 -21.65 -31.37 6.75
CA ARG H 154 -21.25 -30.24 7.57
C ARG H 154 -22.33 -29.93 8.60
N ILE H 155 -23.58 -29.95 8.13
CA ILE H 155 -24.72 -29.68 9.01
C ILE H 155 -24.79 -30.71 10.12
N LYS H 156 -24.63 -31.97 9.76
CA LYS H 156 -24.71 -33.06 10.73
C LYS H 156 -23.66 -32.89 11.82
N LEU H 157 -22.46 -32.48 11.43
CA LEU H 157 -21.35 -32.32 12.37
C LEU H 157 -21.56 -31.10 13.27
N LEU H 158 -22.23 -30.07 12.76
CA LEU H 158 -22.52 -28.88 13.55
C LEU H 158 -23.62 -29.17 14.57
N VAL H 159 -24.56 -30.03 14.20
CA VAL H 159 -25.60 -30.48 15.12
C VAL H 159 -24.96 -31.29 16.24
N ARG H 160 -24.05 -32.18 15.85
CA ARG H 160 -23.33 -32.99 16.81
C ARG H 160 -22.61 -32.10 17.80
N LYS H 161 -21.92 -31.08 17.29
CA LYS H 161 -21.17 -30.15 18.14
C LYS H 161 -22.11 -29.42 19.10
N PHE H 162 -23.28 -29.01 18.59
CA PHE H 162 -24.26 -28.33 19.41
C PHE H 162 -24.67 -29.19 20.60
N LEU H 163 -24.94 -30.46 20.33
CA LEU H 163 -25.43 -31.38 21.36
C LEU H 163 -24.33 -31.75 22.36
N GLN H 164 -23.10 -31.86 21.87
CA GLN H 164 -21.98 -32.23 22.73
C GLN H 164 -21.60 -31.10 23.68
N THR H 165 -21.91 -29.86 23.29
CA THR H 165 -21.59 -28.70 24.12
C THR H 165 -22.78 -28.25 24.97
N GLN H 166 -23.78 -29.12 25.11
CA GLN H 166 -24.96 -28.80 25.92
C GLN H 166 -24.63 -28.76 27.42
N ASP H 167 -25.42 -28.00 28.16
CA ASP H 167 -25.35 -28.00 29.61
C ASP H 167 -26.69 -28.52 30.13
N ASP H 168 -26.92 -28.37 31.43
CA ASP H 168 -28.16 -28.86 32.04
C ASP H 168 -29.38 -28.02 31.60
N ARG H 169 -29.22 -27.24 30.53
CA ARG H 169 -30.31 -26.39 30.03
C ARG H 169 -31.10 -27.06 28.91
N PRO H 170 -32.40 -26.75 28.82
CA PRO H 170 -33.17 -27.14 27.64
C PRO H 170 -32.61 -26.44 26.42
N PHE H 171 -32.92 -26.94 25.23
CA PHE H 171 -32.41 -26.30 24.02
C PHE H 171 -33.47 -26.15 22.94
N PHE H 172 -33.26 -25.15 22.09
CA PHE H 172 -34.04 -24.97 20.88
C PHE H 172 -33.09 -24.89 19.71
N LEU H 173 -33.15 -25.88 18.83
CA LEU H 173 -32.24 -25.94 17.69
C LEU H 173 -32.99 -25.68 16.39
N TYR H 174 -32.49 -24.68 15.65
CA TYR H 174 -33.14 -24.23 14.43
C TYR H 174 -32.23 -24.57 13.24
N VAL H 175 -32.62 -25.59 12.48
CA VAL H 175 -31.86 -26.01 11.30
C VAL H 175 -32.57 -25.53 10.04
N ALA H 176 -32.01 -24.48 9.42
CA ALA H 176 -32.62 -23.87 8.25
C ALA H 176 -31.87 -24.26 6.98
N PHE H 177 -32.30 -25.35 6.35
CA PHE H 177 -31.69 -25.80 5.11
C PHE H 177 -31.82 -24.73 4.03
N HIS H 178 -30.83 -24.68 3.13
CA HIS H 178 -30.91 -23.79 1.99
C HIS H 178 -31.52 -24.55 0.81
N ASP H 179 -31.44 -25.88 0.88
CA ASP H 179 -32.17 -26.74 -0.04
C ASP H 179 -33.65 -26.66 0.32
N PRO H 180 -34.54 -26.79 -0.69
CA PRO H 180 -34.24 -26.94 -2.10
C PRO H 180 -34.37 -25.64 -2.88
N HIS H 181 -33.59 -24.64 -2.48
CA HIS H 181 -33.57 -23.34 -3.14
C HIS H 181 -32.80 -23.44 -4.46
N ARG H 182 -33.20 -22.63 -5.43
CA ARG H 182 -32.52 -22.59 -6.73
C ARG H 182 -31.07 -22.12 -6.59
N CYS H 183 -30.26 -22.40 -7.60
CA CYS H 183 -28.87 -21.95 -7.64
C CYS H 183 -28.51 -21.33 -8.99
N GLY H 184 -29.47 -21.35 -9.92
CA GLY H 184 -29.21 -20.91 -11.28
C GLY H 184 -28.62 -19.52 -11.39
N HIS H 185 -29.10 -18.61 -10.56
CA HIS H 185 -28.65 -17.22 -10.60
C HIS H 185 -27.24 -17.09 -10.04
N SER H 186 -27.02 -17.58 -8.83
CA SER H 186 -25.74 -17.47 -8.15
C SER H 186 -24.68 -18.42 -8.69
N GLN H 187 -24.98 -19.72 -8.69
CA GLN H 187 -23.99 -20.75 -9.00
C GLN H 187 -24.53 -21.79 -9.99
N PRO H 188 -24.53 -21.45 -11.29
CA PRO H 188 -25.06 -22.31 -12.35
C PRO H 188 -24.28 -23.61 -12.57
N GLN H 189 -23.01 -23.64 -12.16
CA GLN H 189 -22.17 -24.82 -12.38
C GLN H 189 -22.62 -26.01 -11.54
N TYR H 190 -23.41 -25.74 -10.50
CA TYR H 190 -23.92 -26.81 -9.63
C TYR H 190 -25.31 -27.27 -10.05
N GLY H 191 -25.82 -26.70 -11.13
CA GLY H 191 -27.15 -27.06 -11.61
C GLY H 191 -28.19 -26.05 -11.18
N THR H 192 -29.39 -26.17 -11.75
CA THR H 192 -30.46 -25.21 -11.50
C THR H 192 -30.90 -25.20 -10.04
N PHE H 193 -30.77 -26.34 -9.37
CA PHE H 193 -31.12 -26.44 -7.95
C PHE H 193 -29.93 -26.89 -7.11
N CYS H 194 -28.72 -26.69 -7.63
CA CYS H 194 -27.51 -27.13 -6.95
C CYS H 194 -27.53 -28.63 -6.72
N GLU H 195 -28.22 -29.35 -7.61
CA GLU H 195 -28.37 -30.80 -7.45
C GLU H 195 -27.08 -31.54 -7.80
N LYS H 196 -26.10 -30.81 -8.32
CA LYS H 196 -24.82 -31.41 -8.70
C LYS H 196 -23.75 -31.17 -7.64
N PHE H 197 -23.96 -30.17 -6.80
CA PHE H 197 -23.02 -29.86 -5.73
C PHE H 197 -22.81 -31.07 -4.81
N GLY H 198 -21.57 -31.53 -4.73
CA GLY H 198 -21.22 -32.63 -3.83
C GLY H 198 -21.63 -34.00 -4.34
N ASN H 199 -21.89 -34.10 -5.64
CA ASN H 199 -22.36 -35.35 -6.22
C ASN H 199 -21.21 -36.31 -6.57
N GLY H 200 -19.97 -35.82 -6.46
CA GLY H 200 -18.81 -36.65 -6.71
C GLY H 200 -18.14 -36.40 -8.05
N GLU H 201 -18.92 -35.90 -9.02
CA GLU H 201 -18.40 -35.62 -10.36
C GLU H 201 -17.33 -34.53 -10.30
N SER H 202 -16.59 -34.39 -11.40
CA SER H 202 -15.48 -33.45 -11.47
C SER H 202 -15.92 -32.03 -11.16
N GLY H 203 -15.22 -31.39 -10.22
CA GLY H 203 -15.46 -29.98 -9.89
C GLY H 203 -16.63 -29.76 -8.96
N MET H 204 -17.28 -30.85 -8.54
CA MET H 204 -18.48 -30.75 -7.70
C MET H 204 -18.19 -31.02 -6.23
N GLY H 205 -17.11 -31.75 -5.96
CA GLY H 205 -16.77 -32.12 -4.60
C GLY H 205 -17.60 -33.31 -4.14
N ARG H 206 -17.47 -33.68 -2.86
CA ARG H 206 -18.19 -34.83 -2.33
C ARG H 206 -18.79 -34.56 -0.96
N ILE H 207 -20.04 -34.98 -0.78
CA ILE H 207 -20.70 -34.96 0.52
C ILE H 207 -20.91 -36.41 0.95
N PRO H 208 -19.99 -36.95 1.75
CA PRO H 208 -19.94 -38.37 2.11
C PRO H 208 -21.27 -38.96 2.54
N ASP H 209 -22.05 -38.20 3.30
CA ASP H 209 -23.31 -38.69 3.85
C ASP H 209 -24.47 -38.61 2.86
N TRP H 210 -24.21 -38.10 1.66
CA TRP H 210 -25.26 -37.92 0.68
C TRP H 210 -25.18 -38.93 -0.46
N THR H 211 -26.29 -39.60 -0.73
CA THR H 211 -26.39 -40.50 -1.86
C THR H 211 -27.32 -39.90 -2.90
N PRO H 212 -26.74 -39.26 -3.94
CA PRO H 212 -27.52 -38.58 -4.97
C PRO H 212 -28.60 -39.47 -5.57
N GLN H 213 -29.76 -38.89 -5.84
CA GLN H 213 -30.88 -39.60 -6.42
C GLN H 213 -31.29 -38.94 -7.72
N ALA H 214 -30.96 -39.56 -8.85
CA ALA H 214 -31.29 -39.00 -10.15
C ALA H 214 -32.76 -39.24 -10.50
N TYR H 215 -33.35 -38.30 -11.23
CA TYR H 215 -34.76 -38.41 -11.61
C TYR H 215 -34.97 -38.10 -13.09
N ASP H 216 -35.84 -38.88 -13.73
CA ASP H 216 -36.18 -38.67 -15.12
C ASP H 216 -37.24 -37.58 -15.23
N PRO H 217 -37.00 -36.58 -16.08
CA PRO H 217 -37.94 -35.47 -16.27
C PRO H 217 -39.34 -35.92 -16.67
N LEU H 218 -39.45 -37.13 -17.21
CA LEU H 218 -40.74 -37.63 -17.68
C LEU H 218 -41.53 -38.29 -16.55
N ASP H 219 -40.88 -38.48 -15.41
CA ASP H 219 -41.50 -39.20 -14.29
C ASP H 219 -41.93 -38.27 -13.17
N VAL H 220 -41.39 -37.05 -13.15
CA VAL H 220 -41.72 -36.09 -12.12
C VAL H 220 -43.19 -35.66 -12.24
N LEU H 221 -43.80 -35.31 -11.11
CA LEU H 221 -45.17 -34.81 -11.12
C LEU H 221 -45.19 -33.32 -11.42
N VAL H 222 -45.91 -32.94 -12.46
CA VAL H 222 -46.00 -31.54 -12.85
C VAL H 222 -47.19 -30.87 -12.18
N PRO H 223 -46.93 -30.03 -11.16
CA PRO H 223 -48.00 -29.34 -10.45
C PRO H 223 -48.88 -28.56 -11.42
N TYR H 224 -50.15 -28.38 -11.05
CA TYR H 224 -51.12 -27.78 -11.97
C TYR H 224 -50.73 -26.38 -12.41
N PHE H 225 -49.93 -25.70 -11.59
CA PHE H 225 -49.56 -24.32 -11.85
C PHE H 225 -48.21 -24.19 -12.55
N VAL H 226 -47.60 -25.32 -12.86
CA VAL H 226 -46.31 -25.33 -13.57
C VAL H 226 -46.52 -25.75 -15.02
N PRO H 227 -45.95 -24.98 -15.96
CA PRO H 227 -46.07 -25.30 -17.37
C PRO H 227 -45.56 -26.71 -17.68
N ASN H 228 -46.32 -27.47 -18.46
CA ASN H 228 -45.92 -28.82 -18.82
C ASN H 228 -45.01 -28.81 -20.04
N THR H 229 -43.74 -28.42 -19.83
CA THR H 229 -42.77 -28.34 -20.91
C THR H 229 -41.50 -29.09 -20.51
N PRO H 230 -40.68 -29.47 -21.51
CA PRO H 230 -39.41 -30.14 -21.25
C PRO H 230 -38.53 -29.34 -20.30
N ALA H 231 -38.49 -28.02 -20.48
CA ALA H 231 -37.67 -27.16 -19.65
C ALA H 231 -38.11 -27.20 -18.19
N ALA H 232 -39.43 -27.16 -17.97
CA ALA H 232 -39.99 -27.18 -16.62
C ALA H 232 -39.77 -28.55 -15.97
N ARG H 233 -39.91 -29.61 -16.75
CA ARG H 233 -39.71 -30.96 -16.24
C ARG H 233 -38.26 -31.17 -15.83
N ALA H 234 -37.34 -30.61 -16.61
CA ALA H 234 -35.92 -30.67 -16.28
C ALA H 234 -35.67 -29.97 -14.94
N ASP H 235 -36.29 -28.81 -14.77
CA ASP H 235 -36.20 -28.08 -13.50
C ASP H 235 -36.69 -28.94 -12.34
N LEU H 236 -37.83 -29.59 -12.54
CA LEU H 236 -38.44 -30.41 -11.50
C LEU H 236 -37.54 -31.59 -11.15
N ALA H 237 -36.95 -32.21 -12.17
CA ALA H 237 -36.07 -33.34 -11.96
C ALA H 237 -34.89 -32.96 -11.08
N ALA H 238 -34.31 -31.80 -11.37
CA ALA H 238 -33.19 -31.29 -10.60
C ALA H 238 -33.65 -30.99 -9.17
N GLN H 239 -34.86 -30.43 -9.05
CA GLN H 239 -35.42 -30.13 -7.75
C GLN H 239 -35.57 -31.39 -6.91
N TYR H 240 -36.11 -32.44 -7.54
CA TYR H 240 -36.33 -33.71 -6.85
C TYR H 240 -35.03 -34.24 -6.25
N THR H 241 -33.96 -34.20 -7.04
CA THR H 241 -32.66 -34.66 -6.57
C THR H 241 -32.22 -33.88 -5.33
N THR H 242 -32.42 -32.57 -5.36
CA THR H 242 -32.00 -31.70 -4.27
C THR H 242 -32.88 -31.87 -3.04
N VAL H 243 -34.17 -32.11 -3.25
CA VAL H 243 -35.09 -32.39 -2.15
C VAL H 243 -34.65 -33.66 -1.43
N GLY H 244 -34.15 -34.62 -2.21
CA GLY H 244 -33.64 -35.87 -1.64
C GLY H 244 -32.46 -35.63 -0.71
N ARG H 245 -31.59 -34.70 -1.10
CA ARG H 245 -30.46 -34.32 -0.25
C ARG H 245 -30.97 -33.72 1.05
N MET H 246 -31.95 -32.83 0.94
CA MET H 246 -32.57 -32.21 2.10
C MET H 246 -33.21 -33.28 2.99
N ASP H 247 -33.87 -34.24 2.35
CA ASP H 247 -34.48 -35.35 3.07
C ASP H 247 -33.44 -36.12 3.89
N GLN H 248 -32.32 -36.45 3.26
CA GLN H 248 -31.25 -37.19 3.93
C GLN H 248 -30.63 -36.35 5.04
N GLY H 249 -30.63 -35.03 4.85
CA GLY H 249 -30.16 -34.11 5.87
C GLY H 249 -31.02 -34.21 7.11
N VAL H 250 -32.34 -34.30 6.91
CA VAL H 250 -33.28 -34.44 8.01
C VAL H 250 -32.99 -35.72 8.78
N GLY H 251 -32.70 -36.79 8.04
CA GLY H 251 -32.40 -38.07 8.65
C GLY H 251 -31.17 -38.00 9.53
N LEU H 252 -30.14 -37.33 9.04
CA LEU H 252 -28.88 -37.18 9.78
C LEU H 252 -29.08 -36.37 11.06
N VAL H 253 -29.83 -35.28 10.95
CA VAL H 253 -30.08 -34.42 12.10
C VAL H 253 -30.82 -35.19 13.20
N LEU H 254 -31.92 -35.84 12.84
CA LEU H 254 -32.69 -36.63 13.78
C LEU H 254 -31.82 -37.72 14.42
N GLN H 255 -30.93 -38.29 13.63
CA GLN H 255 -30.06 -39.35 14.10
C GLN H 255 -29.06 -38.83 15.13
N GLU H 256 -28.65 -37.58 14.98
CA GLU H 256 -27.72 -36.98 15.92
C GLU H 256 -28.36 -36.79 17.29
N LEU H 257 -29.63 -36.38 17.29
CA LEU H 257 -30.39 -36.26 18.53
C LEU H 257 -30.63 -37.64 19.13
N ARG H 258 -30.84 -38.62 18.26
CA ARG H 258 -31.07 -39.99 18.67
C ARG H 258 -29.80 -40.57 19.30
N ASP H 259 -28.64 -40.19 18.76
CA ASP H 259 -27.35 -40.63 19.29
C ASP H 259 -27.02 -39.94 20.61
N ALA H 260 -27.53 -38.73 20.80
CA ALA H 260 -27.31 -37.98 22.02
C ALA H 260 -28.38 -38.34 23.06
N GLY H 261 -29.37 -39.14 22.63
CA GLY H 261 -30.43 -39.59 23.52
C GLY H 261 -31.36 -38.48 23.97
N VAL H 262 -31.71 -37.58 23.05
CA VAL H 262 -32.55 -36.44 23.38
C VAL H 262 -33.78 -36.33 22.48
N LEU H 263 -33.84 -37.16 21.44
CA LEU H 263 -34.94 -37.09 20.49
C LEU H 263 -36.29 -37.31 21.17
N ASN H 264 -36.33 -38.22 22.14
CA ASN H 264 -37.57 -38.56 22.82
C ASN H 264 -37.97 -37.52 23.87
N ASP H 265 -37.18 -36.45 23.98
CA ASP H 265 -37.49 -35.36 24.90
C ASP H 265 -37.68 -34.06 24.11
N THR H 266 -37.71 -34.18 22.78
CA THR H 266 -37.69 -33.02 21.90
C THR H 266 -38.92 -32.93 21.00
N LEU H 267 -39.53 -31.75 20.95
CA LEU H 267 -40.62 -31.48 20.02
C LEU H 267 -40.02 -31.17 18.65
N VAL H 268 -40.38 -31.95 17.65
CA VAL H 268 -39.85 -31.77 16.32
C VAL H 268 -40.91 -31.20 15.38
N ILE H 269 -40.53 -30.17 14.64
CA ILE H 269 -41.42 -29.54 13.67
C ILE H 269 -40.70 -29.37 12.34
N PHE H 270 -41.34 -29.83 11.27
CA PHE H 270 -40.81 -29.61 9.92
C PHE H 270 -41.80 -28.83 9.07
N THR H 271 -41.29 -27.87 8.30
CA THR H 271 -42.13 -27.11 7.40
C THR H 271 -41.25 -26.36 6.40
N SER H 272 -41.87 -25.50 5.60
CA SER H 272 -41.16 -24.74 4.58
C SER H 272 -41.57 -23.26 4.67
N ASP H 273 -40.68 -22.37 4.27
CA ASP H 273 -40.92 -20.93 4.46
C ASP H 273 -41.87 -20.31 3.44
N ASN H 274 -41.90 -20.88 2.24
CA ASN H 274 -42.83 -20.42 1.22
C ASN H 274 -42.99 -21.41 0.08
N GLY H 275 -43.87 -21.10 -0.86
CA GLY H 275 -44.15 -21.98 -1.99
C GLY H 275 -42.95 -22.16 -2.90
N ILE H 276 -43.03 -23.15 -3.79
CA ILE H 276 -41.92 -23.49 -4.66
C ILE H 276 -41.65 -22.41 -5.72
N PRO H 277 -40.39 -22.27 -6.14
CA PRO H 277 -39.95 -21.23 -7.06
C PRO H 277 -40.36 -21.49 -8.51
N PHE H 278 -41.67 -21.50 -8.75
CA PHE H 278 -42.22 -21.64 -10.10
C PHE H 278 -43.35 -20.62 -10.27
N PRO H 279 -43.89 -20.52 -11.49
CA PRO H 279 -44.99 -19.57 -11.73
C PRO H 279 -46.15 -19.79 -10.76
N SER H 280 -46.74 -18.70 -10.28
CA SER H 280 -47.89 -18.77 -9.36
C SER H 280 -47.49 -19.27 -7.97
N GLY H 281 -46.22 -19.61 -7.81
CA GLY H 281 -45.72 -20.09 -6.52
C GLY H 281 -45.11 -18.97 -5.71
N ARG H 282 -43.84 -19.12 -5.34
CA ARG H 282 -43.14 -18.13 -4.53
C ARG H 282 -43.46 -16.71 -4.99
N THR H 283 -43.71 -15.83 -4.02
CA THR H 283 -44.01 -14.43 -4.29
C THR H 283 -45.51 -14.18 -4.45
N ASN H 284 -46.28 -15.26 -4.56
CA ASN H 284 -47.73 -15.14 -4.71
C ASN H 284 -48.49 -15.50 -3.44
N LEU H 285 -49.67 -14.92 -3.26
CA LEU H 285 -50.57 -15.31 -2.19
C LEU H 285 -51.63 -16.25 -2.74
N TYR H 286 -51.39 -16.80 -3.92
CA TYR H 286 -52.22 -17.88 -4.43
C TYR H 286 -51.87 -19.13 -3.63
N TRP H 287 -52.75 -20.13 -3.67
CA TRP H 287 -52.53 -21.33 -2.89
C TRP H 287 -51.10 -21.86 -3.02
N PRO H 288 -50.63 -21.99 -4.27
CA PRO H 288 -49.29 -22.56 -4.55
C PRO H 288 -48.15 -21.80 -3.91
N GLY H 289 -48.38 -20.53 -3.59
CA GLY H 289 -47.32 -19.66 -3.06
C GLY H 289 -47.26 -19.64 -1.55
N THR H 290 -48.36 -20.04 -0.90
CA THR H 290 -48.46 -19.96 0.56
C THR H 290 -48.70 -21.32 1.22
N ALA H 291 -49.25 -22.27 0.47
CA ALA H 291 -49.45 -23.63 0.97
C ALA H 291 -48.10 -24.25 1.31
N GLU H 292 -48.00 -24.87 2.49
CA GLU H 292 -46.74 -25.39 2.97
C GLU H 292 -46.92 -26.73 3.70
N PRO H 293 -45.94 -27.64 3.56
CA PRO H 293 -45.97 -28.88 4.33
C PRO H 293 -45.71 -28.61 5.81
N LEU H 294 -46.29 -29.42 6.68
CA LEU H 294 -46.12 -29.22 8.12
C LEU H 294 -46.27 -30.52 8.89
N LEU H 295 -45.22 -30.88 9.62
CA LEU H 295 -45.24 -32.05 10.48
C LEU H 295 -44.92 -31.63 11.92
N VAL H 296 -45.67 -32.15 12.87
CA VAL H 296 -45.44 -31.86 14.28
C VAL H 296 -45.38 -33.14 15.09
N SER H 297 -44.21 -33.41 15.68
CA SER H 297 -44.00 -34.63 16.45
C SER H 297 -43.71 -34.32 17.90
N SER H 298 -44.67 -34.65 18.76
CA SER H 298 -44.50 -34.51 20.20
C SER H 298 -44.34 -35.89 20.82
N PRO H 299 -43.20 -36.12 21.50
CA PRO H 299 -42.95 -37.40 22.15
C PRO H 299 -43.86 -37.63 23.36
N GLU H 300 -44.57 -36.58 23.78
CA GLU H 300 -45.45 -36.66 24.93
C GLU H 300 -46.91 -36.85 24.50
N HIS H 301 -47.20 -36.57 23.24
CA HIS H 301 -48.56 -36.72 22.72
C HIS H 301 -48.56 -37.53 21.42
N PRO H 302 -48.31 -38.83 21.53
CA PRO H 302 -48.24 -39.73 20.38
C PRO H 302 -49.60 -40.28 19.98
N LYS H 303 -50.66 -39.81 20.64
CA LYS H 303 -52.00 -40.28 20.35
C LYS H 303 -52.33 -40.18 18.86
N ARG H 304 -51.90 -39.09 18.24
CA ARG H 304 -52.24 -38.82 16.84
C ARG H 304 -51.04 -38.92 15.91
N TRP H 305 -50.04 -39.70 16.30
CA TRP H 305 -48.89 -39.96 15.44
C TRP H 305 -49.32 -40.67 14.16
N GLY H 306 -48.87 -40.15 13.02
CA GLY H 306 -49.15 -40.76 11.73
C GLY H 306 -50.50 -40.40 11.17
N GLN H 307 -51.15 -39.40 11.78
CA GLN H 307 -52.48 -38.98 11.34
C GLN H 307 -52.41 -37.68 10.53
N VAL H 308 -53.52 -37.35 9.89
CA VAL H 308 -53.61 -36.13 9.09
C VAL H 308 -54.66 -35.20 9.66
N SER H 309 -54.29 -33.93 9.83
CA SER H 309 -55.20 -32.93 10.37
C SER H 309 -55.76 -32.06 9.25
N GLU H 310 -57.03 -31.71 9.34
CA GLU H 310 -57.70 -30.94 8.32
C GLU H 310 -57.81 -29.47 8.75
N ALA H 311 -57.36 -29.19 9.97
CA ALA H 311 -57.45 -27.86 10.53
C ALA H 311 -56.59 -26.87 9.76
N TYR H 312 -57.11 -25.66 9.57
CA TYR H 312 -56.38 -24.62 8.87
C TYR H 312 -55.45 -23.90 9.83
N VAL H 313 -54.15 -23.98 9.57
CA VAL H 313 -53.13 -23.43 10.46
C VAL H 313 -52.12 -22.59 9.70
N SER H 314 -51.42 -21.71 10.42
CA SER H 314 -50.44 -20.80 9.83
C SER H 314 -49.09 -20.90 10.55
N LEU H 315 -48.03 -20.51 9.86
CA LEU H 315 -46.71 -20.49 10.48
C LEU H 315 -46.69 -19.47 11.61
N LEU H 316 -47.71 -18.62 11.66
CA LEU H 316 -47.88 -17.66 12.74
C LEU H 316 -48.23 -18.40 14.03
N ASP H 317 -48.53 -19.69 13.90
CA ASP H 317 -48.89 -20.52 15.05
C ASP H 317 -47.68 -21.20 15.70
N LEU H 318 -46.54 -21.16 15.02
CA LEU H 318 -45.35 -21.89 15.48
C LEU H 318 -44.72 -21.27 16.73
N THR H 319 -44.54 -19.95 16.73
CA THR H 319 -44.00 -19.28 17.92
C THR H 319 -44.88 -19.56 19.15
N PRO H 320 -46.19 -19.36 19.02
CA PRO H 320 -47.12 -19.67 20.11
C PRO H 320 -47.04 -21.12 20.54
N THR H 321 -46.83 -22.01 19.57
CA THR H 321 -46.74 -23.44 19.82
C THR H 321 -45.49 -23.77 20.64
N ILE H 322 -44.35 -23.23 20.20
CA ILE H 322 -43.08 -23.48 20.87
C ILE H 322 -43.05 -22.85 22.26
N LEU H 323 -43.61 -21.64 22.37
CA LEU H 323 -43.72 -21.00 23.67
C LEU H 323 -44.57 -21.86 24.62
N ASP H 324 -45.69 -22.37 24.11
CA ASP H 324 -46.56 -23.23 24.90
C ASP H 324 -45.79 -24.47 25.34
N TRP H 325 -45.00 -25.02 24.44
CA TRP H 325 -44.20 -26.21 24.73
C TRP H 325 -43.27 -26.00 25.92
N PHE H 326 -42.65 -24.82 25.99
CA PHE H 326 -41.72 -24.50 27.07
C PHE H 326 -42.42 -23.81 28.23
N SER H 327 -43.75 -23.68 28.13
CA SER H 327 -44.53 -23.03 29.17
C SER H 327 -44.09 -21.58 29.39
N ILE H 328 -43.79 -20.89 28.29
CA ILE H 328 -43.37 -19.50 28.34
C ILE H 328 -44.49 -18.60 27.80
N PRO H 329 -44.97 -17.67 28.62
CA PRO H 329 -46.03 -16.77 28.18
C PRO H 329 -45.51 -15.61 27.35
N TYR H 330 -46.31 -15.14 26.41
CA TYR H 330 -45.93 -13.97 25.62
C TYR H 330 -46.09 -12.74 26.49
N PRO H 331 -44.99 -11.96 26.64
CA PRO H 331 -44.99 -10.81 27.52
C PRO H 331 -45.89 -9.68 27.01
N SER H 332 -46.34 -8.84 27.93
CA SER H 332 -47.14 -7.67 27.57
C SER H 332 -46.23 -6.49 27.30
N TYR H 333 -46.14 -6.08 26.04
CA TYR H 333 -45.30 -4.94 25.67
C TYR H 333 -45.80 -4.27 24.42
N ALA H 334 -45.23 -3.12 24.10
CA ALA H 334 -45.56 -2.40 22.89
C ALA H 334 -44.31 -2.13 22.09
N ILE H 335 -44.46 -2.02 20.77
CA ILE H 335 -43.37 -1.61 19.91
C ILE H 335 -43.41 -0.10 19.79
N PHE H 336 -44.58 0.42 19.43
CA PHE H 336 -44.77 1.87 19.31
C PHE H 336 -45.89 2.32 20.23
N GLY H 337 -45.73 3.49 20.82
CA GLY H 337 -46.73 4.04 21.74
C GLY H 337 -47.15 3.04 22.79
N SER H 338 -48.45 3.02 23.11
CA SER H 338 -48.99 2.08 24.09
C SER H 338 -49.73 0.95 23.38
N LYS H 339 -49.57 0.87 22.06
CA LYS H 339 -50.22 -0.16 21.26
C LYS H 339 -49.69 -1.54 21.63
N THR H 340 -50.29 -2.17 22.64
CA THR H 340 -49.86 -3.47 23.12
C THR H 340 -49.89 -4.50 21.99
N ILE H 341 -48.92 -5.41 22.01
CA ILE H 341 -48.79 -6.43 20.99
C ILE H 341 -49.35 -7.77 21.48
N HIS H 342 -50.20 -8.38 20.67
CA HIS H 342 -50.69 -9.74 20.96
C HIS H 342 -50.63 -10.60 19.70
N LEU H 343 -50.42 -11.89 19.89
CA LEU H 343 -50.33 -12.83 18.77
C LEU H 343 -51.72 -13.21 18.28
N THR H 344 -51.86 -13.36 16.97
CA THR H 344 -53.14 -13.77 16.37
C THR H 344 -53.13 -15.27 16.11
N GLY H 345 -51.95 -15.87 16.16
CA GLY H 345 -51.81 -17.32 16.02
C GLY H 345 -52.22 -18.02 17.30
N ARG H 346 -52.08 -19.35 17.32
CA ARG H 346 -52.42 -20.14 18.50
C ARG H 346 -51.53 -21.37 18.57
N SER H 347 -51.40 -21.95 19.76
CA SER H 347 -50.63 -23.16 19.93
C SER H 347 -51.30 -24.29 19.17
N LEU H 348 -50.50 -25.10 18.48
CA LEU H 348 -51.04 -26.23 17.73
C LEU H 348 -51.07 -27.47 18.60
N LEU H 349 -50.48 -27.38 19.80
CA LEU H 349 -50.37 -28.53 20.70
C LEU H 349 -51.72 -29.23 20.93
N PRO H 350 -52.79 -28.46 21.18
CA PRO H 350 -54.11 -29.03 21.42
C PRO H 350 -54.60 -29.92 20.28
N ALA H 351 -54.13 -29.65 19.07
CA ALA H 351 -54.52 -30.44 17.90
C ALA H 351 -53.85 -31.81 17.92
N LEU H 352 -52.78 -31.94 18.70
CA LEU H 352 -52.06 -33.19 18.82
C LEU H 352 -52.83 -34.19 19.67
N GLU H 353 -53.86 -33.70 20.37
CA GLU H 353 -54.68 -34.54 21.23
C GLU H 353 -56.05 -34.77 20.60
N ALA H 354 -56.64 -33.72 20.04
CA ALA H 354 -57.94 -33.83 19.40
C ALA H 354 -58.08 -32.84 18.25
N GLU H 355 -58.76 -33.27 17.19
CA GLU H 355 -58.94 -32.45 15.99
C GLU H 355 -59.85 -31.26 16.27
N PRO H 356 -59.37 -30.04 16.01
CA PRO H 356 -60.15 -28.80 16.14
C PRO H 356 -60.81 -28.37 14.84
N LEU H 357 -61.59 -27.30 14.89
CA LEU H 357 -62.32 -26.83 13.70
C LEU H 357 -61.78 -25.51 13.15
N TRP H 358 -60.55 -25.17 13.47
CA TRP H 358 -59.94 -23.94 12.96
C TRP H 358 -60.07 -23.89 11.44
N ALA H 359 -60.55 -22.77 10.91
CA ALA H 359 -60.88 -22.68 9.49
C ALA H 359 -60.37 -21.40 8.80
N THR H 360 -59.76 -20.50 9.57
CA THR H 360 -59.39 -19.20 9.03
C THR H 360 -57.89 -18.93 9.13
N VAL H 361 -57.31 -18.49 8.02
CA VAL H 361 -55.90 -18.12 7.95
C VAL H 361 -55.74 -16.85 7.13
N PHE H 362 -54.77 -16.02 7.50
CA PHE H 362 -54.57 -14.74 6.83
C PHE H 362 -53.23 -14.69 6.10
N GLY H 363 -53.08 -13.72 5.21
CA GLY H 363 -51.84 -13.54 4.47
C GLY H 363 -51.55 -12.06 4.27
N SER H 364 -50.28 -11.69 4.35
CA SER H 364 -49.86 -10.31 4.15
C SER H 364 -48.46 -10.25 3.58
N GLN H 365 -48.32 -9.56 2.45
CA GLN H 365 -47.04 -9.39 1.81
C GLN H 365 -46.96 -7.99 1.24
N SER H 366 -45.80 -7.35 1.41
CA SER H 366 -45.59 -6.01 0.90
C SER H 366 -44.53 -6.02 -0.19
N HIS H 367 -43.26 -6.05 0.21
CA HIS H 367 -42.17 -6.18 -0.73
C HIS H 367 -41.69 -7.62 -0.81
N HIS H 368 -40.93 -7.91 -1.86
CA HIS H 368 -40.04 -9.06 -1.88
C HIS H 368 -38.65 -8.45 -1.95
N GLU H 369 -38.16 -8.21 -3.16
CA GLU H 369 -37.02 -7.34 -3.36
C GLU H 369 -37.52 -5.91 -3.13
N VAL H 370 -36.60 -5.00 -2.81
CA VAL H 370 -36.97 -3.61 -2.54
C VAL H 370 -37.62 -2.95 -3.76
N THR H 371 -37.26 -3.43 -4.94
CA THR H 371 -37.79 -2.88 -6.18
C THR H 371 -39.12 -3.50 -6.53
N MET H 372 -39.51 -4.54 -5.78
CA MET H 372 -40.76 -5.24 -6.00
C MET H 372 -41.81 -4.84 -4.98
N SER H 373 -42.54 -3.76 -5.27
CA SER H 373 -43.59 -3.28 -4.38
C SER H 373 -44.97 -3.65 -4.91
N TYR H 374 -45.46 -4.81 -4.49
CA TYR H 374 -46.76 -5.29 -4.91
C TYR H 374 -47.46 -5.87 -3.69
N PRO H 375 -47.95 -5.00 -2.80
CA PRO H 375 -48.57 -5.46 -1.56
C PRO H 375 -49.83 -6.28 -1.81
N MET H 376 -49.95 -7.39 -1.08
CA MET H 376 -51.12 -8.23 -1.17
C MET H 376 -51.58 -8.60 0.24
N ARG H 377 -52.89 -8.72 0.41
CA ARG H 377 -53.48 -9.13 1.66
C ARG H 377 -54.52 -10.21 1.37
N SER H 378 -54.54 -11.27 2.17
CA SER H 378 -55.43 -12.39 1.91
C SER H 378 -56.12 -12.88 3.17
N VAL H 379 -57.30 -13.45 2.98
CA VAL H 379 -57.99 -14.16 4.05
C VAL H 379 -58.59 -15.43 3.46
N GLN H 380 -58.46 -16.52 4.20
CA GLN H 380 -58.98 -17.80 3.74
C GLN H 380 -59.88 -18.42 4.79
N HIS H 381 -61.12 -18.70 4.40
CA HIS H 381 -62.04 -19.45 5.25
C HIS H 381 -62.33 -20.77 4.57
N ARG H 382 -61.75 -21.85 5.09
CA ARG H 382 -61.84 -23.14 4.44
C ARG H 382 -61.32 -23.04 3.00
N HIS H 383 -62.14 -23.40 2.03
CA HIS H 383 -61.69 -23.43 0.63
C HIS H 383 -61.88 -22.10 -0.10
N PHE H 384 -62.48 -21.12 0.58
CA PHE H 384 -62.65 -19.79 0.01
C PHE H 384 -61.44 -18.93 0.32
N ARG H 385 -60.79 -18.41 -0.73
CA ARG H 385 -59.64 -17.53 -0.57
C ARG H 385 -59.92 -16.19 -1.22
N LEU H 386 -59.64 -15.12 -0.49
CA LEU H 386 -59.79 -13.76 -1.01
C LEU H 386 -58.44 -13.06 -0.99
N VAL H 387 -58.02 -12.57 -2.14
CA VAL H 387 -56.76 -11.84 -2.22
C VAL H 387 -57.03 -10.40 -2.65
N HIS H 388 -56.39 -9.47 -1.96
CA HIS H 388 -56.47 -8.06 -2.30
C HIS H 388 -55.12 -7.58 -2.81
N ASN H 389 -55.09 -7.13 -4.06
CA ASN H 389 -53.87 -6.63 -4.67
C ASN H 389 -53.86 -5.10 -4.67
N LEU H 390 -53.11 -4.52 -3.73
CA LEU H 390 -53.17 -3.08 -3.48
C LEU H 390 -52.61 -2.23 -4.63
N ASN H 391 -51.63 -2.76 -5.37
CA ASN H 391 -51.06 -2.06 -6.51
C ASN H 391 -51.41 -2.74 -7.83
N PHE H 392 -52.65 -3.22 -7.92
CA PHE H 392 -53.08 -4.09 -9.02
C PHE H 392 -52.91 -3.49 -10.43
N LYS H 393 -52.91 -2.17 -10.54
CA LYS H 393 -52.84 -1.52 -11.85
C LYS H 393 -51.46 -1.65 -12.50
N MET H 394 -50.43 -1.89 -11.69
CA MET H 394 -49.09 -2.13 -12.23
C MET H 394 -48.86 -3.64 -12.33
N PRO H 395 -47.95 -4.05 -13.22
CA PRO H 395 -47.72 -5.47 -13.45
C PRO H 395 -47.04 -6.16 -12.27
N PHE H 396 -47.46 -7.40 -12.01
CA PHE H 396 -46.83 -8.24 -11.01
C PHE H 396 -45.35 -8.34 -11.32
N PRO H 397 -44.49 -7.98 -10.34
CA PRO H 397 -43.05 -7.98 -10.54
C PRO H 397 -42.42 -9.38 -10.42
N ILE H 398 -41.36 -9.59 -11.18
CA ILE H 398 -40.63 -10.86 -11.17
C ILE H 398 -39.24 -10.65 -10.56
N ASP H 399 -38.84 -11.55 -9.66
CA ASP H 399 -37.55 -11.42 -8.98
C ASP H 399 -36.40 -11.88 -9.86
N GLN H 400 -35.20 -11.37 -9.56
CA GLN H 400 -34.03 -11.56 -10.40
C GLN H 400 -33.60 -13.02 -10.51
N ASP H 401 -33.84 -13.79 -9.44
CA ASP H 401 -33.42 -15.19 -9.40
C ASP H 401 -34.35 -16.06 -10.24
N PHE H 402 -35.65 -15.82 -10.13
CA PHE H 402 -36.63 -16.61 -10.87
C PHE H 402 -36.62 -16.29 -12.37
N TYR H 403 -36.31 -15.04 -12.70
CA TYR H 403 -36.31 -14.61 -14.10
C TYR H 403 -35.43 -15.51 -14.97
N VAL H 404 -34.28 -15.89 -14.46
CA VAL H 404 -33.30 -16.68 -15.24
C VAL H 404 -33.53 -18.18 -15.12
N SER H 405 -34.59 -18.58 -14.42
CA SER H 405 -34.94 -19.99 -14.32
C SER H 405 -35.35 -20.50 -15.69
N PRO H 406 -34.94 -21.73 -16.04
CA PRO H 406 -35.35 -22.32 -17.31
C PRO H 406 -36.87 -22.30 -17.48
N THR H 407 -37.61 -22.52 -16.39
CA THR H 407 -39.06 -22.55 -16.45
C THR H 407 -39.65 -21.23 -16.92
N PHE H 408 -39.20 -20.13 -16.34
CA PHE H 408 -39.72 -18.82 -16.71
C PHE H 408 -39.20 -18.39 -18.07
N GLN H 409 -37.91 -18.60 -18.30
CA GLN H 409 -37.30 -18.30 -19.59
C GLN H 409 -38.08 -18.98 -20.72
N ASP H 410 -38.39 -20.25 -20.52
CA ASP H 410 -39.16 -21.01 -21.49
C ASP H 410 -40.54 -20.40 -21.69
N LEU H 411 -41.21 -20.10 -20.58
CA LEU H 411 -42.54 -19.50 -20.62
C LEU H 411 -42.50 -18.15 -21.33
N LEU H 412 -41.51 -17.33 -20.99
CA LEU H 412 -41.36 -16.02 -21.61
C LEU H 412 -41.09 -16.17 -23.11
N ASN H 413 -40.20 -17.11 -23.45
CA ASN H 413 -39.84 -17.34 -24.85
C ASN H 413 -41.05 -17.75 -25.69
N ARG H 414 -41.81 -18.71 -25.20
CA ARG H 414 -42.98 -19.21 -25.93
C ARG H 414 -44.04 -18.13 -26.06
N THR H 415 -44.27 -17.39 -24.97
CA THR H 415 -45.25 -16.31 -24.98
C THR H 415 -44.89 -15.26 -26.03
N THR H 416 -43.63 -14.85 -26.03
CA THR H 416 -43.15 -13.84 -26.97
C THR H 416 -43.25 -14.31 -28.42
N ALA H 417 -43.07 -15.62 -28.63
CA ALA H 417 -43.12 -16.19 -29.97
C ALA H 417 -44.56 -16.50 -30.38
N GLY H 418 -45.50 -16.30 -29.46
CA GLY H 418 -46.92 -16.56 -29.74
C GLY H 418 -47.24 -18.03 -29.85
N GLN H 419 -46.41 -18.87 -29.21
CA GLN H 419 -46.59 -20.31 -29.26
C GLN H 419 -47.24 -20.81 -27.97
N PRO H 420 -47.89 -21.98 -28.03
CA PRO H 420 -48.51 -22.58 -26.86
C PRO H 420 -47.50 -22.77 -25.72
N THR H 421 -47.91 -22.39 -24.51
CA THR H 421 -47.01 -22.38 -23.36
C THR H 421 -47.15 -23.64 -22.51
N GLY H 422 -48.29 -24.31 -22.62
CA GLY H 422 -48.58 -25.47 -21.79
C GLY H 422 -48.88 -25.04 -20.36
N TRP H 423 -49.28 -23.78 -20.21
CA TRP H 423 -49.52 -23.20 -18.90
C TRP H 423 -50.99 -22.88 -18.69
N TYR H 424 -51.47 -23.07 -17.47
CA TYR H 424 -52.89 -22.90 -17.16
C TYR H 424 -53.31 -21.43 -17.16
N LYS H 425 -52.33 -20.54 -17.27
CA LYS H 425 -52.60 -19.11 -17.39
C LYS H 425 -51.79 -18.55 -18.55
N ASP H 426 -51.90 -17.24 -18.77
CA ASP H 426 -51.01 -16.55 -19.69
C ASP H 426 -50.38 -15.36 -18.95
N LEU H 427 -49.23 -14.91 -19.44
CA LEU H 427 -48.46 -13.88 -18.75
C LEU H 427 -49.25 -12.58 -18.56
N ARG H 428 -50.10 -12.25 -19.53
CA ARG H 428 -50.90 -11.03 -19.46
C ARG H 428 -51.70 -11.00 -18.16
N HIS H 429 -52.38 -12.09 -17.86
CA HIS H 429 -53.25 -12.18 -16.68
C HIS H 429 -52.45 -12.46 -15.40
N TYR H 430 -51.22 -12.93 -15.57
CA TYR H 430 -50.31 -13.11 -14.44
C TYR H 430 -49.78 -11.76 -13.99
N TYR H 431 -49.53 -10.89 -14.97
CA TYR H 431 -49.03 -9.54 -14.69
C TYR H 431 -50.14 -8.62 -14.20
N TYR H 432 -51.24 -8.57 -14.95
CA TYR H 432 -52.33 -7.66 -14.64
C TYR H 432 -53.53 -8.37 -14.03
N ARG H 433 -53.69 -8.19 -12.72
CA ARG H 433 -54.70 -8.89 -11.94
C ARG H 433 -55.78 -7.96 -11.47
N ALA H 434 -56.92 -8.52 -11.08
CA ALA H 434 -58.01 -7.74 -10.51
C ALA H 434 -57.62 -7.30 -9.11
N ARG H 435 -58.20 -6.18 -8.66
CA ARG H 435 -57.92 -5.67 -7.33
C ARG H 435 -58.34 -6.70 -6.29
N TRP H 436 -59.49 -7.33 -6.52
CA TRP H 436 -59.99 -8.35 -5.61
C TRP H 436 -60.15 -9.68 -6.35
N GLU H 437 -59.52 -10.72 -5.79
CA GLU H 437 -59.62 -12.06 -6.36
C GLU H 437 -60.26 -12.99 -5.33
N LEU H 438 -61.42 -13.54 -5.68
CA LEU H 438 -62.14 -14.44 -4.77
C LEU H 438 -62.28 -15.81 -5.44
N TYR H 439 -61.78 -16.84 -4.77
CA TYR H 439 -61.78 -18.19 -5.32
C TYR H 439 -62.39 -19.21 -4.37
N ASP H 440 -63.09 -20.19 -4.96
CA ASP H 440 -63.59 -21.33 -4.22
C ASP H 440 -62.84 -22.58 -4.69
N ARG H 441 -61.85 -23.00 -3.92
CA ARG H 441 -60.96 -24.08 -4.35
C ARG H 441 -61.59 -25.46 -4.28
N SER H 442 -62.78 -25.55 -3.70
CA SER H 442 -63.51 -26.81 -3.70
C SER H 442 -64.12 -27.05 -5.08
N ARG H 443 -64.30 -25.98 -5.84
CA ARG H 443 -64.85 -26.06 -7.18
C ARG H 443 -63.80 -25.68 -8.22
N ASP H 444 -62.90 -24.80 -7.81
CA ASP H 444 -61.90 -24.25 -8.72
C ASP H 444 -60.53 -24.20 -8.03
N PRO H 445 -59.89 -25.37 -7.88
CA PRO H 445 -58.61 -25.49 -7.18
C PRO H 445 -57.49 -24.73 -7.86
N HIS H 446 -57.59 -24.57 -9.18
CA HIS H 446 -56.57 -23.84 -9.94
C HIS H 446 -56.68 -22.34 -9.73
N GLU H 447 -57.76 -21.92 -9.07
CA GLU H 447 -57.99 -20.51 -8.79
C GLU H 447 -57.97 -19.68 -10.07
N THR H 448 -58.82 -20.06 -11.02
CA THR H 448 -58.87 -19.37 -12.31
C THR H 448 -60.23 -18.69 -12.55
N GLN H 449 -61.20 -18.99 -11.70
CA GLN H 449 -62.53 -18.39 -11.84
C GLN H 449 -62.80 -17.38 -10.72
N ASN H 450 -62.52 -16.12 -10.99
CA ASN H 450 -62.72 -15.06 -10.01
C ASN H 450 -64.21 -14.81 -9.77
N LEU H 451 -64.60 -14.83 -8.50
CA LEU H 451 -66.02 -14.69 -8.13
C LEU H 451 -66.33 -13.32 -7.57
N ALA H 452 -65.32 -12.46 -7.47
CA ALA H 452 -65.45 -11.17 -6.81
C ALA H 452 -66.50 -10.26 -7.45
N THR H 453 -66.68 -10.38 -8.76
CA THR H 453 -67.62 -9.52 -9.48
C THR H 453 -68.97 -10.20 -9.68
N ASP H 454 -69.09 -11.43 -9.19
CA ASP H 454 -70.33 -12.18 -9.29
C ASP H 454 -71.24 -11.82 -8.12
N PRO H 455 -72.42 -11.23 -8.43
CA PRO H 455 -73.36 -10.76 -7.41
C PRO H 455 -73.84 -11.85 -6.46
N ARG H 456 -73.81 -13.11 -6.91
CA ARG H 456 -74.24 -14.22 -6.06
C ARG H 456 -73.31 -14.40 -4.87
N PHE H 457 -72.13 -13.77 -4.92
CA PHE H 457 -71.13 -13.92 -3.86
C PHE H 457 -70.82 -12.59 -3.16
N ALA H 458 -71.70 -11.61 -3.34
CA ALA H 458 -71.50 -10.30 -2.74
C ALA H 458 -71.45 -10.38 -1.22
N GLN H 459 -72.36 -11.15 -0.63
CA GLN H 459 -72.45 -11.25 0.82
C GLN H 459 -71.22 -11.94 1.40
N LEU H 460 -70.76 -13.00 0.75
CA LEU H 460 -69.56 -13.70 1.17
C LEU H 460 -68.35 -12.79 1.05
N LEU H 461 -68.30 -12.03 -0.03
CA LEU H 461 -67.21 -11.10 -0.26
C LEU H 461 -67.10 -10.09 0.88
N GLU H 462 -68.22 -9.49 1.26
CA GLU H 462 -68.24 -8.50 2.33
C GLU H 462 -67.79 -9.11 3.65
N MET H 463 -68.20 -10.35 3.91
CA MET H 463 -67.85 -11.04 5.15
C MET H 463 -66.35 -11.23 5.24
N LEU H 464 -65.74 -11.71 4.16
CA LEU H 464 -64.30 -11.96 4.12
C LEU H 464 -63.51 -10.64 4.21
N ARG H 465 -64.02 -9.61 3.55
CA ARG H 465 -63.38 -8.29 3.63
C ARG H 465 -63.36 -7.77 5.05
N ASP H 466 -64.46 -7.97 5.78
CA ASP H 466 -64.56 -7.54 7.16
C ASP H 466 -63.56 -8.30 8.03
N GLN H 467 -63.45 -9.60 7.82
CA GLN H 467 -62.51 -10.42 8.57
C GLN H 467 -61.08 -9.97 8.31
N LEU H 468 -60.76 -9.71 7.05
CA LEU H 468 -59.41 -9.28 6.67
C LEU H 468 -59.06 -7.94 7.31
N ALA H 469 -59.95 -6.97 7.18
CA ALA H 469 -59.73 -5.62 7.72
C ALA H 469 -59.54 -5.65 9.23
N LYS H 470 -60.38 -6.43 9.92
CA LYS H 470 -60.29 -6.55 11.37
C LYS H 470 -58.91 -7.04 11.78
N TRP H 471 -58.41 -8.04 11.06
CA TRP H 471 -57.09 -8.59 11.32
C TRP H 471 -56.02 -7.53 11.07
N GLN H 472 -56.19 -6.76 10.01
CA GLN H 472 -55.24 -5.72 9.66
C GLN H 472 -55.11 -4.68 10.76
N TRP H 473 -56.25 -4.23 11.29
CA TRP H 473 -56.25 -3.27 12.38
C TRP H 473 -55.66 -3.89 13.64
N GLU H 474 -56.06 -5.12 13.92
CA GLU H 474 -55.59 -5.84 15.10
C GLU H 474 -54.07 -5.99 15.10
N THR H 475 -53.49 -6.11 13.91
CA THR H 475 -52.05 -6.30 13.78
C THR H 475 -51.34 -5.03 13.28
N HIS H 476 -52.00 -3.89 13.43
CA HIS H 476 -51.39 -2.58 13.15
C HIS H 476 -50.73 -2.52 11.76
N ASP H 477 -51.50 -2.88 10.73
CA ASP H 477 -51.03 -2.86 9.35
C ASP H 477 -51.01 -1.43 8.80
N PRO H 478 -49.82 -0.93 8.47
CA PRO H 478 -49.69 0.42 7.92
C PRO H 478 -50.39 0.58 6.56
N TRP H 479 -50.64 -0.54 5.89
CA TRP H 479 -51.28 -0.53 4.57
C TRP H 479 -52.79 -0.69 4.66
N VAL H 480 -53.34 -0.59 5.86
CA VAL H 480 -54.74 -0.93 6.08
C VAL H 480 -55.73 -0.07 5.29
N CYS H 481 -55.35 1.18 5.00
CA CYS H 481 -56.25 2.08 4.27
C CYS H 481 -55.93 2.13 2.77
N ALA H 482 -54.75 1.64 2.39
CA ALA H 482 -54.32 1.68 1.01
C ALA H 482 -55.15 0.71 0.16
N PRO H 483 -55.29 1.01 -1.14
CA PRO H 483 -54.70 2.17 -1.80
C PRO H 483 -55.69 3.32 -1.98
N ASP H 484 -56.94 3.12 -1.58
CA ASP H 484 -58.01 4.10 -1.83
C ASP H 484 -58.08 5.20 -0.78
N GLY H 485 -57.37 5.03 0.33
CA GLY H 485 -57.47 5.99 1.43
C GLY H 485 -56.18 6.22 2.17
N VAL H 486 -56.21 7.17 3.11
CA VAL H 486 -55.04 7.49 3.93
C VAL H 486 -55.37 7.27 5.40
N LEU H 487 -54.38 6.80 6.15
CA LEU H 487 -54.55 6.49 7.56
C LEU H 487 -54.41 7.75 8.41
N GLU H 488 -55.49 8.10 9.10
CA GLU H 488 -55.49 9.21 10.04
C GLU H 488 -56.01 8.72 11.39
N GLU H 489 -55.09 8.31 12.26
CA GLU H 489 -55.44 7.63 13.51
C GLU H 489 -56.31 8.49 14.43
N LYS H 490 -56.13 9.80 14.36
CA LYS H 490 -56.84 10.72 15.25
C LYS H 490 -58.24 11.05 14.73
N LEU H 491 -58.55 10.61 13.51
CA LEU H 491 -59.82 10.96 12.87
C LEU H 491 -60.76 9.75 12.76
N SER H 492 -62.02 10.02 12.40
CA SER H 492 -63.02 8.97 12.25
C SER H 492 -63.93 9.25 11.07
N PRO H 493 -63.98 8.33 10.09
CA PRO H 493 -63.24 7.07 10.13
C PRO H 493 -61.74 7.27 10.02
N GLN H 494 -60.97 6.31 10.50
CA GLN H 494 -59.51 6.42 10.50
C GLN H 494 -58.93 6.33 9.09
N CYS H 495 -59.65 5.68 8.18
CA CYS H 495 -59.27 5.67 6.77
C CYS H 495 -60.03 6.78 6.04
N GLN H 496 -59.29 7.78 5.59
CA GLN H 496 -59.87 8.91 4.89
C GLN H 496 -59.69 8.73 3.39
N PRO H 497 -60.75 9.01 2.62
CA PRO H 497 -60.77 8.78 1.18
C PRO H 497 -59.90 9.74 0.41
N LEU H 498 -59.28 9.26 -0.67
CA LEU H 498 -58.45 10.09 -1.52
C LEU H 498 -59.21 10.51 -2.78
N HIS H 499 -60.30 9.81 -3.06
CA HIS H 499 -61.08 10.08 -4.26
C HIS H 499 -60.15 10.03 -5.48
N ASN H 500 -59.38 8.95 -5.58
CA ASN H 500 -58.43 8.77 -6.65
C ASN H 500 -58.89 7.76 -7.69
N GLU H 501 -60.20 7.74 -7.93
CA GLU H 501 -60.80 6.86 -8.94
C GLU H 501 -60.53 5.39 -8.64
N LEU H 502 -60.44 5.04 -7.35
CA LEU H 502 -60.11 3.67 -6.96
C LEU H 502 -61.25 2.95 -6.22
N ARG H 503 -62.14 3.72 -5.62
CA ARG H 503 -63.27 3.17 -4.87
C ARG H 503 -62.81 2.11 -3.88
#